data_6IW2
#
_entry.id   6IW2
#
_cell.length_a   95.967
_cell.length_b   99.244
_cell.length_c   123.099
_cell.angle_alpha   96.39
_cell.angle_beta   94.90
_cell.angle_gamma   100.36
#
_symmetry.space_group_name_H-M   'P 1'
#
loop_
_entity.id
_entity.type
_entity.pdbx_description
1 polymer 'Envelope protein E'
2 polymer 'Heavy chain of monoclonal antibody 5A'
3 polymer 'Light chain of monoclonal antibody 5A'
#
loop_
_entity_poly.entity_id
_entity_poly.type
_entity_poly.pdbx_seq_one_letter_code
_entity_poly.pdbx_strand_id
1 'polypeptide(L)'
;AHCIGITDRDFIEGVHGGTWVSATLEQDKCVTVMAPDKPSLDISLETVAIDRPAEVRKVCYNAVLTHVKINDKCPSTGEA
HLAEENEGDNACKRTYSDRGWGNGCGLFGKGSIVACAKFTCAKSMSLFEVDQTKIQYVIRAQLHVGAKQENWNTDIKTLK
FDALSGSQEVEFIGYGKATLECQVQTAVDFGNSYIAEMETESWIVDRQWAQDLTLPWQSGSGGVWREMHHLVEFEPPHAA
TIRVLALGNQEGSLKTALTGAMRVTKDTNDNNLYKLHGGHVSCRVKLSALTLKGTSYKICTDKMFFVKNPTDTGHGTVVM
QVKVSKGAPCRIPVIVADDLTAAINKGILVTVNPIASTNDDEVLIEVNPPFGDSYIIVGRGDSRLTYQWHKEGSS
;
A,D,G,J,M,P
2 'polypeptide(L)'
;EVQLVESGPRLVKPSETLSLTCTVSGGSTYNHHWSWIRQPPGRGLEWIGYISYSGKSNYNPSLKSRVTISLEPSTTQFSL
KLNSLTAADTAVYYCAREYRDDTNYYYYSLDVWGPGTMVT
;
B,E,H,K,N,Q
3 'polypeptide(L)'
;QIVMTQSPSTLSASVGDRVTITCRASQSIGSWLAWYQQKPGKAPKLLIYKASSLESGVPSRFSGSGSGTEFTLTISSLQP
EDFATYYCQQYNNYSYTFGPGTKLEIK
;
C,F,I,L,O,R
#
# COMPACT_ATOMS: atom_id res chain seq x y z
N ALA A 1 -31.79 -56.54 -17.77
CA ALA A 1 -32.10 -55.67 -18.89
C ALA A 1 -31.05 -54.57 -19.05
N HIS A 2 -30.26 -54.66 -20.11
CA HIS A 2 -30.30 -55.78 -21.06
C HIS A 2 -29.45 -56.94 -20.55
N CYS A 3 -30.00 -58.14 -20.59
CA CYS A 3 -29.36 -59.29 -19.97
C CYS A 3 -28.17 -59.84 -20.76
N ILE A 4 -27.94 -59.29 -21.96
CA ILE A 4 -26.82 -59.72 -22.78
C ILE A 4 -25.50 -59.30 -22.16
N GLY A 5 -25.44 -58.07 -21.67
CA GLY A 5 -24.23 -57.55 -21.06
C GLY A 5 -23.97 -58.17 -19.70
N ILE A 6 -25.03 -58.52 -18.99
CA ILE A 6 -24.90 -59.18 -17.70
C ILE A 6 -24.59 -60.66 -17.90
N THR A 7 -23.42 -61.08 -17.41
CA THR A 7 -22.92 -62.43 -17.68
C THR A 7 -23.69 -63.50 -16.92
N ASP A 8 -24.10 -63.19 -15.69
CA ASP A 8 -24.86 -64.15 -14.91
C ASP A 8 -26.31 -64.08 -15.37
N ARG A 9 -26.67 -64.93 -16.32
CA ARG A 9 -27.98 -64.80 -16.98
C ARG A 9 -28.76 -66.10 -17.00
N ASP A 10 -30.03 -66.04 -16.60
CA ASP A 10 -30.92 -67.18 -16.65
C ASP A 10 -32.03 -66.98 -17.67
N PHE A 11 -32.47 -68.07 -18.30
CA PHE A 11 -33.57 -68.02 -19.24
C PHE A 11 -34.82 -68.62 -18.60
N ILE A 12 -35.95 -67.94 -18.74
CA ILE A 12 -37.20 -68.51 -18.30
C ILE A 12 -38.18 -68.47 -19.46
N GLU A 13 -38.51 -69.66 -19.95
CA GLU A 13 -39.44 -69.80 -21.05
C GLU A 13 -40.83 -70.17 -20.56
N GLY A 14 -41.79 -69.29 -20.87
CA GLY A 14 -43.18 -69.50 -20.51
C GLY A 14 -43.89 -70.48 -21.42
N VAL A 15 -44.93 -71.10 -20.87
CA VAL A 15 -45.75 -72.05 -21.62
C VAL A 15 -46.70 -71.25 -22.49
N HIS A 16 -47.20 -71.86 -23.57
CA HIS A 16 -47.94 -71.13 -24.60
C HIS A 16 -49.12 -70.32 -24.10
N GLY A 17 -49.97 -70.95 -23.30
CA GLY A 17 -51.17 -70.31 -22.81
C GLY A 17 -51.00 -69.70 -21.44
N GLY A 18 -49.76 -69.69 -20.95
CA GLY A 18 -49.48 -69.20 -19.63
C GLY A 18 -49.72 -67.72 -19.53
N THR A 19 -50.41 -67.31 -18.46
CA THR A 19 -50.72 -65.90 -18.24
C THR A 19 -49.67 -65.26 -17.34
N TRP A 20 -49.20 -66.01 -16.35
CA TRP A 20 -48.19 -65.53 -15.43
C TRP A 20 -46.92 -66.39 -15.45
N VAL A 21 -45.79 -65.76 -15.15
CA VAL A 21 -44.50 -66.44 -15.11
C VAL A 21 -43.69 -65.98 -13.90
N SER A 22 -43.30 -66.91 -13.05
CA SER A 22 -42.51 -66.61 -11.86
C SER A 22 -41.04 -66.40 -12.22
N ALA A 23 -40.38 -65.49 -11.50
CA ALA A 23 -38.97 -65.19 -11.75
C ALA A 23 -38.31 -64.58 -10.52
N THR A 24 -37.11 -65.08 -10.19
CA THR A 24 -36.37 -64.53 -9.05
C THR A 24 -35.14 -63.75 -9.50
N LEU A 25 -35.03 -62.51 -9.02
CA LEU A 25 -33.94 -61.63 -9.41
C LEU A 25 -32.94 -61.41 -8.28
N GLU A 26 -31.68 -61.77 -8.51
CA GLU A 26 -30.64 -61.55 -7.52
C GLU A 26 -29.77 -60.36 -7.94
N GLN A 27 -28.94 -59.90 -7.02
CA GLN A 27 -28.05 -58.77 -7.30
C GLN A 27 -27.03 -59.13 -8.37
N ASP A 28 -26.75 -58.18 -9.25
CA ASP A 28 -25.78 -58.35 -10.32
C ASP A 28 -26.03 -59.63 -11.12
N LYS A 29 -27.27 -59.77 -11.58
CA LYS A 29 -27.77 -60.97 -12.24
C LYS A 29 -29.11 -60.66 -12.88
N CYS A 30 -29.36 -61.18 -14.07
CA CYS A 30 -30.61 -60.86 -14.77
C CYS A 30 -31.26 -62.09 -15.39
N VAL A 31 -32.54 -61.95 -15.71
CA VAL A 31 -33.34 -63.04 -16.25
C VAL A 31 -33.99 -62.64 -17.56
N THR A 32 -33.95 -63.54 -18.55
CA THR A 32 -34.63 -63.33 -19.82
C THR A 32 -35.87 -64.20 -19.93
N VAL A 33 -37.03 -63.56 -19.93
CA VAL A 33 -38.31 -64.28 -19.97
C VAL A 33 -38.82 -64.43 -21.39
N MET A 34 -38.91 -65.67 -21.86
CA MET A 34 -39.41 -65.94 -23.21
C MET A 34 -40.77 -66.63 -23.18
N ALA A 35 -41.55 -66.39 -24.21
CA ALA A 35 -42.83 -67.05 -24.37
C ALA A 35 -43.19 -67.10 -25.85
N PRO A 36 -43.69 -68.25 -26.32
CA PRO A 36 -44.02 -68.46 -27.73
C PRO A 36 -45.00 -67.42 -28.25
N ASP A 37 -44.72 -66.89 -29.45
CA ASP A 37 -45.53 -65.87 -30.09
C ASP A 37 -45.62 -64.60 -29.25
N LYS A 38 -44.59 -64.34 -28.44
CA LYS A 38 -44.54 -63.14 -27.62
C LYS A 38 -43.11 -62.67 -27.45
N PRO A 39 -42.91 -61.34 -27.34
CA PRO A 39 -41.57 -60.76 -27.23
C PRO A 39 -40.87 -61.08 -25.91
N SER A 40 -39.55 -61.28 -25.98
CA SER A 40 -38.77 -61.62 -24.80
C SER A 40 -38.61 -60.41 -23.88
N LEU A 41 -38.72 -60.65 -22.58
CA LEU A 41 -38.67 -59.58 -21.59
C LEU A 41 -37.44 -59.75 -20.69
N ASP A 42 -36.51 -58.81 -20.77
CA ASP A 42 -35.34 -58.82 -19.91
C ASP A 42 -35.62 -58.08 -18.61
N ILE A 43 -35.46 -58.79 -17.49
CA ILE A 43 -35.69 -58.22 -16.17
C ILE A 43 -34.42 -58.33 -15.32
N SER A 44 -34.13 -57.31 -14.53
CA SER A 44 -32.96 -57.36 -13.66
C SER A 44 -33.11 -56.52 -12.40
N LEU A 45 -32.47 -56.95 -11.32
CA LEU A 45 -32.44 -56.18 -10.09
C LEU A 45 -31.29 -55.18 -10.15
N GLU A 46 -31.63 -53.90 -10.04
CA GLU A 46 -30.61 -52.86 -10.04
C GLU A 46 -30.13 -52.59 -8.63
N THR A 47 -31.03 -52.09 -7.78
CA THR A 47 -30.70 -51.78 -6.40
C THR A 47 -31.82 -52.13 -5.43
N VAL A 48 -31.44 -52.49 -4.21
CA VAL A 48 -32.36 -52.54 -3.09
C VAL A 48 -31.79 -51.60 -2.04
N ALA A 49 -32.56 -50.61 -1.60
CA ALA A 49 -31.98 -49.55 -0.77
C ALA A 49 -32.92 -48.99 0.28
N ILE A 50 -32.36 -48.12 1.13
CA ILE A 50 -33.11 -47.42 2.17
C ILE A 50 -32.91 -45.91 2.05
N ASP A 51 -33.99 -45.14 2.25
CA ASP A 51 -33.92 -43.69 2.12
C ASP A 51 -34.02 -42.98 3.48
N ARG A 52 -33.05 -42.09 3.76
CA ARG A 52 -32.99 -41.32 5.00
C ARG A 52 -33.33 -42.14 6.24
N PRO A 53 -32.47 -43.11 6.56
CA PRO A 53 -32.70 -43.87 7.80
C PRO A 53 -32.33 -43.00 8.99
N ALA A 54 -32.95 -43.27 10.14
CA ALA A 54 -32.75 -42.39 11.28
C ALA A 54 -31.53 -42.82 12.07
N GLU A 55 -30.69 -41.85 12.42
CA GLU A 55 -29.54 -42.12 13.25
C GLU A 55 -30.01 -42.42 14.66
N VAL A 56 -29.47 -43.48 15.24
CA VAL A 56 -29.81 -43.88 16.60
C VAL A 56 -28.62 -43.90 17.53
N ARG A 57 -27.45 -44.29 17.02
CA ARG A 57 -26.30 -44.37 17.89
C ARG A 57 -25.00 -43.93 17.22
N LYS A 58 -24.04 -43.51 18.02
CA LYS A 58 -22.68 -43.29 17.53
C LYS A 58 -21.73 -44.10 18.39
N VAL A 59 -20.66 -44.62 17.79
CA VAL A 59 -19.67 -45.37 18.55
C VAL A 59 -18.28 -44.90 18.16
N CYS A 60 -17.64 -44.15 19.05
CA CYS A 60 -16.32 -43.58 18.76
C CYS A 60 -15.27 -44.69 18.68
N TYR A 61 -14.51 -44.70 17.59
CA TYR A 61 -13.43 -45.67 17.46
C TYR A 61 -12.06 -44.99 17.37
N ASN A 62 -12.04 -43.65 17.41
CA ASN A 62 -10.79 -42.92 17.61
C ASN A 62 -11.06 -41.59 18.32
N ALA A 63 -10.40 -41.42 19.46
CA ALA A 63 -10.58 -40.25 20.29
C ALA A 63 -9.25 -39.58 20.59
N VAL A 64 -9.27 -38.25 20.66
CA VAL A 64 -8.08 -37.48 21.04
C VAL A 64 -8.31 -36.78 22.37
N LEU A 65 -7.25 -36.67 23.17
CA LEU A 65 -7.34 -36.04 24.47
C LEU A 65 -6.58 -34.72 24.53
N THR A 66 -7.23 -33.70 25.08
CA THR A 66 -6.60 -32.40 25.30
C THR A 66 -6.89 -31.93 26.71
N HIS A 67 -6.29 -30.80 27.08
CA HIS A 67 -6.59 -30.11 28.33
C HIS A 67 -6.41 -31.03 29.53
N VAL A 68 -5.27 -31.71 29.61
CA VAL A 68 -5.02 -32.62 30.71
C VAL A 68 -4.71 -31.84 31.97
N LYS A 69 -5.65 -31.89 32.92
CA LYS A 69 -5.49 -31.19 34.17
C LYS A 69 -5.33 -32.17 35.31
N ILE A 70 -4.57 -31.77 36.34
CA ILE A 70 -4.31 -32.63 37.48
C ILE A 70 -4.32 -31.81 38.78
N ASN A 71 -5.00 -32.30 39.81
CA ASN A 71 -4.93 -31.66 41.12
C ASN A 71 -4.51 -32.67 42.19
N ASP A 72 -3.53 -32.30 43.01
CA ASP A 72 -2.91 -33.24 43.95
C ASP A 72 -2.75 -32.71 45.38
N LYS A 73 -3.57 -33.22 46.30
CA LYS A 73 -3.45 -32.84 47.70
C LYS A 73 -2.51 -33.80 48.46
N CYS A 74 -1.99 -33.35 49.59
CA CYS A 74 -1.13 -34.20 50.43
C CYS A 74 -2.01 -35.01 51.39
N PRO A 75 -1.47 -36.10 51.98
CA PRO A 75 -2.31 -36.85 52.92
C PRO A 75 -2.85 -36.02 54.09
N SER A 76 -4.03 -36.40 54.56
CA SER A 76 -4.69 -35.75 55.69
C SER A 76 -4.91 -34.25 55.49
N THR A 77 -5.14 -33.83 54.25
CA THR A 77 -5.42 -32.41 54.01
C THR A 77 -6.60 -32.17 53.08
N GLY A 78 -7.31 -33.21 52.69
CA GLY A 78 -8.45 -33.01 51.81
C GLY A 78 -8.49 -33.79 50.52
N GLU A 79 -9.69 -33.93 49.97
CA GLU A 79 -9.89 -34.53 48.65
C GLU A 79 -9.58 -33.48 47.58
N ALA A 80 -8.81 -33.87 46.58
CA ALA A 80 -8.43 -32.95 45.51
C ALA A 80 -9.60 -32.73 44.56
N HIS A 81 -9.73 -31.52 44.03
CA HIS A 81 -10.83 -31.21 43.13
C HIS A 81 -10.38 -30.42 41.92
N LEU A 82 -10.96 -30.75 40.77
CA LEU A 82 -10.72 -30.01 39.54
C LEU A 82 -12.03 -29.41 39.04
N ALA A 83 -11.95 -28.25 38.40
CA ALA A 83 -13.12 -27.60 37.83
C ALA A 83 -13.72 -28.44 36.70
N GLU A 84 -12.83 -29.17 36.01
CA GLU A 84 -13.21 -29.94 34.83
C GLU A 84 -13.89 -31.26 35.18
N GLU A 85 -13.97 -31.54 36.47
CA GLU A 85 -14.62 -32.74 36.97
C GLU A 85 -16.12 -32.72 36.66
N ASN A 86 -16.65 -31.50 36.54
CA ASN A 86 -18.07 -31.29 36.36
C ASN A 86 -18.52 -31.06 34.91
N GLU A 87 -17.56 -30.92 34.00
CA GLU A 87 -17.92 -30.78 32.60
C GLU A 87 -18.23 -32.15 31.99
N GLY A 88 -19.10 -32.14 30.99
CA GLY A 88 -19.62 -33.37 30.41
C GLY A 88 -18.61 -34.04 29.52
N ASP A 89 -17.75 -33.24 28.92
CA ASP A 89 -16.80 -33.70 27.91
C ASP A 89 -15.40 -33.99 28.46
N ASN A 90 -15.32 -34.34 29.74
CA ASN A 90 -14.06 -34.69 30.37
C ASN A 90 -14.04 -36.08 30.98
N ALA A 91 -13.04 -36.87 30.62
CA ALA A 91 -12.79 -38.16 31.24
C ALA A 91 -11.91 -37.98 32.46
N CYS A 92 -12.37 -38.46 33.62
CA CYS A 92 -11.68 -38.20 34.87
C CYS A 92 -11.45 -39.44 35.74
N LYS A 93 -10.35 -39.41 36.50
CA LYS A 93 -10.10 -40.44 37.52
C LYS A 93 -9.69 -39.82 38.84
N ARG A 94 -10.26 -40.33 39.94
CA ARG A 94 -9.87 -39.93 41.27
C ARG A 94 -9.14 -41.08 41.95
N THR A 95 -7.89 -40.87 42.36
CA THR A 95 -7.14 -41.91 43.04
C THR A 95 -6.36 -41.32 44.22
N TYR A 96 -5.45 -42.11 44.78
CA TYR A 96 -4.59 -41.65 45.85
C TYR A 96 -3.16 -42.08 45.56
N SER A 97 -2.21 -41.21 45.88
CA SER A 97 -0.80 -41.46 45.59
C SER A 97 0.07 -41.51 46.84
N ASP A 98 1.17 -42.26 46.75
CA ASP A 98 2.13 -42.36 47.83
C ASP A 98 2.86 -41.04 48.00
N ARG A 99 2.69 -40.41 49.17
CA ARG A 99 3.31 -39.12 49.41
C ARG A 99 3.92 -38.98 50.80
N GLY A 100 4.85 -38.03 50.92
CA GLY A 100 5.53 -37.78 52.19
C GLY A 100 6.46 -36.58 52.09
N TRP A 101 7.56 -36.62 52.84
CA TRP A 101 8.55 -35.54 52.77
C TRP A 101 9.29 -35.51 51.44
N GLY A 102 9.26 -36.61 50.71
CA GLY A 102 9.96 -36.71 49.43
C GLY A 102 9.36 -35.83 48.36
N ASN A 103 8.05 -35.57 48.47
CA ASN A 103 7.35 -34.72 47.50
C ASN A 103 6.85 -33.42 48.12
N GLY A 104 7.17 -33.15 49.37
CA GLY A 104 6.77 -31.88 49.94
C GLY A 104 5.43 -31.82 50.60
N CYS A 105 5.13 -32.82 51.39
CA CYS A 105 3.95 -32.88 52.20
C CYS A 105 4.55 -33.30 53.48
N GLY A 106 3.95 -32.95 54.59
CA GLY A 106 4.61 -33.05 55.86
C GLY A 106 4.27 -34.31 56.54
N LEU A 107 3.34 -35.05 55.97
CA LEU A 107 2.95 -36.37 56.46
C LEU A 107 3.15 -37.47 55.42
N PHE A 108 3.34 -38.70 55.88
CA PHE A 108 3.50 -39.84 54.99
C PHE A 108 2.21 -40.65 54.85
N GLY A 109 1.75 -40.84 53.62
CA GLY A 109 0.55 -41.63 53.36
C GLY A 109 -0.07 -41.32 52.02
N LYS A 110 -1.37 -41.60 51.90
CA LYS A 110 -2.08 -41.37 50.64
C LYS A 110 -2.59 -39.95 50.49
N GLY A 111 -2.18 -39.30 49.41
CA GLY A 111 -2.67 -37.98 49.08
C GLY A 111 -3.59 -38.05 47.88
N SER A 112 -4.72 -37.35 47.96
CA SER A 112 -5.70 -37.40 46.89
C SER A 112 -5.15 -36.80 45.60
N ILE A 113 -5.39 -37.47 44.48
CA ILE A 113 -4.96 -36.96 43.19
C ILE A 113 -6.02 -37.24 42.13
N VAL A 114 -6.40 -36.20 41.42
CA VAL A 114 -7.45 -36.29 40.42
C VAL A 114 -6.94 -35.83 39.06
N ALA A 115 -7.25 -36.60 38.02
CA ALA A 115 -6.82 -36.24 36.67
C ALA A 115 -8.01 -36.20 35.71
N CYS A 116 -8.17 -35.08 35.02
CA CYS A 116 -9.24 -34.92 34.05
C CYS A 116 -8.67 -34.59 32.68
N ALA A 117 -9.37 -34.99 31.62
CA ALA A 117 -8.90 -34.72 30.26
C ALA A 117 -10.05 -34.47 29.30
N LYS A 118 -9.87 -33.53 28.40
CA LYS A 118 -10.89 -33.20 27.40
C LYS A 118 -11.08 -34.36 26.44
N PHE A 119 -12.29 -34.89 26.41
CA PHE A 119 -12.59 -36.00 25.53
C PHE A 119 -13.30 -35.47 24.29
N THR A 120 -12.65 -35.64 23.15
CA THR A 120 -13.24 -35.28 21.87
C THR A 120 -13.03 -36.40 20.87
N CYS A 121 -14.13 -36.87 20.28
CA CYS A 121 -14.07 -38.03 19.38
C CYS A 121 -13.59 -37.60 17.99
N ALA A 122 -12.45 -38.13 17.58
CA ALA A 122 -11.91 -37.83 16.26
C ALA A 122 -12.76 -38.50 15.18
N LYS A 123 -12.91 -39.82 15.29
CA LYS A 123 -13.72 -40.57 14.33
C LYS A 123 -14.63 -41.59 15.00
N SER A 124 -15.90 -41.56 14.57
CA SER A 124 -16.95 -42.39 15.13
C SER A 124 -17.73 -43.16 14.05
N MET A 125 -18.48 -44.17 14.47
CA MET A 125 -19.29 -45.00 13.59
C MET A 125 -20.78 -44.81 13.86
N SER A 126 -21.53 -44.47 12.83
CA SER A 126 -22.95 -44.20 12.98
C SER A 126 -23.79 -45.46 12.85
N LEU A 127 -24.75 -45.62 13.75
CA LEU A 127 -25.65 -46.78 13.80
C LEU A 127 -27.06 -46.29 13.52
N PHE A 128 -27.53 -46.52 12.30
CA PHE A 128 -28.87 -46.15 11.87
C PHE A 128 -29.82 -47.30 12.10
N GLU A 129 -31.09 -46.99 12.35
CA GLU A 129 -32.10 -48.02 12.48
C GLU A 129 -32.71 -48.34 11.13
N VAL A 130 -32.99 -49.60 10.87
CA VAL A 130 -33.54 -50.01 9.58
C VAL A 130 -35.04 -50.24 9.69
N ASP A 131 -35.80 -49.35 9.07
CA ASP A 131 -37.24 -49.45 8.98
C ASP A 131 -37.63 -50.08 7.64
N GLN A 132 -38.25 -51.25 7.69
CA GLN A 132 -38.60 -51.96 6.46
C GLN A 132 -39.57 -51.17 5.60
N THR A 133 -40.30 -50.25 6.21
CA THR A 133 -41.27 -49.44 5.49
C THR A 133 -40.58 -48.32 4.70
N LYS A 134 -39.26 -48.20 4.83
CA LYS A 134 -38.49 -47.23 4.05
C LYS A 134 -37.66 -47.90 2.97
N ILE A 135 -37.79 -49.22 2.83
CA ILE A 135 -37.05 -49.94 1.81
C ILE A 135 -37.65 -49.77 0.41
N GLN A 136 -36.83 -49.34 -0.52
CA GLN A 136 -37.24 -49.23 -1.91
C GLN A 136 -36.35 -50.11 -2.77
N TYR A 137 -36.87 -50.60 -3.90
CA TYR A 137 -36.00 -51.36 -4.79
C TYR A 137 -36.30 -51.02 -6.25
N VAL A 138 -35.27 -51.21 -7.09
CA VAL A 138 -35.33 -50.82 -8.49
C VAL A 138 -35.12 -52.00 -9.42
N ILE A 139 -35.99 -52.13 -10.41
CA ILE A 139 -35.92 -53.21 -11.36
C ILE A 139 -35.91 -52.70 -12.80
N ARG A 140 -34.91 -53.10 -13.58
CA ARG A 140 -34.86 -52.76 -14.99
C ARG A 140 -35.67 -53.77 -15.82
N ALA A 141 -36.52 -53.24 -16.70
CA ALA A 141 -37.29 -54.07 -17.63
C ALA A 141 -37.12 -53.56 -19.05
N GLN A 142 -36.86 -54.47 -19.99
CA GLN A 142 -36.64 -54.09 -21.38
C GLN A 142 -36.93 -55.22 -22.36
N LEU A 143 -37.75 -54.94 -23.37
CA LEU A 143 -38.12 -55.96 -24.36
C LEU A 143 -37.00 -56.20 -25.38
N HIS A 144 -36.96 -57.42 -25.92
CA HIS A 144 -36.00 -57.76 -26.97
C HIS A 144 -36.49 -57.31 -28.33
N VAL A 145 -36.40 -56.00 -28.59
CA VAL A 145 -36.70 -55.45 -29.90
C VAL A 145 -35.38 -55.17 -30.62
N GLY A 146 -35.42 -55.12 -31.95
CA GLY A 146 -34.24 -54.85 -32.74
C GLY A 146 -33.67 -53.45 -32.61
N ALA A 147 -32.76 -53.29 -31.64
CA ALA A 147 -32.09 -52.02 -31.38
C ALA A 147 -30.59 -52.23 -31.20
N LYS A 148 -29.86 -51.15 -31.01
CA LYS A 148 -28.43 -51.26 -30.75
C LYS A 148 -28.12 -51.00 -29.29
N GLN A 149 -26.93 -51.43 -28.87
CA GLN A 149 -26.54 -51.33 -27.46
C GLN A 149 -26.55 -49.89 -26.96
N GLU A 150 -26.13 -48.94 -27.80
CA GLU A 150 -26.10 -47.52 -27.42
C GLU A 150 -27.49 -46.90 -27.28
N ASN A 151 -28.53 -47.65 -27.64
CA ASN A 151 -29.91 -47.20 -27.43
C ASN A 151 -30.56 -47.92 -26.26
N TRP A 152 -29.82 -48.82 -25.61
CA TRP A 152 -30.41 -49.61 -24.53
C TRP A 152 -30.94 -48.73 -23.39
N ASN A 153 -30.14 -47.74 -22.97
CA ASN A 153 -30.56 -46.85 -21.89
C ASN A 153 -31.80 -46.04 -22.25
N THR A 154 -32.10 -45.94 -23.54
CA THR A 154 -33.31 -45.23 -23.96
C THR A 154 -34.50 -46.17 -23.93
N ASP A 155 -34.25 -47.44 -24.19
CA ASP A 155 -35.32 -48.44 -24.25
C ASP A 155 -35.73 -48.92 -22.85
N ILE A 156 -34.74 -49.07 -21.98
CA ILE A 156 -34.95 -49.60 -20.63
C ILE A 156 -35.92 -48.79 -19.78
N LYS A 157 -36.97 -49.46 -19.30
CA LYS A 157 -37.85 -48.88 -18.30
C LYS A 157 -37.38 -49.27 -16.90
N THR A 158 -36.99 -48.28 -16.11
CA THR A 158 -36.58 -48.51 -14.73
C THR A 158 -37.77 -48.35 -13.79
N LEU A 159 -37.94 -49.30 -12.88
CA LEU A 159 -39.09 -49.30 -11.99
C LEU A 159 -38.72 -49.21 -10.51
N LYS A 160 -39.46 -48.39 -9.77
CA LYS A 160 -39.25 -48.23 -8.33
C LYS A 160 -40.42 -48.79 -7.53
N PHE A 161 -40.08 -49.52 -6.47
CA PHE A 161 -41.06 -50.12 -5.57
C PHE A 161 -40.73 -49.71 -4.14
N ASP A 162 -41.73 -49.77 -3.26
CA ASP A 162 -41.52 -49.46 -1.85
C ASP A 162 -41.49 -50.78 -1.08
N ALA A 163 -42.08 -50.80 0.10
CA ALA A 163 -42.18 -52.04 0.89
C ALA A 163 -43.35 -52.93 0.40
N GLY A 166 -48.00 -51.88 -4.82
CA GLY A 166 -48.52 -53.05 -5.52
C GLY A 166 -47.81 -53.31 -6.84
N SER A 167 -48.45 -54.12 -7.69
CA SER A 167 -47.91 -54.46 -9.00
C SER A 167 -47.84 -53.25 -9.92
N GLN A 168 -46.79 -53.19 -10.73
CA GLN A 168 -46.57 -52.07 -11.63
C GLN A 168 -46.65 -52.47 -13.10
N GLU A 169 -47.33 -51.66 -13.90
CA GLU A 169 -47.47 -51.93 -15.33
C GLU A 169 -46.37 -51.26 -16.14
N VAL A 170 -45.85 -51.99 -17.11
CA VAL A 170 -44.79 -51.51 -17.99
C VAL A 170 -45.23 -51.60 -19.44
N GLU A 171 -45.46 -50.44 -20.04
CA GLU A 171 -45.92 -50.37 -21.43
C GLU A 171 -44.79 -50.09 -22.40
N PHE A 172 -44.61 -50.98 -23.36
CA PHE A 172 -43.63 -50.78 -24.42
C PHE A 172 -44.36 -50.37 -25.69
N ILE A 173 -43.98 -49.23 -26.26
CA ILE A 173 -44.69 -48.66 -27.40
C ILE A 173 -44.74 -49.61 -28.59
N GLY A 174 -45.95 -49.99 -28.99
CA GLY A 174 -46.15 -50.87 -30.13
C GLY A 174 -45.98 -52.34 -29.80
N TYR A 175 -45.90 -52.67 -28.52
CA TYR A 175 -45.70 -54.05 -28.09
C TYR A 175 -46.59 -54.46 -26.92
N GLY A 176 -47.51 -53.57 -26.53
CA GLY A 176 -48.43 -53.88 -25.46
C GLY A 176 -47.85 -53.54 -24.11
N LYS A 177 -48.09 -54.40 -23.13
CA LYS A 177 -47.59 -54.16 -21.78
C LYS A 177 -47.46 -55.42 -20.93
N ALA A 178 -46.55 -55.39 -19.96
CA ALA A 178 -46.39 -56.47 -19.01
C ALA A 178 -46.69 -55.93 -17.62
N THR A 179 -47.04 -56.82 -16.69
CA THR A 179 -47.33 -56.38 -15.33
C THR A 179 -46.44 -57.13 -14.34
N LEU A 180 -45.72 -56.39 -13.52
CA LEU A 180 -44.83 -57.00 -12.54
C LEU A 180 -45.40 -56.93 -11.13
N GLU A 181 -45.65 -58.10 -10.55
CA GLU A 181 -46.08 -58.19 -9.17
C GLU A 181 -44.91 -58.69 -8.33
N CYS A 182 -44.16 -57.74 -7.77
CA CYS A 182 -42.90 -58.07 -7.12
C CYS A 182 -42.93 -57.94 -5.61
N GLN A 183 -42.09 -58.74 -4.97
CA GLN A 183 -41.95 -58.76 -3.52
C GLN A 183 -40.46 -58.81 -3.20
N VAL A 184 -40.02 -58.02 -2.23
CA VAL A 184 -38.59 -57.97 -1.96
C VAL A 184 -38.23 -58.77 -0.71
N GLN A 185 -37.23 -59.63 -0.85
CA GLN A 185 -36.72 -60.41 0.26
C GLN A 185 -35.28 -60.06 0.59
N THR A 186 -35.04 -59.52 1.77
CA THR A 186 -33.69 -59.12 2.14
C THR A 186 -33.30 -59.82 3.42
N ALA A 187 -32.01 -59.84 3.72
CA ALA A 187 -31.54 -60.55 4.89
C ALA A 187 -31.35 -59.54 6.02
N VAL A 188 -32.43 -59.23 6.70
CA VAL A 188 -32.35 -58.26 7.78
C VAL A 188 -33.34 -58.59 8.88
N ASP A 189 -32.88 -58.47 10.11
CA ASP A 189 -33.74 -58.66 11.25
C ASP A 189 -33.88 -57.22 11.66
N PHE A 190 -34.73 -56.51 10.93
CA PHE A 190 -34.93 -55.06 11.06
C PHE A 190 -34.97 -54.63 12.52
N GLY A 191 -35.65 -55.43 13.34
CA GLY A 191 -35.75 -55.17 14.76
C GLY A 191 -34.53 -55.63 15.53
N ASN A 192 -33.54 -56.14 14.81
CA ASN A 192 -32.31 -56.60 15.46
C ASN A 192 -31.11 -56.33 14.56
N SER A 193 -31.10 -55.15 13.95
CA SER A 193 -30.01 -54.76 13.07
C SER A 193 -29.80 -53.25 13.00
N TYR A 194 -28.57 -52.86 12.69
CA TYR A 194 -28.23 -51.46 12.45
C TYR A 194 -27.56 -51.33 11.08
N ILE A 195 -27.64 -50.15 10.50
CA ILE A 195 -26.72 -49.79 9.45
C ILE A 195 -25.52 -49.15 10.12
N ALA A 196 -24.36 -49.78 9.98
CA ALA A 196 -23.16 -49.29 10.64
C ALA A 196 -22.25 -48.68 9.60
N GLU A 197 -22.07 -47.38 9.69
CA GLU A 197 -21.29 -46.64 8.71
C GLU A 197 -20.10 -46.02 9.40
N MET A 198 -18.93 -46.11 8.78
CA MET A 198 -17.75 -45.50 9.36
C MET A 198 -17.40 -44.29 8.51
N GLU A 199 -16.56 -44.47 7.49
CA GLU A 199 -16.27 -43.32 6.63
C GLU A 199 -16.99 -43.46 5.29
N THR A 200 -16.50 -44.35 4.44
CA THR A 200 -17.09 -44.57 3.12
C THR A 200 -17.84 -45.88 3.08
N GLU A 201 -17.41 -46.81 3.92
CA GLU A 201 -17.94 -48.17 3.94
C GLU A 201 -19.04 -48.32 4.99
N SER A 202 -20.04 -49.12 4.68
CA SER A 202 -21.12 -49.39 5.62
C SER A 202 -21.46 -50.88 5.63
N TRP A 203 -22.17 -51.32 6.67
CA TRP A 203 -22.53 -52.72 6.84
C TRP A 203 -23.90 -52.86 7.45
N ILE A 204 -24.45 -54.07 7.36
CA ILE A 204 -25.62 -54.43 8.15
C ILE A 204 -25.14 -55.22 9.34
N VAL A 205 -25.27 -54.65 10.54
CA VAL A 205 -24.71 -55.30 11.72
C VAL A 205 -25.81 -55.72 12.68
N ASP A 206 -25.45 -56.60 13.61
CA ASP A 206 -26.37 -57.10 14.61
C ASP A 206 -26.43 -56.10 15.76
N ARG A 207 -27.64 -55.76 16.20
CA ARG A 207 -27.83 -54.79 17.28
C ARG A 207 -27.10 -55.15 18.58
N GLN A 208 -27.20 -56.40 18.98
CA GLN A 208 -26.54 -56.86 20.20
C GLN A 208 -25.04 -56.57 20.13
N TRP A 209 -24.44 -56.94 19.01
CA TRP A 209 -23.01 -56.72 18.78
C TRP A 209 -22.65 -55.24 18.87
N ALA A 210 -23.49 -54.39 18.29
CA ALA A 210 -23.23 -52.95 18.27
C ALA A 210 -23.32 -52.35 19.66
N GLN A 211 -24.32 -52.79 20.42
CA GLN A 211 -24.52 -52.27 21.76
C GLN A 211 -23.52 -52.86 22.75
N ASP A 212 -22.98 -54.03 22.42
CA ASP A 212 -22.03 -54.73 23.28
C ASP A 212 -20.58 -54.34 23.03
N LEU A 213 -20.35 -53.43 22.08
CA LEU A 213 -19.00 -52.95 21.80
C LEU A 213 -18.37 -52.26 23.00
N THR A 214 -17.12 -52.59 23.30
CA THR A 214 -16.40 -51.97 24.40
C THR A 214 -15.78 -50.65 23.97
N LEU A 215 -16.64 -49.74 23.52
CA LEU A 215 -16.20 -48.43 23.04
C LEU A 215 -17.18 -47.37 23.54
N PRO A 216 -16.71 -46.10 23.61
CA PRO A 216 -17.62 -45.02 23.99
C PRO A 216 -18.77 -44.89 23.00
N TRP A 217 -19.96 -44.55 23.49
CA TRP A 217 -21.11 -44.45 22.61
C TRP A 217 -21.99 -43.25 22.94
N GLN A 218 -22.69 -42.77 21.92
CA GLN A 218 -23.51 -41.57 22.02
C GLN A 218 -24.93 -41.84 21.55
N SER A 219 -25.70 -40.76 21.40
CA SER A 219 -27.03 -40.86 20.84
C SER A 219 -27.20 -39.88 19.69
N GLY A 220 -28.37 -39.89 19.08
CA GLY A 220 -28.71 -39.03 17.96
C GLY A 220 -28.91 -37.59 18.40
N SER A 221 -29.07 -37.40 19.71
CA SER A 221 -29.37 -36.09 20.27
C SER A 221 -28.14 -35.50 20.95
N GLY A 222 -28.25 -35.26 22.26
CA GLY A 222 -27.18 -34.69 23.05
C GLY A 222 -25.81 -35.27 22.76
N GLY A 223 -24.79 -34.42 22.74
CA GLY A 223 -23.45 -34.83 22.37
C GLY A 223 -22.58 -35.10 23.57
N VAL A 224 -23.09 -35.92 24.49
CA VAL A 224 -22.34 -36.30 25.68
C VAL A 224 -21.88 -37.75 25.55
N TRP A 225 -20.58 -37.95 25.40
CA TRP A 225 -20.02 -39.28 25.23
C TRP A 225 -20.06 -40.09 26.52
N ARG A 226 -20.64 -41.28 26.43
CA ARG A 226 -20.80 -42.15 27.60
C ARG A 226 -19.78 -43.27 27.54
N GLU A 227 -19.37 -43.76 28.72
CA GLU A 227 -18.33 -44.79 28.83
C GLU A 227 -17.06 -44.39 28.09
N MET A 228 -16.57 -43.19 28.38
CA MET A 228 -15.36 -42.67 27.74
C MET A 228 -14.14 -43.47 28.15
N HIS A 229 -14.23 -44.16 29.27
CA HIS A 229 -13.12 -44.94 29.83
C HIS A 229 -12.64 -46.05 28.91
N HIS A 230 -13.47 -46.45 27.93
CA HIS A 230 -13.10 -47.51 27.00
C HIS A 230 -11.90 -47.12 26.13
N LEU A 231 -11.73 -45.82 25.88
CA LEU A 231 -10.62 -45.35 25.04
C LEU A 231 -9.67 -44.46 25.82
N VAL A 232 -9.85 -44.37 27.13
CA VAL A 232 -8.99 -43.56 27.98
C VAL A 232 -8.38 -44.38 29.11
N GLU A 233 -7.05 -44.38 29.19
CA GLU A 233 -6.33 -45.09 30.23
C GLU A 233 -5.59 -44.14 31.17
N PHE A 234 -5.76 -44.35 32.46
CA PHE A 234 -5.01 -43.61 33.47
C PHE A 234 -4.01 -44.54 34.14
N GLU A 235 -2.73 -44.34 33.83
CA GLU A 235 -1.67 -45.13 34.45
C GLU A 235 -1.61 -44.81 35.95
N PRO A 236 -1.11 -45.76 36.76
CA PRO A 236 -0.99 -45.53 38.21
C PRO A 236 -0.20 -44.27 38.56
N PRO A 237 -0.67 -43.51 39.56
CA PRO A 237 -0.01 -42.25 39.94
C PRO A 237 1.32 -42.50 40.62
N HIS A 238 2.29 -41.63 40.35
CA HIS A 238 3.61 -41.76 40.95
C HIS A 238 3.72 -40.89 42.20
N ALA A 239 3.79 -39.58 41.98
CA ALA A 239 3.91 -38.62 43.08
C ALA A 239 2.78 -37.59 43.01
N ALA A 240 2.90 -36.67 42.06
CA ALA A 240 1.90 -35.62 41.90
C ALA A 240 1.37 -35.54 40.47
N THR A 241 1.62 -36.58 39.69
CA THR A 241 1.15 -36.62 38.30
C THR A 241 0.51 -37.96 37.95
N ILE A 242 -0.19 -37.97 36.82
CA ILE A 242 -0.79 -39.19 36.29
C ILE A 242 -0.66 -39.16 34.78
N ARG A 243 -0.14 -40.24 34.20
CA ARG A 243 0.01 -40.32 32.75
C ARG A 243 -1.33 -40.69 32.14
N VAL A 244 -1.92 -39.74 31.41
CA VAL A 244 -3.22 -39.93 30.78
C VAL A 244 -3.10 -40.22 29.30
N LEU A 245 -3.50 -41.42 28.89
CA LEU A 245 -3.36 -41.83 27.50
C LEU A 245 -4.68 -42.12 26.81
N ALA A 246 -4.74 -41.78 25.53
CA ALA A 246 -5.86 -42.19 24.70
C ALA A 246 -5.47 -43.50 24.04
N LEU A 247 -6.38 -44.46 24.01
CA LEU A 247 -6.07 -45.76 23.43
C LEU A 247 -5.98 -45.64 21.90
N GLY A 248 -5.53 -46.71 21.26
CA GLY A 248 -5.25 -46.68 19.83
C GLY A 248 -6.48 -46.63 18.94
N ASN A 249 -6.26 -46.30 17.67
CA ASN A 249 -7.33 -46.27 16.67
C ASN A 249 -7.94 -47.65 16.52
N GLN A 250 -9.26 -47.74 16.68
CA GLN A 250 -9.92 -49.04 16.68
C GLN A 250 -10.56 -49.36 15.33
N GLU A 251 -10.19 -48.60 14.31
CA GLU A 251 -10.71 -48.81 12.95
C GLU A 251 -10.44 -50.22 12.45
N GLY A 252 -9.18 -50.63 12.54
CA GLY A 252 -8.75 -51.94 12.05
C GLY A 252 -9.44 -53.12 12.71
N SER A 253 -9.44 -53.14 14.03
CA SER A 253 -10.06 -54.26 14.76
C SER A 253 -11.55 -54.34 14.49
N LEU A 254 -12.20 -53.18 14.40
CA LEU A 254 -13.62 -53.12 14.08
C LEU A 254 -13.90 -53.69 12.70
N LYS A 255 -13.16 -53.20 11.71
CA LYS A 255 -13.35 -53.65 10.33
C LYS A 255 -13.06 -55.14 10.17
N THR A 256 -12.04 -55.63 10.85
CA THR A 256 -11.71 -57.06 10.80
C THR A 256 -12.80 -57.87 11.48
N ALA A 257 -13.44 -57.30 12.49
CA ALA A 257 -14.55 -57.95 13.15
C ALA A 257 -15.80 -57.93 12.27
N LEU A 258 -15.79 -57.06 11.25
CA LEU A 258 -16.94 -56.87 10.38
C LEU A 258 -16.79 -57.51 9.01
N THR A 259 -15.69 -58.25 8.81
CA THR A 259 -15.32 -58.77 7.50
C THR A 259 -16.41 -59.63 6.84
N GLY A 260 -17.15 -60.37 7.66
CA GLY A 260 -18.13 -61.31 7.15
C GLY A 260 -19.55 -60.77 7.02
N ALA A 261 -19.76 -59.52 7.43
CA ALA A 261 -21.10 -58.95 7.45
C ALA A 261 -21.54 -58.40 6.09
N MET A 262 -22.86 -58.33 5.90
CA MET A 262 -23.46 -57.76 4.70
C MET A 262 -23.12 -56.29 4.54
N ARG A 263 -22.71 -55.91 3.32
CA ARG A 263 -22.23 -54.56 3.00
C ARG A 263 -23.34 -53.56 2.64
N VAL A 264 -23.03 -52.27 2.80
CA VAL A 264 -23.93 -51.16 2.45
C VAL A 264 -23.14 -49.99 1.86
N THR A 265 -23.71 -49.30 0.86
CA THR A 265 -23.05 -48.13 0.27
C THR A 265 -23.97 -46.91 0.14
N LYS A 266 -23.42 -45.80 -0.36
CA LYS A 266 -24.14 -44.55 -0.50
C LYS A 266 -23.98 -43.92 -1.89
N ASP A 267 -24.93 -43.08 -2.30
CA ASP A 267 -24.86 -42.37 -3.58
C ASP A 267 -23.75 -41.31 -3.59
N THR A 268 -22.54 -41.76 -3.91
CA THR A 268 -21.35 -40.90 -4.01
C THR A 268 -20.99 -40.33 -2.64
N LEU A 273 -29.32 -42.34 0.58
CA LEU A 273 -29.68 -43.52 -0.19
C LEU A 273 -28.72 -44.68 0.05
N TYR A 274 -29.00 -45.47 1.07
CA TYR A 274 -28.12 -46.56 1.46
C TYR A 274 -28.48 -47.83 0.71
N LYS A 275 -27.66 -48.16 -0.29
CA LYS A 275 -27.84 -49.37 -1.07
C LYS A 275 -27.34 -50.59 -0.31
N LEU A 276 -28.05 -51.69 -0.48
CA LEU A 276 -27.73 -52.97 0.16
C LEU A 276 -27.05 -53.92 -0.81
N HIS A 277 -25.95 -54.52 -0.36
CA HIS A 277 -25.20 -55.44 -1.22
C HIS A 277 -25.77 -56.86 -1.16
N GLY A 278 -27.10 -56.97 -1.15
CA GLY A 278 -27.75 -58.26 -1.09
C GLY A 278 -29.23 -58.24 -1.40
N GLY A 279 -29.93 -59.24 -0.87
CA GLY A 279 -31.36 -59.40 -1.08
C GLY A 279 -31.69 -59.89 -2.47
N HIS A 280 -32.97 -60.08 -2.74
CA HIS A 280 -33.46 -60.51 -4.04
C HIS A 280 -34.92 -60.14 -4.18
N VAL A 281 -35.45 -60.25 -5.39
CA VAL A 281 -36.86 -59.91 -5.61
C VAL A 281 -37.60 -61.06 -6.31
N SER A 282 -38.68 -61.51 -5.70
CA SER A 282 -39.54 -62.53 -6.30
C SER A 282 -40.65 -61.84 -7.08
N CYS A 283 -40.75 -62.16 -8.37
CA CYS A 283 -41.69 -61.46 -9.25
C CYS A 283 -42.62 -62.38 -10.03
N ARG A 284 -43.85 -61.93 -10.14
CA ARG A 284 -44.86 -62.53 -11.01
C ARG A 284 -45.04 -61.65 -12.25
N VAL A 285 -44.71 -62.21 -13.41
CA VAL A 285 -44.70 -61.43 -14.65
C VAL A 285 -45.89 -61.81 -15.52
N LYS A 286 -46.74 -60.84 -15.82
CA LYS A 286 -47.88 -61.07 -16.69
C LYS A 286 -47.47 -60.86 -18.14
N LEU A 287 -47.65 -61.88 -18.97
CA LEU A 287 -47.18 -61.83 -20.35
C LEU A 287 -48.32 -61.71 -21.35
N SER A 288 -49.55 -61.92 -20.88
CA SER A 288 -50.72 -61.99 -21.76
C SER A 288 -50.99 -60.69 -22.53
N ALA A 289 -50.77 -59.55 -21.88
CA ALA A 289 -51.06 -58.26 -22.50
C ALA A 289 -49.91 -57.78 -23.38
N LEU A 290 -48.91 -58.64 -23.56
CA LEU A 290 -47.78 -58.32 -24.42
C LEU A 290 -48.06 -58.78 -25.84
N THR A 291 -47.99 -57.86 -26.80
CA THR A 291 -48.28 -58.19 -28.19
C THR A 291 -47.03 -58.02 -29.05
N LEU A 292 -46.95 -58.81 -30.11
CA LEU A 292 -45.81 -58.75 -31.02
C LEU A 292 -46.07 -57.83 -32.21
N LYS A 293 -45.12 -56.94 -32.47
CA LYS A 293 -45.26 -55.91 -33.50
C LYS A 293 -44.79 -56.36 -34.88
N GLY A 294 -45.53 -55.94 -35.91
CA GLY A 294 -45.13 -56.14 -37.29
C GLY A 294 -45.12 -57.58 -37.75
N THR A 295 -46.11 -58.36 -37.31
CA THR A 295 -46.25 -59.74 -37.75
C THR A 295 -46.75 -59.79 -39.19
N SER A 296 -47.39 -58.72 -39.62
CA SER A 296 -47.97 -58.65 -40.95
C SER A 296 -47.10 -57.86 -41.94
N TYR A 297 -45.93 -57.42 -41.49
CA TYR A 297 -45.01 -56.74 -42.39
C TYR A 297 -44.58 -57.69 -43.49
N LYS A 298 -44.17 -57.14 -44.63
CA LYS A 298 -43.66 -57.96 -45.72
C LYS A 298 -42.25 -58.43 -45.38
N ILE A 299 -41.76 -59.43 -46.12
CA ILE A 299 -40.43 -59.95 -45.88
C ILE A 299 -39.39 -59.09 -46.60
N CYS A 300 -38.32 -58.75 -45.89
CA CYS A 300 -37.23 -57.98 -46.47
C CYS A 300 -36.57 -58.80 -47.58
N THR A 301 -36.63 -58.27 -48.80
CA THR A 301 -36.08 -58.96 -49.95
C THR A 301 -34.83 -58.27 -50.46
N ASP A 302 -34.73 -56.99 -50.14
CA ASP A 302 -33.55 -56.20 -50.51
C ASP A 302 -32.33 -56.61 -49.70
N LYS A 303 -31.17 -56.16 -50.17
CA LYS A 303 -29.88 -56.56 -49.63
C LYS A 303 -29.65 -56.11 -48.19
N MET A 304 -29.17 -57.03 -47.36
CA MET A 304 -28.86 -56.70 -45.97
C MET A 304 -27.37 -56.86 -45.73
N PHE A 305 -26.85 -56.20 -44.70
CA PHE A 305 -25.42 -56.27 -44.39
C PHE A 305 -25.19 -56.39 -42.89
N PHE A 306 -24.25 -57.26 -42.52
CA PHE A 306 -23.84 -57.40 -41.12
C PHE A 306 -23.09 -56.17 -40.62
N VAL A 307 -23.77 -55.32 -39.86
CA VAL A 307 -23.11 -54.23 -39.17
C VAL A 307 -22.17 -54.83 -38.13
N LYS A 308 -22.68 -55.82 -37.41
CA LYS A 308 -21.86 -56.57 -36.47
C LYS A 308 -22.05 -58.06 -36.71
N ASN A 309 -20.96 -58.76 -37.03
CA ASN A 309 -21.02 -60.19 -37.31
C ASN A 309 -21.48 -60.98 -36.09
N PRO A 310 -22.10 -62.15 -36.32
CA PRO A 310 -22.50 -63.04 -35.23
C PRO A 310 -21.34 -63.34 -34.28
N THR A 311 -21.52 -63.04 -33.00
CA THR A 311 -20.48 -63.27 -32.01
C THR A 311 -21.03 -63.98 -30.79
N ASP A 312 -20.17 -64.75 -30.11
CA ASP A 312 -20.56 -65.50 -28.94
C ASP A 312 -20.86 -64.55 -27.78
N THR A 313 -21.93 -64.83 -27.04
CA THR A 313 -22.33 -63.98 -25.92
C THR A 313 -21.87 -64.56 -24.59
N GLY A 314 -21.55 -65.85 -24.58
CA GLY A 314 -21.18 -66.54 -23.36
C GLY A 314 -22.40 -67.14 -22.69
N HIS A 315 -23.57 -66.84 -23.24
CA HIS A 315 -24.83 -67.38 -22.72
C HIS A 315 -25.30 -68.57 -23.53
N GLY A 316 -24.45 -69.03 -24.45
CA GLY A 316 -24.82 -70.12 -25.34
C GLY A 316 -25.60 -69.57 -26.52
N THR A 317 -25.74 -68.25 -26.56
CA THR A 317 -26.41 -67.59 -27.67
C THR A 317 -25.43 -66.76 -28.48
N VAL A 318 -25.89 -66.29 -29.64
CA VAL A 318 -25.09 -65.40 -30.47
C VAL A 318 -25.88 -64.12 -30.75
N VAL A 319 -25.14 -63.02 -30.93
CA VAL A 319 -25.76 -61.74 -31.27
C VAL A 319 -25.15 -61.19 -32.54
N MET A 320 -25.97 -60.46 -33.30
CA MET A 320 -25.52 -59.87 -34.55
C MET A 320 -26.30 -58.60 -34.84
N GLN A 321 -25.71 -57.69 -35.59
CA GLN A 321 -26.38 -56.45 -35.94
C GLN A 321 -26.50 -56.31 -37.46
N VAL A 322 -27.74 -56.26 -37.94
CA VAL A 322 -28.03 -56.23 -39.38
C VAL A 322 -28.62 -54.89 -39.82
N LYS A 323 -28.04 -54.29 -40.85
CA LYS A 323 -28.58 -53.06 -41.40
C LYS A 323 -29.54 -53.30 -42.57
N VAL A 324 -30.70 -52.64 -42.52
CA VAL A 324 -31.64 -52.66 -43.62
C VAL A 324 -31.70 -51.28 -44.27
N SER A 325 -30.97 -51.14 -45.39
CA SER A 325 -30.82 -49.87 -46.09
C SER A 325 -31.91 -49.60 -47.11
N LYS A 326 -32.23 -50.61 -47.91
CA LYS A 326 -33.13 -50.43 -49.04
C LYS A 326 -34.44 -51.18 -48.90
N GLY A 327 -34.86 -51.42 -47.66
CA GLY A 327 -36.13 -52.06 -47.43
C GLY A 327 -37.13 -51.08 -46.82
N ALA A 328 -38.41 -51.45 -46.88
CA ALA A 328 -39.48 -50.63 -46.32
C ALA A 328 -39.75 -51.14 -44.91
N PRO A 329 -40.85 -50.70 -44.26
CA PRO A 329 -41.21 -51.47 -43.06
C PRO A 329 -41.35 -52.96 -43.40
N CYS A 330 -40.43 -53.77 -42.90
CA CYS A 330 -40.41 -55.18 -43.23
C CYS A 330 -39.82 -56.02 -42.10
N ARG A 331 -40.15 -57.32 -42.12
CA ARG A 331 -39.60 -58.24 -41.14
C ARG A 331 -38.49 -59.10 -41.73
N ILE A 332 -37.53 -59.46 -40.88
CA ILE A 332 -36.35 -60.20 -41.30
C ILE A 332 -36.46 -61.68 -40.94
N PRO A 333 -36.33 -62.54 -41.95
CA PRO A 333 -36.36 -63.99 -41.74
C PRO A 333 -35.01 -64.52 -41.26
N VAL A 334 -34.96 -64.94 -39.99
CA VAL A 334 -33.74 -65.48 -39.40
C VAL A 334 -33.92 -66.93 -38.98
N ILE A 335 -33.10 -67.82 -39.54
CA ILE A 335 -33.14 -69.22 -39.13
C ILE A 335 -31.74 -69.76 -38.91
N VAL A 336 -31.63 -70.84 -38.14
CA VAL A 336 -30.34 -71.52 -37.99
C VAL A 336 -30.49 -72.97 -38.42
N ALA A 337 -29.99 -73.29 -39.61
CA ALA A 337 -30.18 -74.63 -40.16
C ALA A 337 -28.92 -75.47 -40.03
N ASP A 338 -29.03 -76.77 -40.23
CA ASP A 338 -27.85 -77.63 -40.16
C ASP A 338 -27.26 -77.85 -41.55
N ASP A 339 -27.86 -77.21 -42.55
CA ASP A 339 -27.43 -77.32 -43.93
C ASP A 339 -27.89 -76.08 -44.69
N LEU A 340 -27.20 -75.72 -45.76
CA LEU A 340 -27.59 -74.54 -46.54
C LEU A 340 -28.77 -74.83 -47.46
N THR A 341 -28.91 -76.09 -47.86
CA THR A 341 -30.00 -76.49 -48.74
C THR A 341 -31.29 -76.62 -47.94
N ALA A 342 -31.25 -77.40 -46.87
CA ALA A 342 -32.42 -77.57 -46.02
C ALA A 342 -32.68 -76.29 -45.24
N ALA A 343 -33.89 -75.77 -45.36
CA ALA A 343 -34.28 -74.55 -44.65
C ALA A 343 -35.06 -74.86 -43.38
N ILE A 344 -34.57 -75.80 -42.60
CA ILE A 344 -35.26 -76.21 -41.37
C ILE A 344 -34.55 -75.66 -40.14
N ASN A 345 -35.22 -74.76 -39.45
CA ASN A 345 -34.64 -74.08 -38.29
C ASN A 345 -34.48 -75.00 -37.08
N LYS A 346 -33.23 -75.17 -36.65
CA LYS A 346 -32.91 -75.92 -35.44
C LYS A 346 -32.60 -74.97 -34.29
N GLY A 347 -32.47 -73.69 -34.61
CA GLY A 347 -32.12 -72.69 -33.63
C GLY A 347 -33.32 -72.01 -33.00
N ILE A 348 -33.09 -71.41 -31.82
CA ILE A 348 -34.15 -70.72 -31.11
C ILE A 348 -33.92 -69.21 -31.16
N LEU A 349 -34.92 -68.48 -31.63
CA LEU A 349 -34.80 -67.03 -31.78
C LEU A 349 -35.19 -66.33 -30.49
N VAL A 350 -34.22 -65.63 -29.88
CA VAL A 350 -34.50 -64.87 -28.67
C VAL A 350 -35.16 -63.55 -29.05
N THR A 351 -34.63 -62.89 -30.07
CA THR A 351 -35.25 -61.71 -30.62
C THR A 351 -36.37 -62.16 -31.56
N VAL A 352 -37.53 -62.47 -30.98
CA VAL A 352 -38.63 -63.04 -31.74
C VAL A 352 -39.17 -62.06 -32.77
N ASN A 353 -39.23 -62.51 -34.02
CA ASN A 353 -39.66 -61.69 -35.15
C ASN A 353 -38.94 -60.35 -35.23
N PRO A 354 -37.70 -60.36 -35.75
CA PRO A 354 -36.93 -59.14 -36.00
C PRO A 354 -37.69 -58.19 -36.91
N ILE A 355 -37.37 -56.90 -36.85
CA ILE A 355 -38.16 -55.91 -37.56
C ILE A 355 -37.30 -54.74 -38.05
N ALA A 356 -37.71 -54.16 -39.19
CA ALA A 356 -37.09 -52.95 -39.70
C ALA A 356 -38.16 -51.92 -40.04
N SER A 357 -38.37 -50.96 -39.15
CA SER A 357 -39.39 -49.95 -39.34
C SER A 357 -38.95 -48.96 -40.41
N THR A 358 -37.85 -48.28 -40.15
CA THR A 358 -37.29 -47.32 -41.12
C THR A 358 -36.15 -47.92 -41.94
N ASN A 359 -35.56 -47.09 -42.81
CA ASN A 359 -34.45 -47.52 -43.66
C ASN A 359 -33.10 -47.22 -43.01
N ASP A 360 -32.06 -47.91 -43.50
CA ASP A 360 -30.74 -47.86 -42.89
C ASP A 360 -30.83 -48.25 -41.42
N ASP A 361 -31.84 -49.04 -41.09
CA ASP A 361 -32.07 -49.39 -39.68
C ASP A 361 -31.23 -50.57 -39.23
N GLU A 362 -30.56 -50.42 -38.10
CA GLU A 362 -29.75 -51.51 -37.56
C GLU A 362 -30.49 -52.25 -36.46
N VAL A 363 -30.63 -53.56 -36.65
CA VAL A 363 -31.42 -54.42 -35.78
C VAL A 363 -30.58 -55.55 -35.19
N LEU A 364 -30.70 -55.74 -33.88
CA LEU A 364 -29.93 -56.75 -33.15
C LEU A 364 -30.68 -58.07 -33.04
N ILE A 365 -30.07 -59.13 -33.55
CA ILE A 365 -30.65 -60.45 -33.48
C ILE A 365 -29.87 -61.29 -32.49
N GLU A 366 -30.60 -61.99 -31.62
CA GLU A 366 -29.98 -62.95 -30.72
C GLU A 366 -30.61 -64.31 -30.94
N VAL A 367 -29.77 -65.30 -31.26
CA VAL A 367 -30.27 -66.64 -31.53
C VAL A 367 -29.58 -67.66 -30.64
N ASN A 368 -30.29 -68.71 -30.25
CA ASN A 368 -29.67 -69.80 -29.53
C ASN A 368 -29.48 -70.98 -30.47
N PRO A 369 -28.29 -71.07 -31.10
CA PRO A 369 -27.99 -72.09 -32.12
C PRO A 369 -27.86 -73.49 -31.53
N PRO A 370 -27.98 -74.52 -32.36
CA PRO A 370 -27.81 -75.88 -31.84
C PRO A 370 -26.35 -76.25 -31.68
N PHE A 371 -26.09 -77.31 -30.91
CA PHE A 371 -24.74 -77.80 -30.69
C PHE A 371 -24.14 -78.39 -31.95
N GLY A 372 -22.86 -78.14 -32.16
CA GLY A 372 -22.16 -78.66 -33.32
C GLY A 372 -22.03 -77.61 -34.39
N ASP A 373 -22.03 -78.07 -35.64
CA ASP A 373 -21.94 -77.20 -36.80
C ASP A 373 -23.34 -76.71 -37.17
N SER A 374 -23.45 -75.46 -37.58
CA SER A 374 -24.73 -74.92 -38.01
C SER A 374 -24.51 -73.71 -38.90
N TYR A 375 -25.59 -73.25 -39.52
CA TYR A 375 -25.54 -72.09 -40.40
C TYR A 375 -26.57 -71.07 -39.96
N ILE A 376 -26.11 -69.84 -39.74
CA ILE A 376 -26.99 -68.72 -39.44
C ILE A 376 -27.41 -68.02 -40.74
N ILE A 377 -28.69 -68.08 -41.03
CA ILE A 377 -29.24 -67.56 -42.27
C ILE A 377 -30.17 -66.37 -42.03
N VAL A 378 -29.83 -65.24 -42.63
CA VAL A 378 -30.60 -64.01 -42.51
C VAL A 378 -31.06 -63.54 -43.89
N GLY A 379 -32.35 -63.68 -44.15
CA GLY A 379 -32.92 -63.28 -45.44
C GLY A 379 -33.11 -64.47 -46.36
N ARG A 380 -33.54 -64.20 -47.59
CA ARG A 380 -33.76 -65.24 -48.59
C ARG A 380 -33.17 -64.85 -49.93
N GLY A 381 -33.08 -65.81 -50.84
CA GLY A 381 -32.63 -65.53 -52.20
C GLY A 381 -31.13 -65.36 -52.32
N ASP A 382 -30.72 -64.45 -53.21
CA ASP A 382 -29.30 -64.17 -53.42
C ASP A 382 -28.81 -63.10 -52.45
N SER A 383 -29.74 -62.35 -51.88
CA SER A 383 -29.42 -61.25 -50.98
C SER A 383 -29.11 -61.71 -49.56
N ARG A 384 -29.40 -62.98 -49.27
CA ARG A 384 -29.31 -63.49 -47.90
C ARG A 384 -27.89 -63.59 -47.38
N LEU A 385 -27.74 -63.41 -46.07
CA LEU A 385 -26.46 -63.52 -45.38
C LEU A 385 -26.35 -64.89 -44.72
N THR A 386 -25.22 -65.55 -44.91
CA THR A 386 -24.97 -66.84 -44.29
C THR A 386 -23.72 -66.78 -43.43
N TYR A 387 -23.79 -67.35 -42.23
CA TYR A 387 -22.63 -67.35 -41.35
C TYR A 387 -22.47 -68.71 -40.68
N GLN A 388 -21.37 -69.39 -40.98
CA GLN A 388 -21.12 -70.70 -40.38
C GLN A 388 -20.82 -70.50 -38.90
N TRP A 389 -21.46 -71.29 -38.06
CA TRP A 389 -21.26 -71.18 -36.61
C TRP A 389 -21.03 -72.55 -35.98
N HIS A 390 -20.10 -72.59 -35.03
CA HIS A 390 -19.80 -73.81 -34.30
C HIS A 390 -20.06 -73.58 -32.81
N LYS A 391 -20.72 -74.54 -32.16
CA LYS A 391 -21.08 -74.40 -30.75
C LYS A 391 -20.80 -75.65 -29.94
N GLU A 392 -19.87 -75.57 -29.00
CA GLU A 392 -19.54 -76.75 -28.20
C GLU A 392 -20.68 -77.03 -27.21
N GLU B 1 -9.96 -26.70 44.20
CA GLU B 1 -10.06 -25.26 44.01
C GLU B 1 -8.81 -24.54 44.52
N VAL B 2 -7.72 -24.67 43.76
CA VAL B 2 -6.45 -24.06 44.15
C VAL B 2 -6.53 -22.54 44.21
N GLN B 3 -6.17 -21.98 45.37
CA GLN B 3 -6.21 -20.55 45.60
C GLN B 3 -4.86 -20.05 46.12
N LEU B 4 -4.45 -18.88 45.66
CA LEU B 4 -3.22 -18.26 46.15
C LEU B 4 -3.53 -16.94 46.83
N VAL B 5 -2.90 -16.66 47.97
CA VAL B 5 -3.08 -15.38 48.65
C VAL B 5 -1.74 -14.78 49.07
N GLU B 6 -1.46 -13.55 48.66
CA GLU B 6 -0.22 -12.90 49.04
C GLU B 6 -0.40 -12.00 50.26
N SER B 7 0.66 -11.88 51.05
CA SER B 7 0.63 -11.10 52.28
C SER B 7 2.01 -10.50 52.58
N GLY B 8 2.04 -9.47 53.40
CA GLY B 8 3.28 -8.82 53.77
C GLY B 8 3.15 -7.32 53.96
N PRO B 9 4.28 -6.66 54.26
CA PRO B 9 4.42 -5.21 54.47
C PRO B 9 3.86 -4.37 53.31
N ARG B 10 2.92 -3.47 53.61
CA ARG B 10 2.32 -2.66 52.58
C ARG B 10 3.20 -1.45 52.27
N LEU B 11 3.88 -0.95 53.29
CA LEU B 11 4.80 0.17 53.12
C LEU B 11 6.25 -0.25 53.34
N VAL B 12 7.08 -0.04 52.33
CA VAL B 12 8.48 -0.38 52.46
C VAL B 12 9.31 0.87 52.15
N LYS B 13 10.17 1.24 53.09
CA LYS B 13 11.05 2.39 52.94
C LYS B 13 12.17 2.08 51.96
N PRO B 14 12.67 3.11 51.26
CA PRO B 14 13.81 2.89 50.37
C PRO B 14 15.02 2.33 51.13
N SER B 15 15.93 1.68 50.41
CA SER B 15 17.13 1.10 51.00
C SER B 15 16.84 -0.03 51.99
N GLU B 16 15.58 -0.39 52.15
CA GLU B 16 15.21 -1.43 53.10
C GLU B 16 14.99 -2.72 52.28
N THR B 17 14.13 -3.63 52.74
CA THR B 17 13.82 -4.82 51.96
C THR B 17 12.33 -5.12 51.85
N LEU B 18 11.96 -5.88 50.83
CA LEU B 18 10.56 -6.23 50.61
C LEU B 18 10.36 -7.74 50.74
N SER B 19 9.66 -8.15 51.79
CA SER B 19 9.41 -9.55 52.08
C SER B 19 7.94 -9.89 51.91
N LEU B 20 7.58 -10.43 50.76
CA LEU B 20 6.20 -10.86 50.52
C LEU B 20 6.09 -12.37 50.58
N THR B 21 4.91 -12.87 50.94
CA THR B 21 4.70 -14.31 51.03
C THR B 21 3.38 -14.73 50.40
N CYS B 22 3.46 -15.68 49.47
CA CYS B 22 2.29 -16.25 48.83
C CYS B 22 1.95 -17.60 49.44
N THR B 23 0.71 -17.71 49.93
CA THR B 23 0.20 -18.92 50.54
C THR B 23 -0.67 -19.68 49.55
N VAL B 24 -0.34 -20.96 49.36
CA VAL B 24 -1.02 -21.81 48.40
C VAL B 24 -1.95 -22.82 49.09
N SER B 25 -3.24 -22.74 48.79
CA SER B 25 -4.20 -23.69 49.36
C SER B 25 -4.92 -24.46 48.25
N GLY B 26 -5.36 -25.67 48.56
CA GLY B 26 -6.13 -26.46 47.61
C GLY B 26 -5.27 -27.34 46.71
N GLY B 27 -3.95 -27.28 46.90
CA GLY B 27 -3.04 -28.07 46.11
C GLY B 27 -1.61 -27.97 46.63
N SER B 28 -0.81 -29.01 46.41
CA SER B 28 0.55 -29.03 46.91
C SER B 28 1.48 -28.21 46.00
N THR B 29 2.72 -28.05 46.44
CA THR B 29 3.68 -27.22 45.72
C THR B 29 4.79 -28.05 45.08
N TYR B 30 4.56 -29.35 44.96
CA TYR B 30 5.56 -30.24 44.36
C TYR B 30 5.72 -29.98 42.87
N ASN B 31 4.60 -29.80 42.17
CA ASN B 31 4.63 -29.53 40.74
C ASN B 31 4.67 -28.04 40.45
N HIS B 32 4.74 -27.71 39.16
CA HIS B 32 4.54 -26.36 38.64
C HIS B 32 5.63 -25.37 39.06
N HIS B 33 5.66 -24.23 38.39
CA HIS B 33 6.61 -23.19 38.70
C HIS B 33 5.92 -22.00 39.38
N TRP B 34 6.29 -21.75 40.63
CA TRP B 34 5.62 -20.74 41.43
C TRP B 34 6.27 -19.38 41.23
N SER B 35 5.47 -18.46 40.69
CA SER B 35 5.98 -17.22 40.13
C SER B 35 5.47 -15.94 40.80
N TRP B 36 6.23 -14.86 40.59
CA TRP B 36 5.84 -13.53 41.02
C TRP B 36 5.77 -12.60 39.83
N ILE B 37 4.72 -11.78 39.81
CA ILE B 37 4.47 -10.80 38.76
C ILE B 37 4.01 -9.48 39.37
N ARG B 38 4.51 -8.35 38.89
CA ARG B 38 4.10 -7.07 39.45
C ARG B 38 3.53 -6.13 38.39
N GLN B 39 2.72 -5.18 38.85
CA GLN B 39 2.04 -4.20 37.99
C GLN B 39 1.88 -2.85 38.66
N PRO B 40 2.69 -1.87 38.26
CA PRO B 40 2.61 -0.47 38.69
C PRO B 40 1.28 0.16 38.30
N PRO B 41 0.75 1.08 39.13
CA PRO B 41 -0.53 1.74 38.91
C PRO B 41 -0.63 2.39 37.54
N GLY B 42 -1.60 1.97 36.74
CA GLY B 42 -1.82 2.56 35.43
C GLY B 42 -0.78 2.15 34.43
N ARG B 43 -0.03 1.09 34.73
CA ARG B 43 1.03 0.65 33.84
C ARG B 43 0.87 -0.85 33.56
N GLY B 44 1.84 -1.45 32.87
CA GLY B 44 1.70 -2.82 32.42
C GLY B 44 2.20 -3.89 33.37
N LEU B 45 1.98 -5.15 32.99
CA LEU B 45 2.38 -6.28 33.81
C LEU B 45 3.86 -6.59 33.63
N GLU B 46 4.53 -6.89 34.74
CA GLU B 46 5.94 -7.26 34.70
C GLU B 46 6.19 -8.59 35.39
N TRP B 47 6.60 -9.58 34.61
CA TRP B 47 6.91 -10.91 35.14
C TRP B 47 8.20 -10.85 35.93
N ILE B 48 8.11 -11.05 37.24
CA ILE B 48 9.29 -10.96 38.09
C ILE B 48 10.12 -12.22 38.00
N GLY B 49 9.53 -13.37 38.36
CA GLY B 49 10.30 -14.60 38.30
C GLY B 49 9.60 -15.84 38.79
N TYR B 50 10.34 -16.95 38.92
CA TYR B 50 9.75 -18.17 39.47
C TYR B 50 10.75 -19.01 40.26
N ILE B 51 10.22 -19.95 41.02
CA ILE B 51 11.00 -20.99 41.68
C ILE B 51 10.21 -22.30 41.62
N SER B 52 10.95 -23.41 41.56
CA SER B 52 10.33 -24.73 41.53
C SER B 52 10.67 -25.54 42.78
N TYR B 53 10.01 -26.67 42.94
CA TYR B 53 10.29 -27.58 44.04
C TYR B 53 11.66 -28.22 43.84
N SER B 54 12.06 -28.32 42.57
CA SER B 54 13.37 -28.86 42.20
C SER B 54 14.49 -27.97 42.72
N GLY B 55 14.21 -26.68 42.82
CA GLY B 55 15.19 -25.71 43.27
C GLY B 55 15.57 -24.76 42.15
N LYS B 56 15.33 -25.20 40.92
CA LYS B 56 15.61 -24.38 39.75
C LYS B 56 14.71 -23.15 39.76
N SER B 57 15.32 -21.98 39.55
CA SER B 57 14.58 -20.73 39.59
C SER B 57 15.03 -19.83 38.45
N ASN B 58 14.26 -18.77 38.20
CA ASN B 58 14.67 -17.80 37.18
C ASN B 58 14.06 -16.44 37.43
N TYR B 59 14.85 -15.40 37.28
CA TYR B 59 14.39 -14.05 37.56
C TYR B 59 14.47 -13.18 36.31
N ASN B 60 13.59 -12.19 36.24
CA ASN B 60 13.65 -11.20 35.17
C ASN B 60 14.99 -10.48 35.17
N PRO B 61 15.64 -10.42 34.00
CA PRO B 61 16.98 -9.82 33.86
C PRO B 61 17.06 -8.38 34.40
N SER B 62 15.97 -7.63 34.28
CA SER B 62 15.93 -6.27 34.79
C SER B 62 15.81 -6.24 36.31
N LEU B 63 15.62 -7.40 36.92
CA LEU B 63 15.41 -7.48 38.37
C LEU B 63 16.29 -8.50 39.09
N LYS B 64 17.00 -9.34 38.34
CA LYS B 64 17.70 -10.49 38.91
C LYS B 64 18.66 -10.14 40.05
N SER B 65 19.34 -9.00 39.94
CA SER B 65 20.35 -8.62 40.92
C SER B 65 19.77 -8.45 42.31
N ARG B 66 18.47 -8.15 42.38
CA ARG B 66 17.81 -7.87 43.66
C ARG B 66 16.84 -8.97 44.08
N VAL B 67 16.16 -9.57 43.11
CA VAL B 67 15.08 -10.51 43.39
C VAL B 67 15.57 -11.86 43.89
N THR B 68 14.92 -12.35 44.95
CA THR B 68 15.16 -13.69 45.46
C THR B 68 13.84 -14.38 45.77
N ILE B 69 13.51 -15.45 45.04
CA ILE B 69 12.29 -16.18 45.29
C ILE B 69 12.60 -17.53 45.92
N SER B 70 12.03 -17.78 47.09
CA SER B 70 12.33 -18.99 47.86
C SER B 70 11.07 -19.82 48.08
N LEU B 71 11.24 -21.09 48.39
CA LEU B 71 10.09 -21.99 48.52
C LEU B 71 10.05 -22.78 49.83
N GLU B 72 8.94 -22.66 50.55
CA GLU B 72 8.67 -23.47 51.74
C GLU B 72 7.57 -24.49 51.44
N PRO B 73 7.98 -25.70 51.07
CA PRO B 73 7.06 -26.76 50.61
C PRO B 73 6.22 -27.35 51.74
N SER B 74 6.79 -27.47 52.92
CA SER B 74 6.11 -28.07 54.07
C SER B 74 4.84 -27.31 54.43
N THR B 75 4.93 -25.99 54.45
CA THR B 75 3.79 -25.15 54.79
C THR B 75 3.07 -24.71 53.52
N THR B 76 3.55 -25.22 52.38
CA THR B 76 3.00 -24.91 51.07
C THR B 76 2.85 -23.41 50.81
N GLN B 77 3.95 -22.68 50.98
CA GLN B 77 3.96 -21.25 50.67
C GLN B 77 5.35 -20.83 50.21
N PHE B 78 5.42 -19.80 49.37
CA PHE B 78 6.72 -19.35 48.86
C PHE B 78 6.88 -17.83 49.01
N SER B 79 8.12 -17.37 49.01
CA SER B 79 8.41 -15.98 49.38
C SER B 79 9.15 -15.19 48.30
N LEU B 80 8.78 -13.92 48.18
CA LEU B 80 9.49 -12.95 47.35
C LEU B 80 10.32 -12.02 48.22
N LYS B 81 11.58 -11.83 47.83
CA LYS B 81 12.50 -10.97 48.55
C LYS B 81 13.15 -9.96 47.60
N LEU B 82 12.72 -8.70 47.69
CA LEU B 82 13.23 -7.67 46.79
C LEU B 82 14.09 -6.65 47.52
N ASN B 83 15.34 -6.51 47.11
CA ASN B 83 16.28 -5.58 47.74
C ASN B 83 16.43 -4.26 47.00
N SER B 84 17.18 -3.34 47.60
CA SER B 84 17.54 -2.05 46.99
C SER B 84 16.36 -1.33 46.34
N LEU B 85 15.32 -1.07 47.12
CA LEU B 85 14.08 -0.53 46.57
C LEU B 85 14.19 0.88 46.03
N THR B 86 13.17 1.27 45.27
CA THR B 86 13.06 2.60 44.68
C THR B 86 11.58 2.90 44.46
N ALA B 87 11.29 4.08 43.91
CA ALA B 87 9.90 4.46 43.65
C ALA B 87 9.29 3.64 42.53
N ALA B 88 10.15 3.04 41.70
CA ALA B 88 9.69 2.22 40.58
C ALA B 88 9.14 0.88 41.06
N ASP B 89 9.60 0.43 42.22
CA ASP B 89 9.17 -0.86 42.75
C ASP B 89 7.80 -0.77 43.42
N THR B 90 7.25 0.43 43.47
CA THR B 90 5.90 0.65 43.97
C THR B 90 4.89 0.07 42.98
N ALA B 91 4.26 -1.04 43.34
CA ALA B 91 3.36 -1.73 42.41
C ALA B 91 2.47 -2.76 43.09
N VAL B 92 1.49 -3.26 42.34
CA VAL B 92 0.65 -4.35 42.82
C VAL B 92 1.34 -5.68 42.56
N TYR B 93 1.61 -6.41 43.63
CA TYR B 93 2.32 -7.68 43.52
C TYR B 93 1.39 -8.87 43.58
N TYR B 94 1.36 -9.63 42.48
CA TYR B 94 0.64 -10.87 42.38
C TYR B 94 1.59 -12.07 42.50
N CYS B 95 1.16 -13.10 43.22
CA CYS B 95 1.81 -14.39 43.17
C CYS B 95 0.93 -15.33 42.35
N ALA B 96 1.54 -16.13 41.48
CA ALA B 96 0.76 -16.97 40.58
C ALA B 96 1.40 -18.33 40.36
N ARG B 97 0.57 -19.31 40.00
CA ARG B 97 1.05 -20.64 39.69
C ARG B 97 1.18 -20.83 38.18
N GLU B 98 2.40 -21.12 37.72
CA GLU B 98 2.57 -21.51 36.33
C GLU B 98 2.45 -23.03 36.22
N TYR B 99 1.33 -23.48 35.68
CA TYR B 99 1.04 -24.90 35.56
C TYR B 99 1.96 -25.55 34.52
N ARG B 100 2.69 -26.56 34.94
CA ARG B 100 3.56 -27.31 34.04
C ARG B 100 3.43 -28.81 34.32
N ASP B 101 3.00 -29.55 33.30
CA ASP B 101 2.88 -31.01 33.41
C ASP B 101 3.91 -31.66 32.50
N ASP B 102 5.00 -32.15 33.09
CA ASP B 102 6.09 -32.73 32.31
C ASP B 102 5.87 -34.23 32.05
N THR B 103 4.72 -34.74 32.48
CA THR B 103 4.37 -36.14 32.26
C THR B 103 3.54 -36.29 30.98
N ASN B 104 2.55 -35.44 30.82
CA ASN B 104 1.68 -35.49 29.64
C ASN B 104 1.94 -34.31 28.71
N TYR B 105 2.90 -33.48 29.10
CA TYR B 105 3.36 -32.34 28.29
C TYR B 105 2.28 -31.30 28.03
N TYR B 106 1.70 -30.75 29.09
CA TYR B 106 0.78 -29.64 28.98
C TYR B 106 1.26 -28.45 29.80
N TYR B 107 1.18 -27.26 29.21
CA TYR B 107 1.69 -26.05 29.85
C TYR B 107 0.72 -24.89 29.62
N TYR B 108 0.09 -24.42 30.70
CA TYR B 108 -0.96 -23.41 30.59
C TYR B 108 -0.48 -22.03 31.04
N SER B 109 0.83 -21.86 31.17
CA SER B 109 1.41 -20.63 31.70
C SER B 109 0.83 -20.32 33.09
N LEU B 110 0.69 -19.04 33.41
CA LEU B 110 0.15 -18.63 34.69
C LEU B 110 -1.38 -18.78 34.71
N ASP B 111 -1.87 -19.87 35.30
CA ASP B 111 -3.30 -20.18 35.22
C ASP B 111 -4.05 -19.80 36.49
N VAL B 112 -3.36 -19.76 37.62
CA VAL B 112 -4.00 -19.42 38.88
C VAL B 112 -3.30 -18.23 39.53
N TRP B 113 -4.05 -17.18 39.83
CA TRP B 113 -3.49 -15.96 40.37
C TRP B 113 -4.02 -15.64 41.77
N GLY B 114 -3.30 -14.77 42.48
CA GLY B 114 -3.79 -14.24 43.74
C GLY B 114 -4.41 -12.87 43.49
N PRO B 115 -5.17 -12.36 44.47
CA PRO B 115 -5.81 -11.05 44.32
C PRO B 115 -4.80 -9.91 44.15
N GLY B 116 -3.62 -10.05 44.72
CA GLY B 116 -2.57 -9.05 44.59
C GLY B 116 -2.55 -8.04 45.72
N THR B 117 -1.36 -7.67 46.18
CA THR B 117 -1.23 -6.67 47.24
C THR B 117 -0.38 -5.46 46.80
N MET B 118 -0.90 -4.27 47.06
CA MET B 118 -0.26 -3.02 46.66
C MET B 118 0.87 -2.59 47.59
N VAL B 119 2.10 -2.62 47.10
CA VAL B 119 3.24 -2.18 47.89
C VAL B 119 3.75 -0.82 47.43
N THR B 120 3.97 0.08 48.39
CA THR B 120 4.46 1.43 48.11
C THR B 120 5.73 1.71 48.90
N GLN C 1 15.75 -10.39 26.41
CA GLN C 1 14.38 -10.70 26.79
C GLN C 1 13.41 -10.32 25.67
N ILE C 2 12.56 -11.26 25.29
CA ILE C 2 11.62 -11.10 24.19
C ILE C 2 10.64 -9.95 24.44
N VAL C 3 10.40 -9.14 23.41
CA VAL C 3 9.49 -8.00 23.52
C VAL C 3 8.17 -8.24 22.80
N MET C 4 7.07 -8.03 23.52
CA MET C 4 5.74 -8.23 22.96
C MET C 4 5.08 -6.88 22.71
N THR C 5 4.50 -6.72 21.53
CA THR C 5 3.74 -5.52 21.21
C THR C 5 2.30 -5.91 20.94
N GLN C 6 1.38 -4.97 21.15
CA GLN C 6 -0.04 -5.23 20.92
C GLN C 6 -0.67 -4.12 20.10
N SER C 7 -1.71 -4.45 19.35
CA SER C 7 -2.39 -3.47 18.51
C SER C 7 -3.88 -3.78 18.42
N PRO C 8 -4.72 -2.75 18.64
CA PRO C 8 -4.35 -1.36 18.94
C PRO C 8 -4.07 -1.12 20.41
N SER C 9 -3.70 0.11 20.76
CA SER C 9 -3.48 0.47 22.15
C SER C 9 -4.80 0.56 22.90
N THR C 10 -5.81 1.11 22.22
CA THR C 10 -7.15 1.22 22.78
C THR C 10 -8.20 0.96 21.70
N LEU C 11 -9.31 0.34 22.09
CA LEU C 11 -10.39 0.05 21.13
C LEU C 11 -11.76 0.26 21.78
N SER C 12 -12.58 1.09 21.14
CA SER C 12 -13.95 1.31 21.58
C SER C 12 -14.93 0.62 20.64
N ALA C 13 -15.86 -0.14 21.22
CA ALA C 13 -16.84 -0.87 20.44
C ALA C 13 -18.16 -1.00 21.19
N SER C 14 -19.14 -1.61 20.54
CA SER C 14 -20.46 -1.78 21.14
C SER C 14 -20.77 -3.26 21.34
N VAL C 15 -21.77 -3.55 22.17
CA VAL C 15 -22.18 -4.92 22.42
C VAL C 15 -22.72 -5.54 21.13
N GLY C 16 -22.15 -6.68 20.75
CA GLY C 16 -22.57 -7.36 19.54
C GLY C 16 -21.58 -7.25 18.39
N ASP C 17 -20.52 -6.47 18.59
CA ASP C 17 -19.50 -6.31 17.56
C ASP C 17 -18.57 -7.51 17.54
N ARG C 18 -17.91 -7.71 16.40
CA ARG C 18 -16.84 -8.70 16.32
C ARG C 18 -15.54 -7.92 16.43
N VAL C 19 -14.78 -8.20 17.50
CA VAL C 19 -13.56 -7.44 17.74
C VAL C 19 -12.32 -8.32 17.64
N THR C 20 -11.21 -7.68 17.27
CA THR C 20 -9.96 -8.39 17.04
C THR C 20 -8.74 -7.63 17.53
N ILE C 21 -8.04 -8.20 18.51
CA ILE C 21 -6.80 -7.63 19.01
C ILE C 21 -5.62 -8.44 18.46
N THR C 22 -4.54 -7.76 18.08
CA THR C 22 -3.37 -8.45 17.53
C THR C 22 -2.17 -8.35 18.47
N CYS C 23 -1.33 -9.37 18.44
CA CYS C 23 -0.17 -9.47 19.32
C CYS C 23 1.06 -9.98 18.56
N ARG C 24 2.19 -9.31 18.78
CA ARG C 24 3.44 -9.61 18.07
C ARG C 24 4.61 -9.87 19.02
N ALA C 25 5.41 -10.88 18.67
CA ALA C 25 6.64 -11.17 19.40
C ALA C 25 7.84 -10.71 18.58
N SER C 26 8.91 -10.29 19.26
CA SER C 26 10.12 -9.85 18.58
C SER C 26 10.75 -10.97 17.77
N GLN C 27 10.63 -12.20 18.28
CA GLN C 27 11.09 -13.38 17.57
C GLN C 27 10.07 -14.50 17.69
N SER C 28 10.34 -15.64 17.07
CA SER C 28 9.42 -16.77 17.11
C SER C 28 9.24 -17.34 18.51
N ILE C 29 7.99 -17.55 18.91
CA ILE C 29 7.69 -18.13 20.21
C ILE C 29 6.84 -19.39 20.06
N GLY C 30 6.85 -19.97 18.87
CA GLY C 30 6.05 -21.15 18.59
C GLY C 30 4.56 -20.89 18.71
N SER C 31 3.89 -21.72 19.50
CA SER C 31 2.48 -21.51 19.77
C SER C 31 2.27 -21.16 21.23
N TRP C 32 3.37 -20.98 21.95
CA TRP C 32 3.32 -20.71 23.38
C TRP C 32 2.93 -19.26 23.65
N LEU C 33 1.64 -18.96 23.51
CA LEU C 33 1.12 -17.63 23.79
C LEU C 33 -0.13 -17.70 24.64
N ALA C 34 -0.24 -16.79 25.60
CA ALA C 34 -1.41 -16.75 26.48
C ALA C 34 -2.12 -15.40 26.40
N TRP C 35 -3.45 -15.45 26.47
CA TRP C 35 -4.26 -14.24 26.54
C TRP C 35 -4.94 -14.14 27.90
N TYR C 36 -4.78 -12.97 28.53
CA TYR C 36 -5.30 -12.68 29.86
C TYR C 36 -6.29 -11.52 29.83
N GLN C 37 -7.32 -11.62 30.66
CA GLN C 37 -8.31 -10.56 30.80
C GLN C 37 -8.22 -9.89 32.17
N GLN C 38 -8.01 -8.58 32.21
CA GLN C 38 -7.90 -7.89 33.48
C GLN C 38 -8.94 -6.79 33.60
N LYS C 39 -9.73 -6.86 34.66
CA LYS C 39 -10.68 -5.81 35.02
C LYS C 39 -10.09 -5.00 36.17
N PRO C 40 -10.46 -3.70 36.27
CA PRO C 40 -9.90 -2.83 37.30
C PRO C 40 -10.06 -3.39 38.71
N GLY C 41 -8.95 -3.47 39.44
CA GLY C 41 -8.96 -3.96 40.80
C GLY C 41 -8.88 -5.49 40.90
N LYS C 42 -8.90 -6.16 39.76
CA LYS C 42 -8.82 -7.62 39.73
C LYS C 42 -7.55 -8.13 39.08
N ALA C 43 -7.19 -9.37 39.40
CA ALA C 43 -6.02 -10.01 38.82
C ALA C 43 -6.33 -10.49 37.42
N PRO C 44 -5.31 -10.59 36.56
CA PRO C 44 -5.52 -11.15 35.22
C PRO C 44 -6.02 -12.58 35.30
N LYS C 45 -7.03 -12.91 34.49
CA LYS C 45 -7.53 -14.28 34.44
C LYS C 45 -7.10 -14.87 33.10
N LEU C 46 -6.73 -16.14 33.13
CA LEU C 46 -6.26 -16.80 31.91
C LEU C 46 -7.42 -17.11 30.98
N LEU C 47 -7.39 -16.53 29.79
CA LEU C 47 -8.41 -16.77 28.79
C LEU C 47 -7.93 -17.80 27.78
N ILE C 48 -6.84 -17.47 27.09
CA ILE C 48 -6.33 -18.37 26.06
C ILE C 48 -4.95 -18.89 26.43
N TYR C 49 -4.68 -20.16 26.10
CA TYR C 49 -3.33 -20.69 26.25
C TYR C 49 -2.96 -21.41 24.96
N LYS C 50 -1.66 -21.47 24.69
CA LYS C 50 -1.13 -22.05 23.46
C LYS C 50 -1.85 -21.49 22.23
N ALA C 51 -1.90 -20.16 22.15
CA ALA C 51 -2.40 -19.43 20.99
C ALA C 51 -3.90 -19.59 20.71
N SER C 52 -4.40 -20.83 20.76
CA SER C 52 -5.76 -21.08 20.29
C SER C 52 -6.67 -21.83 21.27
N SER C 53 -6.07 -22.43 22.31
CA SER C 53 -6.85 -23.26 23.23
C SER C 53 -7.51 -22.45 24.36
N LEU C 54 -8.82 -22.60 24.49
CA LEU C 54 -9.58 -21.91 25.53
C LEU C 54 -9.49 -22.61 26.89
N GLU C 55 -9.28 -21.82 27.94
CA GLU C 55 -9.31 -22.31 29.31
C GLU C 55 -10.74 -22.48 29.79
N SER C 56 -11.03 -23.57 30.49
CA SER C 56 -12.37 -23.80 31.02
C SER C 56 -12.59 -22.99 32.30
N GLY C 57 -13.72 -22.28 32.37
CA GLY C 57 -14.70 -22.29 31.29
C GLY C 57 -14.92 -20.93 30.66
N VAL C 58 -14.00 -20.54 29.79
CA VAL C 58 -14.12 -19.29 29.04
C VAL C 58 -15.13 -19.46 27.91
N PRO C 59 -16.09 -18.51 27.81
CA PRO C 59 -17.13 -18.49 26.78
C PRO C 59 -16.61 -18.75 25.37
N SER C 60 -17.38 -19.49 24.57
CA SER C 60 -16.95 -19.92 23.24
C SER C 60 -16.87 -18.76 22.25
N ARG C 61 -17.35 -17.58 22.64
CA ARG C 61 -17.25 -16.40 21.80
C ARG C 61 -15.80 -15.95 21.71
N PHE C 62 -15.02 -16.27 22.75
CA PHE C 62 -13.59 -16.02 22.75
C PHE C 62 -12.87 -17.04 21.87
N SER C 63 -11.92 -16.57 21.06
CA SER C 63 -11.11 -17.47 20.25
C SER C 63 -9.74 -16.84 19.97
N GLY C 64 -8.76 -17.68 19.67
CA GLY C 64 -7.43 -17.18 19.36
C GLY C 64 -6.78 -17.96 18.23
N SER C 65 -5.88 -17.31 17.50
CA SER C 65 -5.17 -17.98 16.41
C SER C 65 -3.83 -17.29 16.14
N GLY C 66 -2.95 -17.95 15.39
CA GLY C 66 -1.68 -17.37 15.03
C GLY C 66 -0.52 -18.21 15.53
N SER C 67 0.65 -18.02 14.92
CA SER C 67 1.83 -18.80 15.28
C SER C 67 3.10 -18.22 14.66
N GLY C 68 4.21 -18.35 15.37
CA GLY C 68 5.48 -17.85 14.88
C GLY C 68 5.69 -16.47 15.45
N THR C 69 5.10 -15.47 14.81
CA THR C 69 5.31 -14.10 15.25
C THR C 69 3.98 -13.43 15.57
N GLU C 70 3.01 -13.63 14.69
CA GLU C 70 1.73 -12.95 14.78
C GLU C 70 0.61 -13.82 15.41
N PHE C 71 -0.18 -13.16 16.26
CA PHE C 71 -1.29 -13.80 16.94
C PHE C 71 -2.49 -12.85 16.97
N THR C 72 -3.68 -13.40 17.05
CA THR C 72 -4.91 -12.61 17.13
C THR C 72 -5.91 -13.23 18.10
N LEU C 73 -6.51 -12.35 18.91
CA LEU C 73 -7.60 -12.70 19.78
C LEU C 73 -8.89 -12.13 19.20
N THR C 74 -9.92 -12.96 19.11
CA THR C 74 -11.16 -12.59 18.45
C THR C 74 -12.37 -12.86 19.34
N ILE C 75 -13.21 -11.84 19.50
CA ILE C 75 -14.50 -12.01 20.14
C ILE C 75 -15.60 -11.82 19.09
N SER C 76 -16.34 -12.89 18.83
CA SER C 76 -17.34 -12.89 17.76
C SER C 76 -18.53 -12.00 18.09
N SER C 77 -18.94 -12.00 19.35
CA SER C 77 -20.05 -11.17 19.79
C SER C 77 -19.76 -10.57 21.17
N LEU C 78 -19.39 -9.29 21.16
CA LEU C 78 -18.98 -8.59 22.37
C LEU C 78 -20.10 -8.51 23.39
N GLN C 79 -19.73 -8.56 24.67
CA GLN C 79 -20.70 -8.50 25.75
C GLN C 79 -20.26 -7.43 26.75
N PRO C 80 -21.20 -6.92 27.57
CA PRO C 80 -20.86 -5.95 28.62
C PRO C 80 -19.78 -6.49 29.54
N GLU C 81 -19.78 -7.81 29.69
CA GLU C 81 -18.82 -8.53 30.51
C GLU C 81 -17.39 -8.38 29.99
N ASP C 82 -17.26 -8.37 28.66
CA ASP C 82 -15.98 -8.50 28.00
C ASP C 82 -15.16 -7.21 28.01
N PHE C 83 -15.74 -6.12 28.50
CA PHE C 83 -15.06 -4.84 28.53
C PHE C 83 -14.00 -4.78 29.63
N ALA C 84 -12.74 -4.91 29.20
CA ALA C 84 -11.61 -4.90 30.12
C ALA C 84 -10.31 -4.71 29.34
N THR C 85 -9.17 -4.85 30.00
CA THR C 85 -7.89 -4.73 29.32
C THR C 85 -7.33 -6.12 29.06
N TYR C 86 -6.93 -6.39 27.81
CA TYR C 86 -6.47 -7.73 27.48
C TYR C 86 -4.97 -7.73 27.23
N TYR C 87 -4.26 -8.54 28.01
CA TYR C 87 -2.81 -8.64 27.88
C TYR C 87 -2.40 -9.96 27.22
N CYS C 88 -1.36 -9.92 26.39
CA CYS C 88 -0.79 -11.15 25.86
C CYS C 88 0.54 -11.46 26.54
N GLN C 89 0.92 -12.73 26.57
CA GLN C 89 2.15 -13.14 27.25
C GLN C 89 2.80 -14.34 26.57
N GLN C 90 4.09 -14.24 26.30
CA GLN C 90 4.82 -15.38 25.76
C GLN C 90 5.33 -16.25 26.90
N TYR C 91 5.22 -17.56 26.75
CA TYR C 91 5.84 -18.48 27.69
C TYR C 91 6.61 -19.56 26.93
N ASN C 92 7.32 -19.12 25.89
CA ASN C 92 8.20 -19.98 25.12
C ASN C 92 9.50 -20.27 25.86
N ASN C 93 10.12 -19.21 26.38
CA ASN C 93 11.34 -19.33 27.17
C ASN C 93 11.49 -18.17 28.15
N TYR C 94 12.11 -18.44 29.30
CA TYR C 94 12.34 -17.42 30.31
C TYR C 94 13.38 -16.41 29.84
N SER C 95 13.23 -15.15 30.23
CA SER C 95 12.14 -14.69 31.09
C SER C 95 10.87 -14.37 30.31
N TYR C 96 9.73 -14.69 30.91
CA TYR C 96 8.43 -14.45 30.30
C TYR C 96 8.15 -12.96 30.14
N THR C 97 7.36 -12.61 29.13
CA THR C 97 7.07 -11.21 28.82
C THR C 97 5.60 -10.97 28.50
N PHE C 98 5.01 -9.98 29.17
CA PHE C 98 3.64 -9.55 28.90
C PHE C 98 3.60 -8.46 27.83
N GLY C 99 2.43 -8.27 27.24
CA GLY C 99 2.23 -7.17 26.31
C GLY C 99 1.90 -5.90 27.06
N PRO C 100 1.92 -4.75 26.37
CA PRO C 100 1.63 -3.45 26.99
C PRO C 100 0.17 -3.33 27.40
N GLY C 101 -0.69 -4.10 26.75
CA GLY C 101 -2.11 -4.15 27.09
C GLY C 101 -2.98 -3.45 26.06
N THR C 102 -4.14 -4.03 25.80
CA THR C 102 -5.12 -3.44 24.90
C THR C 102 -6.44 -3.18 25.64
N LYS C 103 -6.81 -1.91 25.75
CA LYS C 103 -8.01 -1.50 26.46
C LYS C 103 -9.28 -1.57 25.62
N LEU C 104 -10.30 -2.23 26.13
CA LEU C 104 -11.56 -2.36 25.42
C LEU C 104 -12.70 -1.72 26.23
N GLU C 105 -13.28 -0.64 25.71
CA GLU C 105 -14.30 0.10 26.43
C GLU C 105 -15.54 0.39 25.57
N ILE C 106 -16.58 0.92 26.21
CA ILE C 106 -17.88 1.14 25.56
C ILE C 106 -17.93 2.41 24.72
N LYS C 107 -18.68 2.36 23.62
CA LYS C 107 -18.86 3.50 22.73
C LYS C 107 -19.98 4.41 23.21
N ALA D 1 17.69 -43.55 47.17
CA ALA D 1 18.23 -42.29 47.67
C ALA D 1 17.44 -41.11 47.12
N HIS D 2 16.70 -40.43 48.01
CA HIS D 2 16.60 -40.82 49.41
C HIS D 2 15.49 -41.85 49.62
N CYS D 3 15.82 -42.91 50.36
CA CYS D 3 14.91 -44.05 50.50
C CYS D 3 13.73 -43.80 51.43
N ILE D 4 13.72 -42.64 52.09
CA ILE D 4 12.61 -42.33 53.00
C ILE D 4 11.33 -42.06 52.21
N GLY D 5 11.44 -41.31 51.13
CA GLY D 5 10.29 -40.98 50.30
C GLY D 5 9.83 -42.15 49.44
N ILE D 6 10.76 -43.01 49.05
CA ILE D 6 10.43 -44.19 48.27
C ILE D 6 9.82 -45.26 49.17
N THR D 7 8.58 -45.62 48.87
CA THR D 7 7.79 -46.48 49.77
C THR D 7 8.26 -47.93 49.81
N ASP D 8 8.65 -48.47 48.66
CA ASP D 8 9.14 -49.83 48.62
C ASP D 8 10.61 -49.83 49.02
N ARG D 9 10.85 -50.06 50.31
CA ARG D 9 12.18 -49.89 50.89
C ARG D 9 12.63 -51.11 51.67
N ASP D 10 13.85 -51.56 51.39
CA ASP D 10 14.43 -52.68 52.12
C ASP D 10 15.63 -52.21 52.96
N PHE D 11 15.80 -52.84 54.12
CA PHE D 11 16.94 -52.61 54.98
C PHE D 11 17.90 -53.77 54.89
N ILE D 12 19.18 -53.47 54.74
CA ILE D 12 20.20 -54.51 54.75
C ILE D 12 21.23 -54.14 55.80
N GLU D 13 21.34 -54.98 56.83
CA GLU D 13 22.27 -54.74 57.91
C GLU D 13 23.59 -55.48 57.72
N GLY D 14 24.68 -54.72 57.65
CA GLY D 14 26.00 -55.30 57.55
C GLY D 14 26.50 -55.79 58.89
N VAL D 15 27.35 -56.82 58.85
CA VAL D 15 27.95 -57.36 60.04
C VAL D 15 29.14 -56.49 60.43
N HIS D 16 29.55 -56.53 61.70
CA HIS D 16 30.60 -55.65 62.20
CA HIS D 16 30.62 -55.68 62.22
C HIS D 16 31.88 -55.69 61.36
N GLY D 17 32.34 -56.89 61.02
CA GLY D 17 33.58 -57.04 60.28
C GLY D 17 33.40 -57.17 58.77
N GLY D 18 32.16 -56.99 58.31
CA GLY D 18 31.87 -57.18 56.91
C GLY D 18 32.51 -56.13 56.03
N THR D 19 33.16 -56.59 54.96
CA THR D 19 33.81 -55.69 54.01
C THR D 19 32.88 -55.38 52.85
N TRP D 20 32.16 -56.41 52.41
CA TRP D 20 31.23 -56.28 51.29
C TRP D 20 29.81 -56.66 51.72
N VAL D 21 28.83 -56.07 51.04
CA VAL D 21 27.43 -56.35 51.33
C VAL D 21 26.64 -56.50 50.04
N SER D 22 25.98 -57.64 49.88
CA SER D 22 25.17 -57.88 48.69
C SER D 22 23.84 -57.14 48.79
N ALA D 23 23.39 -56.61 47.65
CA ALA D 23 22.13 -55.88 47.59
C ALA D 23 21.62 -55.85 46.16
N THR D 24 20.33 -56.14 45.98
CA THR D 24 19.73 -56.10 44.64
C THR D 24 18.76 -54.93 44.54
N LEU D 25 18.94 -54.13 43.49
CA LEU D 25 18.16 -52.92 43.29
C LEU D 25 17.13 -53.09 42.18
N GLU D 26 15.86 -52.91 42.56
CA GLU D 26 14.75 -52.98 41.61
C GLU D 26 14.21 -51.60 41.27
N GLN D 27 13.42 -51.52 40.20
CA GLN D 27 12.80 -50.28 39.78
C GLN D 27 11.72 -49.81 40.77
N ASP D 28 11.62 -48.50 40.94
CA ASP D 28 10.65 -47.89 41.87
C ASP D 28 10.76 -48.51 43.25
N LYS D 29 11.99 -48.62 43.74
CA LYS D 29 12.28 -49.33 44.98
C LYS D 29 13.74 -49.07 45.37
N CYS D 30 14.00 -48.88 46.65
CA CYS D 30 15.36 -48.56 47.09
C CYS D 30 15.79 -49.35 48.33
N VAL D 31 17.09 -49.35 48.58
CA VAL D 31 17.68 -50.12 49.68
C VAL D 31 18.48 -49.23 50.62
N THR D 32 18.28 -49.43 51.92
CA THR D 32 19.05 -48.72 52.94
C THR D 32 20.03 -49.65 53.65
N VAL D 33 21.32 -49.41 53.44
CA VAL D 33 22.38 -50.26 53.98
C VAL D 33 22.92 -49.74 55.31
N MET D 34 22.76 -50.51 56.36
CA MET D 34 23.28 -50.10 57.68
C MET D 34 24.43 -51.00 58.13
N ALA D 35 25.35 -50.42 58.89
CA ALA D 35 26.48 -51.14 59.45
C ALA D 35 26.95 -50.42 60.72
N PRO D 36 27.27 -51.19 61.77
CA PRO D 36 27.66 -50.61 63.06
C PRO D 36 28.87 -49.69 62.97
N ASP D 37 28.77 -48.53 63.63
CA ASP D 37 29.83 -47.52 63.64
C ASP D 37 30.17 -47.01 62.24
N LYS D 38 29.17 -47.03 61.35
CA LYS D 38 29.38 -46.55 59.98
C LYS D 38 28.09 -45.91 59.47
N PRO D 39 28.22 -44.88 58.61
CA PRO D 39 27.04 -44.16 58.13
C PRO D 39 26.17 -44.99 57.20
N SER D 40 24.86 -44.80 57.29
CA SER D 40 23.91 -45.55 56.49
C SER D 40 23.94 -45.10 55.03
N LEU D 41 23.87 -46.05 54.11
CA LEU D 41 24.00 -45.78 52.69
C LEU D 41 22.72 -46.08 51.93
N ASP D 42 22.09 -45.06 51.37
CA ASP D 42 20.91 -45.24 50.53
C ASP D 42 21.31 -45.48 49.08
N ILE D 43 20.90 -46.63 48.55
CA ILE D 43 21.18 -47.00 47.17
C ILE D 43 19.87 -47.26 46.42
N SER D 44 19.80 -46.82 45.16
CA SER D 44 18.60 -47.06 44.38
C SER D 44 18.86 -47.11 42.88
N LEU D 45 18.05 -47.89 42.16
CA LEU D 45 18.13 -47.95 40.70
C LEU D 45 17.29 -46.82 40.13
N GLU D 46 17.92 -45.93 39.36
CA GLU D 46 17.21 -44.83 38.74
C GLU D 46 16.68 -45.26 37.37
N THR D 47 17.59 -45.58 36.46
CA THR D 47 17.21 -46.00 35.12
C THR D 47 18.08 -47.12 34.56
N VAL D 48 17.47 -47.97 33.74
CA VAL D 48 18.18 -48.91 32.89
C VAL D 48 17.78 -48.58 31.47
N ALA D 49 18.75 -48.28 30.60
CA ALA D 49 18.39 -47.75 29.30
C ALA D 49 19.33 -48.15 28.16
N ILE D 50 18.93 -47.82 26.95
CA ILE D 50 19.77 -48.01 25.77
C ILE D 50 19.90 -46.70 25.02
N ASP D 51 21.12 -46.41 24.59
CA ASP D 51 21.41 -45.19 23.85
C ASP D 51 21.73 -45.50 22.40
N ARG D 52 21.13 -44.75 21.49
CA ARG D 52 21.33 -44.92 20.05
C ARG D 52 21.21 -46.38 19.60
N PRO D 53 20.03 -46.99 19.76
CA PRO D 53 19.85 -48.34 19.24
C PRO D 53 19.63 -48.30 17.73
N ALA D 54 20.01 -49.35 17.02
CA ALA D 54 19.95 -49.34 15.56
C ALA D 54 18.60 -49.82 15.05
N GLU D 55 18.05 -49.10 14.08
CA GLU D 55 16.83 -49.51 13.43
C GLU D 55 17.09 -50.76 12.60
N VAL D 56 16.19 -51.73 12.67
CA VAL D 56 16.33 -52.92 11.85
C VAL D 56 15.15 -53.01 10.91
N ARG D 57 13.96 -52.67 11.40
CA ARG D 57 12.78 -52.74 10.54
C ARG D 57 11.76 -51.65 10.85
N LYS D 58 10.89 -51.37 9.88
CA LYS D 58 9.71 -50.55 10.12
C LYS D 58 8.50 -51.38 9.73
N VAL D 59 7.39 -51.21 10.43
CA VAL D 59 6.17 -51.94 10.12
C VAL D 59 4.96 -51.01 10.08
N CYS D 60 4.48 -50.74 8.88
CA CYS D 60 3.37 -49.81 8.69
C CYS D 60 2.06 -50.35 9.27
N TYR D 61 1.41 -49.55 10.11
CA TYR D 61 0.11 -49.92 10.65
C TYR D 61 -0.98 -48.95 10.22
N ASN D 62 -0.62 -47.94 9.43
CA ASN D 62 -1.62 -47.11 8.77
C ASN D 62 -1.11 -46.52 7.46
N ALA D 63 -1.80 -46.84 6.37
CA ALA D 63 -1.36 -46.41 5.05
C ALA D 63 -2.45 -45.65 4.30
N VAL D 64 -2.03 -44.66 3.52
CA VAL D 64 -2.95 -43.91 2.66
C VAL D 64 -2.61 -44.16 1.19
N LEU D 65 -3.63 -44.18 0.35
CA LEU D 65 -3.43 -44.41 -1.08
C LEU D 65 -3.71 -43.16 -1.90
N THR D 66 -2.82 -42.86 -2.83
CA THR D 66 -3.02 -41.74 -3.74
C THR D 66 -2.77 -42.19 -5.17
N HIS D 67 -3.07 -41.31 -6.12
CA HIS D 67 -2.73 -41.51 -7.53
C HIS D 67 -3.22 -42.86 -8.06
N VAL D 68 -4.49 -43.16 -7.81
CA VAL D 68 -5.09 -44.43 -8.24
C VAL D 68 -5.36 -44.43 -9.73
N LYS D 69 -4.63 -45.27 -10.46
CA LYS D 69 -4.74 -45.36 -11.91
C LYS D 69 -5.37 -46.68 -12.34
N ILE D 70 -6.04 -46.68 -13.50
CA ILE D 70 -6.70 -47.89 -14.00
C ILE D 70 -6.53 -48.03 -15.51
N ASN D 71 -6.17 -49.23 -15.97
CA ASN D 71 -6.17 -49.51 -17.40
C ASN D 71 -7.07 -50.71 -17.65
N ASP D 72 -7.96 -50.61 -18.64
CA ASP D 72 -9.04 -51.57 -18.83
C ASP D 72 -9.24 -52.10 -20.25
N LYS D 73 -8.22 -52.74 -20.82
CA LYS D 73 -8.33 -53.29 -22.17
C LYS D 73 -9.50 -54.26 -22.39
N CYS D 74 -9.88 -54.39 -23.66
CA CYS D 74 -10.95 -55.28 -24.12
C CYS D 74 -10.43 -56.70 -24.41
N PRO D 75 -11.34 -57.68 -24.52
CA PRO D 75 -11.00 -59.07 -24.84
C PRO D 75 -10.16 -59.22 -26.12
N SER D 76 -9.63 -60.42 -26.32
CA SER D 76 -8.78 -60.74 -27.47
C SER D 76 -7.52 -59.89 -27.47
N THR D 77 -7.33 -59.09 -28.51
CA THR D 77 -6.17 -58.21 -28.60
C THR D 77 -6.06 -57.26 -27.42
N GLY D 78 -5.00 -57.44 -26.63
CA GLY D 78 -4.77 -56.51 -25.53
C GLY D 78 -4.55 -56.90 -24.08
N GLU D 79 -3.27 -56.93 -23.69
CA GLU D 79 -2.90 -57.00 -22.28
C GLU D 79 -2.87 -55.58 -21.72
N ALA D 80 -3.52 -55.36 -20.58
CA ALA D 80 -3.54 -54.01 -20.02
C ALA D 80 -2.24 -53.72 -19.28
N HIS D 81 -1.72 -52.51 -19.43
CA HIS D 81 -0.50 -52.12 -18.74
C HIS D 81 -0.57 -50.67 -18.28
N LEU D 82 -0.03 -50.42 -17.09
CA LEU D 82 0.10 -49.07 -16.57
C LEU D 82 1.59 -48.83 -16.32
N ALA D 83 2.03 -47.58 -16.45
CA ALA D 83 3.42 -47.24 -16.17
C ALA D 83 3.73 -47.50 -14.70
N GLU D 84 2.70 -47.34 -13.87
CA GLU D 84 2.84 -47.44 -12.42
C GLU D 84 3.16 -48.86 -12.03
N GLU D 85 3.11 -49.76 -13.00
CA GLU D 85 3.44 -51.15 -12.79
C GLU D 85 4.92 -51.32 -12.50
N ASN D 86 5.74 -50.45 -13.11
CA ASN D 86 7.19 -50.62 -12.94
C ASN D 86 7.80 -49.66 -11.93
N GLU D 87 6.97 -49.09 -11.07
CA GLU D 87 7.48 -48.22 -10.03
C GLU D 87 7.40 -48.90 -8.65
N GLY D 88 8.32 -48.56 -7.76
CA GLY D 88 8.46 -49.26 -6.48
C GLY D 88 7.41 -48.95 -5.43
N ASP D 89 6.87 -47.74 -5.46
CA ASP D 89 5.95 -47.28 -4.42
C ASP D 89 4.48 -47.44 -4.81
N ASN D 90 4.21 -48.41 -5.67
CA ASN D 90 2.83 -48.65 -6.10
C ASN D 90 2.35 -50.08 -5.83
N ALA D 91 1.21 -50.18 -5.15
CA ALA D 91 0.54 -51.47 -4.97
C ALA D 91 -0.36 -51.70 -6.18
N CYS D 92 -0.17 -52.81 -6.86
CA CYS D 92 -0.88 -53.06 -8.12
C CYS D 92 -1.54 -54.42 -8.16
N LYS D 93 -2.65 -54.52 -8.88
CA LYS D 93 -3.27 -55.81 -9.09
C LYS D 93 -3.62 -55.96 -10.58
N ARG D 94 -3.30 -57.13 -11.12
CA ARG D 94 -3.64 -57.51 -12.48
C ARG D 94 -4.75 -58.56 -12.51
N THR D 95 -5.87 -58.22 -13.13
CA THR D 95 -6.99 -59.14 -13.22
C THR D 95 -7.66 -59.11 -14.59
N TYR D 96 -8.82 -59.75 -14.68
CA TYR D 96 -9.62 -59.73 -15.90
C TYR D 96 -11.08 -59.47 -15.56
N SER D 97 -11.75 -58.69 -16.40
CA SER D 97 -13.14 -58.33 -16.14
C SER D 97 -14.06 -58.81 -17.27
N ASP D 98 -15.30 -59.09 -16.91
CA ASP D 98 -16.31 -59.48 -17.88
C ASP D 98 -16.72 -58.28 -18.71
N ARG D 99 -16.44 -58.35 -20.01
CA ARG D 99 -16.74 -57.25 -20.91
C ARG D 99 -17.32 -57.75 -22.23
N GLY D 100 -18.01 -56.87 -22.93
CA GLY D 100 -18.61 -57.19 -24.20
C GLY D 100 -19.27 -55.96 -24.81
N TRP D 101 -20.34 -56.20 -25.55
CA TRP D 101 -21.12 -55.10 -26.12
C TRP D 101 -21.77 -54.40 -24.95
N GLY D 102 -21.56 -53.09 -24.83
CA GLY D 102 -22.08 -52.35 -23.69
C GLY D 102 -20.93 -51.70 -22.95
N ASN D 103 -19.74 -52.31 -23.04
CA ASN D 103 -18.55 -51.70 -22.47
C ASN D 103 -17.55 -51.30 -23.56
N GLY D 104 -18.01 -51.30 -24.81
CA GLY D 104 -17.21 -50.77 -25.90
C GLY D 104 -16.20 -51.83 -26.26
N CYS D 105 -16.70 -53.06 -26.40
CA CYS D 105 -15.88 -54.21 -26.72
C CYS D 105 -16.60 -55.11 -27.70
N GLY D 106 -16.12 -55.13 -28.94
CA GLY D 106 -16.59 -56.02 -29.99
C GLY D 106 -16.64 -57.53 -29.75
N LEU D 107 -16.10 -58.00 -28.61
CA LEU D 107 -16.21 -59.41 -28.25
C LEU D 107 -16.68 -59.59 -26.81
N PHE D 108 -17.30 -60.73 -26.52
CA PHE D 108 -17.74 -61.03 -25.16
C PHE D 108 -16.74 -61.96 -24.48
N GLY D 109 -16.23 -61.54 -23.32
CA GLY D 109 -15.29 -62.34 -22.58
C GLY D 109 -14.46 -61.55 -21.59
N LYS D 110 -13.28 -62.10 -21.24
CA LYS D 110 -12.40 -61.48 -20.25
C LYS D 110 -11.44 -60.46 -20.86
N GLY D 111 -11.49 -59.23 -20.35
CA GLY D 111 -10.55 -58.20 -20.75
C GLY D 111 -9.58 -57.87 -19.63
N SER D 112 -8.31 -57.74 -19.97
CA SER D 112 -7.28 -57.47 -18.96
C SER D 112 -7.48 -56.10 -18.33
N ILE D 113 -7.37 -56.03 -17.01
CA ILE D 113 -7.50 -54.76 -16.30
C ILE D 113 -6.50 -54.70 -15.15
N VAL D 114 -5.75 -53.61 -15.11
CA VAL D 114 -4.73 -53.42 -14.10
C VAL D 114 -5.01 -52.16 -13.30
N ALA D 115 -4.91 -52.27 -11.99
CA ALA D 115 -5.11 -51.12 -11.12
C ALA D 115 -3.91 -50.93 -10.22
N CYS D 116 -3.34 -49.73 -10.26
CA CYS D 116 -2.19 -49.41 -9.42
C CYS D 116 -2.53 -48.22 -8.55
N ALA D 117 -1.93 -48.18 -7.36
CA ALA D 117 -2.17 -47.08 -6.43
C ALA D 117 -0.92 -46.75 -5.64
N LYS D 118 -0.68 -45.47 -5.42
CA LYS D 118 0.48 -45.04 -4.66
C LYS D 118 0.37 -45.43 -3.19
N PHE D 119 1.33 -46.22 -2.74
CA PHE D 119 1.36 -46.65 -1.35
C PHE D 119 2.29 -45.73 -0.59
N THR D 120 1.72 -45.01 0.37
CA THR D 120 2.49 -44.17 1.26
C THR D 120 2.02 -44.42 2.69
N CYS D 121 2.96 -44.77 3.55
CA CYS D 121 2.65 -45.14 4.91
C CYS D 121 2.39 -43.92 5.80
N ALA D 122 1.18 -43.82 6.32
CA ALA D 122 0.84 -42.71 7.20
C ALA D 122 1.54 -42.86 8.54
N LYS D 123 1.33 -44.00 9.20
CA LYS D 123 1.98 -44.27 10.49
C LYS D 123 2.55 -45.68 10.57
N SER D 124 3.80 -45.76 11.03
CA SER D 124 4.53 -47.02 11.12
C SER D 124 5.12 -47.23 12.51
N MET D 125 5.49 -48.47 12.79
CA MET D 125 6.07 -48.87 14.07
C MET D 125 7.53 -49.22 13.89
N SER D 126 8.39 -48.58 14.69
CA SER D 126 9.83 -48.79 14.52
C SER D 126 10.33 -49.98 15.32
N LEU D 127 11.14 -50.80 14.67
CA LEU D 127 11.72 -52.00 15.28
C LEU D 127 13.24 -51.87 15.35
N PHE D 128 13.71 -51.54 16.56
CA PHE D 128 15.13 -51.38 16.88
C PHE D 128 15.73 -52.69 17.41
N GLU D 129 17.02 -52.87 17.17
CA GLU D 129 17.75 -54.03 17.69
C GLU D 129 18.36 -53.72 19.06
N VAL D 130 18.33 -54.69 19.97
CA VAL D 130 18.83 -54.50 21.32
C VAL D 130 20.17 -55.25 21.54
N ASP D 131 21.24 -54.49 21.78
CA ASP D 131 22.59 -55.01 22.13
C ASP D 131 22.97 -54.97 23.62
N GLN D 132 23.30 -56.13 24.18
CA GLN D 132 23.59 -56.24 25.62
C GLN D 132 24.70 -55.29 26.04
N THR D 133 25.67 -55.12 25.15
CA THR D 133 26.91 -54.36 25.38
C THR D 133 26.69 -52.86 25.22
N LYS D 134 25.46 -52.49 24.85
CA LYS D 134 25.13 -51.09 24.68
C LYS D 134 24.22 -50.60 25.81
N ILE D 135 23.96 -51.49 26.76
CA ILE D 135 23.14 -51.18 27.93
C ILE D 135 23.86 -50.37 29.00
N GLN D 136 23.27 -49.25 29.39
CA GLN D 136 23.80 -48.45 30.48
C GLN D 136 22.77 -48.37 31.60
N TYR D 137 23.22 -48.22 32.85
CA TYR D 137 22.26 -48.06 33.95
C TYR D 137 22.75 -47.06 34.98
N VAL D 138 21.81 -46.45 35.69
CA VAL D 138 22.14 -45.38 36.62
C VAL D 138 21.69 -45.69 38.05
N ILE D 139 22.58 -45.46 39.02
CA ILE D 139 22.29 -45.73 40.43
C ILE D 139 22.50 -44.51 41.30
N ARG D 140 21.47 -44.14 42.07
CA ARG D 140 21.59 -43.06 43.04
C ARG D 140 22.16 -43.59 44.35
N ALA D 141 23.16 -42.88 44.88
CA ALA D 141 23.75 -43.21 46.17
C ALA D 141 23.84 -41.98 47.06
N GLN D 142 23.43 -42.12 48.32
CA GLN D 142 23.45 -40.99 49.25
C GLN D 142 23.54 -41.44 50.70
N LEU D 143 24.50 -40.91 51.44
CA LEU D 143 24.69 -41.29 52.83
C LEU D 143 23.65 -40.65 53.74
N HIS D 144 23.34 -41.33 54.84
CA HIS D 144 22.39 -40.81 55.82
C HIS D 144 23.01 -39.80 56.77
N VAL D 145 23.24 -38.60 56.27
CA VAL D 145 23.68 -37.49 57.10
C VAL D 145 22.45 -36.63 57.39
N GLY D 146 22.49 -35.87 58.48
CA GLY D 146 21.41 -34.98 58.81
C GLY D 146 21.28 -33.91 57.75
N ALA D 147 20.47 -34.20 56.73
CA ALA D 147 20.27 -33.27 55.63
C ALA D 147 18.79 -33.07 55.41
N LYS D 148 18.45 -31.89 54.90
CA LYS D 148 17.08 -31.52 54.62
C LYS D 148 16.69 -32.13 53.29
N GLN D 149 15.39 -32.35 53.07
CA GLN D 149 14.97 -33.01 51.85
C GLN D 149 15.35 -32.10 50.68
N GLU D 150 15.24 -30.79 50.93
CA GLU D 150 15.56 -29.78 49.94
C GLU D 150 17.06 -29.72 49.65
N ASN D 151 17.85 -30.45 50.44
CA ASN D 151 19.28 -30.56 50.17
C ASN D 151 19.66 -31.91 49.60
N TRP D 152 18.68 -32.80 49.48
CA TRP D 152 18.93 -34.16 49.00
C TRP D 152 19.50 -34.11 47.60
N ASN D 153 18.92 -33.25 46.77
CA ASN D 153 19.34 -33.11 45.38
C ASN D 153 20.78 -32.65 45.27
N THR D 154 21.31 -32.06 46.35
CA THR D 154 22.70 -31.64 46.36
C THR D 154 23.61 -32.78 46.80
N ASP D 155 23.11 -33.62 47.70
CA ASP D 155 23.91 -34.71 48.26
C ASP D 155 24.00 -35.95 47.38
N ILE D 156 22.92 -36.29 46.70
CA ILE D 156 22.85 -37.51 45.92
C ILE D 156 23.96 -37.58 44.87
N LYS D 157 24.80 -38.61 44.98
CA LYS D 157 25.78 -38.89 43.96
C LYS D 157 25.18 -39.92 42.99
N THR D 158 24.98 -39.50 41.76
CA THR D 158 24.46 -40.38 40.73
C THR D 158 25.58 -41.04 39.95
N LEU D 159 25.48 -42.36 39.77
CA LEU D 159 26.52 -43.11 39.09
C LEU D 159 26.00 -43.73 37.81
N LYS D 160 26.81 -43.67 36.77
CA LYS D 160 26.45 -44.26 35.49
C LYS D 160 27.37 -45.44 35.21
N PHE D 161 26.77 -46.54 34.76
CA PHE D 161 27.50 -47.75 34.45
C PHE D 161 27.20 -48.21 33.03
N ASP D 162 28.13 -48.99 32.48
CA ASP D 162 28.00 -49.55 31.14
C ASP D 162 27.75 -51.05 31.29
N ALA D 163 27.79 -51.78 30.18
CA ALA D 163 27.52 -53.21 30.23
C ALA D 163 28.68 -53.95 30.87
N LEU D 164 29.90 -53.54 30.55
CA LEU D 164 31.06 -54.10 31.20
C LEU D 164 31.86 -52.91 31.71
N SER D 165 31.30 -52.25 32.71
CA SER D 165 32.05 -51.28 33.49
C SER D 165 32.45 -52.00 34.77
N GLY D 166 33.43 -51.47 35.47
CA GLY D 166 33.96 -52.16 36.64
C GLY D 166 33.46 -51.54 37.92
N SER D 167 34.13 -51.85 39.02
CA SER D 167 33.74 -51.30 40.31
C SER D 167 33.92 -49.79 40.28
N GLN D 168 32.95 -49.07 40.84
CA GLN D 168 32.98 -47.61 40.81
C GLN D 168 33.04 -47.04 42.23
N GLU D 169 33.93 -46.07 42.45
CA GLU D 169 34.11 -45.46 43.77
C GLU D 169 33.28 -44.19 43.98
N VAL D 170 32.69 -44.07 45.16
CA VAL D 170 31.89 -42.91 45.55
C VAL D 170 32.38 -42.31 46.87
N GLU D 171 33.00 -41.13 46.82
CA GLU D 171 33.51 -40.51 48.04
C GLU D 171 32.59 -39.41 48.57
N PHE D 172 32.20 -39.55 49.84
CA PHE D 172 31.39 -38.54 50.51
C PHE D 172 32.26 -37.69 51.43
N ILE D 173 32.20 -36.37 51.26
CA ILE D 173 33.08 -35.45 51.96
C ILE D 173 32.99 -35.60 53.48
N GLY D 174 34.11 -35.97 54.09
CA GLY D 174 34.17 -36.13 55.54
C GLY D 174 33.60 -37.45 56.02
N TYR D 175 33.36 -38.38 55.10
CA TYR D 175 32.76 -39.65 55.47
C TYR D 175 33.45 -40.84 54.80
N GLY D 176 34.54 -40.56 54.09
CA GLY D 176 35.30 -41.58 53.40
C GLY D 176 34.73 -41.89 52.02
N LYS D 177 34.71 -43.16 51.64
CA LYS D 177 34.16 -43.59 50.35
C LYS D 177 33.69 -45.04 50.36
N ALA D 178 32.73 -45.32 49.49
CA ALA D 178 32.23 -46.66 49.29
C ALA D 178 32.50 -47.12 47.85
N THR D 179 32.49 -48.42 47.62
CA THR D 179 32.71 -48.96 46.28
C THR D 179 31.56 -49.85 45.82
N LEU D 180 31.02 -49.56 44.65
CA LEU D 180 29.92 -50.34 44.10
C LEU D 180 30.40 -51.26 42.98
N GLU D 181 30.25 -52.56 43.19
CA GLU D 181 30.56 -53.56 42.18
C GLU D 181 29.25 -54.11 41.64
N CYS D 182 28.77 -53.51 40.55
CA CYS D 182 27.43 -53.80 40.07
C CYS D 182 27.41 -54.59 38.75
N GLN D 183 26.34 -55.35 38.59
CA GLN D 183 26.10 -56.19 37.43
C GLN D 183 24.65 -55.98 37.02
N VAL D 184 24.40 -55.88 35.72
CA VAL D 184 23.05 -55.57 35.27
C VAL D 184 22.35 -56.85 34.79
N GLN D 185 21.10 -57.03 35.21
CA GLN D 185 20.30 -58.16 34.81
C GLN D 185 19.28 -57.64 33.83
N THR D 186 19.30 -58.16 32.61
CA THR D 186 18.46 -57.58 31.56
C THR D 186 16.94 -57.79 31.66
N ALA D 187 16.54 -59.06 31.76
CA ALA D 187 15.15 -59.51 31.68
C ALA D 187 14.73 -59.55 30.20
N VAL D 188 15.69 -59.38 29.30
CA VAL D 188 15.40 -59.39 27.86
C VAL D 188 16.24 -60.44 27.12
N ASP D 189 15.67 -60.98 26.05
CA ASP D 189 16.36 -61.97 25.22
C ASP D 189 16.77 -61.37 23.88
N PHE D 190 17.88 -60.65 23.92
CA PHE D 190 18.48 -59.93 22.79
C PHE D 190 18.55 -60.65 21.49
N GLY D 191 18.84 -61.94 21.57
CA GLY D 191 18.97 -62.70 20.37
C GLY D 191 17.58 -63.02 19.85
N ASN D 192 16.56 -62.59 20.59
CA ASN D 192 15.17 -62.79 20.18
C ASN D 192 14.22 -61.68 20.65
N SER D 193 14.62 -60.42 20.50
CA SER D 193 13.75 -59.31 20.92
C SER D 193 13.96 -58.04 20.10
N TYR D 194 12.91 -57.23 20.01
CA TYR D 194 12.97 -55.91 19.38
C TYR D 194 12.49 -54.83 20.33
N ILE D 195 12.96 -53.61 20.10
CA ILE D 195 12.29 -52.43 20.65
C ILE D 195 11.26 -51.96 19.65
N ALA D 196 9.99 -52.04 20.01
CA ALA D 196 8.93 -51.66 19.09
C ALA D 196 8.27 -50.37 19.55
N GLU D 197 8.43 -49.28 18.79
CA GLU D 197 7.84 -48.03 19.22
C GLU D 197 6.83 -47.45 18.23
N MET D 198 5.69 -47.10 18.74
CA MET D 198 4.73 -46.60 17.85
C MET D 198 4.83 -45.11 17.67
N GLU D 199 4.21 -44.30 18.51
CA GLU D 199 4.40 -42.87 18.39
C GLU D 199 5.18 -42.37 19.50
N THR D 200 4.58 -42.49 20.64
CA THR D 200 5.15 -42.17 21.95
C THR D 200 5.47 -43.40 22.78
N GLU D 201 4.73 -44.47 22.54
CA GLU D 201 4.79 -45.66 23.38
C GLU D 201 5.77 -46.69 22.82
N SER D 202 6.46 -47.42 23.68
CA SER D 202 7.37 -48.45 23.20
C SER D 202 7.26 -49.74 24.02
N TRP D 203 7.76 -50.84 23.45
CA TRP D 203 7.72 -52.14 24.11
C TRP D 203 8.95 -53.00 23.78
N ILE D 204 9.17 -54.03 24.60
CA ILE D 204 10.12 -55.09 24.25
C ILE D 204 9.34 -56.28 23.72
N VAL D 205 9.46 -56.55 22.43
CA VAL D 205 8.64 -57.56 21.78
C VAL D 205 9.43 -58.74 21.21
N ASP D 206 8.73 -59.80 20.83
CA ASP D 206 9.38 -60.95 20.24
C ASP D 206 9.69 -60.68 18.76
N ARG D 207 10.91 -60.96 18.36
CA ARG D 207 11.34 -60.71 16.98
C ARG D 207 10.50 -61.51 16.00
N GLN D 208 10.32 -62.78 16.34
CA GLN D 208 9.53 -63.71 15.55
C GLN D 208 8.11 -63.17 15.36
N TRP D 209 7.52 -62.72 16.46
CA TRP D 209 6.18 -62.12 16.44
C TRP D 209 6.12 -60.90 15.53
N ALA D 210 7.16 -60.07 15.58
CA ALA D 210 7.21 -58.84 14.81
C ALA D 210 7.32 -59.11 13.31
N GLN D 211 8.14 -60.10 12.96
CA GLN D 211 8.39 -60.46 11.57
C GLN D 211 7.19 -61.23 11.01
N ASP D 212 6.43 -61.85 11.92
CA ASP D 212 5.28 -62.65 11.52
C ASP D 212 4.01 -61.80 11.45
N LEU D 213 4.15 -60.51 11.74
CA LEU D 213 3.04 -59.57 11.62
C LEU D 213 2.59 -59.49 10.16
N THR D 214 1.29 -59.58 9.94
CA THR D 214 0.73 -59.51 8.59
C THR D 214 0.54 -58.05 8.17
N LEU D 215 1.62 -57.30 8.14
CA LEU D 215 1.59 -55.89 7.78
C LEU D 215 2.79 -55.57 6.88
N PRO D 216 2.68 -54.50 6.07
CA PRO D 216 3.82 -54.09 5.25
C PRO D 216 5.03 -53.73 6.11
N TRP D 217 6.22 -54.06 5.63
CA TRP D 217 7.43 -53.79 6.40
C TRP D 217 8.57 -53.27 5.54
N GLN D 218 9.49 -52.54 6.18
CA GLN D 218 10.57 -51.88 5.47
C GLN D 218 11.94 -52.29 6.06
N SER D 219 13.00 -51.63 5.59
CA SER D 219 14.36 -51.86 6.09
C SER D 219 15.06 -50.57 6.50
N GLY D 220 16.31 -50.69 6.96
CA GLY D 220 17.09 -49.56 7.39
C GLY D 220 17.63 -48.67 6.27
N SER D 221 17.68 -49.18 5.04
CA SER D 221 18.24 -48.41 3.93
C SER D 221 17.20 -47.97 2.91
N GLY D 222 16.96 -48.81 1.90
CA GLY D 222 16.02 -48.48 0.84
C GLY D 222 14.62 -48.32 1.39
N GLY D 223 13.89 -47.34 0.88
CA GLY D 223 12.57 -47.01 1.39
C GLY D 223 11.44 -47.56 0.55
N VAL D 224 11.50 -48.85 0.24
CA VAL D 224 10.45 -49.52 -0.54
C VAL D 224 9.64 -50.46 0.34
N TRP D 225 8.37 -50.13 0.55
CA TRP D 225 7.51 -50.92 1.41
C TRP D 225 7.18 -52.28 0.78
N ARG D 226 7.41 -53.34 1.54
CA ARG D 226 7.22 -54.71 1.06
C ARG D 226 5.95 -55.31 1.64
N GLU D 227 5.35 -56.25 0.90
CA GLU D 227 4.09 -56.88 1.29
C GLU D 227 3.00 -55.83 1.53
N MET D 228 2.85 -54.93 0.57
CA MET D 228 1.88 -53.84 0.67
C MET D 228 0.44 -54.32 0.65
N HIS D 229 0.23 -55.51 0.09
CA HIS D 229 -1.10 -56.08 -0.05
C HIS D 229 -1.84 -56.28 1.27
N HIS D 230 -1.08 -56.29 2.38
CA HIS D 230 -1.66 -56.47 3.70
C HIS D 230 -2.61 -55.34 4.09
N LEU D 231 -2.35 -54.15 3.57
CA LEU D 231 -3.17 -52.98 3.91
C LEU D 231 -3.89 -52.39 2.69
N VAL D 232 -3.80 -53.08 1.56
CA VAL D 232 -4.46 -52.62 0.34
C VAL D 232 -5.38 -53.70 -0.20
N GLU D 233 -6.65 -53.38 -0.36
CA GLU D 233 -7.62 -54.34 -0.88
C GLU D 233 -8.18 -53.90 -2.24
N PHE D 234 -8.16 -54.84 -3.18
CA PHE D 234 -8.71 -54.64 -4.51
C PHE D 234 -10.00 -55.43 -4.69
N GLU D 235 -11.14 -54.73 -4.72
CA GLU D 235 -12.43 -55.37 -4.95
C GLU D 235 -12.54 -55.93 -6.37
N PRO D 236 -13.40 -56.95 -6.57
CA PRO D 236 -13.60 -57.50 -7.91
C PRO D 236 -14.03 -56.43 -8.90
N PRO D 237 -13.46 -56.46 -10.12
CA PRO D 237 -13.74 -55.46 -11.16
C PRO D 237 -15.13 -55.63 -11.78
N HIS D 238 -15.75 -54.51 -12.13
CA HIS D 238 -17.08 -54.54 -12.75
C HIS D 238 -17.03 -54.52 -14.28
N ALA D 239 -16.69 -53.36 -14.83
CA ALA D 239 -16.64 -53.20 -16.27
C ALA D 239 -15.27 -52.71 -16.70
N ALA D 240 -15.02 -51.43 -16.44
CA ALA D 240 -13.76 -50.80 -16.79
C ALA D 240 -13.14 -50.12 -15.57
N THR D 241 -13.63 -50.48 -14.39
CA THR D 241 -13.16 -49.87 -13.15
C THR D 241 -12.84 -50.91 -12.08
N ILE D 242 -12.10 -50.48 -11.07
CA ILE D 242 -11.76 -51.32 -9.92
C ILE D 242 -11.79 -50.49 -8.63
N ARG D 243 -12.47 -50.99 -7.60
CA ARG D 243 -12.49 -50.31 -6.32
C ARG D 243 -11.21 -50.61 -5.54
N VAL D 244 -10.34 -49.63 -5.41
CA VAL D 244 -9.10 -49.80 -4.65
C VAL D 244 -9.19 -49.09 -3.31
N LEU D 245 -9.24 -49.86 -2.22
CA LEU D 245 -9.38 -49.23 -0.91
C LEU D 245 -8.24 -49.59 0.03
N ALA D 246 -7.87 -48.66 0.90
CA ALA D 246 -6.90 -48.94 1.95
C ALA D 246 -7.59 -49.45 3.20
N LEU D 247 -7.00 -50.46 3.82
CA LEU D 247 -7.59 -51.07 5.02
C LEU D 247 -7.44 -50.16 6.23
N GLY D 248 -8.09 -50.53 7.33
CA GLY D 248 -8.17 -49.68 8.50
C GLY D 248 -6.90 -49.52 9.30
N ASN D 249 -6.88 -48.50 10.16
CA ASN D 249 -5.76 -48.24 11.07
C ASN D 249 -5.60 -49.38 12.08
N GLN D 250 -4.40 -49.95 12.13
CA GLN D 250 -4.15 -51.14 12.95
C GLN D 250 -3.50 -50.82 14.29
N GLU D 251 -3.53 -49.55 14.68
CA GLU D 251 -2.96 -49.12 15.95
C GLU D 251 -3.58 -49.87 17.13
N GLY D 252 -4.91 -49.89 17.20
CA GLY D 252 -5.63 -50.52 18.28
C GLY D 252 -5.38 -52.00 18.47
N SER D 253 -5.50 -52.77 17.39
CA SER D 253 -5.32 -54.21 17.46
C SER D 253 -3.88 -54.56 17.86
N LEU D 254 -2.94 -53.79 17.34
CA LEU D 254 -1.53 -53.96 17.67
C LEU D 254 -1.30 -53.71 19.16
N LYS D 255 -1.79 -52.56 19.63
CA LYS D 255 -1.61 -52.19 21.04
C LYS D 255 -2.27 -53.19 21.99
N THR D 256 -3.44 -53.69 21.61
CA THR D 256 -4.11 -54.70 22.44
C THR D 256 -3.30 -55.99 22.39
N ALA D 257 -2.64 -56.24 21.27
CA ALA D 257 -1.77 -57.40 21.15
C ALA D 257 -0.48 -57.22 21.95
N LEU D 258 -0.19 -55.97 22.33
CA LEU D 258 1.05 -55.64 23.02
C LEU D 258 0.91 -55.41 24.53
N THR D 259 -0.30 -55.59 25.05
CA THR D 259 -0.60 -55.23 26.44
C THR D 259 0.28 -55.93 27.48
N GLY D 260 0.67 -57.18 27.20
CA GLY D 260 1.42 -57.96 28.17
C GLY D 260 2.93 -57.89 28.07
N ALA D 261 3.44 -57.15 27.09
CA ALA D 261 4.87 -57.08 26.86
C ALA D 261 5.56 -56.06 27.76
N MET D 262 6.86 -56.26 27.98
CA MET D 262 7.66 -55.32 28.75
C MET D 262 7.69 -53.96 28.07
N ARG D 263 7.45 -52.91 28.84
CA ARG D 263 7.33 -51.53 28.34
C ARG D 263 8.67 -50.82 28.18
N VAL D 264 8.68 -49.82 27.31
CA VAL D 264 9.84 -48.97 27.04
C VAL D 264 9.37 -47.53 26.80
N THR D 265 10.11 -46.54 27.28
CA THR D 265 9.76 -45.14 26.99
C THR D 265 10.96 -44.32 26.52
N LYS D 266 10.82 -43.72 25.34
CA LYS D 266 11.89 -42.90 24.77
C LYS D 266 11.69 -41.43 25.17
N ASP D 267 12.72 -40.86 25.79
CA ASP D 267 12.68 -39.46 26.21
C ASP D 267 13.98 -38.74 25.84
N THR D 268 13.90 -37.41 25.73
CA THR D 268 15.06 -36.56 25.48
C THR D 268 16.09 -36.70 26.60
N LEU D 273 16.93 -41.34 24.27
CA LEU D 273 17.34 -42.40 25.18
C LEU D 273 16.18 -43.31 25.52
N TYR D 274 16.37 -44.62 25.33
CA TYR D 274 15.28 -45.57 25.53
C TYR D 274 15.30 -46.17 26.94
N LYS D 275 14.38 -45.69 27.78
CA LYS D 275 14.24 -46.19 29.14
C LYS D 275 13.52 -47.53 29.13
N LEU D 276 13.97 -48.43 29.99
CA LEU D 276 13.37 -49.75 30.15
C LEU D 276 12.53 -49.80 31.43
N HIS D 277 11.31 -50.31 31.34
CA HIS D 277 10.44 -50.39 32.51
C HIS D 277 10.70 -51.61 33.39
N GLY D 278 11.74 -52.36 33.09
CA GLY D 278 12.04 -53.55 33.87
C GLY D 278 13.51 -53.70 34.24
N GLY D 279 13.91 -54.94 34.48
CA GLY D 279 15.27 -55.26 34.85
C GLY D 279 15.63 -54.91 36.28
N HIS D 280 16.86 -55.22 36.67
CA HIS D 280 17.36 -54.92 38.01
C HIS D 280 18.89 -54.96 38.04
N VAL D 281 19.46 -54.48 39.14
CA VAL D 281 20.92 -54.46 39.26
C VAL D 281 21.42 -55.16 40.52
N SER D 282 22.32 -56.12 40.35
CA SER D 282 22.93 -56.82 41.48
C SER D 282 24.21 -56.11 41.89
N CYS D 283 24.30 -55.69 43.15
CA CYS D 283 25.45 -54.91 43.61
C CYS D 283 26.14 -55.44 44.85
N ARG D 284 27.46 -55.38 44.83
CA ARG D 284 28.30 -55.64 45.99
C ARG D 284 28.87 -54.32 46.51
N VAL D 285 28.51 -53.96 47.73
CA VAL D 285 28.86 -52.66 48.28
C VAL D 285 29.95 -52.76 49.34
N LYS D 286 31.07 -52.06 49.10
CA LYS D 286 32.16 -52.03 50.06
C LYS D 286 31.94 -50.91 51.08
N LEU D 287 31.89 -51.27 52.36
CA LEU D 287 31.56 -50.33 53.42
C LEU D 287 32.73 -49.98 54.33
N SER D 288 33.84 -50.71 54.20
CA SER D 288 34.96 -50.57 55.12
C SER D 288 35.59 -49.18 55.10
N ALA D 289 35.68 -48.58 53.92
CA ALA D 289 36.30 -47.27 53.76
C ALA D 289 35.34 -46.13 54.10
N LEU D 290 34.16 -46.50 54.61
CA LEU D 290 33.16 -45.51 55.01
C LEU D 290 33.39 -45.14 56.47
N THR D 291 33.58 -43.85 56.74
CA THR D 291 33.87 -43.39 58.09
C THR D 291 32.81 -42.47 58.66
N LEU D 292 32.69 -42.46 59.98
CA LEU D 292 31.73 -41.62 60.69
C LEU D 292 32.36 -40.27 61.06
N LYS D 293 31.64 -39.21 60.75
CA LYS D 293 32.14 -37.85 60.96
C LYS D 293 31.80 -37.36 62.36
N GLY D 294 32.73 -36.63 62.98
CA GLY D 294 32.47 -35.94 64.23
C GLY D 294 32.15 -36.84 65.41
N THR D 295 32.83 -37.98 65.49
CA THR D 295 32.64 -38.89 66.60
C THR D 295 33.26 -38.32 67.88
N SER D 296 34.18 -37.38 67.71
CA SER D 296 34.89 -36.77 68.83
C SER D 296 34.31 -35.41 69.20
N TYR D 297 33.22 -35.02 68.54
CA TYR D 297 32.56 -33.77 68.86
C TYR D 297 32.04 -33.73 70.29
N LYS D 298 31.88 -32.53 70.83
CA LYS D 298 31.27 -32.36 72.14
C LYS D 298 29.76 -32.52 72.02
N ILE D 299 29.08 -32.72 73.15
CA ILE D 299 27.63 -32.92 73.14
C ILE D 299 26.83 -31.62 73.15
N CYS D 300 25.83 -31.54 72.28
CA CYS D 300 24.92 -30.39 72.21
C CYS D 300 24.10 -30.25 73.49
N THR D 301 24.31 -29.13 74.19
CA THR D 301 23.61 -28.87 75.45
C THR D 301 22.61 -27.72 75.32
N ASP D 302 22.78 -26.90 74.29
CA ASP D 302 21.89 -25.76 74.07
C ASP D 302 20.48 -26.19 73.70
N LYS D 303 19.56 -25.24 73.78
CA LYS D 303 18.15 -25.49 73.57
C LYS D 303 17.94 -25.90 72.12
N MET D 304 17.22 -26.99 71.91
CA MET D 304 16.95 -27.46 70.55
C MET D 304 15.46 -27.39 70.26
N PHE D 305 15.11 -27.39 68.98
CA PHE D 305 13.71 -27.32 68.57
C PHE D 305 13.38 -28.28 67.46
N PHE D 306 12.24 -28.96 67.62
CA PHE D 306 11.68 -29.77 66.56
C PHE D 306 11.13 -28.86 65.47
N VAL D 307 11.91 -28.65 64.41
CA VAL D 307 11.38 -27.96 63.24
C VAL D 307 10.30 -28.83 62.66
N LYS D 308 10.58 -30.13 62.59
CA LYS D 308 9.59 -31.10 62.15
C LYS D 308 9.47 -32.22 63.18
N ASN D 309 8.27 -32.38 63.74
CA ASN D 309 8.02 -33.38 64.76
C ASN D 309 8.22 -34.79 64.24
N PRO D 310 8.56 -35.73 65.15
CA PRO D 310 8.67 -37.14 64.76
C PRO D 310 7.41 -37.63 64.08
N THR D 311 7.54 -38.14 62.86
CA THR D 311 6.39 -38.62 62.11
C THR D 311 6.67 -39.99 61.49
N ASP D 312 5.60 -40.77 61.31
CA ASP D 312 5.71 -42.11 60.74
C ASP D 312 6.10 -42.06 59.27
N THR D 313 7.00 -42.95 58.87
CA THR D 313 7.47 -43.00 57.49
C THR D 313 6.77 -44.09 56.69
N GLY D 314 6.19 -45.05 57.38
CA GLY D 314 5.58 -46.19 56.72
C GLY D 314 6.58 -47.32 56.57
N HIS D 315 7.82 -47.04 56.93
CA HIS D 315 8.89 -48.03 56.88
C HIS D 315 9.12 -48.64 58.25
N GLY D 316 8.24 -48.30 59.19
CA GLY D 316 8.37 -48.76 60.56
C GLY D 316 9.30 -47.85 61.34
N THR D 317 9.75 -46.79 60.69
CA THR D 317 10.64 -45.82 61.32
C THR D 317 9.95 -44.48 61.52
N VAL D 318 10.60 -43.60 62.26
CA VAL D 318 10.12 -42.24 62.44
C VAL D 318 11.20 -41.26 61.99
N VAL D 319 10.78 -40.13 61.46
CA VAL D 319 11.70 -39.08 61.05
C VAL D 319 11.35 -37.76 61.72
N MET D 320 12.39 -36.96 61.98
CA MET D 320 12.21 -35.67 62.62
C MET D 320 13.29 -34.70 62.19
N GLN D 321 13.00 -33.41 62.22
CA GLN D 321 14.00 -32.41 61.88
C GLN D 321 14.23 -31.48 63.06
N VAL D 322 15.47 -31.48 63.56
CA VAL D 322 15.82 -30.73 64.75
C VAL D 322 16.74 -29.56 64.42
N LYS D 323 16.38 -28.37 64.90
CA LYS D 323 17.24 -27.21 64.72
C LYS D 323 18.13 -27.05 65.94
N VAL D 324 19.41 -26.81 65.71
CA VAL D 324 20.35 -26.52 66.79
C VAL D 324 20.70 -25.04 66.71
N SER D 325 20.11 -24.25 67.59
CA SER D 325 20.14 -22.80 67.46
C SER D 325 21.49 -22.16 67.82
N LYS D 326 22.08 -22.58 68.93
CA LYS D 326 23.33 -21.97 69.39
C LYS D 326 24.53 -22.89 69.40
N GLY D 327 24.37 -24.11 69.92
CA GLY D 327 25.43 -25.11 69.93
C GLY D 327 26.43 -25.23 68.79
N ALA D 328 27.70 -25.33 69.15
CA ALA D 328 28.82 -25.22 68.21
C ALA D 328 28.94 -26.54 67.45
N PRO D 329 30.04 -26.77 66.70
CA PRO D 329 30.18 -28.15 66.22
C PRO D 329 30.04 -29.18 67.34
N CYS D 330 28.94 -29.92 67.29
CA CYS D 330 28.58 -30.86 68.34
C CYS D 330 27.76 -32.04 67.81
N ARG D 331 27.74 -33.12 68.57
CA ARG D 331 26.94 -34.28 68.20
C ARG D 331 25.66 -34.32 69.04
N ILE D 332 24.59 -34.86 68.45
CA ILE D 332 23.30 -34.89 69.12
C ILE D 332 22.97 -36.28 69.66
N PRO D 333 22.70 -36.37 70.96
CA PRO D 333 22.30 -37.65 71.56
C PRO D 333 20.82 -37.96 71.36
N VAL D 334 20.54 -38.95 70.52
CA VAL D 334 19.17 -39.37 70.26
C VAL D 334 18.96 -40.81 70.69
N ILE D 335 18.03 -41.03 71.60
CA ILE D 335 17.71 -42.39 72.03
C ILE D 335 16.20 -42.57 72.07
N VAL D 336 15.76 -43.82 71.99
CA VAL D 336 14.35 -44.14 72.13
C VAL D 336 14.17 -45.10 73.30
N ALA D 337 13.70 -44.56 74.41
CA ALA D 337 13.60 -45.32 75.66
C ALA D 337 12.16 -45.74 75.95
N ASP D 338 11.98 -46.61 76.94
CA ASP D 338 10.63 -47.04 77.29
C ASP D 338 10.05 -46.16 78.41
N ASP D 339 10.84 -45.21 78.89
CA ASP D 339 10.41 -44.31 79.95
C ASP D 339 11.28 -43.04 80.00
N LEU D 340 10.80 -42.04 80.73
CA LEU D 340 11.56 -40.82 80.90
C LEU D 340 12.71 -41.05 81.90
N THR D 341 12.55 -42.04 82.78
CA THR D 341 13.55 -42.32 83.81
C THR D 341 14.79 -43.09 83.35
N ALA D 342 14.58 -44.29 82.78
CA ALA D 342 15.70 -45.07 82.27
C ALA D 342 16.26 -44.47 80.98
N ALA D 343 17.58 -44.26 80.96
CA ALA D 343 18.25 -43.71 79.79
C ALA D 343 18.85 -44.84 78.97
N ILE D 344 18.05 -45.89 78.75
CA ILE D 344 18.49 -47.06 78.01
C ILE D 344 17.84 -47.11 76.63
N ASN D 345 18.65 -46.98 75.59
CA ASN D 345 18.12 -46.94 74.22
C ASN D 345 17.56 -48.29 73.76
N LYS D 346 16.27 -48.31 73.49
CA LYS D 346 15.62 -49.50 72.95
C LYS D 346 15.38 -49.36 71.45
N GLY D 347 15.59 -48.15 70.94
CA GLY D 347 15.39 -47.86 69.53
C GLY D 347 16.69 -47.97 68.75
N ILE D 348 16.56 -48.13 67.43
CA ILE D 348 17.73 -48.21 66.56
C ILE D 348 17.88 -46.97 65.68
N LEU D 349 19.08 -46.38 65.71
CA LEU D 349 19.35 -45.16 64.97
C LEU D 349 19.75 -45.46 63.53
N VAL D 350 18.93 -45.01 62.58
CA VAL D 350 19.24 -45.18 61.16
C VAL D 350 20.21 -44.09 60.72
N THR D 351 19.92 -42.86 61.12
CA THR D 351 20.84 -41.75 60.89
C THR D 351 21.90 -41.78 61.98
N VAL D 352 22.93 -42.60 61.74
CA VAL D 352 23.96 -42.87 62.74
C VAL D 352 24.80 -41.66 63.10
N ASN D 353 24.88 -41.39 64.40
CA ASN D 353 25.62 -40.24 64.94
C ASN D 353 25.22 -38.92 64.29
N PRO D 354 24.06 -38.37 64.68
CA PRO D 354 23.58 -37.08 64.20
C PRO D 354 24.57 -35.96 64.50
N ILE D 355 24.55 -34.90 63.70
CA ILE D 355 25.54 -33.84 63.85
C ILE D 355 25.01 -32.48 63.42
N ALA D 356 25.50 -31.44 64.10
CA ALA D 356 25.24 -30.06 63.72
C ALA D 356 26.57 -29.32 63.64
N SER D 357 27.07 -29.16 62.42
CA SER D 357 28.36 -28.53 62.18
C SER D 357 28.27 -27.02 62.45
N THR D 358 27.40 -26.34 61.71
CA THR D 358 27.23 -24.90 61.90
C THR D 358 26.04 -24.63 62.82
N ASN D 359 25.74 -23.34 63.04
CA ASN D 359 24.65 -22.95 63.93
C ASN D 359 23.32 -22.74 63.22
N ASP D 360 22.22 -22.80 63.98
CA ASP D 360 20.87 -22.74 63.43
C ASP D 360 20.66 -23.81 62.36
N ASP D 361 21.43 -24.89 62.49
CA ASP D 361 21.43 -25.97 61.51
C ASP D 361 20.28 -26.95 61.76
N GLU D 362 19.58 -27.29 60.67
CA GLU D 362 18.49 -28.26 60.74
C GLU D 362 18.97 -29.64 60.31
N VAL D 363 18.81 -30.62 61.20
CA VAL D 363 19.32 -31.97 60.97
C VAL D 363 18.21 -33.01 61.04
N LEU D 364 18.18 -33.90 60.04
CA LEU D 364 17.15 -34.93 59.94
C LEU D 364 17.57 -36.24 60.61
N ILE D 365 16.77 -36.67 61.58
CA ILE D 365 17.00 -37.92 62.29
C ILE D 365 15.96 -38.97 61.92
N GLU D 366 16.41 -40.19 61.66
CA GLU D 366 15.50 -41.31 61.45
C GLU D 366 15.80 -42.44 62.43
N VAL D 367 14.79 -42.85 63.19
CA VAL D 367 14.97 -43.90 64.19
C VAL D 367 13.97 -45.03 64.02
N ASN D 368 14.39 -46.24 64.36
CA ASN D 368 13.50 -47.39 64.39
C ASN D 368 13.13 -47.73 65.83
N PRO D 369 11.99 -47.20 66.31
CA PRO D 369 11.55 -47.38 67.69
C PRO D 369 11.09 -48.81 67.93
N PRO D 370 11.04 -49.24 69.20
CA PRO D 370 10.56 -50.59 69.47
C PRO D 370 9.03 -50.65 69.40
N PHE D 371 8.49 -51.86 69.33
CA PHE D 371 7.04 -52.03 69.26
C PHE D 371 6.39 -51.57 70.56
N GLY D 372 5.24 -50.90 70.44
CA GLY D 372 4.53 -50.43 71.61
C GLY D 372 4.73 -48.97 71.94
N ASP D 373 4.62 -48.65 73.23
CA ASP D 373 4.80 -47.29 73.70
C ASP D 373 6.27 -47.00 73.95
N SER D 374 6.69 -45.79 73.61
CA SER D 374 8.06 -45.38 73.83
C SER D 374 8.20 -43.86 73.87
N TYR D 375 9.39 -43.41 74.23
CA TYR D 375 9.73 -42.00 74.27
C TYR D 375 10.91 -41.71 73.38
N ILE D 376 10.74 -40.76 72.46
CA ILE D 376 11.85 -40.30 71.65
C ILE D 376 12.52 -39.14 72.37
N ILE D 377 13.76 -39.37 72.82
CA ILE D 377 14.48 -38.38 73.61
C ILE D 377 15.71 -37.87 72.88
N VAL D 378 15.74 -36.55 72.67
CA VAL D 378 16.83 -35.89 71.97
C VAL D 378 17.47 -34.82 72.84
N GLY D 379 18.70 -35.08 73.29
CA GLY D 379 19.41 -34.15 74.14
C GLY D 379 19.38 -34.52 75.61
N ARG D 380 19.93 -33.65 76.45
CA ARG D 380 19.97 -33.88 77.89
C ARG D 380 19.56 -32.65 78.68
N GLY D 381 19.31 -32.83 79.97
CA GLY D 381 19.01 -31.72 80.87
C GLY D 381 17.60 -31.17 80.77
N ASP D 382 17.48 -29.86 80.93
CA ASP D 382 16.19 -29.19 80.82
C ASP D 382 15.92 -28.87 79.36
N SER D 383 16.98 -28.89 78.57
CA SER D 383 16.92 -28.54 77.15
C SER D 383 16.43 -29.69 76.27
N ARG D 384 16.38 -30.91 76.81
CA ARG D 384 16.10 -32.07 75.97
C ARG D 384 14.64 -32.13 75.50
N LEU D 385 14.46 -32.66 74.29
CA LEU D 385 13.15 -32.84 73.69
C LEU D 385 12.63 -34.26 73.85
N THR D 386 11.38 -34.40 74.28
CA THR D 386 10.76 -35.71 74.43
C THR D 386 9.48 -35.81 73.60
N TYR D 387 9.29 -36.92 72.90
CA TYR D 387 8.10 -37.10 72.07
C TYR D 387 7.50 -38.49 72.19
N GLN D 388 6.24 -38.55 72.61
CA GLN D 388 5.52 -39.79 72.83
C GLN D 388 5.28 -40.57 71.54
N TRP D 389 5.57 -41.86 71.52
CA TRP D 389 5.31 -42.62 70.30
C TRP D 389 4.58 -43.95 70.61
N HIS D 390 3.60 -44.32 69.78
CA HIS D 390 2.94 -45.59 69.90
C HIS D 390 3.09 -46.38 68.56
N LYS D 391 3.51 -47.65 68.61
CA LYS D 391 3.76 -48.44 67.37
C LYS D 391 3.33 -49.89 67.50
N GLU D 392 2.03 -50.14 67.38
CA GLU D 392 1.50 -51.50 67.41
C GLU D 392 1.72 -52.24 66.10
N GLU E 1 0.14 -48.75 -22.25
CA GLU E 1 0.43 -47.37 -22.61
C GLU E 1 -0.64 -46.78 -23.52
N VAL E 2 -1.59 -46.07 -22.93
CA VAL E 2 -2.69 -45.45 -23.66
C VAL E 2 -2.14 -44.37 -24.61
N GLN E 3 -2.44 -44.53 -25.89
CA GLN E 3 -1.97 -43.60 -26.91
C GLN E 3 -3.10 -43.09 -27.80
N LEU E 4 -3.04 -41.81 -28.17
CA LEU E 4 -4.02 -41.22 -29.09
C LEU E 4 -3.35 -40.69 -30.36
N VAL E 5 -4.00 -40.90 -31.51
CA VAL E 5 -3.51 -40.30 -32.75
C VAL E 5 -4.62 -39.62 -33.51
N GLU E 6 -4.48 -38.34 -33.81
CA GLU E 6 -5.51 -37.69 -34.59
C GLU E 6 -5.08 -37.68 -36.06
N SER E 7 -6.04 -37.81 -36.96
CA SER E 7 -5.77 -37.89 -38.39
C SER E 7 -6.95 -37.33 -39.20
N GLY E 8 -6.68 -36.99 -40.45
CA GLY E 8 -7.72 -36.47 -41.32
C GLY E 8 -7.19 -35.43 -42.28
N PRO E 9 -8.09 -34.84 -43.09
CA PRO E 9 -7.69 -33.81 -44.06
C PRO E 9 -6.89 -32.67 -43.43
N ARG E 10 -5.68 -32.50 -43.96
CA ARG E 10 -4.69 -31.53 -43.47
C ARG E 10 -4.89 -30.15 -44.01
N LEU E 11 -5.28 -30.09 -45.26
CA LEU E 11 -5.46 -28.83 -45.92
C LEU E 11 -6.94 -28.68 -46.13
N VAL E 12 -7.52 -27.65 -45.52
CA VAL E 12 -8.94 -27.44 -45.63
C VAL E 12 -9.25 -26.04 -46.13
N LYS E 13 -10.00 -25.99 -47.22
CA LYS E 13 -10.46 -24.74 -47.78
C LYS E 13 -11.58 -24.19 -46.90
N PRO E 14 -11.72 -22.86 -46.84
CA PRO E 14 -12.79 -22.21 -46.08
C PRO E 14 -14.20 -22.64 -46.50
N SER E 15 -15.17 -22.37 -45.63
CA SER E 15 -16.59 -22.67 -45.86
C SER E 15 -16.96 -24.14 -45.89
N GLU E 16 -16.03 -25.03 -45.61
CA GLU E 16 -16.36 -26.44 -45.70
C GLU E 16 -16.60 -27.00 -44.28
N THR E 17 -16.25 -28.27 -44.05
CA THR E 17 -16.34 -28.87 -42.73
C THR E 17 -15.02 -29.52 -42.39
N LEU E 18 -14.79 -29.77 -41.11
CA LEU E 18 -13.52 -30.33 -40.67
C LEU E 18 -13.73 -31.73 -40.14
N SER E 19 -13.15 -32.73 -40.83
CA SER E 19 -13.35 -34.11 -40.42
C SER E 19 -12.07 -34.65 -39.83
N LEU E 20 -11.96 -34.56 -38.51
CA LEU E 20 -10.82 -35.10 -37.80
C LEU E 20 -11.22 -36.34 -37.03
N THR E 21 -10.28 -37.27 -36.86
CA THR E 21 -10.57 -38.50 -36.13
C THR E 21 -9.41 -38.87 -35.21
N CYS E 22 -9.71 -39.05 -33.93
CA CYS E 22 -8.73 -39.49 -32.96
C CYS E 22 -8.91 -40.98 -32.67
N THR E 23 -7.82 -41.73 -32.88
CA THR E 23 -7.79 -43.17 -32.68
C THR E 23 -7.09 -43.49 -31.35
N VAL E 24 -7.77 -44.31 -30.55
CA VAL E 24 -7.30 -44.67 -29.22
C VAL E 24 -6.77 -46.09 -29.17
N SER E 25 -5.50 -46.24 -28.81
CA SER E 25 -4.89 -47.56 -28.66
C SER E 25 -4.40 -47.76 -27.23
N GLY E 26 -4.39 -49.01 -26.78
CA GLY E 26 -3.87 -49.32 -25.46
C GLY E 26 -4.93 -49.26 -24.37
N GLY E 27 -6.15 -48.91 -24.75
CA GLY E 27 -7.25 -48.80 -23.81
C GLY E 27 -8.58 -48.54 -24.48
N SER E 28 -9.66 -48.98 -23.85
CA SER E 28 -10.99 -48.81 -24.41
C SER E 28 -11.52 -47.40 -24.16
N THR E 29 -12.68 -47.09 -24.74
CA THR E 29 -13.23 -45.75 -24.64
C THR E 29 -14.48 -45.73 -23.75
N TYR E 30 -14.66 -46.79 -22.97
CA TYR E 30 -15.81 -46.88 -22.07
C TYR E 30 -15.69 -45.85 -20.96
N ASN E 31 -14.49 -45.71 -20.41
CA ASN E 31 -14.25 -44.72 -19.36
C ASN E 31 -13.85 -43.38 -19.94
N HIS E 32 -13.69 -42.40 -19.04
CA HIS E 32 -13.06 -41.12 -19.35
C HIS E 32 -13.82 -40.24 -20.33
N HIS E 33 -13.46 -38.97 -20.38
CA HIS E 33 -14.08 -38.02 -21.31
C HIS E 33 -13.10 -37.66 -22.43
N TRP E 34 -13.46 -38.02 -23.66
CA TRP E 34 -12.57 -37.85 -24.79
C TRP E 34 -12.74 -36.48 -25.43
N SER E 35 -11.66 -35.70 -25.38
CA SER E 35 -11.72 -34.27 -25.67
C SER E 35 -10.89 -33.81 -26.87
N TRP E 36 -11.26 -32.64 -27.40
CA TRP E 36 -10.50 -31.95 -28.43
C TRP E 36 -10.08 -30.58 -27.92
N ILE E 37 -8.81 -30.23 -28.21
CA ILE E 37 -8.20 -28.96 -27.83
C ILE E 37 -7.37 -28.44 -29.01
N ARG E 38 -7.43 -27.15 -29.31
CA ARG E 38 -6.66 -26.62 -30.43
C ARG E 38 -5.70 -25.50 -30.01
N GLN E 39 -4.68 -25.27 -30.84
CA GLN E 39 -3.65 -24.27 -30.56
C GLN E 39 -3.17 -23.62 -31.85
N PRO E 40 -3.62 -22.39 -32.13
CA PRO E 40 -3.14 -21.66 -33.29
C PRO E 40 -1.65 -21.36 -33.18
N PRO E 41 -0.93 -21.35 -34.31
CA PRO E 41 0.50 -21.05 -34.32
C PRO E 41 0.81 -19.74 -33.61
N GLY E 42 1.65 -19.81 -32.59
CA GLY E 42 2.06 -18.65 -31.81
C GLY E 42 1.08 -18.11 -30.79
N ARG E 43 0.06 -18.89 -30.44
CA ARG E 43 -0.88 -18.47 -29.40
C ARG E 43 -1.10 -19.61 -28.40
N GLY E 44 -2.05 -19.42 -27.49
CA GLY E 44 -2.31 -20.34 -26.39
C GLY E 44 -3.31 -21.42 -26.74
N LEU E 45 -3.54 -22.33 -25.81
CA LEU E 45 -4.44 -23.47 -26.00
C LEU E 45 -5.92 -23.09 -25.83
N GLU E 46 -6.76 -23.66 -26.68
CA GLU E 46 -8.21 -23.45 -26.58
C GLU E 46 -8.93 -24.79 -26.48
N TRP E 47 -9.58 -25.02 -25.34
CA TRP E 47 -10.33 -26.25 -25.10
C TRP E 47 -11.59 -26.27 -25.95
N ILE E 48 -11.64 -27.19 -26.91
CA ILE E 48 -12.79 -27.26 -27.82
C ILE E 48 -13.97 -27.95 -27.15
N GLY E 49 -13.79 -29.22 -26.78
CA GLY E 49 -14.91 -29.91 -26.15
C GLY E 49 -14.68 -31.36 -25.81
N TYR E 50 -15.72 -32.07 -25.40
CA TYR E 50 -15.57 -33.51 -25.14
C TYR E 50 -16.84 -34.30 -25.41
N ILE E 51 -16.67 -35.62 -25.49
CA ILE E 51 -17.79 -36.56 -25.52
C ILE E 51 -17.41 -37.81 -24.72
N SER E 52 -18.40 -38.45 -24.12
CA SER E 52 -18.19 -39.67 -23.36
C SER E 52 -18.90 -40.86 -24.00
N TYR E 53 -18.60 -42.06 -23.51
CA TYR E 53 -19.29 -43.26 -23.97
C TYR E 53 -20.73 -43.25 -23.50
N SER E 54 -20.98 -42.56 -22.39
CA SER E 54 -22.32 -42.42 -21.82
C SER E 54 -23.25 -41.67 -22.78
N GLY E 55 -22.68 -40.78 -23.58
CA GLY E 55 -23.44 -39.98 -24.52
C GLY E 55 -23.39 -38.51 -24.16
N LYS E 56 -23.07 -38.24 -22.90
CA LYS E 56 -22.91 -36.88 -22.41
C LYS E 56 -21.72 -36.19 -23.08
N SER E 57 -21.95 -34.98 -23.58
CA SER E 57 -20.91 -34.23 -24.28
C SER E 57 -21.00 -32.75 -23.89
N ASN E 58 -19.95 -31.98 -24.19
CA ASN E 58 -20.01 -30.54 -23.93
C ASN E 58 -19.02 -29.75 -24.78
N TYR E 59 -19.46 -28.60 -25.28
CA TYR E 59 -18.64 -27.79 -26.16
C TYR E 59 -18.34 -26.39 -25.62
N ASN E 60 -17.19 -25.86 -26.03
CA ASN E 60 -16.79 -24.49 -25.73
C ASN E 60 -17.81 -23.51 -26.30
N PRO E 61 -18.29 -22.57 -25.47
CA PRO E 61 -19.34 -21.63 -25.86
C PRO E 61 -19.01 -20.82 -27.12
N SER E 62 -17.74 -20.52 -27.34
CA SER E 62 -17.32 -19.77 -28.52
C SER E 62 -17.32 -20.64 -29.78
N LEU E 63 -17.56 -21.94 -29.62
CA LEU E 63 -17.48 -22.85 -30.75
C LEU E 63 -18.70 -23.77 -30.86
N LYS E 64 -19.57 -23.72 -29.85
CA LYS E 64 -20.68 -24.66 -29.72
C LYS E 64 -21.59 -24.80 -30.94
N SER E 65 -21.88 -23.67 -31.58
CA SER E 65 -22.80 -23.64 -32.72
C SER E 65 -22.30 -24.48 -33.89
N ARG E 66 -20.99 -24.67 -33.97
CA ARG E 66 -20.38 -25.33 -35.12
C ARG E 66 -19.86 -26.74 -34.81
N VAL E 67 -19.36 -26.94 -33.59
CA VAL E 67 -18.68 -28.18 -33.23
C VAL E 67 -19.61 -29.37 -33.02
N THR E 68 -19.23 -30.52 -33.58
CA THR E 68 -19.91 -31.78 -33.35
C THR E 68 -18.90 -32.89 -33.06
N ILE E 69 -18.92 -33.43 -31.85
CA ILE E 69 -18.02 -34.51 -31.46
C ILE E 69 -18.77 -35.82 -31.30
N SER E 70 -18.33 -36.85 -32.03
CA SER E 70 -19.03 -38.14 -32.04
C SER E 70 -18.11 -39.27 -31.59
N LEU E 71 -18.70 -40.39 -31.18
CA LEU E 71 -17.92 -41.51 -30.65
C LEU E 71 -18.24 -42.81 -31.37
N GLU E 72 -17.20 -43.45 -31.90
CA GLU E 72 -17.29 -44.78 -32.49
C GLU E 72 -16.59 -45.77 -31.54
N PRO E 73 -17.39 -46.44 -30.70
CA PRO E 73 -16.90 -47.32 -29.63
C PRO E 73 -16.27 -48.62 -30.13
N SER E 74 -16.76 -49.15 -31.24
CA SER E 74 -16.28 -50.42 -31.77
C SER E 74 -14.78 -50.42 -32.10
N THR E 75 -14.33 -49.37 -32.77
CA THR E 75 -12.92 -49.24 -33.13
C THR E 75 -12.19 -48.40 -32.11
N THR E 76 -12.89 -48.02 -31.05
CA THR E 76 -12.35 -47.15 -30.00
C THR E 76 -11.75 -45.88 -30.58
N GLN E 77 -12.54 -45.12 -31.32
CA GLN E 77 -12.07 -43.85 -31.85
C GLN E 77 -13.20 -42.85 -31.91
N PHE E 78 -12.87 -41.56 -31.77
CA PHE E 78 -13.90 -40.53 -31.76
C PHE E 78 -13.56 -39.42 -32.74
N SER E 79 -14.57 -38.70 -33.22
CA SER E 79 -14.35 -37.75 -34.31
C SER E 79 -14.79 -36.33 -33.98
N LEU E 80 -14.01 -35.38 -34.48
CA LEU E 80 -14.35 -33.97 -34.41
C LEU E 80 -14.81 -33.45 -35.76
N LYS E 81 -15.95 -32.76 -35.77
CA LYS E 81 -16.46 -32.14 -36.98
C LYS E 81 -16.83 -30.69 -36.75
N LEU E 82 -16.01 -29.81 -37.29
CA LEU E 82 -16.17 -28.37 -37.15
C LEU E 82 -16.62 -27.74 -38.45
N ASN E 83 -17.78 -27.09 -38.42
CA ASN E 83 -18.34 -26.46 -39.61
C ASN E 83 -18.07 -24.95 -39.63
N SER E 84 -18.47 -24.32 -40.73
CA SER E 84 -18.34 -22.87 -40.92
C SER E 84 -16.94 -22.38 -40.60
N LEU E 85 -15.95 -22.96 -41.28
CA LEU E 85 -14.55 -22.68 -40.98
C LEU E 85 -14.16 -21.25 -41.33
N THR E 86 -13.03 -20.82 -40.81
CA THR E 86 -12.50 -19.49 -41.08
C THR E 86 -10.99 -19.49 -40.89
N ALA E 87 -10.36 -18.32 -41.08
CA ALA E 87 -8.93 -18.20 -40.89
C ALA E 87 -8.57 -18.31 -39.41
N ALA E 88 -9.56 -18.09 -38.56
CA ALA E 88 -9.37 -18.17 -37.12
C ALA E 88 -9.25 -19.63 -36.66
N ASP E 89 -9.84 -20.54 -37.42
CA ASP E 89 -9.84 -21.96 -37.06
C ASP E 89 -8.54 -22.67 -37.45
N THR E 90 -7.62 -21.93 -38.04
CA THR E 90 -6.30 -22.47 -38.37
C THR E 90 -5.49 -22.69 -37.11
N ALA E 91 -5.31 -23.97 -36.75
CA ALA E 91 -4.62 -24.32 -35.51
C ALA E 91 -4.19 -25.78 -35.47
N VAL E 92 -3.34 -26.11 -34.50
CA VAL E 92 -2.94 -27.49 -34.27
C VAL E 92 -3.96 -28.15 -33.37
N TYR E 93 -4.60 -29.19 -33.88
CA TYR E 93 -5.67 -29.88 -33.17
C TYR E 93 -5.16 -31.14 -32.49
N TYR E 94 -5.22 -31.13 -31.16
CA TYR E 94 -4.92 -32.28 -30.33
C TYR E 94 -6.20 -32.96 -29.87
N CYS E 95 -6.16 -34.28 -29.86
CA CYS E 95 -7.17 -35.07 -29.17
C CYS E 95 -6.53 -35.56 -27.89
N ALA E 96 -7.27 -35.50 -26.79
CA ALA E 96 -6.70 -35.86 -25.50
C ALA E 96 -7.70 -36.59 -24.63
N ARG E 97 -7.19 -37.39 -23.70
CA ARG E 97 -8.04 -38.12 -22.77
C ARG E 97 -8.16 -37.40 -21.44
N GLU E 98 -9.38 -37.04 -21.07
CA GLU E 98 -9.62 -36.55 -19.72
C GLU E 98 -9.95 -37.73 -18.81
N TYR E 99 -8.99 -38.10 -17.97
CA TYR E 99 -9.15 -39.24 -17.08
C TYR E 99 -10.15 -38.91 -15.98
N ARG E 100 -11.18 -39.75 -15.86
CA ARG E 100 -12.17 -39.59 -14.80
C ARG E 100 -12.49 -40.95 -14.18
N ASP E 101 -12.22 -41.07 -12.90
CA ASP E 101 -12.51 -42.30 -12.16
C ASP E 101 -13.61 -42.03 -11.15
N ASP E 102 -14.82 -42.45 -11.48
CA ASP E 102 -15.98 -42.20 -10.63
C ASP E 102 -16.15 -43.27 -9.58
N THR E 103 -15.21 -44.21 -9.53
CA THR E 103 -15.23 -45.28 -8.55
C THR E 103 -14.40 -44.92 -7.32
N ASN E 104 -13.20 -44.41 -7.55
CA ASN E 104 -12.29 -44.03 -6.47
C ASN E 104 -12.12 -42.52 -6.34
N TYR E 105 -12.82 -41.78 -7.19
CA TYR E 105 -12.84 -40.32 -7.15
C TYR E 105 -11.46 -39.70 -7.43
N TYR E 106 -10.90 -40.04 -8.58
CA TYR E 106 -9.66 -39.43 -9.04
C TYR E 106 -9.84 -38.80 -10.41
N TYR E 107 -9.37 -37.57 -10.55
CA TYR E 107 -9.55 -36.82 -11.80
C TYR E 107 -8.26 -36.05 -12.13
N TYR E 108 -7.61 -36.46 -13.21
CA TYR E 108 -6.30 -35.91 -13.57
C TYR E 108 -6.37 -34.94 -14.75
N SER E 109 -7.57 -34.50 -15.09
CA SER E 109 -7.78 -33.65 -16.27
C SER E 109 -7.24 -34.35 -17.52
N LEU E 110 -6.75 -33.56 -18.47
CA LEU E 110 -6.20 -34.12 -19.71
C LEU E 110 -4.80 -34.70 -19.46
N ASP E 111 -4.73 -36.02 -19.30
CA ASP E 111 -3.48 -36.68 -18.91
C ASP E 111 -2.73 -37.31 -20.08
N VAL E 112 -3.44 -37.71 -21.11
CA VAL E 112 -2.82 -38.35 -22.27
C VAL E 112 -3.13 -37.60 -23.56
N TRP E 113 -2.08 -37.22 -24.29
CA TRP E 113 -2.25 -36.41 -25.49
C TRP E 113 -1.75 -37.10 -26.76
N GLY E 114 -2.18 -36.59 -27.89
CA GLY E 114 -1.69 -37.03 -29.18
C GLY E 114 -0.61 -36.07 -29.66
N PRO E 115 0.08 -36.46 -30.74
CA PRO E 115 1.18 -35.62 -31.27
C PRO E 115 0.74 -34.22 -31.64
N GLY E 116 -0.54 -34.06 -31.97
CA GLY E 116 -1.13 -32.79 -32.34
C GLY E 116 -1.02 -32.71 -33.84
N THR E 117 -2.07 -32.25 -34.51
CA THR E 117 -2.04 -32.14 -35.96
C THR E 117 -2.38 -30.76 -36.54
N MET E 118 -1.52 -30.23 -37.41
CA MET E 118 -1.66 -28.84 -37.90
C MET E 118 -2.67 -28.57 -39.06
N VAL E 119 -3.79 -27.93 -38.71
CA VAL E 119 -4.85 -27.64 -39.68
C VAL E 119 -4.81 -26.18 -40.08
N THR E 120 -4.96 -25.92 -41.37
CA THR E 120 -4.88 -24.58 -41.92
C THR E 120 -6.19 -24.24 -42.60
N GLN F 1 -18.16 -18.74 -19.36
CA GLN F 1 -16.99 -19.61 -19.25
C GLN F 1 -15.96 -18.95 -18.35
N ILE F 2 -15.47 -19.69 -17.37
CA ILE F 2 -14.50 -19.18 -16.39
C ILE F 2 -13.22 -18.69 -17.07
N VAL F 3 -12.71 -17.55 -16.62
CA VAL F 3 -11.52 -16.94 -17.22
C VAL F 3 -10.27 -17.10 -16.35
N MET F 4 -9.21 -17.62 -16.97
CA MET F 4 -7.95 -17.85 -16.29
C MET F 4 -6.88 -16.85 -16.75
N THR F 5 -6.18 -16.24 -15.79
CA THR F 5 -5.06 -15.35 -16.11
C THR F 5 -3.77 -15.89 -15.50
N GLN F 6 -2.62 -15.52 -16.08
CA GLN F 6 -1.33 -15.96 -15.56
C GLN F 6 -0.34 -14.82 -15.42
N SER F 7 0.59 -14.96 -14.47
CA SER F 7 1.61 -13.94 -14.23
C SER F 7 2.92 -14.55 -13.75
N PRO F 8 4.05 -14.14 -14.36
CA PRO F 8 4.12 -13.15 -15.44
C PRO F 8 3.89 -13.77 -16.82
N SER F 9 3.89 -12.94 -17.85
CA SER F 9 3.75 -13.42 -19.22
C SER F 9 5.04 -14.12 -19.65
N THR F 10 6.17 -13.56 -19.24
CA THR F 10 7.48 -14.11 -19.57
C THR F 10 8.45 -13.99 -18.39
N LEU F 11 9.33 -14.98 -18.24
CA LEU F 11 10.31 -14.97 -17.16
C LEU F 11 11.64 -15.49 -17.68
N SER F 12 12.69 -14.68 -17.51
CA SER F 12 14.03 -15.10 -17.87
C SER F 12 14.82 -15.41 -16.61
N ALA F 13 15.43 -16.59 -16.58
CA ALA F 13 16.20 -17.03 -15.42
C ALA F 13 17.33 -17.96 -15.84
N SER F 14 18.15 -18.36 -14.88
CA SER F 14 19.27 -19.23 -15.16
C SER F 14 19.12 -20.58 -14.45
N VAL F 15 19.89 -21.57 -14.89
CA VAL F 15 19.87 -22.89 -14.28
C VAL F 15 20.35 -22.83 -12.83
N GLY F 16 19.55 -23.37 -11.92
CA GLY F 16 19.87 -23.39 -10.50
C GLY F 16 19.04 -22.40 -9.70
N ASP F 17 18.23 -21.61 -10.41
CA ASP F 17 17.37 -20.62 -9.78
C ASP F 17 16.06 -21.21 -9.21
N ARG F 18 15.45 -20.50 -8.29
CA ARG F 18 14.10 -20.80 -7.82
C ARG F 18 13.05 -19.91 -8.47
N VAL F 19 12.12 -20.52 -9.21
CA VAL F 19 11.09 -19.73 -9.87
C VAL F 19 9.68 -20.07 -9.38
N THR F 20 8.79 -19.09 -9.46
CA THR F 20 7.41 -19.23 -9.00
C THR F 20 6.46 -18.51 -9.95
N ILE F 21 5.59 -19.27 -10.60
CA ILE F 21 4.60 -18.74 -11.52
C ILE F 21 3.21 -18.71 -10.87
N THR F 22 2.46 -17.65 -11.13
CA THR F 22 1.13 -17.51 -10.54
C THR F 22 0.00 -17.66 -11.55
N CYS F 23 -1.12 -18.18 -11.08
CA CYS F 23 -2.30 -18.44 -11.89
C CYS F 23 -3.55 -18.04 -11.12
N ARG F 24 -4.45 -17.33 -11.80
CA ARG F 24 -5.64 -16.79 -11.16
C ARG F 24 -6.90 -17.20 -11.92
N ALA F 25 -7.93 -17.59 -11.18
CA ALA F 25 -9.22 -17.92 -11.79
C ALA F 25 -10.23 -16.79 -11.57
N SER F 26 -11.14 -16.62 -12.52
CA SER F 26 -12.15 -15.56 -12.41
C SER F 26 -13.04 -15.77 -11.19
N GLN F 27 -13.30 -17.03 -10.86
CA GLN F 27 -14.03 -17.40 -9.65
C GLN F 27 -13.37 -18.61 -9.01
N SER F 28 -13.88 -19.03 -7.86
CA SER F 28 -13.28 -20.16 -7.14
C SER F 28 -13.43 -21.46 -7.92
N ILE F 29 -12.34 -22.21 -8.02
CA ILE F 29 -12.35 -23.49 -8.72
C ILE F 29 -11.92 -24.61 -7.79
N GLY F 30 -11.98 -24.36 -6.49
CA GLY F 30 -11.53 -25.33 -5.50
C GLY F 30 -10.06 -25.60 -5.66
N SER F 31 -9.70 -26.87 -5.75
CA SER F 31 -8.32 -27.25 -6.00
C SER F 31 -8.15 -27.91 -7.37
N TRP F 32 -9.23 -27.91 -8.15
CA TRP F 32 -9.20 -28.57 -9.46
C TRP F 32 -8.44 -27.72 -10.48
N LEU F 33 -7.12 -27.75 -10.39
CA LEU F 33 -6.26 -27.04 -11.33
C LEU F 33 -5.11 -27.93 -11.80
N ALA F 34 -4.80 -27.84 -13.09
CA ALA F 34 -3.73 -28.63 -13.69
C ALA F 34 -2.66 -27.72 -14.29
N TRP F 35 -1.41 -28.17 -14.20
CA TRP F 35 -0.28 -27.47 -14.80
C TRP F 35 0.31 -28.26 -15.96
N TYR F 36 0.48 -27.61 -17.09
CA TYR F 36 1.02 -28.25 -18.28
C TYR F 36 2.31 -27.59 -18.75
N GLN F 37 3.23 -28.42 -19.23
CA GLN F 37 4.49 -27.96 -19.80
C GLN F 37 4.50 -28.24 -21.28
N GLN F 38 4.66 -27.20 -22.09
CA GLN F 38 4.67 -27.37 -23.53
C GLN F 38 5.98 -26.85 -24.13
N LYS F 39 6.64 -27.72 -24.87
CA LYS F 39 7.83 -27.37 -25.64
C LYS F 39 7.44 -27.19 -27.11
N PRO F 40 8.18 -26.34 -27.85
CA PRO F 40 7.84 -26.00 -29.24
C PRO F 40 7.67 -27.20 -30.16
N GLY F 41 6.52 -27.26 -30.82
CA GLY F 41 6.22 -28.32 -31.78
C GLY F 41 5.72 -29.60 -31.16
N LYS F 42 5.69 -29.63 -29.82
CA LYS F 42 5.25 -30.82 -29.10
C LYS F 42 3.98 -30.61 -28.29
N ALA F 43 3.34 -31.70 -27.92
CA ALA F 43 2.09 -31.64 -27.17
C ALA F 43 2.31 -31.28 -25.72
N PRO F 44 1.29 -30.65 -25.09
CA PRO F 44 1.39 -30.35 -23.66
C PRO F 44 1.52 -31.62 -22.82
N LYS F 45 2.41 -31.60 -21.83
CA LYS F 45 2.56 -32.73 -20.93
C LYS F 45 2.03 -32.36 -19.54
N LEU F 46 1.32 -33.28 -18.93
CA LEU F 46 0.73 -33.04 -17.60
C LEU F 46 1.77 -33.09 -16.50
N LEU F 47 1.95 -31.97 -15.80
CA LEU F 47 2.89 -31.91 -14.68
C LEU F 47 2.19 -32.05 -13.34
N ILE F 48 1.31 -31.10 -13.04
CA ILE F 48 0.60 -31.08 -11.77
C ILE F 48 -0.89 -31.26 -11.98
N TYR F 49 -1.54 -31.98 -11.07
CA TYR F 49 -2.99 -32.07 -11.07
C TYR F 49 -3.51 -31.82 -9.65
N LYS F 50 -4.76 -31.38 -9.57
CA LYS F 50 -5.39 -31.02 -8.30
C LYS F 50 -4.50 -30.07 -7.50
N ALA F 51 -4.08 -29.00 -8.17
CA ALA F 51 -3.32 -27.90 -7.56
C ALA F 51 -1.91 -28.27 -7.08
N SER F 52 -1.79 -29.38 -6.36
CA SER F 52 -0.52 -29.69 -5.69
C SER F 52 0.02 -31.09 -5.95
N SER F 53 -0.80 -31.97 -6.51
CA SER F 53 -0.39 -33.35 -6.70
C SER F 53 0.42 -33.54 -7.99
N LEU F 54 1.62 -34.10 -7.85
CA LEU F 54 2.50 -34.34 -8.98
C LEU F 54 2.15 -35.60 -9.75
N GLU F 55 2.18 -35.51 -11.08
CA GLU F 55 2.03 -36.66 -11.95
C GLU F 55 3.33 -37.46 -12.00
N SER F 56 3.23 -38.79 -11.95
CA SER F 56 4.42 -39.62 -12.04
C SER F 56 4.87 -39.76 -13.49
N GLY F 57 6.16 -39.56 -13.74
CA GLY F 57 7.10 -39.21 -12.69
C GLY F 57 7.75 -37.85 -12.87
N VAL F 58 7.02 -36.81 -12.52
CA VAL F 58 7.55 -35.45 -12.57
C VAL F 58 8.50 -35.23 -11.40
N PRO F 59 9.70 -34.70 -11.68
CA PRO F 59 10.73 -34.39 -10.66
C PRO F 59 10.16 -33.69 -9.44
N SER F 60 10.67 -34.05 -8.26
CA SER F 60 10.13 -33.52 -7.01
C SER F 60 10.44 -32.05 -6.79
N ARG F 61 11.26 -31.47 -7.67
CA ARG F 61 11.56 -30.04 -7.58
C ARG F 61 10.32 -29.24 -7.98
N PHE F 62 9.48 -29.85 -8.81
CA PHE F 62 8.21 -29.26 -9.18
C PHE F 62 7.23 -29.36 -8.02
N SER F 63 6.50 -28.29 -7.76
CA SER F 63 5.48 -28.29 -6.72
C SER F 63 4.38 -27.29 -7.04
N GLY F 64 3.21 -27.47 -6.45
CA GLY F 64 2.11 -26.55 -6.67
C GLY F 64 1.35 -26.27 -5.39
N SER F 65 0.71 -25.11 -5.34
CA SER F 65 -0.09 -24.76 -4.16
C SER F 65 -1.21 -23.79 -4.49
N GLY F 66 -2.18 -23.70 -3.59
CA GLY F 66 -3.28 -22.77 -3.76
C GLY F 66 -4.62 -23.48 -3.86
N SER F 67 -5.70 -22.73 -3.66
CA SER F 67 -7.04 -23.27 -3.79
C SER F 67 -8.04 -22.13 -3.92
N GLY F 68 -9.03 -22.32 -4.79
CA GLY F 68 -10.07 -21.33 -5.01
C GLY F 68 -9.77 -20.39 -6.16
N THR F 69 -8.94 -19.38 -5.90
CA THR F 69 -8.67 -18.33 -6.87
C THR F 69 -7.18 -18.21 -7.15
N GLU F 70 -6.38 -18.32 -6.10
CA GLU F 70 -4.95 -18.07 -6.19
C GLU F 70 -4.20 -19.39 -6.31
N PHE F 71 -3.26 -19.46 -7.25
CA PHE F 71 -2.44 -20.67 -7.42
C PHE F 71 -1.01 -20.33 -7.79
N THR F 72 -0.09 -21.21 -7.40
CA THR F 72 1.33 -21.03 -7.72
C THR F 72 2.03 -22.35 -8.06
N LEU F 73 2.85 -22.31 -9.11
CA LEU F 73 3.73 -23.40 -9.48
C LEU F 73 5.16 -23.01 -9.12
N THR F 74 5.88 -23.91 -8.46
CA THR F 74 7.20 -23.60 -7.94
C THR F 74 8.25 -24.62 -8.37
N ILE F 75 9.34 -24.11 -8.93
CA ILE F 75 10.52 -24.92 -9.19
C ILE F 75 11.64 -24.47 -8.26
N SER F 76 12.03 -25.35 -7.35
CA SER F 76 13.01 -25.03 -6.31
C SER F 76 14.41 -24.85 -6.89
N SER F 77 14.78 -25.70 -7.84
CA SER F 77 16.09 -25.62 -8.49
C SER F 77 15.98 -25.88 -9.98
N LEU F 78 16.07 -24.81 -10.77
CA LEU F 78 15.87 -24.85 -12.22
C LEU F 78 16.86 -25.73 -12.97
N GLN F 79 16.38 -26.39 -14.02
CA GLN F 79 17.20 -27.25 -14.88
C GLN F 79 16.96 -26.91 -16.35
N PRO F 80 17.91 -27.29 -17.23
CA PRO F 80 17.79 -27.06 -18.68
C PRO F 80 16.49 -27.62 -19.29
N GLU F 81 15.93 -28.68 -18.71
CA GLU F 81 14.68 -29.25 -19.19
C GLU F 81 13.53 -28.28 -19.07
N ASP F 82 13.56 -27.49 -18.01
CA ASP F 82 12.40 -26.72 -17.57
C ASP F 82 12.10 -25.50 -18.44
N PHE F 83 13.00 -25.21 -19.38
CA PHE F 83 12.81 -24.04 -20.23
C PHE F 83 11.78 -24.34 -21.31
N ALA F 84 10.55 -23.88 -21.08
CA ALA F 84 9.43 -24.11 -21.98
C ALA F 84 8.28 -23.19 -21.61
N THR F 85 7.11 -23.40 -22.19
CA THR F 85 5.95 -22.59 -21.83
C THR F 85 5.02 -23.34 -20.88
N TYR F 86 4.64 -22.70 -19.78
CA TYR F 86 3.80 -23.34 -18.76
C TYR F 86 2.38 -22.79 -18.77
N TYR F 87 1.41 -23.66 -19.00
CA TYR F 87 0.00 -23.27 -19.01
C TYR F 87 -0.72 -23.80 -17.77
N CYS F 88 -1.67 -23.03 -17.25
CA CYS F 88 -2.53 -23.53 -16.19
C CYS F 88 -3.92 -23.80 -16.76
N GLN F 89 -4.66 -24.70 -16.14
CA GLN F 89 -5.98 -25.07 -16.65
C GLN F 89 -6.94 -25.46 -15.53
N GLN F 90 -8.13 -24.87 -15.52
CA GLN F 90 -9.16 -25.26 -14.57
C GLN F 90 -10.00 -26.41 -15.12
N TYR F 91 -10.29 -27.40 -14.28
CA TYR F 91 -11.23 -28.43 -14.68
C TYR F 91 -12.22 -28.73 -13.55
N ASN F 92 -12.68 -27.68 -12.88
CA ASN F 92 -13.71 -27.82 -11.86
C ASN F 92 -15.08 -27.98 -12.53
N ASN F 93 -15.34 -27.19 -13.56
CA ASN F 93 -16.57 -27.33 -14.32
C ASN F 93 -16.42 -26.89 -15.79
N TYR F 94 -17.16 -27.55 -16.67
CA TYR F 94 -17.14 -27.24 -18.10
C TYR F 94 -17.80 -25.88 -18.35
N SER F 95 -17.30 -25.13 -19.34
CA SER F 95 -16.21 -25.55 -20.20
C SER F 95 -14.84 -25.28 -19.57
N TYR F 96 -13.91 -26.19 -19.80
CA TYR F 96 -12.56 -26.06 -19.26
C TYR F 96 -11.84 -24.88 -19.90
N THR F 97 -10.91 -24.28 -19.17
CA THR F 97 -10.22 -23.10 -19.66
C THR F 97 -8.72 -23.15 -19.36
N PHE F 98 -7.91 -22.94 -20.38
CA PHE F 98 -6.48 -22.86 -20.19
C PHE F 98 -6.07 -21.42 -19.92
N GLY F 99 -4.90 -21.22 -19.32
CA GLY F 99 -4.36 -19.89 -19.14
C GLY F 99 -3.62 -19.47 -20.38
N PRO F 100 -3.27 -18.17 -20.47
CA PRO F 100 -2.54 -17.70 -21.65
C PRO F 100 -1.12 -18.26 -21.72
N GLY F 101 -0.58 -18.65 -20.57
CA GLY F 101 0.73 -19.27 -20.54
C GLY F 101 1.83 -18.39 -20.01
N THR F 102 2.78 -19.00 -19.31
CA THR F 102 3.96 -18.28 -18.83
C THR F 102 5.19 -18.87 -19.49
N LYS F 103 5.87 -18.05 -20.28
CA LYS F 103 7.04 -18.49 -21.04
C LYS F 103 8.29 -18.40 -20.18
N LEU F 104 9.04 -19.49 -20.11
CA LEU F 104 10.26 -19.53 -19.31
C LEU F 104 11.47 -19.83 -20.17
N GLU F 105 12.38 -18.86 -20.28
CA GLU F 105 13.56 -19.02 -21.13
C GLU F 105 14.85 -18.63 -20.42
N ILE F 106 15.98 -18.94 -21.04
CA ILE F 106 17.29 -18.76 -20.43
C ILE F 106 17.82 -17.33 -20.58
N LYS F 107 18.57 -16.87 -19.58
CA LYS F 107 19.17 -15.55 -19.61
C LYS F 107 20.52 -15.59 -20.31
N ALA G 1 22.18 63.10 2.80
CA ALA G 1 21.20 63.22 1.73
C ALA G 1 20.11 62.16 1.87
N HIS G 2 18.90 62.60 2.22
CA HIS G 2 18.62 64.01 2.50
C HIS G 2 18.93 64.35 3.95
N CYS G 3 19.63 65.46 4.16
CA CYS G 3 20.16 65.81 5.47
C CYS G 3 19.11 66.34 6.45
N ILE G 4 17.88 66.54 6.00
CA ILE G 4 16.83 67.03 6.88
C ILE G 4 16.44 65.98 7.92
N GLY G 5 16.29 64.74 7.47
CA GLY G 5 15.92 63.65 8.35
C GLY G 5 17.05 63.23 9.27
N ILE G 6 18.28 63.38 8.77
CA ILE G 6 19.46 63.05 9.56
C ILE G 6 19.75 64.16 10.56
N THR G 7 19.71 63.82 11.85
CA THR G 7 19.78 64.81 12.92
C THR G 7 21.16 65.43 13.05
N ASP G 8 22.20 64.63 12.86
CA ASP G 8 23.56 65.14 12.93
C ASP G 8 23.92 65.80 11.61
N ARG G 9 23.71 67.11 11.54
CA ARG G 9 23.81 67.84 10.28
C ARG G 9 24.69 69.08 10.40
N ASP G 10 25.63 69.22 9.49
CA ASP G 10 26.49 70.39 9.44
C ASP G 10 26.22 71.22 8.19
N PHE G 11 26.32 72.53 8.32
CA PHE G 11 26.18 73.43 7.17
C PHE G 11 27.52 74.00 6.74
N ILE G 12 27.77 73.98 5.44
CA ILE G 12 28.96 74.59 4.87
C ILE G 12 28.63 75.57 3.77
N GLU G 13 29.00 76.84 3.98
CA GLU G 13 28.77 77.84 2.96
C GLU G 13 30.02 78.00 2.13
N GLY G 14 29.89 77.77 0.82
CA GLY G 14 30.99 77.95 -0.09
C GLY G 14 31.16 79.44 -0.29
N VAL G 15 32.38 79.88 -0.59
CA VAL G 15 32.60 81.29 -0.78
C VAL G 15 32.12 81.67 -2.17
N HIS G 16 31.82 82.95 -2.35
CA HIS G 16 31.08 83.44 -3.51
C HIS G 16 31.79 83.05 -4.81
N GLY G 17 33.10 83.25 -4.85
CA GLY G 17 33.90 82.96 -6.04
C GLY G 17 34.60 81.60 -5.99
N GLY G 18 34.28 80.80 -4.98
CA GLY G 18 34.93 79.52 -4.76
C GLY G 18 34.65 78.40 -5.74
N THR G 19 35.71 77.71 -6.15
CA THR G 19 35.58 76.57 -7.06
C THR G 19 35.48 75.25 -6.30
N TRP G 20 36.26 75.13 -5.23
CA TRP G 20 36.25 73.90 -4.43
C TRP G 20 35.84 74.18 -2.99
N VAL G 21 35.22 73.18 -2.36
CA VAL G 21 34.79 73.28 -0.98
C VAL G 21 35.06 71.98 -0.23
N SER G 22 35.84 72.07 0.85
CA SER G 22 36.17 70.89 1.65
C SER G 22 35.02 70.50 2.58
N ALA G 23 34.86 69.20 2.78
CA ALA G 23 33.81 68.68 3.64
C ALA G 23 34.20 67.29 4.14
N THR G 24 34.03 67.05 5.43
CA THR G 24 34.34 65.75 6.00
C THR G 24 33.07 65.00 6.41
N LEU G 25 32.95 63.77 5.94
CA LEU G 25 31.75 62.98 6.17
C LEU G 25 32.00 61.87 7.18
N GLU G 26 31.25 61.90 8.27
CA GLU G 26 31.32 60.88 9.31
C GLU G 26 30.11 59.96 9.23
N GLN G 27 30.18 58.84 9.94
CA GLN G 27 29.09 57.88 9.97
C GLN G 27 27.87 58.49 10.67
N ASP G 28 26.68 58.17 10.19
CA ASP G 28 25.43 58.65 10.77
C ASP G 28 25.43 60.17 10.92
N LYS G 29 25.76 60.87 9.84
CA LYS G 29 25.97 62.31 9.87
C LYS G 29 26.07 62.83 8.44
N CYS G 30 25.49 64.00 8.17
CA CYS G 30 25.49 64.54 6.82
C CYS G 30 25.85 66.01 6.77
N VAL G 31 26.21 66.47 5.57
CA VAL G 31 26.65 67.85 5.38
C VAL G 31 25.82 68.52 4.28
N THR G 32 25.37 69.74 4.54
CA THR G 32 24.66 70.52 3.54
C THR G 32 25.57 71.65 3.05
N VAL G 33 25.98 71.56 1.79
CA VAL G 33 26.89 72.51 1.19
C VAL G 33 26.13 73.60 0.45
N MET G 34 26.26 74.83 0.93
CA MET G 34 25.59 75.96 0.30
C MET G 34 26.60 76.89 -0.35
N ALA G 35 26.18 77.54 -1.43
CA ALA G 35 27.00 78.53 -2.11
C ALA G 35 26.07 79.48 -2.84
N PRO G 36 26.36 80.78 -2.76
CA PRO G 36 25.50 81.82 -3.36
C PRO G 36 25.28 81.61 -4.86
N ASP G 37 24.03 81.74 -5.28
CA ASP G 37 23.63 81.57 -6.68
C ASP G 37 23.94 80.15 -7.21
N LYS G 38 23.87 79.18 -6.30
CA LYS G 38 24.04 77.76 -6.63
C LYS G 38 23.13 76.90 -5.77
N PRO G 39 22.64 75.78 -6.32
CA PRO G 39 21.76 74.91 -5.56
C PRO G 39 22.50 74.21 -4.42
N SER G 40 21.83 74.03 -3.28
CA SER G 40 22.46 73.40 -2.12
C SER G 40 22.65 71.90 -2.34
N LEU G 41 23.79 71.38 -1.88
CA LEU G 41 24.17 70.00 -2.12
C LEU G 41 24.25 69.20 -0.81
N ASP G 42 23.37 68.23 -0.66
CA ASP G 42 23.43 67.33 0.51
C ASP G 42 24.34 66.14 0.23
N ILE G 43 25.39 66.01 1.04
CA ILE G 43 26.30 64.88 0.90
C ILE G 43 26.37 64.12 2.21
N SER G 44 26.44 62.80 2.12
CA SER G 44 26.53 62.01 3.33
C SER G 44 27.22 60.66 3.14
N LEU G 45 27.89 60.17 4.18
CA LEU G 45 28.56 58.87 4.15
C LEU G 45 27.56 57.75 4.45
N GLU G 46 27.39 56.84 3.49
CA GLU G 46 26.49 55.72 3.69
C GLU G 46 27.24 54.55 4.32
N THR G 47 28.24 54.03 3.61
CA THR G 47 29.03 52.91 4.11
C THR G 47 30.52 53.03 3.84
N VAL G 48 31.32 52.47 4.74
CA VAL G 48 32.74 52.21 4.51
C VAL G 48 32.93 50.72 4.68
N ALA G 49 33.43 50.03 3.65
CA ALA G 49 33.45 48.58 3.70
C ALA G 49 34.63 47.94 2.98
N ILE G 50 34.74 46.64 3.15
CA ILE G 50 35.74 45.81 2.49
C ILE G 50 35.07 44.65 1.83
N ASP G 51 35.49 44.34 0.61
CA ASP G 51 34.91 43.23 -0.10
C ASP G 51 35.90 42.08 -0.20
N ARG G 52 35.41 40.87 0.07
CA ARG G 52 36.15 39.61 -0.02
C ARG G 52 37.56 39.62 0.59
N PRO G 53 37.66 39.86 1.91
CA PRO G 53 38.98 39.72 2.55
C PRO G 53 39.29 38.24 2.80
N ALA G 54 40.56 37.89 2.81
CA ALA G 54 40.98 36.49 2.92
C ALA G 54 41.16 36.05 4.37
N GLU G 55 40.70 34.84 4.68
CA GLU G 55 40.91 34.26 5.99
C GLU G 55 42.39 33.97 6.22
N VAL G 56 42.85 34.29 7.42
CA VAL G 56 44.23 34.02 7.79
C VAL G 56 44.24 33.02 8.93
N ARG G 57 43.30 33.15 9.85
CA ARG G 57 43.27 32.20 10.97
C ARG G 57 41.85 31.87 11.41
N LYS G 58 41.70 30.75 12.11
CA LYS G 58 40.45 30.46 12.80
C LYS G 58 40.81 30.20 14.26
N VAL G 59 39.92 30.57 15.18
CA VAL G 59 40.18 30.36 16.60
C VAL G 59 38.97 29.73 17.29
N CYS G 60 39.07 28.45 17.62
CA CYS G 60 37.94 27.73 18.21
C CYS G 60 37.62 28.25 19.60
N TYR G 61 36.35 28.60 19.83
CA TYR G 61 35.93 29.04 21.15
C TYR G 61 34.87 28.11 21.76
N ASN G 62 34.53 27.05 21.02
CA ASN G 62 33.72 25.97 21.58
C ASN G 62 34.03 24.65 20.88
N ALA G 63 34.48 23.66 21.65
CA ALA G 63 34.89 22.38 21.10
C ALA G 63 34.19 21.20 21.76
N VAL G 64 33.90 20.18 20.96
CA VAL G 64 33.33 18.94 21.47
C VAL G 64 34.30 17.78 21.25
N LEU G 65 34.30 16.83 22.18
CA LEU G 65 35.20 15.68 22.11
C LEU G 65 34.46 14.37 21.84
N THR G 66 35.00 13.57 20.92
CA THR G 66 34.47 12.25 20.63
C THR G 66 35.61 11.24 20.62
N HIS G 67 35.27 9.96 20.50
CA HIS G 67 36.25 8.88 20.31
C HIS G 67 37.36 8.87 21.36
N VAL G 68 36.99 8.96 22.63
CA VAL G 68 37.99 8.97 23.71
C VAL G 68 38.52 7.57 24.00
N LYS G 69 39.79 7.33 23.67
CA LYS G 69 40.43 6.05 23.96
C LYS G 69 41.56 6.19 24.98
N ILE G 70 41.81 5.14 25.75
CA ILE G 70 42.86 5.15 26.76
C ILE G 70 43.57 3.79 26.82
N ASN G 71 44.91 3.80 26.91
CA ASN G 71 45.68 2.58 27.11
C ASN G 71 46.59 2.61 28.34
N ASP G 72 46.60 1.53 29.13
CA ASP G 72 47.26 1.52 30.44
C ASP G 72 48.18 0.31 30.70
N LYS G 73 49.48 0.54 30.74
CA LYS G 73 50.44 -0.52 31.04
C LYS G 73 50.71 -0.61 32.55
N CYS G 74 51.18 -1.78 32.99
CA CYS G 74 51.55 -2.01 34.40
C CYS G 74 53.00 -1.59 34.63
N PRO G 75 53.42 -1.44 35.91
CA PRO G 75 54.82 -1.06 36.11
C PRO G 75 55.80 -2.02 35.44
N SER G 76 56.94 -1.50 34.99
CA SER G 76 57.97 -2.30 34.33
C SER G 76 57.48 -3.05 33.09
N THR G 77 56.30 -2.69 32.58
CA THR G 77 55.77 -3.35 31.40
C THR G 77 56.04 -2.53 30.12
N GLY G 78 56.76 -1.42 30.24
CA GLY G 78 56.99 -0.64 29.04
C GLY G 78 56.15 0.61 29.03
N GLU G 79 56.49 1.57 28.18
CA GLU G 79 55.65 2.75 28.03
C GLU G 79 54.44 2.46 27.14
N ALA G 80 53.27 2.90 27.58
CA ALA G 80 52.03 2.65 26.88
C ALA G 80 51.84 3.52 25.64
N HIS G 81 51.20 2.95 24.63
CA HIS G 81 50.92 3.65 23.36
C HIS G 81 49.52 3.34 22.84
N LEU G 82 48.92 4.33 22.20
CA LEU G 82 47.62 4.18 21.56
C LEU G 82 47.74 4.34 20.05
N ALA G 83 46.87 3.65 19.31
CA ALA G 83 46.87 3.74 17.86
C ALA G 83 46.54 5.15 17.39
N GLU G 84 45.69 5.83 18.14
CA GLU G 84 45.24 7.18 17.80
C GLU G 84 46.21 8.29 18.22
N GLU G 85 47.31 7.91 18.86
CA GLU G 85 48.30 8.89 19.35
C GLU G 85 49.00 9.72 18.27
N ASN G 86 49.22 9.12 17.11
CA ASN G 86 49.95 9.75 16.00
C ASN G 86 49.06 10.28 14.88
N GLU G 87 47.83 10.64 15.23
CA GLU G 87 46.91 11.32 14.32
C GLU G 87 46.80 12.82 14.59
N GLY G 88 46.48 13.60 13.56
CA GLY G 88 46.51 15.04 13.63
C GLY G 88 45.36 15.68 14.40
N ASP G 89 44.18 15.06 14.36
CA ASP G 89 42.99 15.66 14.97
C ASP G 89 42.68 15.08 16.35
N ASN G 90 43.72 14.60 17.04
CA ASN G 90 43.55 14.02 18.37
C ASN G 90 44.36 14.73 19.45
N ALA G 91 43.69 15.15 20.51
CA ALA G 91 44.35 15.68 21.70
C ALA G 91 44.72 14.55 22.65
N CYS G 92 45.99 14.45 23.00
CA CYS G 92 46.47 13.32 23.80
C CYS G 92 47.36 13.74 24.99
N LYS G 93 47.32 12.93 26.04
CA LYS G 93 48.21 13.11 27.19
C LYS G 93 48.90 11.82 27.61
N ARG G 94 50.19 11.96 27.96
CA ARG G 94 51.00 10.87 28.47
C ARG G 94 51.23 11.04 29.97
N THR G 95 50.77 10.08 30.77
CA THR G 95 51.00 10.15 32.21
C THR G 95 51.29 8.78 32.82
N TYR G 96 51.29 8.71 34.15
CA TYR G 96 51.46 7.46 34.88
C TYR G 96 50.48 7.42 36.06
N SER G 97 49.95 6.23 36.35
CA SER G 97 49.00 6.08 37.44
C SER G 97 49.52 5.11 38.51
N ASP G 98 49.12 5.34 39.75
CA ASP G 98 49.47 4.45 40.86
C ASP G 98 48.70 3.13 40.80
N ARG G 99 49.40 2.03 40.59
CA ARG G 99 48.75 0.72 40.49
C ARG G 99 49.54 -0.40 41.17
N GLY G 100 48.86 -1.53 41.38
CA GLY G 100 49.43 -2.68 42.05
C GLY G 100 48.50 -3.87 41.99
N TRP G 101 48.51 -4.70 43.04
CA TRP G 101 47.63 -5.87 43.09
C TRP G 101 46.15 -5.47 43.10
N GLY G 102 45.89 -4.22 43.48
CA GLY G 102 44.52 -3.72 43.55
C GLY G 102 43.95 -3.44 42.17
N ASN G 103 44.83 -3.12 41.23
CA ASN G 103 44.42 -2.83 39.86
C ASN G 103 44.94 -3.85 38.83
N GLY G 104 45.41 -4.99 39.32
CA GLY G 104 45.78 -6.09 38.43
C GLY G 104 47.16 -5.93 37.85
N CYS G 105 48.11 -5.66 38.73
CA CYS G 105 49.51 -5.48 38.36
C CYS G 105 50.30 -6.20 39.44
N GLY G 106 51.00 -7.27 39.05
CA GLY G 106 51.99 -7.96 39.87
C GLY G 106 52.96 -7.11 40.68
N LEU G 107 53.18 -5.87 40.26
CA LEU G 107 54.09 -4.97 40.96
C LEU G 107 53.39 -3.67 41.36
N PHE G 108 53.90 -3.01 42.40
CA PHE G 108 53.37 -1.74 42.88
C PHE G 108 54.19 -0.54 42.41
N GLY G 109 53.53 0.42 41.77
CA GLY G 109 54.23 1.61 41.32
C GLY G 109 53.53 2.40 40.22
N LYS G 110 54.33 3.12 39.44
CA LYS G 110 53.84 3.95 38.35
C LYS G 110 53.63 3.10 37.11
N GLY G 111 52.41 3.09 36.59
CA GLY G 111 52.13 2.40 35.34
C GLY G 111 51.84 3.40 34.24
N SER G 112 52.41 3.18 33.06
CA SER G 112 52.23 4.10 31.94
C SER G 112 50.78 4.12 31.49
N ILE G 113 50.26 5.32 31.27
CA ILE G 113 48.88 5.48 30.81
C ILE G 113 48.74 6.64 29.81
N VAL G 114 48.07 6.36 28.69
CA VAL G 114 47.90 7.33 27.62
C VAL G 114 46.43 7.57 27.32
N ALA G 115 46.05 8.84 27.18
CA ALA G 115 44.66 9.15 26.86
C ALA G 115 44.55 10.04 25.63
N CYS G 116 43.77 9.61 24.65
CA CYS G 116 43.57 10.38 23.42
C CYS G 116 42.08 10.66 23.17
N ALA G 117 41.80 11.80 22.53
CA ALA G 117 40.43 12.19 22.22
C ALA G 117 40.29 12.96 20.91
N LYS G 118 39.23 12.67 20.17
CA LYS G 118 38.94 13.36 18.91
C LYS G 118 38.54 14.81 19.13
N PHE G 119 39.30 15.74 18.57
CA PHE G 119 39.01 17.16 18.68
C PHE G 119 38.27 17.65 17.44
N THR G 120 37.05 18.12 17.64
CA THR G 120 36.29 18.74 16.56
C THR G 120 35.66 20.03 17.06
N CYS G 121 35.94 21.13 16.36
CA CYS G 121 35.53 22.44 16.80
C CYS G 121 34.07 22.74 16.47
N ALA G 122 33.27 22.96 17.50
CA ALA G 122 31.87 23.28 17.34
C ALA G 122 31.71 24.71 16.81
N LYS G 123 32.32 25.67 17.50
CA LYS G 123 32.22 27.06 17.07
C LYS G 123 33.58 27.74 17.13
N SER G 124 33.94 28.43 16.05
CA SER G 124 35.23 29.12 15.95
C SER G 124 35.03 30.56 15.51
N MET G 125 36.06 31.38 15.70
CA MET G 125 36.02 32.79 15.32
C MET G 125 36.96 33.00 14.14
N SER G 126 36.44 33.58 13.07
CA SER G 126 37.25 33.72 11.87
C SER G 126 38.06 35.02 11.87
N LEU G 127 39.33 34.89 11.49
CA LEU G 127 40.26 36.01 11.44
C LEU G 127 40.68 36.28 10.00
N PHE G 128 40.07 37.32 9.42
CA PHE G 128 40.35 37.76 8.07
C PHE G 128 41.41 38.86 8.12
N GLU G 129 42.24 38.91 7.08
CA GLU G 129 43.25 39.95 6.97
C GLU G 129 42.69 41.11 6.17
N VAL G 130 43.05 42.32 6.56
CA VAL G 130 42.50 43.52 5.94
C VAL G 130 43.46 44.27 4.99
N ASP G 131 43.10 44.33 3.71
CA ASP G 131 43.86 45.07 2.69
C ASP G 131 43.29 46.48 2.46
N GLN G 132 44.09 47.51 2.77
CA GLN G 132 43.62 48.90 2.69
C GLN G 132 43.33 49.42 1.29
N THR G 133 44.01 48.86 0.30
CA THR G 133 43.86 49.30 -1.07
C THR G 133 42.60 48.67 -1.69
N LYS G 134 41.95 47.83 -0.90
CA LYS G 134 40.74 47.15 -1.33
C LYS G 134 39.52 47.73 -0.63
N ILE G 135 39.72 48.79 0.15
CA ILE G 135 38.62 49.45 0.86
C ILE G 135 37.75 50.28 -0.07
N GLN G 136 36.46 50.03 -0.02
CA GLN G 136 35.50 50.80 -0.82
C GLN G 136 34.53 51.55 0.08
N TYR G 137 34.03 52.68 -0.40
CA TYR G 137 33.05 53.46 0.35
C TYR G 137 31.98 54.08 -0.52
N VAL G 138 30.80 54.31 0.05
CA VAL G 138 29.65 54.78 -0.70
C VAL G 138 29.14 56.11 -0.14
N ILE G 139 28.91 57.07 -1.04
CA ILE G 139 28.49 58.41 -0.64
C ILE G 139 27.20 58.84 -1.35
N ARG G 140 26.23 59.27 -0.53
CA ARG G 140 24.96 59.79 -1.03
C ARG G 140 25.10 61.26 -1.39
N ALA G 141 24.63 61.63 -2.57
CA ALA G 141 24.61 63.03 -3.00
C ALA G 141 23.22 63.39 -3.54
N GLN G 142 22.67 64.52 -3.09
CA GLN G 142 21.35 64.94 -3.52
C GLN G 142 21.18 66.45 -3.42
N LEU G 143 20.75 67.08 -4.49
CA LEU G 143 20.58 68.53 -4.49
C LEU G 143 19.33 68.98 -3.75
N HIS G 144 19.38 70.19 -3.19
CA HIS G 144 18.22 70.76 -2.53
C HIS G 144 17.26 71.40 -3.53
N VAL G 145 16.53 70.55 -4.23
CA VAL G 145 15.46 71.00 -5.10
C VAL G 145 14.15 70.80 -4.35
N GLY G 146 13.12 71.56 -4.71
CA GLY G 146 11.83 71.40 -4.09
C GLY G 146 11.25 70.04 -4.47
N ALA G 147 11.54 69.04 -3.66
CA ALA G 147 11.04 67.69 -3.90
C ALA G 147 10.39 67.14 -2.65
N LYS G 148 9.43 66.27 -2.82
CA LYS G 148 8.75 65.67 -1.68
C LYS G 148 9.59 64.52 -1.15
N GLN G 149 9.37 64.17 0.11
CA GLN G 149 10.18 63.16 0.77
C GLN G 149 10.09 61.79 0.09
N GLU G 150 8.92 61.42 -0.40
CA GLU G 150 8.75 60.14 -1.09
C GLU G 150 9.46 60.14 -2.44
N ASN G 151 9.96 61.30 -2.85
CA ASN G 151 10.72 61.39 -4.09
C ASN G 151 12.23 61.52 -3.82
N TRP G 152 12.61 61.52 -2.55
CA TRP G 152 14.02 61.64 -2.19
C TRP G 152 14.86 60.48 -2.72
N ASN G 153 14.36 59.27 -2.53
CA ASN G 153 15.08 58.05 -2.92
C ASN G 153 15.32 57.95 -4.43
N THR G 154 14.52 58.68 -5.20
CA THR G 154 14.70 58.72 -6.64
C THR G 154 15.72 59.79 -7.02
N ASP G 155 15.78 60.86 -6.22
CA ASP G 155 16.69 61.97 -6.50
C ASP G 155 18.12 61.66 -6.10
N ILE G 156 18.27 60.95 -4.97
CA ILE G 156 19.58 60.63 -4.42
C ILE G 156 20.46 59.81 -5.38
N LYS G 157 21.63 60.36 -5.70
CA LYS G 157 22.64 59.61 -6.43
C LYS G 157 23.61 58.97 -5.44
N THR G 158 23.66 57.64 -5.40
CA THR G 158 24.64 56.96 -4.56
C THR G 158 25.87 56.65 -5.40
N LEU G 159 27.04 57.03 -4.91
CA LEU G 159 28.28 56.83 -5.67
C LEU G 159 29.26 55.92 -4.94
N LYS G 160 29.97 55.12 -5.71
CA LYS G 160 30.89 54.12 -5.17
C LYS G 160 32.34 54.50 -5.43
N PHE G 161 33.18 54.39 -4.41
CA PHE G 161 34.61 54.68 -4.54
C PHE G 161 35.43 53.50 -4.02
N ASP G 162 36.67 53.42 -4.48
CA ASP G 162 37.61 52.42 -4.02
C ASP G 162 38.62 53.12 -3.13
N ALA G 163 39.69 52.44 -2.77
CA ALA G 163 40.71 53.00 -1.89
C ALA G 163 41.45 54.09 -2.65
N LEU G 164 41.46 53.96 -3.96
CA LEU G 164 42.03 54.97 -4.82
C LEU G 164 41.37 54.85 -6.17
N SER G 165 40.12 55.24 -6.18
CA SER G 165 39.42 55.53 -7.41
C SER G 165 39.63 57.03 -7.43
N GLY G 166 39.40 57.68 -8.55
CA GLY G 166 39.75 59.09 -8.65
C GLY G 166 38.53 59.93 -8.40
N SER G 167 38.58 61.17 -8.86
CA SER G 167 37.46 62.09 -8.72
C SER G 167 36.25 61.53 -9.45
N GLN G 168 35.08 61.79 -8.90
CA GLN G 168 33.84 61.34 -9.53
C GLN G 168 32.84 62.45 -9.88
N GLU G 169 32.27 62.39 -11.08
CA GLU G 169 31.29 63.39 -11.48
C GLU G 169 29.87 62.92 -11.17
N VAL G 170 29.07 63.84 -10.62
CA VAL G 170 27.67 63.60 -10.28
C VAL G 170 26.83 64.62 -11.00
N GLU G 171 26.08 64.17 -12.00
CA GLU G 171 25.27 65.08 -12.80
C GLU G 171 23.80 65.07 -12.37
N PHE G 172 23.30 66.24 -11.99
CA PHE G 172 21.89 66.40 -11.65
C PHE G 172 21.18 67.10 -12.80
N ILE G 173 20.11 66.47 -13.30
CA ILE G 173 19.43 66.95 -14.50
C ILE G 173 18.87 68.35 -14.37
N GLY G 174 19.34 69.26 -15.23
CA GLY G 174 18.87 70.63 -15.24
C GLY G 174 19.50 71.51 -14.19
N TYR G 175 20.57 71.00 -13.56
CA TYR G 175 21.23 71.74 -12.48
C TYR G 175 22.75 71.67 -12.62
N GLY G 176 23.21 71.10 -13.73
CA GLY G 176 24.63 71.00 -13.99
C GLY G 176 25.22 69.75 -13.39
N LYS G 177 26.42 69.86 -12.82
CA LYS G 177 27.06 68.71 -12.19
C LYS G 177 28.08 69.14 -11.15
N ALA G 178 28.31 68.28 -10.16
CA ALA G 178 29.34 68.52 -9.16
C ALA G 178 30.40 67.44 -9.25
N THR G 179 31.60 67.71 -8.75
CA THR G 179 32.67 66.73 -8.78
C THR G 179 33.22 66.48 -7.39
N LEU G 180 33.27 65.20 -6.99
CA LEU G 180 33.77 64.83 -5.67
C LEU G 180 35.16 64.26 -5.78
N GLU G 181 36.11 64.94 -5.14
CA GLU G 181 37.48 64.49 -5.06
C GLU G 181 37.70 63.98 -3.65
N CYS G 182 37.46 62.69 -3.45
CA CYS G 182 37.39 62.12 -2.11
C CYS G 182 38.56 61.21 -1.74
N GLN G 183 38.83 61.18 -0.45
CA GLN G 183 39.89 60.41 0.18
C GLN G 183 39.34 59.73 1.41
N VAL G 184 39.68 58.45 1.58
CA VAL G 184 39.10 57.68 2.67
C VAL G 184 40.08 57.55 3.83
N GLN G 185 39.55 57.73 5.03
CA GLN G 185 40.35 57.61 6.24
C GLN G 185 39.97 56.32 6.93
N THR G 186 40.95 55.46 7.12
CA THR G 186 40.69 54.12 7.63
C THR G 186 40.23 54.06 9.07
N ALA G 187 41.13 54.49 9.95
CA ALA G 187 41.01 54.41 11.41
C ALA G 187 41.48 53.04 11.88
N VAL G 188 42.05 52.26 10.97
CA VAL G 188 42.51 50.92 11.29
C VAL G 188 43.99 50.76 10.94
N ASP G 189 44.70 49.91 11.69
CA ASP G 189 46.11 49.68 11.44
C ASP G 189 46.29 48.32 10.79
N PHE G 190 46.07 48.27 9.48
CA PHE G 190 46.12 47.04 8.68
C PHE G 190 47.27 46.09 8.94
N GLY G 191 48.45 46.66 9.12
CA GLY G 191 49.63 45.84 9.29
C GLY G 191 49.68 45.29 10.70
N ASN G 192 48.66 45.62 11.49
CA ASN G 192 48.54 45.12 12.85
C ASN G 192 47.06 44.98 13.25
N SER G 193 46.23 44.45 12.35
CA SER G 193 44.82 44.28 12.65
C SER G 193 44.17 43.10 11.91
N TYR G 194 43.11 42.55 12.51
CA TYR G 194 42.28 41.52 11.91
C TYR G 194 40.81 41.92 11.90
N ILE G 195 40.05 41.36 10.96
CA ILE G 195 38.60 41.30 11.09
C ILE G 195 38.23 39.99 11.77
N ALA G 196 37.66 40.08 12.97
CA ALA G 196 37.33 38.88 13.74
C ALA G 196 35.82 38.66 13.81
N GLU G 197 35.33 37.56 13.25
CA GLU G 197 33.90 37.36 13.25
C GLU G 197 33.43 36.10 13.96
N MET G 198 32.38 36.23 14.73
CA MET G 198 31.89 35.07 15.43
C MET G 198 30.70 34.32 14.82
N GLU G 199 29.48 34.77 15.12
CA GLU G 199 28.34 34.16 14.48
C GLU G 199 27.81 35.10 13.44
N THR G 200 27.29 36.18 13.99
CA THR G 200 26.72 37.33 13.28
C THR G 200 27.51 38.62 13.48
N GLU G 201 28.19 38.70 14.63
CA GLU G 201 28.91 39.89 15.05
C GLU G 201 30.36 39.85 14.60
N SER G 202 30.92 41.00 14.24
CA SER G 202 32.31 41.05 13.87
C SER G 202 32.99 42.24 14.53
N TRP G 203 34.32 42.24 14.56
CA TRP G 203 35.08 43.30 15.20
C TRP G 203 36.37 43.59 14.45
N ILE G 204 36.96 44.74 14.73
CA ILE G 204 38.33 45.04 14.31
C ILE G 204 39.25 44.82 15.50
N VAL G 205 40.08 43.80 15.43
CA VAL G 205 40.91 43.42 16.58
C VAL G 205 42.40 43.58 16.30
N ASP G 206 43.20 43.55 17.35
CA ASP G 206 44.64 43.63 17.22
C ASP G 206 45.21 42.26 16.90
N ARG G 207 46.13 42.21 15.93
CA ARG G 207 46.74 40.96 15.50
C ARG G 207 47.38 40.21 16.66
N GLN G 208 48.15 40.95 17.45
CA GLN G 208 48.85 40.39 18.61
C GLN G 208 47.87 39.76 19.60
N TRP G 209 46.79 40.49 19.91
CA TRP G 209 45.77 40.00 20.84
C TRP G 209 45.16 38.70 20.34
N ALA G 210 44.90 38.63 19.04
CA ALA G 210 44.28 37.45 18.44
C ALA G 210 45.22 36.25 18.47
N GLN G 211 46.48 36.49 18.18
CA GLN G 211 47.47 35.41 18.13
C GLN G 211 47.86 34.94 19.53
N ASP G 212 47.70 35.82 20.52
CA ASP G 212 48.05 35.52 21.90
C ASP G 212 46.89 34.90 22.67
N LEU G 213 45.77 34.70 21.99
CA LEU G 213 44.61 34.06 22.61
C LEU G 213 44.94 32.64 23.05
N THR G 214 44.55 32.29 24.27
CA THR G 214 44.81 30.95 24.80
C THR G 214 43.73 29.98 24.33
N LEU G 215 43.60 29.85 23.01
CA LEU G 215 42.60 28.98 22.40
C LEU G 215 43.20 28.24 21.22
N PRO G 216 42.62 27.08 20.86
CA PRO G 216 43.06 26.35 19.68
C PRO G 216 42.87 27.18 18.41
N TRP G 217 43.78 27.04 17.45
CA TRP G 217 43.68 27.81 16.23
C TRP G 217 44.04 27.00 14.99
N GLN G 218 43.45 27.42 13.87
CA GLN G 218 43.56 26.73 12.58
C GLN G 218 44.08 27.70 11.52
N SER G 219 44.09 27.27 10.26
CA SER G 219 44.47 28.13 9.16
C SER G 219 43.42 28.14 8.05
N GLY G 220 43.69 28.94 7.02
CA GLY G 220 42.81 29.07 5.87
C GLY G 220 42.87 27.87 4.95
N SER G 221 43.91 27.06 5.13
CA SER G 221 44.15 25.93 4.25
C SER G 221 43.87 24.58 4.89
N GLY G 222 44.73 24.18 5.82
CA GLY G 222 44.65 22.88 6.46
C GLY G 222 43.79 22.89 7.70
N GLY G 223 43.04 21.80 7.90
CA GLY G 223 42.11 21.72 9.01
C GLY G 223 42.75 20.97 10.16
N VAL G 224 43.95 21.41 10.52
CA VAL G 224 44.67 20.84 11.65
C VAL G 224 44.67 21.84 12.80
N TRP G 225 43.88 21.53 13.83
CA TRP G 225 43.77 22.42 14.99
C TRP G 225 45.02 22.36 15.86
N ARG G 226 45.61 23.52 16.12
CA ARG G 226 46.84 23.60 16.89
C ARG G 226 46.57 24.10 18.30
N GLU G 227 47.41 23.69 19.24
CA GLU G 227 47.25 24.02 20.66
C GLU G 227 45.86 23.62 21.16
N MET G 228 45.48 22.38 20.91
CA MET G 228 44.17 21.86 21.29
C MET G 228 43.98 21.76 22.80
N HIS G 229 45.08 21.70 23.55
CA HIS G 229 45.02 21.54 25.00
C HIS G 229 44.30 22.69 25.71
N HIS G 230 44.18 23.82 25.02
CA HIS G 230 43.54 25.00 25.58
C HIS G 230 42.06 24.79 25.94
N LEU G 231 41.41 23.89 25.23
CA LEU G 231 39.99 23.60 25.48
C LEU G 231 39.80 22.16 25.94
N VAL G 232 40.91 21.48 26.21
CA VAL G 232 40.85 20.10 26.67
C VAL G 232 41.56 19.89 28.00
N GLU G 233 40.83 19.35 28.98
CA GLU G 233 41.37 19.07 30.30
C GLU G 233 41.42 17.57 30.57
N PHE G 234 42.57 17.11 31.04
CA PHE G 234 42.74 15.72 31.45
C PHE G 234 42.87 15.61 32.96
N GLU G 235 41.85 15.07 33.61
CA GLU G 235 41.87 14.88 35.05
C GLU G 235 42.94 13.84 35.42
N PRO G 236 43.48 13.93 36.65
CA PRO G 236 44.48 12.96 37.12
C PRO G 236 43.98 11.52 37.02
N PRO G 237 44.86 10.61 36.59
CA PRO G 237 44.49 9.20 36.40
C PRO G 237 44.27 8.50 37.73
N HIS G 238 43.30 7.60 37.78
CA HIS G 238 43.01 6.87 39.01
C HIS G 238 43.74 5.53 39.01
N ALA G 239 43.24 4.61 38.19
CA ALA G 239 43.83 3.27 38.10
C ALA G 239 44.20 2.95 36.67
N ALA G 240 43.17 2.68 35.87
CA ALA G 240 43.34 2.33 34.47
C ALA G 240 42.51 3.22 33.57
N THR G 241 42.02 4.35 34.11
CA THR G 241 41.21 5.29 33.35
C THR G 241 41.63 6.74 33.56
N ILE G 242 41.15 7.61 32.68
CA ILE G 242 41.35 9.06 32.79
C ILE G 242 40.06 9.75 32.36
N ARG G 243 39.56 10.66 33.18
CA ARG G 243 38.35 11.40 32.85
C ARG G 243 38.77 12.57 31.93
N VAL G 244 38.34 12.52 30.67
CA VAL G 244 38.68 13.55 29.68
C VAL G 244 37.55 14.53 29.43
N LEU G 245 37.77 15.80 29.77
CA LEU G 245 36.73 16.83 29.65
C LEU G 245 37.04 17.94 28.66
N ALA G 246 36.02 18.42 27.98
CA ALA G 246 36.13 19.61 27.13
C ALA G 246 35.75 20.85 27.95
N LEU G 247 36.51 21.93 27.80
CA LEU G 247 36.24 23.14 28.56
C LEU G 247 35.00 23.87 28.05
N GLY G 248 34.57 24.89 28.80
CA GLY G 248 33.32 25.58 28.52
C GLY G 248 33.33 26.47 27.30
N ASN G 249 32.13 26.86 26.86
CA ASN G 249 31.96 27.77 25.73
C ASN G 249 32.57 29.13 26.03
N GLN G 250 33.47 29.58 25.17
CA GLN G 250 34.23 30.81 25.41
C GLN G 250 33.65 32.01 24.67
N GLU G 251 32.43 31.87 24.17
CA GLU G 251 31.73 32.93 23.45
C GLU G 251 31.63 34.21 24.29
N GLY G 252 31.12 34.06 25.51
CA GLY G 252 30.92 35.17 26.42
C GLY G 252 32.17 35.93 26.78
N SER G 253 33.21 35.20 27.19
CA SER G 253 34.47 35.82 27.59
C SER G 253 35.12 36.58 26.44
N LEU G 254 35.05 35.98 25.25
CA LEU G 254 35.56 36.63 24.05
C LEU G 254 34.80 37.91 23.77
N LYS G 255 33.48 37.83 23.77
CA LYS G 255 32.65 39.00 23.50
C LYS G 255 32.88 40.12 24.50
N THR G 256 33.05 39.77 25.77
CA THR G 256 33.33 40.76 26.80
C THR G 256 34.71 41.36 26.62
N ALA G 257 35.65 40.56 26.10
CA ALA G 257 36.99 41.05 25.83
C ALA G 257 36.99 41.99 24.62
N LEU G 258 35.92 41.94 23.83
CA LEU G 258 35.83 42.70 22.59
C LEU G 258 34.92 43.94 22.69
N THR G 259 34.43 44.22 23.89
CA THR G 259 33.42 45.26 24.09
C THR G 259 33.86 46.64 23.60
N GLY G 260 35.16 46.93 23.72
CA GLY G 260 35.66 48.25 23.39
C GLY G 260 36.16 48.34 21.95
N ALA G 261 36.10 47.21 21.25
CA ALA G 261 36.62 47.15 19.90
C ALA G 261 35.60 47.68 18.92
N MET G 262 36.12 48.13 17.80
CA MET G 262 35.29 48.62 16.71
C MET G 262 34.42 47.53 16.11
N ARG G 263 33.14 47.83 15.90
CA ARG G 263 32.20 46.81 15.44
C ARG G 263 32.19 46.65 13.91
N VAL G 264 31.77 45.47 13.46
CA VAL G 264 31.65 45.13 12.04
C VAL G 264 30.42 44.25 11.81
N THR G 265 29.69 44.53 10.73
CA THR G 265 28.51 43.76 10.33
C THR G 265 28.54 43.45 8.85
N LYS G 266 27.76 42.45 8.41
CA LYS G 266 27.73 42.09 6.99
C LYS G 266 26.63 41.10 6.62
N ASP G 267 25.73 41.52 5.73
CA ASP G 267 24.71 40.64 5.15
C ASP G 267 23.89 41.43 4.14
N THR G 268 23.02 40.74 3.42
CA THR G 268 22.12 41.39 2.48
C THR G 268 20.83 41.84 3.16
N LEU G 273 31.37 40.99 2.03
CA LEU G 273 30.76 42.31 2.09
C LEU G 273 30.76 42.82 3.54
N TYR G 274 31.94 43.20 4.02
CA TYR G 274 32.21 43.58 5.41
C TYR G 274 32.11 45.08 5.69
N LYS G 275 31.05 45.48 6.38
CA LYS G 275 30.86 46.89 6.71
C LYS G 275 31.83 47.27 7.80
N LEU G 276 32.00 48.57 8.00
CA LEU G 276 32.88 49.09 9.04
C LEU G 276 32.09 50.15 9.81
N HIS G 277 32.04 50.04 11.13
CA HIS G 277 31.24 50.94 11.97
C HIS G 277 31.92 52.22 12.42
N GLY G 278 32.70 52.81 11.53
CA GLY G 278 33.39 54.04 11.84
C GLY G 278 34.11 54.58 10.63
N GLY G 279 35.20 55.30 10.91
CA GLY G 279 36.03 55.90 9.89
C GLY G 279 35.33 57.13 9.35
N HIS G 280 35.97 57.79 8.41
CA HIS G 280 35.37 58.96 7.79
C HIS G 280 35.99 59.25 6.44
N VAL G 281 35.35 60.13 5.68
CA VAL G 281 35.85 60.45 4.34
C VAL G 281 36.03 61.95 4.16
N SER G 282 37.24 62.36 3.79
CA SER G 282 37.52 63.76 3.48
C SER G 282 37.30 64.01 2.00
N CYS G 283 36.42 64.96 1.66
CA CYS G 283 36.06 65.19 0.28
C CYS G 283 36.22 66.64 -0.14
N ARG G 284 36.71 66.83 -1.36
CA ARG G 284 36.76 68.14 -1.98
C ARG G 284 35.68 68.22 -3.06
N VAL G 285 34.74 69.13 -2.87
CA VAL G 285 33.56 69.22 -3.72
C VAL G 285 33.64 70.41 -4.67
N LYS G 286 33.55 70.13 -5.97
CA LYS G 286 33.55 71.18 -6.98
C LYS G 286 32.12 71.67 -7.23
N LEU G 287 31.90 72.97 -7.02
CA LEU G 287 30.56 73.54 -7.10
C LEU G 287 30.37 74.44 -8.31
N SER G 288 31.47 74.76 -8.99
CA SER G 288 31.45 75.74 -10.08
C SER G 288 30.56 75.31 -11.26
N ALA G 289 30.55 74.02 -11.56
CA ALA G 289 29.78 73.50 -12.69
C ALA G 289 28.31 73.29 -12.36
N LEU G 290 27.91 73.73 -11.17
CA LEU G 290 26.52 73.61 -10.70
C LEU G 290 25.69 74.83 -11.10
N THR G 291 24.56 74.61 -11.77
CA THR G 291 23.71 75.71 -12.23
C THR G 291 22.34 75.73 -11.55
N LEU G 292 21.78 76.92 -11.42
CA LEU G 292 20.45 77.08 -10.81
C LEU G 292 19.38 77.07 -11.90
N LYS G 293 18.36 76.25 -11.69
CA LYS G 293 17.32 76.04 -12.70
C LYS G 293 16.18 77.06 -12.57
N GLY G 294 15.65 77.48 -13.70
CA GLY G 294 14.49 78.35 -13.73
C GLY G 294 14.77 79.74 -13.22
N THR G 295 15.94 80.28 -13.58
CA THR G 295 16.28 81.66 -13.26
C THR G 295 15.51 82.62 -14.18
N SER G 296 14.97 82.10 -15.28
CA SER G 296 14.21 82.92 -16.25
C SER G 296 12.67 82.75 -16.26
N TYR G 297 12.15 81.89 -15.38
CA TYR G 297 10.71 81.68 -15.17
C TYR G 297 10.01 82.92 -14.61
N LYS G 298 8.69 83.00 -14.77
CA LYS G 298 7.92 84.07 -14.13
C LYS G 298 7.69 83.78 -12.65
N ILE G 299 7.21 84.78 -11.91
CA ILE G 299 6.89 84.61 -10.49
C ILE G 299 5.47 84.04 -10.29
N CYS G 300 5.34 83.04 -9.44
CA CYS G 300 4.03 82.47 -9.13
C CYS G 300 3.15 83.47 -8.40
N THR G 301 2.03 83.82 -9.03
CA THR G 301 1.11 84.81 -8.49
C THR G 301 -0.22 84.19 -8.05
N ASP G 302 -0.51 82.99 -8.53
CA ASP G 302 -1.76 82.32 -8.17
C ASP G 302 -1.77 81.95 -6.70
N LYS G 303 -2.97 81.69 -6.17
CA LYS G 303 -3.11 81.36 -4.76
C LYS G 303 -2.44 80.01 -4.51
N MET G 304 -1.62 79.94 -3.47
CA MET G 304 -0.90 78.71 -3.15
C MET G 304 -1.36 78.16 -1.81
N PHE G 305 -1.05 76.90 -1.54
CA PHE G 305 -1.48 76.25 -0.31
C PHE G 305 -0.35 75.49 0.37
N PHE G 306 -0.25 75.66 1.68
CA PHE G 306 0.66 74.88 2.49
C PHE G 306 0.17 73.44 2.57
N VAL G 307 0.77 72.56 1.78
CA VAL G 307 0.48 71.13 1.92
C VAL G 307 0.96 70.69 3.29
N LYS G 308 2.16 71.13 3.65
CA LYS G 308 2.66 70.92 5.00
C LYS G 308 3.17 72.22 5.60
N ASN G 309 2.55 72.64 6.71
CA ASN G 309 2.89 73.88 7.38
C ASN G 309 4.32 73.88 7.90
N PRO G 310 4.92 75.08 8.02
CA PRO G 310 6.27 75.25 8.57
C PRO G 310 6.46 74.60 9.95
N THR G 311 7.44 73.72 10.04
CA THR G 311 7.75 73.04 11.29
C THR G 311 9.26 73.05 11.56
N ASP G 312 9.62 73.03 12.84
CA ASP G 312 11.03 73.02 13.24
C ASP G 312 11.69 71.71 12.85
N THR G 313 12.91 71.79 12.34
CA THR G 313 13.65 70.61 11.90
C THR G 313 14.62 70.14 12.97
N GLY G 314 14.94 71.02 13.90
CA GLY G 314 15.93 70.74 14.92
C GLY G 314 17.30 71.19 14.48
N HIS G 315 17.39 71.63 13.22
CA HIS G 315 18.65 72.12 12.67
C HIS G 315 18.69 73.64 12.69
N GLY G 316 17.69 74.25 13.33
CA GLY G 316 17.58 75.69 13.36
C GLY G 316 16.87 76.23 12.12
N THR G 317 16.41 75.31 11.27
CA THR G 317 15.69 75.67 10.06
C THR G 317 14.23 75.24 10.13
N VAL G 318 13.44 75.69 9.15
CA VAL G 318 12.05 75.30 9.03
C VAL G 318 11.81 74.70 7.65
N VAL G 319 10.89 73.74 7.58
CA VAL G 319 10.52 73.13 6.30
C VAL G 319 9.01 73.22 6.05
N MET G 320 8.64 73.32 4.79
CA MET G 320 7.23 73.42 4.41
C MET G 320 6.99 72.85 3.02
N GLN G 321 5.77 72.39 2.76
CA GLN G 321 5.43 71.87 1.44
C GLN G 321 4.29 72.69 0.85
N VAL G 322 4.57 73.34 -0.28
CA VAL G 322 3.64 74.26 -0.93
C VAL G 322 3.12 73.72 -2.26
N LYS G 323 1.80 73.74 -2.45
CA LYS G 323 1.22 73.34 -3.72
C LYS G 323 1.01 74.52 -4.67
N VAL G 324 1.41 74.33 -5.93
CA VAL G 324 1.19 75.32 -6.97
C VAL G 324 0.13 74.82 -7.97
N SER G 325 -1.09 75.32 -7.83
CA SER G 325 -2.25 74.76 -8.55
C SER G 325 -2.40 75.17 -10.01
N LYS G 326 -2.28 76.46 -10.30
CA LYS G 326 -2.57 76.97 -11.64
C LYS G 326 -1.36 77.52 -12.36
N GLY G 327 -0.57 78.35 -11.66
CA GLY G 327 0.69 78.86 -12.17
C GLY G 327 1.59 77.95 -13.00
N ALA G 328 2.04 78.47 -14.14
CA ALA G 328 2.72 77.67 -15.15
C ALA G 328 4.13 77.42 -14.64
N PRO G 329 5.07 76.95 -15.49
CA PRO G 329 6.44 76.99 -14.95
C PRO G 329 6.82 78.36 -14.40
N CYS G 330 6.95 78.42 -13.08
CA CYS G 330 7.20 79.66 -12.37
C CYS G 330 7.98 79.39 -11.10
N ARG G 331 8.63 80.41 -10.56
CA ARG G 331 9.38 80.29 -9.31
C ARG G 331 8.62 80.87 -8.15
N ILE G 332 8.88 80.33 -6.97
CA ILE G 332 8.20 80.78 -5.78
C ILE G 332 9.08 81.70 -4.94
N PRO G 333 8.57 82.91 -4.66
CA PRO G 333 9.26 83.87 -3.80
C PRO G 333 9.05 83.58 -2.31
N VAL G 334 10.11 83.14 -1.64
CA VAL G 334 10.06 82.84 -0.22
C VAL G 334 11.00 83.73 0.57
N ILE G 335 10.45 84.50 1.51
CA ILE G 335 11.28 85.34 2.37
C ILE G 335 10.85 85.23 3.83
N VAL G 336 11.76 85.55 4.75
CA VAL G 336 11.42 85.62 6.15
C VAL G 336 11.72 87.02 6.69
N ALA G 337 10.69 87.83 6.88
CA ALA G 337 10.90 89.21 7.28
C ALA G 337 10.59 89.41 8.76
N ASP G 338 11.02 90.53 9.33
CA ASP G 338 10.74 90.81 10.74
C ASP G 338 9.47 91.65 10.88
N ASP G 339 8.82 91.92 9.76
CA ASP G 339 7.63 92.76 9.78
C ASP G 339 6.75 92.39 8.60
N LEU G 340 5.44 92.60 8.74
CA LEU G 340 4.48 92.25 7.69
C LEU G 340 4.40 93.29 6.58
N THR G 341 4.66 94.54 6.93
CA THR G 341 4.62 95.62 5.96
C THR G 341 5.92 95.64 5.15
N ALA G 342 7.03 95.66 5.87
CA ALA G 342 8.36 95.66 5.27
C ALA G 342 8.69 94.32 4.61
N ALA G 343 9.10 94.37 3.35
CA ALA G 343 9.46 93.17 2.60
C ALA G 343 10.96 92.94 2.59
N ILE G 344 11.58 93.01 3.76
CA ILE G 344 13.04 92.85 3.86
C ILE G 344 13.41 91.48 4.39
N ASN G 345 14.04 90.67 3.53
CA ASN G 345 14.40 89.30 3.89
C ASN G 345 15.57 89.25 4.88
N LYS G 346 15.29 88.72 6.07
CA LYS G 346 16.34 88.52 7.07
C LYS G 346 16.76 87.06 7.18
N GLY G 347 16.01 86.18 6.52
CA GLY G 347 16.28 84.76 6.59
C GLY G 347 17.18 84.27 5.47
N ILE G 348 17.78 83.11 5.68
CA ILE G 348 18.65 82.51 4.68
C ILE G 348 17.95 81.31 4.05
N LEU G 349 17.83 81.33 2.73
CA LEU G 349 17.11 80.30 2.00
C LEU G 349 18.00 79.10 1.70
N VAL G 350 17.62 77.94 2.22
CA VAL G 350 18.36 76.72 1.96
C VAL G 350 17.99 76.16 0.59
N THR G 351 16.69 76.15 0.30
CA THR G 351 16.22 75.78 -1.03
C THR G 351 16.32 77.01 -1.94
N VAL G 352 17.52 77.25 -2.47
CA VAL G 352 17.77 78.46 -3.25
C VAL G 352 16.96 78.44 -4.55
N ASN G 353 16.21 79.52 -4.76
CA ASN G 353 15.32 79.65 -5.92
C ASN G 353 14.37 78.48 -6.07
N PRO G 354 13.31 78.43 -5.26
CA PRO G 354 12.23 77.44 -5.32
C PRO G 354 11.58 77.40 -6.69
N ILE G 355 10.95 76.28 -7.04
CA ILE G 355 10.44 76.11 -8.40
C ILE G 355 9.15 75.30 -8.47
N ALA G 356 8.32 75.63 -9.45
CA ALA G 356 7.13 74.86 -9.77
C ALA G 356 7.14 74.55 -11.25
N SER G 357 7.56 73.35 -11.62
CA SER G 357 7.67 72.98 -13.03
C SER G 357 6.31 72.75 -13.66
N THR G 358 5.59 71.75 -13.16
CA THR G 358 4.25 71.45 -13.65
C THR G 358 3.20 72.04 -12.70
N ASN G 359 1.94 71.80 -13.00
CA ASN G 359 0.85 72.27 -12.15
C ASN G 359 0.45 71.23 -11.11
N ASP G 360 -0.23 71.69 -10.06
CA ASP G 360 -0.57 70.86 -8.90
C ASP G 360 0.69 70.23 -8.28
N ASP G 361 1.82 70.89 -8.47
CA ASP G 361 3.10 70.40 -7.99
C ASP G 361 3.33 70.81 -6.53
N GLU G 362 3.75 69.85 -5.72
CA GLU G 362 4.08 70.11 -4.33
C GLU G 362 5.59 70.26 -4.18
N VAL G 363 6.02 71.40 -3.66
CA VAL G 363 7.43 71.75 -3.58
C VAL G 363 7.86 72.00 -2.13
N LEU G 364 8.98 71.38 -1.74
CA LEU G 364 9.48 71.47 -0.37
C LEU G 364 10.50 72.61 -0.22
N ILE G 365 10.19 73.54 0.66
CA ILE G 365 11.07 74.68 0.95
C ILE G 365 11.68 74.55 2.35
N GLU G 366 12.98 74.80 2.45
CA GLU G 366 13.65 74.87 3.73
C GLU G 366 14.30 76.25 3.90
N VAL G 367 13.95 76.94 4.97
CA VAL G 367 14.50 78.27 5.22
C VAL G 367 15.16 78.33 6.58
N ASN G 368 16.21 79.14 6.70
CA ASN G 368 16.86 79.37 7.99
C ASN G 368 16.45 80.72 8.56
N PRO G 369 15.44 80.72 9.45
CA PRO G 369 14.88 81.96 10.01
C PRO G 369 15.85 82.64 10.97
N PRO G 370 15.66 83.96 11.21
CA PRO G 370 16.48 84.69 12.17
C PRO G 370 16.02 84.47 13.60
N PHE G 371 16.85 84.82 14.58
CA PHE G 371 16.48 84.69 15.98
C PHE G 371 15.36 85.64 16.37
N GLY G 372 14.44 85.14 17.20
CA GLY G 372 13.33 85.94 17.69
C GLY G 372 12.05 85.70 16.92
N ASP G 373 11.20 86.71 16.87
CA ASP G 373 9.95 86.61 16.15
C ASP G 373 10.16 86.99 14.69
N SER G 374 9.46 86.30 13.79
CA SER G 374 9.58 86.57 12.36
C SER G 374 8.36 86.09 11.59
N TYR G 375 8.31 86.45 10.31
CA TYR G 375 7.21 86.08 9.44
C TYR G 375 7.70 85.35 8.19
N ILE G 376 7.15 84.17 7.94
CA ILE G 376 7.42 83.43 6.71
C ILE G 376 6.42 83.82 5.62
N ILE G 377 6.93 84.44 4.57
CA ILE G 377 6.11 84.95 3.47
C ILE G 377 6.39 84.23 2.16
N VAL G 378 5.32 83.64 1.60
CA VAL G 378 5.40 82.92 0.34
C VAL G 378 4.45 83.54 -0.67
N GLY G 379 5.00 84.21 -1.68
CA GLY G 379 4.20 84.87 -2.69
C GLY G 379 4.09 86.36 -2.40
N ARG G 380 3.29 87.06 -3.19
CA ARG G 380 3.12 88.50 -3.01
C ARG G 380 1.64 88.87 -3.05
N GLY G 381 1.33 90.08 -2.61
CA GLY G 381 -0.02 90.59 -2.69
C GLY G 381 -0.94 90.01 -1.63
N ASP G 382 -2.20 89.80 -2.01
CA ASP G 382 -3.20 89.22 -1.13
C ASP G 382 -3.23 87.69 -1.22
N SER G 383 -2.65 87.14 -2.29
CA SER G 383 -2.67 85.70 -2.53
C SER G 383 -1.62 84.96 -1.70
N ARG G 384 -0.71 85.73 -1.11
CA ARG G 384 0.45 85.21 -0.40
C ARG G 384 0.13 84.50 0.92
N LEU G 385 0.98 83.54 1.28
CA LEU G 385 0.87 82.81 2.53
C LEU G 385 1.80 83.41 3.58
N THR G 386 1.25 83.65 4.78
CA THR G 386 2.06 84.16 5.88
C THR G 386 1.99 83.22 7.08
N TYR G 387 3.14 82.94 7.69
CA TYR G 387 3.20 82.06 8.84
C TYR G 387 4.20 82.57 9.89
N GLN G 388 3.68 82.91 11.06
CA GLN G 388 4.48 83.45 12.16
C GLN G 388 5.41 82.40 12.77
N TRP G 389 6.65 82.81 13.02
CA TRP G 389 7.63 81.90 13.60
C TRP G 389 8.36 82.53 14.78
N HIS G 390 8.61 81.72 15.80
CA HIS G 390 9.37 82.17 16.95
C HIS G 390 10.60 81.28 17.07
N LYS G 391 11.76 81.87 17.31
CA LYS G 391 13.00 81.11 17.37
C LYS G 391 13.89 81.56 18.54
N GLU G 392 14.49 80.58 19.22
CA GLU G 392 15.35 80.83 20.36
C GLU G 392 16.67 81.46 19.95
N GLU H 1 50.23 -0.50 21.26
CA GLU H 1 49.84 -1.45 20.22
C GLU H 1 49.34 -2.77 20.83
N VAL H 2 48.14 -2.73 21.40
CA VAL H 2 47.56 -3.90 22.03
C VAL H 2 47.32 -5.03 21.04
N GLN H 3 47.90 -6.19 21.32
CA GLN H 3 47.80 -7.35 20.47
C GLN H 3 47.35 -8.57 21.26
N LEU H 4 46.50 -9.39 20.65
CA LEU H 4 46.04 -10.63 21.29
C LEU H 4 46.49 -11.83 20.47
N VAL H 5 46.96 -12.88 21.15
CA VAL H 5 47.33 -14.11 20.46
C VAL H 5 46.76 -15.35 21.14
N GLU H 6 46.03 -16.17 20.41
CA GLU H 6 45.47 -17.39 20.97
C GLU H 6 46.36 -18.59 20.70
N SER H 7 46.36 -19.54 21.63
CA SER H 7 47.19 -20.72 21.54
C SER H 7 46.53 -21.91 22.23
N GLY H 8 46.95 -23.11 21.88
CA GLY H 8 46.42 -24.32 22.47
C GLY H 8 46.32 -25.49 21.51
N PRO H 9 45.79 -26.62 21.98
CA PRO H 9 45.57 -27.86 21.23
C PRO H 9 44.81 -27.65 19.93
N ARG H 10 45.40 -28.02 18.80
CA ARG H 10 44.76 -27.80 17.51
C ARG H 10 43.76 -28.91 17.21
N LEU H 11 44.07 -30.11 17.69
CA LEU H 11 43.20 -31.27 17.53
C LEU H 11 42.63 -31.73 18.85
N VAL H 12 41.30 -31.75 18.94
CA VAL H 12 40.62 -32.16 20.16
C VAL H 12 39.64 -33.30 19.89
N LYS H 13 39.80 -34.40 20.61
CA LYS H 13 38.91 -35.54 20.50
C LYS H 13 37.56 -35.27 21.16
N PRO H 14 36.50 -35.91 20.65
CA PRO H 14 35.17 -35.80 21.27
C PRO H 14 35.16 -36.25 22.74
N SER H 15 34.17 -35.80 23.50
CA SER H 15 33.96 -36.15 24.91
C SER H 15 35.03 -35.65 25.88
N GLU H 16 36.00 -34.90 25.37
CA GLU H 16 37.07 -34.38 26.21
C GLU H 16 36.81 -32.87 26.48
N THR H 17 37.85 -32.09 26.70
CA THR H 17 37.71 -30.64 26.86
C THR H 17 38.65 -29.78 25.99
N LEU H 18 38.30 -28.51 25.78
CA LEU H 18 39.07 -27.61 24.91
C LEU H 18 39.64 -26.46 25.72
N SER H 19 40.97 -26.45 25.84
CA SER H 19 41.67 -25.47 26.64
C SER H 19 42.47 -24.53 25.74
N LEU H 20 41.88 -23.38 25.43
CA LEU H 20 42.57 -22.38 24.64
C LEU H 20 42.98 -21.23 25.54
N THR H 21 44.05 -20.54 25.18
CA THR H 21 44.53 -19.43 25.98
C THR H 21 44.90 -18.23 25.11
N CYS H 22 44.30 -17.08 25.43
CA CYS H 22 44.60 -15.83 24.75
C CYS H 22 45.53 -14.97 25.59
N THR H 23 46.64 -14.59 24.97
CA THR H 23 47.67 -13.76 25.59
C THR H 23 47.52 -12.32 25.14
N VAL H 24 47.45 -11.42 26.12
CA VAL H 24 47.25 -9.99 25.87
C VAL H 24 48.53 -9.22 26.09
N SER H 25 49.02 -8.56 25.04
CA SER H 25 50.22 -7.75 25.14
C SER H 25 49.95 -6.30 24.75
N GLY H 26 50.73 -5.38 25.33
CA GLY H 26 50.61 -3.96 24.99
C GLY H 26 49.62 -3.21 25.86
N GLY H 27 48.98 -3.92 26.77
CA GLY H 27 48.00 -3.32 27.67
C GLY H 27 47.56 -4.29 28.73
N SER H 28 47.15 -3.77 29.89
CA SER H 28 46.74 -4.61 31.00
C SER H 28 45.31 -5.12 30.81
N THR H 29 44.87 -6.01 31.69
CA THR H 29 43.56 -6.64 31.57
C THR H 29 42.59 -6.17 32.64
N TYR H 30 42.91 -5.06 33.30
CA TYR H 30 42.06 -4.53 34.36
C TYR H 30 40.72 -4.04 33.79
N ASN H 31 40.80 -3.32 32.68
CA ASN H 31 39.59 -2.82 32.01
C ASN H 31 39.03 -3.80 30.99
N HIS H 32 37.91 -3.41 30.38
CA HIS H 32 37.34 -4.07 29.21
C HIS H 32 36.83 -5.48 29.49
N HIS H 33 36.04 -6.00 28.56
CA HIS H 33 35.51 -7.35 28.68
C HIS H 33 36.20 -8.28 27.68
N TRP H 34 36.94 -9.26 28.20
CA TRP H 34 37.75 -10.12 27.34
C TRP H 34 36.93 -11.31 26.86
N SER H 35 36.73 -11.36 25.54
CA SER H 35 35.74 -12.24 24.94
C SER H 35 36.32 -13.28 23.99
N TRP H 36 35.52 -14.32 23.74
CA TRP H 36 35.85 -15.34 22.75
C TRP H 36 34.78 -15.40 21.67
N ILE H 37 35.21 -15.55 20.41
CA ILE H 37 34.29 -15.63 19.28
C ILE H 37 34.75 -16.73 18.34
N ARG H 38 33.84 -17.55 17.85
CA ARG H 38 34.26 -18.63 16.96
C ARG H 38 33.56 -18.57 15.61
N GLN H 39 34.19 -19.18 14.60
CA GLN H 39 33.65 -19.16 13.25
C GLN H 39 34.01 -20.45 12.53
N PRO H 40 33.02 -21.35 12.38
CA PRO H 40 33.18 -22.58 11.59
C PRO H 40 33.46 -22.28 10.12
N PRO H 41 34.26 -23.15 9.46
CA PRO H 41 34.62 -22.97 8.05
C PRO H 41 33.41 -22.77 7.17
N GLY H 42 33.37 -21.64 6.47
CA GLY H 42 32.29 -21.35 5.55
C GLY H 42 30.98 -20.95 6.21
N ARG H 43 31.04 -20.58 7.48
CA ARG H 43 29.83 -20.16 8.19
C ARG H 43 30.08 -18.81 8.85
N GLY H 44 29.12 -18.36 9.64
CA GLY H 44 29.16 -17.04 10.25
C GLY H 44 29.84 -17.01 11.61
N LEU H 45 29.95 -15.81 12.17
CA LEU H 45 30.58 -15.60 13.46
C LEU H 45 29.63 -15.95 14.60
N GLU H 46 30.16 -16.61 15.63
CA GLU H 46 29.38 -16.94 16.81
C GLU H 46 30.03 -16.39 18.08
N TRP H 47 29.37 -15.44 18.73
CA TRP H 47 29.87 -14.85 19.96
C TRP H 47 29.72 -15.82 21.12
N ILE H 48 30.85 -16.28 21.67
CA ILE H 48 30.84 -17.28 22.73
C ILE H 48 30.52 -16.68 24.10
N GLY H 49 31.38 -15.78 24.57
CA GLY H 49 31.19 -15.16 25.86
C GLY H 49 32.31 -14.22 26.25
N TYR H 50 32.29 -13.75 27.50
CA TYR H 50 33.34 -12.87 27.99
C TYR H 50 33.62 -13.05 29.48
N ILE H 51 34.74 -12.48 29.93
CA ILE H 51 35.02 -12.36 31.36
C ILE H 51 35.69 -11.03 31.64
N SER H 52 35.45 -10.48 32.83
CA SER H 52 36.06 -9.23 33.24
C SER H 52 36.99 -9.43 34.43
N TYR H 53 37.76 -8.41 34.77
CA TYR H 53 38.62 -8.47 35.95
C TYR H 53 37.80 -8.49 37.23
N SER H 54 36.60 -7.90 37.15
CA SER H 54 35.68 -7.89 38.28
C SER H 54 35.21 -9.29 38.64
N GLY H 55 35.15 -10.16 37.63
CA GLY H 55 34.69 -11.52 37.82
C GLY H 55 33.38 -11.76 37.10
N LYS H 56 32.68 -10.68 36.79
CA LYS H 56 31.41 -10.78 36.07
C LYS H 56 31.62 -11.34 34.68
N SER H 57 30.82 -12.33 34.32
CA SER H 57 30.95 -12.99 33.02
C SER H 57 29.59 -13.28 32.41
N ASN H 58 29.59 -13.62 31.13
CA ASN H 58 28.38 -14.04 30.43
C ASN H 58 28.73 -14.90 29.23
N TYR H 59 27.97 -15.98 29.05
CA TYR H 59 28.21 -16.93 27.98
C TYR H 59 27.01 -17.03 27.05
N ASN H 60 27.26 -17.42 25.81
CA ASN H 60 26.20 -17.70 24.85
C ASN H 60 25.26 -18.77 25.41
N PRO H 61 23.95 -18.47 25.45
CA PRO H 61 22.95 -19.37 26.03
C PRO H 61 22.99 -20.75 25.39
N SER H 62 23.30 -20.82 24.10
CA SER H 62 23.40 -22.09 23.40
C SER H 62 24.69 -22.82 23.74
N LEU H 63 25.57 -22.16 24.48
CA LEU H 63 26.89 -22.71 24.81
C LEU H 63 27.21 -22.65 26.30
N LYS H 64 26.37 -21.95 27.06
CA LYS H 64 26.65 -21.64 28.46
C LYS H 64 26.93 -22.89 29.31
N SER H 65 26.22 -23.97 29.01
CA SER H 65 26.34 -25.20 29.79
C SER H 65 27.74 -25.80 29.72
N ARG H 66 28.47 -25.51 28.65
CA ARG H 66 29.78 -26.10 28.43
C ARG H 66 30.92 -25.08 28.59
N VAL H 67 30.67 -23.85 28.17
CA VAL H 67 31.73 -22.84 28.10
C VAL H 67 32.10 -22.30 29.48
N THR H 68 33.41 -22.22 29.73
CA THR H 68 33.95 -21.58 30.93
C THR H 68 35.11 -20.67 30.56
N ILE H 69 34.94 -19.37 30.78
CA ILE H 69 36.00 -18.42 30.47
C ILE H 69 36.59 -17.85 31.75
N SER H 70 37.91 -17.98 31.91
CA SER H 70 38.58 -17.56 33.14
C SER H 70 39.64 -16.51 32.85
N LEU H 71 40.02 -15.75 33.86
CA LEU H 71 40.97 -14.64 33.66
C LEU H 71 42.14 -14.71 34.63
N GLU H 72 43.35 -14.74 34.08
CA GLU H 72 44.58 -14.65 34.87
C GLU H 72 45.26 -13.30 34.59
N PRO H 73 45.00 -12.32 35.46
CA PRO H 73 45.45 -10.92 35.29
C PRO H 73 46.96 -10.74 35.48
N SER H 74 47.55 -11.52 36.37
CA SER H 74 48.97 -11.40 36.69
C SER H 74 49.85 -11.60 35.45
N THR H 75 49.52 -12.62 34.66
CA THR H 75 50.26 -12.91 33.44
C THR H 75 49.59 -12.24 32.25
N THR H 76 48.54 -11.48 32.54
CA THR H 76 47.75 -10.77 31.53
C THR H 76 47.27 -11.69 30.40
N GLN H 77 46.60 -12.78 30.76
CA GLN H 77 46.02 -13.67 29.75
C GLN H 77 44.77 -14.35 30.27
N PHE H 78 43.86 -14.71 29.36
CA PHE H 78 42.61 -15.34 29.77
C PHE H 78 42.36 -16.62 28.98
N SER H 79 41.57 -17.53 29.54
CA SER H 79 41.43 -18.87 28.98
C SER H 79 39.99 -19.25 28.65
N LEU H 80 39.84 -19.98 27.55
CA LEU H 80 38.57 -20.59 27.15
C LEU H 80 38.57 -22.09 27.42
N LYS H 81 37.49 -22.57 28.01
CA LYS H 81 37.33 -23.97 28.35
C LYS H 81 36.01 -24.52 27.81
N LEU H 82 36.06 -25.32 26.75
CA LEU H 82 34.84 -25.84 26.16
C LEU H 82 34.67 -27.35 26.38
N ASN H 83 33.61 -27.76 27.06
CA ASN H 83 33.43 -29.18 27.36
C ASN H 83 32.48 -29.87 26.39
N SER H 84 32.37 -31.19 26.53
CA SER H 84 31.43 -32.02 25.77
C SER H 84 31.42 -31.72 24.27
N LEU H 85 32.59 -31.83 23.63
CA LEU H 85 32.73 -31.42 22.24
C LEU H 85 31.95 -32.27 21.25
N THR H 86 31.84 -31.75 20.03
CA THR H 86 31.17 -32.42 18.93
C THR H 86 31.77 -31.88 17.63
N ALA H 87 31.28 -32.37 16.50
CA ALA H 87 31.78 -31.92 15.20
C ALA H 87 31.35 -30.48 14.91
N ALA H 88 30.31 -30.01 15.61
CA ALA H 88 29.82 -28.65 15.43
C ALA H 88 30.76 -27.64 16.06
N ASP H 89 31.51 -28.07 17.07
CA ASP H 89 32.41 -27.20 17.79
C ASP H 89 33.73 -27.01 17.03
N THR H 90 33.84 -27.67 15.89
CA THR H 90 34.99 -27.51 15.00
C THR H 90 34.95 -26.14 14.33
N ALA H 91 35.86 -25.24 14.73
CA ALA H 91 35.80 -23.87 14.25
C ALA H 91 37.08 -23.07 14.49
N VAL H 92 37.17 -21.90 13.88
CA VAL H 92 38.28 -20.98 14.13
C VAL H 92 37.97 -20.12 15.35
N TYR H 93 38.81 -20.23 16.38
CA TYR H 93 38.59 -19.52 17.63
C TYR H 93 39.43 -18.26 17.74
N TYR H 94 38.74 -17.12 17.82
CA TYR H 94 39.32 -15.81 18.04
C TYR H 94 39.17 -15.38 19.49
N CYS H 95 40.21 -14.75 20.02
CA CYS H 95 40.10 -14.03 21.28
C CYS H 95 40.07 -12.53 20.95
N ALA H 96 39.19 -11.78 21.61
CA ALA H 96 39.05 -10.37 21.30
C ALA H 96 38.78 -9.52 22.53
N ARG H 97 39.15 -8.25 22.45
CA ARG H 97 38.92 -7.30 23.52
C ARG H 97 37.68 -6.46 23.25
N GLU H 98 36.70 -6.52 24.14
CA GLU H 98 35.58 -5.60 24.07
C GLU H 98 35.91 -4.36 24.89
N TYR H 99 36.22 -3.27 24.19
CA TYR H 99 36.61 -2.03 24.83
C TYR H 99 35.41 -1.40 25.53
N ARG H 100 35.54 -1.15 26.83
CA ARG H 100 34.49 -0.48 27.59
C ARG H 100 35.10 0.57 28.52
N ASP H 101 34.70 1.81 28.33
CA ASP H 101 35.16 2.91 29.16
C ASP H 101 34.00 3.45 29.99
N ASP H 102 33.94 3.07 31.26
CA ASP H 102 32.84 3.48 32.13
C ASP H 102 33.11 4.82 32.81
N THR H 103 34.24 5.44 32.47
CA THR H 103 34.58 6.74 33.02
C THR H 103 34.11 7.86 32.09
N ASN H 104 34.38 7.69 30.80
CA ASN H 104 33.99 8.67 29.80
C ASN H 104 32.84 8.19 28.91
N TYR H 105 32.35 6.99 29.20
CA TYR H 105 31.19 6.42 28.52
C TYR H 105 31.44 6.19 27.03
N TYR H 106 32.48 5.40 26.73
CA TYR H 106 32.77 5.01 25.36
C TYR H 106 32.84 3.48 25.23
N TYR H 107 32.18 2.96 24.21
CA TYR H 107 32.09 1.52 24.00
C TYR H 107 32.23 1.19 22.51
N TYR H 108 33.33 0.54 22.16
CA TYR H 108 33.64 0.27 20.76
C TYR H 108 33.42 -1.19 20.38
N SER H 109 32.71 -1.93 21.23
CA SER H 109 32.52 -3.36 21.04
C SER H 109 33.86 -4.08 20.92
N LEU H 110 33.90 -5.14 20.12
CA LEU H 110 35.13 -5.89 19.92
C LEU H 110 36.04 -5.13 18.96
N ASP H 111 37.03 -4.43 19.51
CA ASP H 111 37.86 -3.54 18.71
C ASP H 111 39.22 -4.15 18.36
N VAL H 112 39.70 -5.06 19.19
CA VAL H 112 40.99 -5.70 18.96
C VAL H 112 40.83 -7.21 18.91
N TRP H 113 41.29 -7.83 17.83
CA TRP H 113 41.11 -9.26 17.64
C TRP H 113 42.45 -10.00 17.55
N GLY H 114 42.40 -11.31 17.74
CA GLY H 114 43.56 -12.15 17.51
C GLY H 114 43.45 -12.77 16.13
N PRO H 115 44.56 -13.33 15.62
CA PRO H 115 44.56 -13.95 14.30
C PRO H 115 43.60 -15.14 14.19
N GLY H 116 43.37 -15.82 15.31
CA GLY H 116 42.45 -16.95 15.34
C GLY H 116 43.14 -18.27 15.11
N THR H 117 42.75 -19.29 15.87
CA THR H 117 43.32 -20.63 15.70
C THR H 117 42.25 -21.67 15.37
N MET H 118 42.51 -22.47 14.34
CA MET H 118 41.55 -23.47 13.88
C MET H 118 41.55 -24.75 14.71
N VAL H 119 40.44 -24.99 15.41
CA VAL H 119 40.31 -26.21 16.21
C VAL H 119 39.37 -27.22 15.55
N THR H 120 39.82 -28.47 15.49
CA THR H 120 39.07 -29.56 14.89
C THR H 120 38.87 -30.69 15.89
N GLN I 1 17.90 -14.37 23.32
CA GLN I 1 19.02 -13.78 22.59
C GLN I 1 18.54 -13.09 21.31
N ILE I 2 18.94 -11.83 21.16
CA ILE I 2 18.53 -11.01 20.02
C ILE I 2 18.96 -11.63 18.69
N VAL I 3 18.08 -11.61 17.70
CA VAL I 3 18.38 -12.19 16.40
C VAL I 3 18.67 -11.09 15.38
N MET I 4 19.82 -11.20 14.72
CA MET I 4 20.23 -10.22 13.73
C MET I 4 20.12 -10.80 12.32
N THR I 5 19.50 -10.05 11.42
CA THR I 5 19.44 -10.43 10.02
C THR I 5 20.14 -9.39 9.16
N GLN I 6 20.62 -9.81 8.00
CA GLN I 6 21.29 -8.90 7.08
C GLN I 6 20.75 -9.07 5.67
N SER I 7 20.80 -8.01 4.88
CA SER I 7 20.29 -8.05 3.52
C SER I 7 21.10 -7.15 2.59
N PRO I 8 21.51 -7.66 1.43
CA PRO I 8 21.24 -9.02 0.95
C PRO I 8 22.23 -10.05 1.49
N SER I 9 22.04 -11.31 1.13
CA SER I 9 22.97 -12.37 1.54
C SER I 9 24.28 -12.23 0.76
N THR I 10 24.17 -11.88 -0.51
CA THR I 10 25.34 -11.68 -1.36
C THR I 10 25.10 -10.51 -2.30
N LEU I 11 26.15 -9.74 -2.59
CA LEU I 11 26.02 -8.60 -3.49
C LEU I 11 27.24 -8.48 -4.40
N SER I 12 27.00 -8.44 -5.70
CA SER I 12 28.06 -8.25 -6.68
C SER I 12 28.01 -6.83 -7.25
N ALA I 13 29.17 -6.16 -7.25
CA ALA I 13 29.26 -4.79 -7.74
C ALA I 13 30.64 -4.52 -8.33
N SER I 14 30.81 -3.33 -8.87
CA SER I 14 32.09 -2.97 -9.50
C SER I 14 32.74 -1.82 -8.75
N VAL I 15 34.03 -1.61 -9.00
CA VAL I 15 34.78 -0.54 -8.37
C VAL I 15 34.20 0.82 -8.79
N GLY I 16 33.84 1.63 -7.80
CA GLY I 16 33.28 2.94 -8.08
C GLY I 16 31.78 3.01 -7.83
N ASP I 17 31.18 1.87 -7.52
CA ASP I 17 29.74 1.81 -7.26
C ASP I 17 29.43 2.33 -5.87
N ARG I 18 28.18 2.74 -5.66
CA ARG I 18 27.74 3.09 -4.32
C ARG I 18 26.93 1.90 -3.82
N VAL I 19 27.40 1.26 -2.75
CA VAL I 19 26.73 0.07 -2.25
C VAL I 19 26.15 0.28 -0.86
N THR I 20 25.09 -0.46 -0.58
CA THR I 20 24.36 -0.32 0.69
C THR I 20 23.89 -1.66 1.25
N ILE I 21 24.43 -2.02 2.41
CA ILE I 21 24.02 -3.24 3.10
C ILE I 21 23.10 -2.89 4.26
N THR I 22 22.05 -3.66 4.49
CA THR I 22 21.12 -3.38 5.57
C THR I 22 21.19 -4.42 6.67
N CYS I 23 20.93 -3.97 7.90
CA CYS I 23 21.01 -4.83 9.07
C CYS I 23 19.83 -4.59 10.01
N ARG I 24 19.29 -5.72 10.48
CA ARG I 24 18.05 -5.76 11.26
C ARG I 24 18.16 -6.47 12.60
N ALA I 25 17.65 -5.84 13.65
CA ALA I 25 17.58 -6.49 14.94
C ALA I 25 16.14 -6.91 15.27
N SER I 26 15.99 -8.01 16.00
CA SER I 26 14.68 -8.52 16.39
C SER I 26 13.95 -7.53 17.29
N GLN I 27 14.71 -6.80 18.09
CA GLN I 27 14.16 -5.74 18.94
C GLN I 27 15.06 -4.51 18.87
N SER I 28 14.64 -3.45 19.55
CA SER I 28 15.40 -2.21 19.55
C SER I 28 16.73 -2.40 20.27
N ILE I 29 17.82 -1.94 19.65
CA ILE I 29 19.14 -2.04 20.26
C ILE I 29 19.77 -0.67 20.40
N GLY I 30 18.93 0.37 20.36
CA GLY I 30 19.41 1.74 20.44
C GLY I 30 20.29 2.10 19.26
N SER I 31 21.48 2.62 19.56
CA SER I 31 22.45 2.93 18.52
C SER I 31 23.66 2.00 18.65
N TRP I 32 23.56 1.04 19.56
CA TRP I 32 24.68 0.14 19.83
C TRP I 32 24.78 -0.93 18.74
N LEU I 33 25.33 -0.55 17.60
CA LEU I 33 25.56 -1.48 16.50
C LEU I 33 26.96 -1.30 15.91
N ALA I 34 27.61 -2.41 15.62
CA ALA I 34 28.95 -2.38 15.04
C ALA I 34 29.00 -3.07 13.69
N TRP I 35 29.82 -2.52 12.78
CA TRP I 35 30.07 -3.12 11.48
C TRP I 35 31.51 -3.61 11.38
N TYR I 36 31.65 -4.86 10.97
CA TYR I 36 32.94 -5.55 10.85
C TYR I 36 33.20 -6.01 9.43
N GLN I 37 34.46 -5.92 9.01
CA GLN I 37 34.91 -6.38 7.70
C GLN I 37 35.81 -7.61 7.83
N GLN I 38 35.44 -8.70 7.17
CA GLN I 38 36.24 -9.90 7.25
C GLN I 38 36.70 -10.34 5.86
N LYS I 39 38.00 -10.49 5.70
CA LYS I 39 38.58 -11.05 4.49
C LYS I 39 38.98 -12.49 4.77
N PRO I 40 38.97 -13.36 3.74
CA PRO I 40 39.25 -14.79 3.93
C PRO I 40 40.55 -15.06 4.66
N GLY I 41 40.47 -15.84 5.74
CA GLY I 41 41.65 -16.18 6.50
C GLY I 41 42.09 -15.13 7.50
N LYS I 42 41.40 -13.98 7.52
CA LYS I 42 41.74 -12.88 8.40
C LYS I 42 40.65 -12.71 9.46
N ALA I 43 40.99 -12.06 10.56
CA ALA I 43 40.02 -11.76 11.62
C ALA I 43 39.18 -10.57 11.19
N PRO I 44 37.93 -10.48 11.70
CA PRO I 44 37.10 -9.31 11.44
C PRO I 44 37.72 -8.03 11.97
N LYS I 45 37.66 -6.96 11.19
CA LYS I 45 38.17 -5.67 11.62
C LYS I 45 37.01 -4.74 11.91
N LEU I 46 37.13 -3.96 12.99
CA LEU I 46 36.07 -3.05 13.37
C LEU I 46 36.04 -1.86 12.42
N LEU I 47 34.93 -1.72 11.71
CA LEU I 47 34.75 -0.60 10.80
C LEU I 47 33.92 0.48 11.47
N ILE I 48 32.68 0.12 11.82
CA ILE I 48 31.78 1.10 12.42
C ILE I 48 31.44 0.70 13.85
N TYR I 49 31.31 1.70 14.72
CA TYR I 49 30.78 1.46 16.07
C TYR I 49 29.70 2.48 16.36
N LYS I 50 28.78 2.12 17.25
CA LYS I 50 27.63 2.96 17.58
C LYS I 50 26.90 3.45 16.32
N ALA I 51 26.58 2.50 15.44
CA ALA I 51 25.76 2.74 14.25
C ALA I 51 26.40 3.64 13.20
N SER I 52 26.98 4.77 13.61
CA SER I 52 27.42 5.78 12.65
C SER I 52 28.86 6.24 12.82
N SER I 53 29.48 5.91 13.95
CA SER I 53 30.83 6.39 14.23
C SER I 53 31.92 5.50 13.63
N LEU I 54 32.82 6.10 12.85
CA LEU I 54 33.91 5.36 12.22
C LEU I 54 35.08 5.12 13.16
N GLU I 55 35.61 3.91 13.13
CA GLU I 55 36.84 3.58 13.85
C GLU I 55 38.05 4.08 13.07
N SER I 56 39.01 4.67 13.75
CA SER I 56 40.23 5.16 13.11
C SER I 56 41.21 4.02 12.83
N GLY I 57 41.75 3.97 11.62
CA GLY I 57 41.43 4.94 10.59
C GLY I 57 40.75 4.33 9.36
N VAL I 58 39.46 4.06 9.49
CA VAL I 58 38.68 3.55 8.38
C VAL I 58 38.38 4.67 7.38
N PRO I 59 38.63 4.41 6.08
CA PRO I 59 38.39 5.35 4.97
C PRO I 59 37.03 6.04 5.05
N SER I 60 36.99 7.32 4.69
CA SER I 60 35.78 8.14 4.83
C SER I 60 34.68 7.73 3.86
N ARG I 61 35.00 6.83 2.93
CA ARG I 61 34.00 6.32 1.99
C ARG I 61 33.03 5.40 2.73
N PHE I 62 33.49 4.80 3.82
CA PHE I 62 32.63 4.00 4.69
C PHE I 62 31.76 4.90 5.55
N SER I 63 30.49 4.56 5.67
CA SER I 63 29.58 5.32 6.54
C SER I 63 28.45 4.43 7.05
N GLY I 64 27.85 4.81 8.17
CA GLY I 64 26.74 4.04 8.71
C GLY I 64 25.64 4.93 9.27
N SER I 65 24.41 4.42 9.30
CA SER I 65 23.30 5.18 9.87
C SER I 65 22.19 4.26 10.37
N GLY I 66 21.29 4.81 11.17
CA GLY I 66 20.17 4.05 11.69
C GLY I 66 20.16 3.96 13.19
N SER I 67 19.01 3.60 13.75
CA SER I 67 18.88 3.44 15.19
C SER I 67 17.64 2.66 15.56
N GLY I 68 17.77 1.80 16.56
CA GLY I 68 16.65 1.01 17.04
C GLY I 68 16.53 -0.35 16.39
N THR I 69 15.99 -0.34 15.17
CA THR I 69 15.67 -1.57 14.49
C THR I 69 16.33 -1.58 13.13
N GLU I 70 16.33 -0.46 12.41
CA GLU I 70 16.90 -0.44 11.05
C GLU I 70 18.30 0.12 11.10
N PHE I 71 19.20 -0.49 10.34
CA PHE I 71 20.56 0.05 10.19
C PHE I 71 21.08 -0.14 8.76
N THR I 72 21.94 0.77 8.32
CA THR I 72 22.52 0.67 6.98
C THR I 72 24.00 1.06 6.94
N LEU I 73 24.78 0.25 6.23
CA LEU I 73 26.17 0.53 5.93
C LEU I 73 26.29 0.94 4.48
N THR I 74 27.00 2.03 4.23
CA THR I 74 27.09 2.61 2.89
C THR I 74 28.54 2.85 2.49
N ILE I 75 28.90 2.34 1.32
CA ILE I 75 30.18 2.68 0.71
C ILE I 75 29.92 3.53 -0.53
N SER I 76 30.36 4.79 -0.48
CA SER I 76 30.06 5.75 -1.54
C SER I 76 30.80 5.42 -2.84
N SER I 77 32.04 4.97 -2.73
CA SER I 77 32.83 4.60 -3.89
C SER I 77 33.64 3.35 -3.60
N LEU I 78 33.18 2.23 -4.13
CA LEU I 78 33.77 0.92 -3.87
C LEU I 78 35.22 0.81 -4.34
N GLN I 79 36.01 0.02 -3.61
CA GLN I 79 37.41 -0.23 -3.92
C GLN I 79 37.69 -1.71 -3.97
N PRO I 80 38.76 -2.11 -4.69
CA PRO I 80 39.20 -3.50 -4.76
C PRO I 80 39.48 -4.02 -3.35
N GLU I 81 39.89 -3.08 -2.51
CA GLU I 81 40.19 -3.33 -1.10
C GLU I 81 38.93 -3.76 -0.34
N ASP I 82 37.81 -3.16 -0.72
CA ASP I 82 36.57 -3.29 0.03
C ASP I 82 35.83 -4.61 -0.19
N PHE I 83 36.34 -5.43 -1.11
CA PHE I 83 35.68 -6.70 -1.41
C PHE I 83 35.94 -7.75 -0.33
N ALA I 84 34.92 -7.97 0.50
CA ALA I 84 35.01 -8.90 1.61
C ALA I 84 33.61 -9.21 2.15
N THR I 85 33.55 -9.93 3.27
CA THR I 85 32.27 -10.23 3.90
C THR I 85 32.02 -9.29 5.07
N TYR I 86 30.86 -8.66 5.13
CA TYR I 86 30.62 -7.69 6.18
C TYR I 86 29.59 -8.20 7.19
N TYR I 87 30.01 -8.28 8.45
CA TYR I 87 29.11 -8.75 9.50
C TYR I 87 28.66 -7.58 10.38
N CYS I 88 27.42 -7.61 10.84
CA CYS I 88 26.97 -6.62 11.82
C CYS I 88 26.83 -7.30 13.18
N GLN I 89 26.93 -6.51 14.25
CA GLN I 89 26.85 -7.07 15.59
C GLN I 89 26.21 -6.08 16.56
N GLN I 90 25.23 -6.54 17.32
CA GLN I 90 24.63 -5.71 18.35
C GLN I 90 25.41 -5.89 19.64
N TYR I 91 25.65 -4.79 20.34
CA TYR I 91 26.25 -4.84 21.66
C TYR I 91 25.46 -3.95 22.61
N ASN I 92 24.14 -4.03 22.49
CA ASN I 92 23.23 -3.35 23.40
C ASN I 92 23.16 -4.07 24.74
N ASN I 93 22.98 -5.38 24.69
CA ASN I 93 22.96 -6.22 25.88
C ASN I 93 23.37 -7.66 25.58
N TYR I 94 24.00 -8.30 26.56
CA TYR I 94 24.45 -9.68 26.42
C TYR I 94 23.26 -10.64 26.38
N SER I 95 23.38 -11.73 25.62
CA SER I 95 24.59 -12.08 24.87
C SER I 95 24.64 -11.38 23.51
N TYR I 96 25.85 -10.98 23.11
CA TYR I 96 26.04 -10.30 21.83
C TYR I 96 25.74 -11.22 20.67
N THR I 97 25.29 -10.65 19.55
CA THR I 97 24.90 -11.43 18.39
C THR I 97 25.40 -10.84 17.09
N PHE I 98 26.05 -11.67 16.28
CA PHE I 98 26.49 -11.26 14.95
C PHE I 98 25.41 -11.54 13.90
N GLY I 99 25.54 -10.88 12.76
CA GLY I 99 24.65 -11.14 11.64
C GLY I 99 25.15 -12.35 10.84
N PRO I 100 24.32 -12.86 9.92
CA PRO I 100 24.69 -14.02 9.12
C PRO I 100 25.82 -13.71 8.14
N GLY I 101 25.98 -12.43 7.80
CA GLY I 101 27.06 -11.98 6.95
C GLY I 101 26.59 -11.61 5.55
N THR I 102 27.19 -10.56 5.01
CA THR I 102 26.90 -10.14 3.64
C THR I 102 28.15 -10.17 2.77
N LYS I 103 28.14 -11.02 1.75
CA LYS I 103 29.29 -11.20 0.88
C LYS I 103 29.32 -10.18 -0.25
N LEU I 104 30.47 -9.51 -0.40
CA LEU I 104 30.64 -8.51 -1.45
C LEU I 104 31.77 -8.94 -2.38
N GLU I 105 31.43 -9.22 -3.63
CA GLU I 105 32.41 -9.71 -4.61
C GLU I 105 32.35 -8.94 -5.92
N ILE I 106 33.33 -9.22 -6.79
CA ILE I 106 33.49 -8.48 -8.04
C ILE I 106 32.57 -8.98 -9.14
N LYS I 107 32.12 -8.06 -9.99
CA LYS I 107 31.25 -8.40 -11.11
C LYS I 107 32.05 -8.86 -12.32
N ALA J 1 40.49 0.70 53.11
CA ALA J 1 40.13 -0.72 53.09
C ALA J 1 39.79 -1.17 51.67
N HIS J 2 40.65 -1.98 51.06
CA HIS J 2 41.90 -2.42 51.67
C HIS J 2 43.01 -1.38 51.40
N CYS J 3 43.76 -1.05 52.44
CA CYS J 3 44.72 0.06 52.38
C CYS J 3 45.99 -0.24 51.59
N ILE J 4 46.15 -1.47 51.12
CA ILE J 4 47.34 -1.84 50.35
C ILE J 4 47.34 -1.18 48.97
N GLY J 5 46.19 -1.18 48.30
CA GLY J 5 46.08 -0.60 46.98
C GLY J 5 46.09 0.91 47.03
N ILE J 6 45.60 1.48 48.14
CA ILE J 6 45.60 2.92 48.34
C ILE J 6 46.97 3.41 48.76
N THR J 7 47.57 4.28 47.93
CA THR J 7 48.95 4.70 48.12
C THR J 7 49.10 5.62 49.33
N ASP J 8 48.12 6.48 49.56
CA ASP J 8 48.16 7.37 50.70
C ASP J 8 47.70 6.62 51.94
N ARG J 9 48.66 6.03 52.65
CA ARG J 9 48.35 5.12 53.75
C ARG J 9 49.16 5.48 55.00
N ASP J 10 48.46 5.61 56.13
CA ASP J 10 49.11 5.86 57.41
C ASP J 10 48.90 4.68 58.35
N PHE J 11 49.89 4.41 59.20
CA PHE J 11 49.77 3.35 60.19
C PHE J 11 49.55 3.93 61.59
N ILE J 12 48.59 3.35 62.32
CA ILE J 12 48.33 3.73 63.69
C ILE J 12 48.33 2.50 64.61
N GLU J 13 49.25 2.45 65.58
CA GLU J 13 49.30 1.33 66.50
C GLU J 13 48.54 1.64 67.79
N GLY J 14 47.59 0.78 68.13
CA GLY J 14 46.91 0.93 69.40
C GLY J 14 47.86 0.44 70.47
N VAL J 15 47.75 1.01 71.66
CA VAL J 15 48.59 0.64 72.79
C VAL J 15 48.06 -0.64 73.42
N HIS J 16 48.89 -1.36 74.19
CA HIS J 16 48.57 -2.70 74.66
C HIS J 16 47.25 -2.78 75.41
N GLY J 17 47.04 -1.85 76.33
CA GLY J 17 45.85 -1.84 77.16
C GLY J 17 44.77 -0.93 76.63
N GLY J 18 45.00 -0.39 75.43
CA GLY J 18 44.09 0.59 74.86
C GLY J 18 42.71 0.10 74.48
N THR J 19 41.71 0.88 74.89
CA THR J 19 40.32 0.58 74.57
C THR J 19 39.86 1.35 73.33
N TRP J 20 40.30 2.61 73.24
CA TRP J 20 39.94 3.46 72.10
C TRP J 20 41.18 3.96 71.35
N VAL J 21 41.02 4.21 70.06
CA VAL J 21 42.10 4.74 69.24
C VAL J 21 41.57 5.80 68.28
N SER J 22 42.12 7.00 68.36
CA SER J 22 41.70 8.10 67.48
C SER J 22 42.33 7.98 66.09
N ALA J 23 41.55 8.35 65.08
CA ALA J 23 42.01 8.29 63.69
C ALA J 23 41.20 9.23 62.80
N THR J 24 41.88 9.99 61.96
CA THR J 24 41.19 10.88 61.04
C THR J 24 41.31 10.39 59.61
N LEU J 25 40.17 10.29 58.93
CA LEU J 25 40.12 9.75 57.57
C LEU J 25 39.89 10.86 56.56
N GLU J 26 40.83 10.99 55.63
CA GLU J 26 40.77 11.98 54.56
C GLU J 26 40.40 11.31 53.23
N GLN J 27 40.03 12.13 52.25
CA GLN J 27 39.67 11.63 50.93
C GLN J 27 40.86 11.01 50.20
N ASP J 28 40.59 9.95 49.45
CA ASP J 28 41.61 9.23 48.69
C ASP J 28 42.79 8.85 49.59
N LYS J 29 42.47 8.25 50.72
CA LYS J 29 43.46 7.99 51.76
C LYS J 29 42.87 7.06 52.83
N CYS J 30 43.67 6.14 53.33
CA CYS J 30 43.18 5.17 54.31
C CYS J 30 44.16 4.96 55.47
N VAL J 31 43.63 4.39 56.55
CA VAL J 31 44.40 4.19 57.78
C VAL J 31 44.37 2.72 58.20
N THR J 32 45.53 2.19 58.56
CA THR J 32 45.62 0.82 59.06
C THR J 32 45.90 0.83 60.57
N VAL J 33 44.92 0.37 61.35
CA VAL J 33 45.01 0.37 62.80
C VAL J 33 45.52 -0.96 63.34
N MET J 34 46.66 -0.92 64.00
CA MET J 34 47.25 -2.13 64.58
C MET J 34 47.22 -2.11 66.10
N ALA J 35 47.11 -3.28 66.70
CA ALA J 35 47.13 -3.42 68.15
C ALA J 35 47.61 -4.82 68.54
N PRO J 36 48.47 -4.91 69.56
CA PRO J 36 49.05 -6.19 70.00
C PRO J 36 47.99 -7.22 70.36
N ASP J 37 48.19 -8.46 69.89
CA ASP J 37 47.24 -9.56 70.12
C ASP J 37 45.87 -9.25 69.54
N LYS J 38 45.84 -8.44 68.48
CA LYS J 38 44.58 -8.09 67.83
C LYS J 38 44.75 -7.88 66.33
N PRO J 39 43.71 -8.23 65.54
CA PRO J 39 43.78 -8.10 64.09
C PRO J 39 43.79 -6.65 63.61
N SER J 40 44.54 -6.39 62.54
CA SER J 40 44.66 -5.05 61.98
C SER J 40 43.39 -4.63 61.27
N LEU J 41 43.00 -3.37 61.43
CA LEU J 41 41.75 -2.85 60.88
C LEU J 41 42.00 -1.77 59.84
N ASP J 42 41.61 -2.03 58.60
CA ASP J 42 41.69 -1.03 57.55
C ASP J 42 40.42 -0.18 57.54
N ILE J 43 40.61 1.13 57.72
CA ILE J 43 39.50 2.08 57.72
C ILE J 43 39.75 3.14 56.66
N SER J 44 38.70 3.55 55.95
CA SER J 44 38.86 4.57 54.93
C SER J 44 37.58 5.38 54.66
N LEU J 45 37.76 6.64 54.29
CA LEU J 45 36.64 7.48 53.89
C LEU J 45 36.33 7.24 52.43
N GLU J 46 35.12 6.78 52.13
CA GLU J 46 34.71 6.56 50.75
C GLU J 46 34.09 7.83 50.18
N THR J 47 32.97 8.25 50.77
CA THR J 47 32.28 9.46 50.31
C THR J 47 31.73 10.30 51.47
N VAL J 48 31.67 11.60 51.25
CA VAL J 48 30.91 12.52 52.09
C VAL J 48 29.90 13.19 51.17
N ALA J 49 28.61 13.08 51.45
CA ALA J 49 27.63 13.53 50.47
C ALA J 49 26.34 14.09 51.07
N ILE J 50 25.49 14.65 50.21
CA ILE J 50 24.17 15.13 50.61
C ILE J 50 23.07 14.53 49.74
N ASP J 51 21.96 14.11 50.36
CA ASP J 51 20.86 13.52 49.59
C ASP J 51 19.67 14.47 49.57
N ARG J 52 19.08 14.64 48.38
CA ARG J 52 17.96 15.55 48.16
C ARG J 52 18.15 16.95 48.76
N PRO J 53 19.14 17.71 48.26
CA PRO J 53 19.25 19.09 48.72
C PRO J 53 18.17 19.94 48.04
N ALA J 54 17.71 20.99 48.68
CA ALA J 54 16.61 21.77 48.12
C ALA J 54 17.11 22.87 47.22
N GLU J 55 16.48 23.04 46.07
CA GLU J 55 16.82 24.14 45.17
C GLU J 55 16.39 25.46 45.77
N VAL J 56 17.26 26.46 45.64
CA VAL J 56 16.95 27.79 46.13
C VAL J 56 16.94 28.76 44.96
N ARG J 57 17.89 28.60 44.04
CA ARG J 57 17.96 29.52 42.91
C ARG J 57 18.43 28.86 41.62
N LYS J 58 18.13 29.50 40.49
CA LYS J 58 18.72 29.14 39.21
C LYS J 58 19.38 30.36 38.60
N VAL J 59 20.46 30.17 37.85
CA VAL J 59 21.16 31.30 37.24
C VAL J 59 21.45 31.02 35.76
N CYS J 60 20.72 31.69 34.89
CA CYS J 60 20.86 31.47 33.46
C CYS J 60 22.22 31.97 32.95
N TYR J 61 22.96 31.09 32.28
CA TYR J 61 24.24 31.49 31.69
C TYR J 61 24.23 31.36 30.18
N ASN J 62 23.09 30.95 29.62
CA ASN J 62 22.90 31.00 28.17
C ASN J 62 21.42 31.19 27.83
N ALA J 63 21.11 32.28 27.13
CA ALA J 63 19.72 32.63 26.83
C ALA J 63 19.47 32.86 25.34
N VAL J 64 18.27 32.48 24.90
CA VAL J 64 17.83 32.73 23.54
C VAL J 64 16.61 33.66 23.52
N LEU J 65 16.51 34.49 22.48
CA LEU J 65 15.40 35.43 22.35
C LEU J 65 14.45 35.06 21.20
N THR J 66 13.15 35.09 21.48
CA THR J 66 12.12 34.87 20.47
C THR J 66 11.04 35.94 20.58
N HIS J 67 10.12 35.95 19.62
CA HIS J 67 8.95 36.84 19.66
C HIS J 67 9.31 38.31 19.86
N VAL J 68 10.24 38.81 19.05
CA VAL J 68 10.67 40.20 19.15
C VAL J 68 9.64 41.14 18.54
N LYS J 69 8.99 41.94 19.39
CA LYS J 69 7.99 42.91 18.94
C LYS J 69 8.47 44.34 19.16
N ILE J 70 8.00 45.25 18.31
CA ILE J 70 8.38 46.67 18.37
C ILE J 70 7.17 47.57 18.09
N ASN J 71 6.97 48.60 18.92
CA ASN J 71 5.94 49.60 18.65
C ASN J 71 6.49 51.03 18.66
N ASP J 72 6.12 51.84 17.67
CA ASP J 72 6.77 53.15 17.49
C ASP J 72 5.82 54.36 17.30
N LYS J 73 5.73 55.22 18.29
CA LYS J 73 4.94 56.44 18.11
C LYS J 73 5.82 57.60 17.62
N CYS J 74 5.21 58.57 16.93
CA CYS J 74 5.91 59.78 16.48
C CYS J 74 5.78 60.85 17.57
N PRO J 75 6.58 61.94 17.50
CA PRO J 75 6.48 62.97 18.54
C PRO J 75 5.06 63.52 18.75
N SER J 76 4.79 63.95 19.99
CA SER J 76 3.51 64.53 20.38
C SER J 76 2.29 63.62 20.18
N THR J 77 2.50 62.40 19.69
CA THR J 77 1.38 61.50 19.47
C THR J 77 1.10 60.49 20.57
N GLY J 78 1.84 60.54 21.68
CA GLY J 78 1.57 59.57 22.71
C GLY J 78 2.75 58.72 23.09
N GLU J 79 2.70 58.14 24.28
CA GLU J 79 3.69 57.17 24.71
C GLU J 79 3.36 55.81 24.09
N ALA J 80 4.35 55.14 23.50
CA ALA J 80 4.13 53.85 22.82
C ALA J 80 3.99 52.68 23.78
N HIS J 81 3.13 51.72 23.43
CA HIS J 81 2.90 50.54 24.28
C HIS J 81 2.74 49.24 23.51
N LEU J 82 3.22 48.14 24.10
CA LEU J 82 3.04 46.80 23.55
C LEU J 82 2.24 45.91 24.49
N ALA J 83 1.50 44.96 23.95
CA ALA J 83 0.70 44.05 24.76
C ALA J 83 1.58 43.16 25.66
N GLU J 84 2.76 42.80 25.16
CA GLU J 84 3.68 41.93 25.88
C GLU J 84 4.50 42.69 26.90
N GLU J 85 4.29 44.01 26.96
CA GLU J 85 5.07 44.85 27.86
C GLU J 85 4.84 44.46 29.31
N ASN J 86 3.61 44.03 29.60
CA ASN J 86 3.24 43.62 30.94
C ASN J 86 3.11 42.11 31.09
N GLU J 87 3.82 41.37 30.24
CA GLU J 87 3.88 39.92 30.38
C GLU J 87 5.18 39.65 31.14
N GLY J 88 5.21 38.57 31.94
CA GLY J 88 6.30 38.33 32.86
C GLY J 88 7.61 37.87 32.25
N ASP J 89 7.51 37.14 31.15
CA ASP J 89 8.63 36.50 30.50
C ASP J 89 9.20 37.23 29.29
N ASN J 90 9.06 38.56 29.29
CA ASN J 90 9.59 39.42 28.22
C ASN J 90 10.57 40.47 28.72
N ALA J 91 11.75 40.52 28.09
CA ALA J 91 12.72 41.58 28.34
C ALA J 91 12.41 42.76 27.42
N CYS J 92 12.21 43.93 28.01
CA CYS J 92 11.78 45.10 27.24
C CYS J 92 12.58 46.36 27.52
N LYS J 93 12.68 47.21 26.51
CA LYS J 93 13.25 48.54 26.68
C LYS J 93 12.35 49.60 26.05
N ARG J 94 12.17 50.67 26.81
CA ARG J 94 11.46 51.86 26.36
C ARG J 94 12.43 53.00 26.13
N THR J 95 12.49 53.49 24.91
CA THR J 95 13.37 54.62 24.57
C THR J 95 12.67 55.57 23.62
N TYR J 96 13.45 56.47 23.04
CA TYR J 96 12.92 57.39 22.05
C TYR J 96 13.86 57.44 20.86
N SER J 97 13.30 57.54 19.67
CA SER J 97 14.09 57.56 18.45
C SER J 97 13.89 58.89 17.74
N ASP J 98 14.91 59.29 16.99
CA ASP J 98 14.85 60.53 16.23
C ASP J 98 13.85 60.39 15.08
N ARG J 99 12.84 61.25 15.08
CA ARG J 99 11.79 61.13 14.08
C ARG J 99 11.47 62.47 13.41
N GLY J 100 10.89 62.40 12.22
CA GLY J 100 10.52 63.57 11.46
C GLY J 100 9.83 63.21 10.16
N TRP J 101 9.99 64.05 9.15
CA TRP J 101 9.42 63.80 7.83
C TRP J 101 10.10 62.63 7.11
N GLY J 102 11.37 62.38 7.44
CA GLY J 102 12.14 61.34 6.78
C GLY J 102 11.75 59.93 7.16
N ASN J 103 11.23 59.75 8.37
CA ASN J 103 10.79 58.44 8.85
C ASN J 103 9.26 58.43 9.00
N GLY J 104 8.64 59.44 8.41
CA GLY J 104 7.20 59.50 8.24
C GLY J 104 6.25 59.99 9.32
N CYS J 105 6.57 61.13 9.92
CA CYS J 105 5.67 61.79 10.86
C CYS J 105 5.78 63.31 10.72
N GLY J 106 4.64 63.99 10.81
CA GLY J 106 4.54 65.43 10.70
C GLY J 106 5.47 66.32 11.50
N LEU J 107 6.02 65.81 12.59
CA LEU J 107 6.88 66.65 13.44
C LEU J 107 8.27 66.06 13.62
N PHE J 108 9.23 66.95 13.89
CA PHE J 108 10.60 66.55 14.15
C PHE J 108 10.89 66.54 15.65
N GLY J 109 11.38 65.41 16.14
CA GLY J 109 11.69 65.31 17.55
C GLY J 109 11.81 63.90 18.07
N LYS J 110 11.55 63.76 19.36
CA LYS J 110 11.66 62.49 20.03
C LYS J 110 10.38 61.69 19.86
N GLY J 111 10.49 60.50 19.29
CA GLY J 111 9.34 59.63 19.14
C GLY J 111 9.43 58.41 20.03
N SER J 112 8.32 58.08 20.69
CA SER J 112 8.32 56.97 21.63
C SER J 112 8.54 55.64 20.91
N ILE J 113 9.39 54.80 21.48
CA ILE J 113 9.66 53.49 20.88
C ILE J 113 9.82 52.40 21.95
N VAL J 114 9.12 51.30 21.73
CA VAL J 114 9.09 50.17 22.66
C VAL J 114 9.57 48.89 22.00
N ALA J 115 10.45 48.17 22.68
CA ALA J 115 10.95 46.90 22.17
C ALA J 115 10.80 45.81 23.21
N CYS J 116 10.13 44.72 22.84
CA CYS J 116 10.00 43.58 23.75
C CYS J 116 10.51 42.32 23.10
N ALA J 117 11.01 41.40 23.91
CA ALA J 117 11.46 40.12 23.38
C ALA J 117 11.20 39.01 24.39
N LYS J 118 10.71 37.87 23.90
CA LYS J 118 10.41 36.71 24.74
C LYS J 118 11.69 36.08 25.25
N PHE J 119 11.85 36.05 26.57
CA PHE J 119 13.04 35.48 27.20
C PHE J 119 12.85 34.05 27.69
N THR J 120 13.63 33.13 27.12
CA THR J 120 13.65 31.74 27.56
C THR J 120 15.09 31.26 27.71
N CYS J 121 15.41 30.73 28.89
CA CYS J 121 16.78 30.36 29.24
C CYS J 121 17.19 29.01 28.63
N ALA J 122 18.22 29.04 27.79
CA ALA J 122 18.72 27.81 27.17
C ALA J 122 19.44 26.94 28.20
N LYS J 123 20.43 27.52 28.88
CA LYS J 123 21.16 26.79 29.93
C LYS J 123 21.39 27.62 31.19
N SER J 124 21.08 26.99 32.32
CA SER J 124 21.18 27.64 33.63
C SER J 124 21.96 26.78 34.62
N MET J 125 22.39 27.42 35.70
CA MET J 125 23.15 26.77 36.76
C MET J 125 22.29 26.70 38.03
N SER J 126 22.14 25.50 38.57
CA SER J 126 21.29 25.29 39.72
C SER J 126 22.05 25.53 41.02
N LEU J 127 21.38 26.26 41.92
CA LEU J 127 21.90 26.63 43.24
C LEU J 127 21.04 26.00 44.33
N PHE J 128 21.59 24.93 44.90
CA PHE J 128 20.99 24.15 45.97
C PHE J 128 21.42 24.65 47.35
N GLU J 129 20.54 24.41 48.33
CA GLU J 129 20.80 24.76 49.72
C GLU J 129 21.57 23.64 50.41
N VAL J 130 22.54 24.01 51.23
CA VAL J 130 23.31 23.01 51.95
C VAL J 130 22.86 22.96 53.40
N ASP J 131 22.13 21.92 53.76
CA ASP J 131 21.75 21.70 55.15
C ASP J 131 22.70 20.66 55.74
N GLN J 132 23.50 21.07 56.72
CA GLN J 132 24.50 20.16 57.31
C GLN J 132 23.91 18.96 58.03
N THR J 133 22.66 19.08 58.47
CA THR J 133 22.04 17.99 59.20
C THR J 133 21.57 16.93 58.22
N LYS J 134 21.77 17.21 56.93
CA LYS J 134 21.42 16.25 55.88
C LYS J 134 22.68 15.62 55.30
N ILE J 135 23.83 15.95 55.88
CA ILE J 135 25.10 15.41 55.41
C ILE J 135 25.30 13.97 55.88
N GLN J 136 25.55 13.08 54.92
CA GLN J 136 25.84 11.69 55.22
C GLN J 136 27.22 11.32 54.70
N TYR J 137 27.86 10.35 55.34
CA TYR J 137 29.19 9.92 54.88
C TYR J 137 29.39 8.41 54.99
N VAL J 138 30.27 7.86 54.16
CA VAL J 138 30.46 6.42 54.08
C VAL J 138 31.90 6.02 54.40
N ILE J 139 32.05 4.99 55.24
CA ILE J 139 33.36 4.51 55.66
C ILE J 139 33.54 3.02 55.39
N ARG J 140 34.60 2.67 54.68
CA ARG J 140 34.95 1.26 54.47
C ARG J 140 35.77 0.72 55.63
N ALA J 141 35.38 -0.45 56.12
CA ALA J 141 36.13 -1.14 57.17
C ALA J 141 36.40 -2.60 56.78
N GLN J 142 37.63 -3.06 56.96
CA GLN J 142 37.99 -4.43 56.60
C GLN J 142 39.19 -4.91 57.41
N LEU J 143 39.03 -6.06 58.06
CA LEU J 143 40.09 -6.62 58.90
C LEU J 143 41.19 -7.27 58.07
N HIS J 144 42.40 -7.30 58.62
CA HIS J 144 43.53 -7.92 57.95
C HIS J 144 43.55 -9.43 58.13
N VAL J 145 42.66 -10.11 57.42
CA VAL J 145 42.70 -11.56 57.38
C VAL J 145 43.37 -11.93 56.07
N GLY J 146 43.97 -13.12 56.01
CA GLY J 146 44.59 -13.57 54.78
C GLY J 146 43.55 -13.83 53.71
N ALA J 147 43.24 -12.80 52.92
CA ALA J 147 42.28 -12.92 51.85
C ALA J 147 42.87 -12.34 50.58
N LYS J 148 42.46 -12.89 49.44
CA LYS J 148 42.95 -12.39 48.16
C LYS J 148 42.14 -11.17 47.76
N GLN J 149 42.70 -10.36 46.87
CA GLN J 149 42.10 -9.10 46.49
C GLN J 149 40.71 -9.28 45.88
N GLU J 150 40.50 -10.37 45.16
CA GLU J 150 39.20 -10.60 44.53
C GLU J 150 38.12 -10.88 45.57
N ASN J 151 38.53 -11.06 46.82
CA ASN J 151 37.58 -11.30 47.89
C ASN J 151 37.40 -10.08 48.76
N TRP J 152 38.17 -9.02 48.48
CA TRP J 152 38.16 -7.83 49.33
C TRP J 152 36.77 -7.19 49.37
N ASN J 153 36.14 -7.07 48.21
CA ASN J 153 34.82 -6.47 48.13
C ASN J 153 33.78 -7.29 48.87
N THR J 154 34.09 -8.56 49.13
CA THR J 154 33.18 -9.41 49.90
C THR J 154 33.43 -9.18 51.39
N ASP J 155 34.69 -8.89 51.71
CA ASP J 155 35.09 -8.69 53.10
C ASP J 155 34.75 -7.29 53.60
N ILE J 156 34.91 -6.31 52.72
CA ILE J 156 34.70 -4.90 53.08
C ILE J 156 33.28 -4.62 53.57
N LYS J 157 33.18 -4.11 54.80
CA LYS J 157 31.93 -3.61 55.31
C LYS J 157 31.85 -2.12 55.03
N THR J 158 30.87 -1.74 54.21
CA THR J 158 30.66 -0.33 53.93
C THR J 158 29.65 0.16 54.95
N LEU J 159 29.98 1.27 55.61
CA LEU J 159 29.14 1.78 56.66
C LEU J 159 28.64 3.17 56.30
N LYS J 160 27.37 3.41 56.56
CA LYS J 160 26.78 4.72 56.29
C LYS J 160 26.46 5.41 57.58
N PHE J 161 26.80 6.69 57.63
CA PHE J 161 26.53 7.52 58.78
C PHE J 161 25.72 8.73 58.36
N ASP J 162 24.90 9.19 59.29
CA ASP J 162 24.07 10.38 59.14
C ASP J 162 24.56 11.45 60.10
N ALA J 163 23.76 12.50 60.31
CA ALA J 163 24.20 13.54 61.22
C ALA J 163 24.09 13.02 62.65
N LEU J 164 22.91 12.51 63.01
CA LEU J 164 22.78 11.88 64.32
C LEU J 164 23.01 10.40 64.12
N SER J 165 24.24 10.08 63.75
CA SER J 165 24.71 8.72 63.79
C SER J 165 25.56 8.56 65.02
N GLY J 166 25.28 7.52 65.79
CA GLY J 166 25.93 7.31 67.06
C GLY J 166 26.97 6.24 66.79
N SER J 167 27.42 5.56 67.83
CA SER J 167 28.44 4.55 67.67
C SER J 167 27.90 3.46 66.76
N GLN J 168 28.72 2.99 65.83
CA GLN J 168 28.27 1.91 64.97
C GLN J 168 29.14 0.70 65.19
N GLU J 169 28.51 -0.46 65.37
CA GLU J 169 29.24 -1.69 65.60
C GLU J 169 29.46 -2.42 64.29
N VAL J 170 30.67 -2.92 64.11
CA VAL J 170 30.99 -3.68 62.92
C VAL J 170 31.54 -5.03 63.37
N GLU J 171 30.75 -6.07 63.21
CA GLU J 171 31.18 -7.38 63.65
C GLU J 171 31.69 -8.24 62.49
N PHE J 172 32.94 -8.66 62.65
CA PHE J 172 33.63 -9.53 61.71
C PHE J 172 33.60 -10.96 62.23
N ILE J 173 33.11 -11.85 61.38
CA ILE J 173 32.84 -13.24 61.72
C ILE J 173 34.09 -13.98 62.20
N GLY J 174 34.04 -14.43 63.45
CA GLY J 174 35.15 -15.19 64.02
C GLY J 174 36.29 -14.29 64.44
N TYR J 175 36.03 -12.99 64.43
CA TYR J 175 37.04 -12.01 64.78
C TYR J 175 36.48 -10.92 65.69
N GLY J 176 35.23 -11.11 66.12
CA GLY J 176 34.65 -10.19 67.07
C GLY J 176 33.99 -8.98 66.44
N LYS J 177 34.19 -7.81 67.04
CA LYS J 177 33.61 -6.58 66.50
C LYS J 177 34.40 -5.33 66.93
N ALA J 178 34.32 -4.29 66.11
CA ALA J 178 34.93 -3.00 66.40
C ALA J 178 33.85 -1.93 66.49
N THR J 179 34.13 -0.83 67.17
CA THR J 179 33.11 0.23 67.29
C THR J 179 33.58 1.59 66.79
N LEU J 180 32.80 2.20 65.90
CA LEU J 180 33.18 3.50 65.34
C LEU J 180 32.37 4.65 65.92
N GLU J 181 33.07 5.58 66.55
CA GLU J 181 32.46 6.81 67.05
C GLU J 181 32.90 7.98 66.17
N CYS J 182 32.10 8.31 65.16
CA CYS J 182 32.54 9.27 64.16
C CYS J 182 31.84 10.62 64.18
N GLN J 183 32.59 11.64 63.78
CA GLN J 183 32.13 13.03 63.68
C GLN J 183 32.64 13.59 62.36
N VAL J 184 31.80 14.36 61.67
CA VAL J 184 32.13 14.85 60.33
C VAL J 184 32.61 16.28 60.34
N GLN J 185 33.63 16.56 59.54
CA GLN J 185 34.09 17.92 59.45
C GLN J 185 33.67 18.41 58.07
N THR J 186 32.82 19.44 58.06
CA THR J 186 32.16 19.88 56.83
C THR J 186 33.05 20.51 55.79
N ALA J 187 34.01 21.33 56.27
CA ALA J 187 34.88 22.16 55.44
C ALA J 187 34.07 23.18 54.64
N VAL J 188 32.79 23.27 54.95
CA VAL J 188 31.86 24.16 54.25
C VAL J 188 31.19 25.10 55.24
N ASP J 189 30.84 26.29 54.78
CA ASP J 189 30.17 27.25 55.64
C ASP J 189 28.67 27.30 55.30
N PHE J 190 27.96 26.33 55.87
CA PHE J 190 26.52 26.09 55.68
C PHE J 190 25.64 27.34 55.60
N GLY J 191 25.86 28.31 56.46
CA GLY J 191 25.06 29.52 56.45
C GLY J 191 25.46 30.48 55.33
N ASN J 192 26.47 30.09 54.56
CA ASN J 192 26.96 30.91 53.46
C ASN J 192 27.51 30.11 52.29
N SER J 193 26.79 29.06 51.86
CA SER J 193 27.25 28.25 50.74
C SER J 193 26.10 27.65 49.92
N TYR J 194 26.38 27.40 48.65
CA TYR J 194 25.46 26.74 47.74
C TYR J 194 26.11 25.53 47.08
N ILE J 195 25.29 24.57 46.66
CA ILE J 195 25.76 23.60 45.68
C ILE J 195 25.39 24.10 44.27
N ALA J 196 26.41 24.40 43.48
CA ALA J 196 26.18 24.95 42.15
C ALA J 196 26.53 23.96 41.04
N GLU J 197 25.52 23.51 40.31
CA GLU J 197 25.74 22.53 39.23
C GLU J 197 25.27 23.10 37.90
N MET J 198 26.01 22.87 36.84
CA MET J 198 25.63 23.40 35.52
C MET J 198 25.12 22.26 34.64
N GLU J 199 26.03 21.51 34.02
CA GLU J 199 25.63 20.34 33.25
C GLU J 199 25.88 19.06 34.03
N THR J 200 27.14 18.66 34.06
CA THR J 200 27.58 17.45 34.75
C THR J 200 28.47 17.83 35.92
N GLU J 201 29.06 19.01 35.85
CA GLU J 201 30.06 19.44 36.81
C GLU J 201 29.40 20.20 37.94
N SER J 202 29.90 20.04 39.16
CA SER J 202 29.33 20.80 40.26
C SER J 202 30.42 21.39 41.18
N TRP J 203 30.01 22.36 42.00
CA TRP J 203 30.88 23.09 42.93
C TRP J 203 30.20 23.42 44.25
N ILE J 204 31.01 23.74 45.25
CA ILE J 204 30.53 24.40 46.45
C ILE J 204 30.90 25.88 46.35
N VAL J 205 29.89 26.73 46.22
CA VAL J 205 30.17 28.14 45.99
C VAL J 205 29.70 29.02 47.15
N ASP J 206 30.19 30.26 47.17
CA ASP J 206 29.79 31.21 48.21
C ASP J 206 28.47 31.88 47.84
N ARG J 207 27.57 32.00 48.83
CA ARG J 207 26.27 32.61 48.60
C ARG J 207 26.38 34.03 48.05
N GLN J 208 27.25 34.83 48.65
CA GLN J 208 27.49 36.20 48.19
C GLN J 208 27.95 36.26 46.74
N TRP J 209 28.92 35.43 46.39
CA TRP J 209 29.42 35.38 45.02
C TRP J 209 28.30 35.02 44.05
N ALA J 210 27.46 34.08 44.46
CA ALA J 210 26.37 33.63 43.61
C ALA J 210 25.29 34.69 43.41
N GLN J 211 24.94 35.39 44.47
CA GLN J 211 23.88 36.39 44.38
C GLN J 211 24.35 37.68 43.71
N ASP J 212 25.66 37.93 43.75
CA ASP J 212 26.23 39.13 43.14
C ASP J 212 26.58 38.88 41.68
N LEU J 213 26.27 37.68 41.20
CA LEU J 213 26.47 37.34 39.79
C LEU J 213 25.63 38.24 38.90
N THR J 214 26.25 38.77 37.86
CA THR J 214 25.55 39.65 36.92
C THR J 214 24.84 38.85 35.84
N LEU J 215 23.93 37.97 36.26
CA LEU J 215 23.18 37.13 35.34
C LEU J 215 21.72 37.03 35.75
N PRO J 216 20.83 36.72 34.79
CA PRO J 216 19.43 36.51 35.16
C PRO J 216 19.28 35.34 36.11
N TRP J 217 18.35 35.44 37.05
CA TRP J 217 18.16 34.39 38.04
C TRP J 217 16.68 34.13 38.36
N GLN J 218 16.39 32.91 38.82
CA GLN J 218 15.03 32.45 39.04
C GLN J 218 14.87 31.94 40.48
N SER J 219 13.75 31.28 40.75
CA SER J 219 13.51 30.65 42.03
C SER J 219 13.16 29.18 41.78
N GLY J 220 12.94 28.40 42.83
CA GLY J 220 12.64 26.99 42.65
C GLY J 220 11.25 26.73 42.14
N SER J 221 10.37 27.70 42.34
CA SER J 221 8.98 27.59 41.94
C SER J 221 8.40 28.97 41.75
N GLY J 222 8.43 29.38 40.49
CA GLY J 222 7.98 30.66 39.98
C GLY J 222 8.80 30.74 38.72
N GLY J 223 8.16 30.97 37.58
CA GLY J 223 8.89 30.96 36.32
C GLY J 223 9.12 32.33 35.75
N VAL J 224 9.52 33.28 36.61
CA VAL J 224 9.84 34.61 36.11
C VAL J 224 11.33 34.89 36.24
N TRP J 225 12.02 34.96 35.11
CA TRP J 225 13.46 35.21 35.15
C TRP J 225 13.67 36.68 35.53
N ARG J 226 14.49 36.89 36.55
CA ARG J 226 14.69 38.23 37.08
C ARG J 226 16.00 38.81 36.58
N GLU J 227 16.04 40.12 36.42
CA GLU J 227 17.23 40.81 35.90
C GLU J 227 17.68 40.22 34.56
N MET J 228 16.75 40.11 33.63
CA MET J 228 17.03 39.53 32.31
C MET J 228 17.98 40.39 31.48
N HIS J 229 18.04 41.67 31.80
CA HIS J 229 18.83 42.64 31.05
C HIS J 229 20.30 42.25 31.02
N HIS J 230 20.70 41.40 31.97
CA HIS J 230 22.08 40.96 32.07
C HIS J 230 22.50 40.20 30.83
N LEU J 231 21.56 39.54 30.16
CA LEU J 231 21.89 38.78 28.96
C LEU J 231 21.18 39.29 27.71
N VAL J 232 20.51 40.43 27.83
CA VAL J 232 19.80 41.02 26.69
C VAL J 232 20.26 42.46 26.45
N GLU J 233 20.72 42.72 25.24
CA GLU J 233 21.17 44.06 24.86
C GLU J 233 20.27 44.69 23.80
N PHE J 234 19.88 45.94 24.05
CA PHE J 234 19.10 46.70 23.10
C PHE J 234 19.96 47.80 22.50
N GLU J 235 20.30 47.65 21.21
CA GLU J 235 21.09 48.66 20.52
C GLU J 235 20.26 49.94 20.40
N PRO J 236 20.93 51.10 20.29
CA PRO J 236 20.23 52.39 20.16
C PRO J 236 19.25 52.42 19.00
N PRO J 237 18.06 53.00 19.22
CA PRO J 237 17.03 53.02 18.17
C PRO J 237 17.39 53.97 17.04
N HIS J 238 17.09 53.58 15.81
CA HIS J 238 17.37 54.42 14.65
C HIS J 238 16.15 55.21 14.21
N ALA J 239 15.17 54.51 13.65
CA ALA J 239 13.96 55.16 13.17
C ALA J 239 12.72 54.60 13.85
N ALA J 240 12.29 53.42 13.44
CA ALA J 240 11.13 52.79 14.05
C ALA J 240 11.46 51.37 14.50
N THR J 241 12.75 51.05 14.54
CA THR J 241 13.19 49.71 14.93
C THR J 241 14.35 49.73 15.92
N ILE J 242 14.58 48.56 16.53
CA ILE J 242 15.69 48.34 17.45
C ILE J 242 16.27 46.94 17.30
N ARG J 243 17.59 46.85 17.19
CA ARG J 243 18.24 45.54 17.18
C ARG J 243 18.32 44.97 18.59
N VAL J 244 17.59 43.89 18.81
CA VAL J 244 17.56 43.22 20.10
C VAL J 244 18.46 41.99 20.02
N LEU J 245 19.55 41.99 20.78
CA LEU J 245 20.51 40.91 20.71
C LEU J 245 20.62 40.16 22.04
N ALA J 246 20.81 38.85 21.96
CA ALA J 246 21.08 38.05 23.14
C ALA J 246 22.59 37.95 23.34
N LEU J 247 23.04 38.09 24.58
CA LEU J 247 24.47 38.04 24.86
C LEU J 247 25.02 36.61 24.77
N GLY J 248 26.34 36.50 24.82
CA GLY J 248 27.03 35.24 24.59
C GLY J 248 26.91 34.20 25.70
N ASN J 249 27.26 32.97 25.37
CA ASN J 249 27.27 31.88 26.34
C ASN J 249 28.30 32.14 27.44
N GLN J 250 27.84 32.14 28.69
CA GLN J 250 28.69 32.50 29.82
C GLN J 250 29.26 31.30 30.57
N GLU J 251 29.18 30.12 29.96
CA GLU J 251 29.70 28.89 30.56
C GLU J 251 31.18 28.99 30.94
N GLY J 252 31.99 29.40 29.96
CA GLY J 252 33.43 29.49 30.14
C GLY J 252 33.84 30.43 31.26
N SER J 253 33.27 31.64 31.25
CA SER J 253 33.62 32.64 32.26
C SER J 253 33.24 32.18 33.66
N LEU J 254 32.08 31.53 33.77
CA LEU J 254 31.65 30.96 35.05
C LEU J 254 32.59 29.89 35.54
N LYS J 255 32.88 28.92 34.67
CA LYS J 255 33.75 27.81 35.03
C LYS J 255 35.15 28.27 35.42
N THR J 256 35.67 29.25 34.70
CA THR J 256 36.97 29.82 35.02
C THR J 256 36.89 30.60 36.32
N ALA J 257 35.74 31.18 36.60
CA ALA J 257 35.52 31.88 37.86
C ALA J 257 35.41 30.88 39.01
N LEU J 258 35.17 29.62 38.67
CA LEU J 258 34.96 28.57 39.67
C LEU J 258 36.14 27.63 39.86
N THR J 259 37.25 27.90 39.19
CA THR J 259 38.39 26.98 39.15
C THR J 259 38.94 26.61 40.52
N GLY J 260 38.86 27.53 41.48
CA GLY J 260 39.46 27.30 42.79
C GLY J 260 38.51 26.70 43.82
N ALA J 261 37.25 26.49 43.44
CA ALA J 261 36.24 26.00 44.37
C ALA J 261 36.24 24.48 44.52
N MET J 262 35.74 24.01 45.66
CA MET J 262 35.57 22.57 45.92
C MET J 262 34.61 21.92 44.95
N ARG J 263 34.96 20.74 44.45
CA ARG J 263 34.19 20.05 43.42
C ARG J 263 33.04 19.22 43.99
N VAL J 264 32.05 18.97 43.14
CA VAL J 264 30.90 18.12 43.46
C VAL J 264 30.48 17.31 42.23
N THR J 265 30.09 16.05 42.48
CA THR J 265 29.58 15.11 41.48
C THR J 265 28.25 14.52 42.00
N LYS J 266 27.64 13.59 41.26
CA LYS J 266 26.33 13.08 41.71
C LYS J 266 26.15 11.56 41.77
N ASP J 267 25.52 10.99 40.74
CA ASP J 267 25.27 9.54 40.65
C ASP J 267 26.42 8.64 41.11
N LEU J 273 21.94 12.91 45.11
CA LEU J 273 23.10 12.42 45.85
C LEU J 273 24.38 13.14 45.43
N TYR J 274 24.61 14.30 46.02
CA TYR J 274 25.72 15.15 45.67
C TYR J 274 26.93 14.81 46.51
N LYS J 275 27.90 14.13 45.89
CA LYS J 275 29.12 13.78 46.57
C LYS J 275 30.03 15.01 46.65
N LEU J 276 30.71 15.15 47.78
CA LEU J 276 31.63 16.26 48.03
C LEU J 276 33.08 15.80 47.88
N HIS J 277 33.83 16.56 47.10
CA HIS J 277 35.24 16.24 46.86
C HIS J 277 36.17 16.84 47.90
N GLY J 278 35.76 16.75 49.17
CA GLY J 278 36.57 17.27 50.25
C GLY J 278 36.12 16.78 51.62
N GLY J 279 36.47 17.54 52.65
CA GLY J 279 36.11 17.19 54.01
C GLY J 279 36.91 16.04 54.57
N HIS J 280 36.66 15.70 55.84
CA HIS J 280 37.30 14.58 56.48
C HIS J 280 36.50 14.13 57.70
N VAL J 281 36.84 12.95 58.23
CA VAL J 281 36.09 12.40 59.35
C VAL J 281 36.94 12.04 60.56
N SER J 282 36.58 12.55 61.72
CA SER J 282 37.26 12.18 62.96
C SER J 282 36.57 10.99 63.59
N CYS J 283 37.31 9.90 63.81
CA CYS J 283 36.71 8.69 64.34
C CYS J 283 37.47 8.16 65.55
N ARG J 284 36.71 7.72 66.54
CA ARG J 284 37.26 7.02 67.70
C ARG J 284 36.89 5.54 67.62
N VAL J 285 37.89 4.69 67.53
CA VAL J 285 37.69 3.27 67.28
C VAL J 285 37.91 2.38 68.49
N LYS J 286 36.87 1.63 68.86
CA LYS J 286 36.97 0.64 69.92
C LYS J 286 37.46 -0.67 69.34
N LEU J 287 38.60 -1.12 69.86
CA LEU J 287 39.31 -2.31 69.41
C LEU J 287 39.26 -3.42 70.43
N SER J 288 38.78 -3.10 71.64
CA SER J 288 38.81 -4.03 72.75
C SER J 288 38.03 -5.30 72.47
N ALA J 289 36.91 -5.16 71.76
CA ALA J 289 36.05 -6.29 71.44
C ALA J 289 36.55 -7.07 70.22
N LEU J 290 37.74 -6.73 69.75
CA LEU J 290 38.31 -7.42 68.59
C LEU J 290 39.12 -8.63 69.04
N THR J 291 38.76 -9.81 68.52
CA THR J 291 39.43 -11.04 68.91
C THR J 291 40.14 -11.71 67.73
N LEU J 292 41.20 -12.44 68.04
CA LEU J 292 42.00 -13.14 67.04
C LEU J 292 41.52 -14.58 66.85
N LYS J 293 41.31 -14.98 65.61
CA LYS J 293 40.76 -16.30 65.33
C LYS J 293 41.88 -17.34 65.20
N GLY J 294 41.64 -18.53 65.72
CA GLY J 294 42.56 -19.65 65.54
C GLY J 294 43.92 -19.47 66.20
N THR J 295 43.94 -18.88 67.39
CA THR J 295 45.19 -18.73 68.13
C THR J 295 45.62 -20.09 68.69
N SER J 296 44.67 -21.01 68.77
CA SER J 296 44.94 -22.34 69.33
C SER J 296 45.16 -23.37 68.23
N TYR J 297 45.17 -22.92 66.98
CA TYR J 297 45.45 -23.80 65.86
C TYR J 297 46.86 -24.37 65.92
N LYS J 298 47.07 -25.51 65.26
CA LYS J 298 48.39 -26.08 65.14
C LYS J 298 49.20 -25.31 64.11
N ILE J 299 50.51 -25.53 64.09
CA ILE J 299 51.38 -24.88 63.11
C ILE J 299 51.38 -25.68 61.82
N CYS J 300 51.22 -24.98 60.70
CA CYS J 300 51.25 -25.63 59.39
C CYS J 300 52.63 -26.21 59.09
N THR J 301 52.68 -27.53 58.93
CA THR J 301 53.94 -28.21 58.68
C THR J 301 54.03 -28.79 57.27
N ASP J 302 52.89 -29.00 56.62
CA ASP J 302 52.91 -29.50 55.25
C ASP J 302 53.43 -28.40 54.34
N LYS J 303 53.93 -28.76 53.16
CA LYS J 303 54.52 -27.77 52.27
C LYS J 303 53.54 -26.77 51.68
N MET J 304 53.94 -25.51 51.74
CA MET J 304 53.17 -24.40 51.21
C MET J 304 53.94 -23.80 50.04
N PHE J 305 53.25 -23.01 49.21
N PHE J 305 53.28 -22.98 49.23
CA PHE J 305 53.82 -22.38 48.03
CA PHE J 305 53.99 -22.34 48.13
C PHE J 305 53.41 -20.92 47.84
C PHE J 305 53.44 -20.96 47.81
N PHE J 306 54.35 -20.09 47.42
CA PHE J 306 54.05 -18.71 47.07
C PHE J 306 53.18 -18.62 45.81
N VAL J 307 51.87 -18.40 45.99
CA VAL J 307 51.02 -18.10 44.86
C VAL J 307 51.49 -16.78 44.29
N LYS J 308 51.76 -15.84 45.19
CA LYS J 308 52.35 -14.56 44.80
C LYS J 308 53.58 -14.26 45.64
N ASN J 309 54.73 -14.13 44.99
CA ASN J 309 55.99 -13.87 45.69
C ASN J 309 55.95 -12.55 46.43
N PRO J 310 56.75 -12.44 47.51
CA PRO J 310 56.90 -11.18 48.26
C PRO J 310 57.26 -10.01 47.35
N THR J 311 56.44 -8.96 47.36
CA THR J 311 56.68 -7.80 46.52
C THR J 311 56.55 -6.50 47.31
N ASP J 312 57.27 -5.47 46.87
CA ASP J 312 57.25 -4.17 47.52
C ASP J 312 55.89 -3.49 47.33
N THR J 313 55.37 -2.90 48.41
CA THR J 313 54.07 -2.23 48.37
C THR J 313 54.18 -0.72 48.21
N GLY J 314 55.34 -0.18 48.56
CA GLY J 314 55.55 1.26 48.52
C GLY J 314 55.20 1.90 49.85
N HIS J 315 54.64 1.11 50.76
CA HIS J 315 54.29 1.59 52.10
C HIS J 315 55.37 1.19 53.11
N GLY J 316 56.47 0.66 52.59
CA GLY J 316 57.54 0.17 53.44
C GLY J 316 57.29 -1.24 53.92
N THR J 317 56.19 -1.83 53.46
CA THR J 317 55.86 -3.21 53.80
C THR J 317 55.93 -4.09 52.55
N VAL J 318 55.86 -5.40 52.75
CA VAL J 318 55.84 -6.34 51.65
C VAL J 318 54.59 -7.23 51.75
N VAL J 319 54.08 -7.66 50.60
CA VAL J 319 52.92 -8.56 50.58
C VAL J 319 53.21 -9.82 49.80
N MET J 320 52.59 -10.91 50.20
CA MET J 320 52.78 -12.20 49.53
C MET J 320 51.52 -13.04 49.68
N GLN J 321 51.30 -13.96 48.74
CA GLN J 321 50.15 -14.84 48.82
C GLN J 321 50.61 -16.29 48.86
N VAL J 322 50.31 -16.96 49.97
CA VAL J 322 50.75 -18.33 50.20
C VAL J 322 49.58 -19.31 50.18
N LYS J 323 49.69 -20.36 49.39
CA LYS J 323 48.65 -21.40 49.40
C LYS J 323 49.03 -22.53 50.35
N VAL J 324 48.06 -22.99 51.12
CA VAL J 324 48.28 -24.14 51.97
C VAL J 324 47.55 -25.32 51.36
N SER J 325 48.32 -26.18 50.69
CA SER J 325 47.78 -27.23 49.84
C SER J 325 47.20 -28.39 50.64
N LYS J 326 47.91 -28.80 51.68
CA LYS J 326 47.49 -29.96 52.45
C LYS J 326 47.07 -29.51 53.85
N GLY J 327 48.02 -29.53 54.79
CA GLY J 327 47.80 -29.06 56.15
C GLY J 327 46.47 -29.45 56.75
N ALA J 328 45.75 -28.43 57.25
CA ALA J 328 44.44 -28.57 57.89
C ALA J 328 44.04 -27.17 58.35
N PRO J 329 42.96 -27.03 59.14
CA PRO J 329 42.88 -25.72 59.78
C PRO J 329 44.13 -25.47 60.61
N CYS J 330 44.99 -24.55 60.17
CA CYS J 330 46.25 -24.32 60.84
C CYS J 330 46.72 -22.88 60.68
N ARG J 331 47.59 -22.44 61.58
CA ARG J 331 48.13 -21.10 61.50
C ARG J 331 49.53 -21.10 60.93
N ILE J 332 49.87 -20.04 60.21
CA ILE J 332 51.16 -19.94 59.56
C ILE J 332 52.12 -19.01 60.29
N PRO J 333 53.29 -19.53 60.66
CA PRO J 333 54.35 -18.75 61.31
C PRO J 333 55.17 -17.96 60.30
N VAL J 334 55.03 -16.63 60.33
CA VAL J 334 55.77 -15.76 59.43
C VAL J 334 56.71 -14.84 60.21
N ILE J 335 58.00 -14.93 59.92
CA ILE J 335 58.99 -14.05 60.56
C ILE J 335 59.96 -13.48 59.53
N VAL J 336 60.59 -12.37 59.87
CA VAL J 336 61.63 -11.80 59.02
C VAL J 336 62.94 -11.68 59.80
N ALA J 337 63.87 -12.62 59.57
CA ALA J 337 65.11 -12.66 60.34
C ALA J 337 66.28 -12.17 59.50
N ASP J 338 67.42 -11.91 60.13
CA ASP J 338 68.60 -11.48 59.38
C ASP J 338 69.49 -12.68 59.04
N ASP J 339 69.03 -13.88 59.40
CA ASP J 339 69.80 -15.09 59.17
C ASP J 339 68.88 -16.31 59.10
N LEU J 340 69.35 -17.35 58.40
CA LEU J 340 68.58 -18.58 58.26
C LEU J 340 68.69 -19.43 59.52
N THR J 341 69.81 -19.26 60.23
CA THR J 341 70.05 -20.00 61.45
C THR J 341 69.29 -19.38 62.60
N ALA J 342 69.49 -18.07 62.82
CA ALA J 342 68.77 -17.40 63.87
C ALA J 342 67.31 -17.23 63.46
N ALA J 343 66.40 -17.73 64.30
CA ALA J 343 64.98 -17.63 64.05
C ALA J 343 64.42 -16.47 64.86
N ILE J 344 65.13 -15.35 64.82
CA ILE J 344 64.76 -14.18 65.60
C ILE J 344 64.15 -13.11 64.71
N ASN J 345 62.86 -12.86 64.91
CA ASN J 345 62.10 -11.93 64.10
C ASN J 345 62.45 -10.47 64.35
N LYS J 346 62.92 -9.80 63.30
CA LYS J 346 63.19 -8.37 63.38
C LYS J 346 62.08 -7.56 62.71
N GLY J 347 61.18 -8.27 62.03
CA GLY J 347 60.08 -7.66 61.31
C GLY J 347 58.78 -7.54 62.06
N ILE J 348 57.90 -6.66 61.59
CA ILE J 348 56.59 -6.46 62.19
C ILE J 348 55.48 -7.02 61.29
N LEU J 349 54.64 -7.87 61.88
CA LEU J 349 53.58 -8.53 61.13
C LEU J 349 52.32 -7.66 61.06
N VAL J 350 51.94 -7.28 59.85
CA VAL J 350 50.72 -6.48 59.66
C VAL J 350 49.50 -7.41 59.73
N THR J 351 49.60 -8.54 59.03
CA THR J 351 48.57 -9.58 59.11
C THR J 351 48.80 -10.42 60.36
N VAL J 352 48.29 -9.95 61.50
CA VAL J 352 48.55 -10.61 62.79
C VAL J 352 47.93 -12.01 62.83
N ASN J 353 48.76 -13.00 63.16
CA ASN J 353 48.36 -14.40 63.18
C ASN J 353 47.66 -14.85 61.90
N PRO J 354 48.44 -15.09 60.84
CA PRO J 354 47.92 -15.61 59.57
C PRO J 354 47.22 -16.96 59.77
N ILE J 355 46.30 -17.31 58.89
CA ILE J 355 45.49 -18.50 59.10
C ILE J 355 45.07 -19.15 57.79
N ALA J 356 44.91 -20.47 57.83
CA ALA J 356 44.40 -21.23 56.69
C ALA J 356 43.24 -22.12 57.13
N SER J 357 42.02 -21.68 56.82
CA SER J 357 40.82 -22.38 57.26
C SER J 357 40.64 -23.71 56.51
N THR J 358 40.49 -23.62 55.19
CA THR J 358 40.35 -24.81 54.36
C THR J 358 41.68 -25.20 53.71
N ASN J 359 41.64 -26.22 52.87
CA ASN J 359 42.83 -26.65 52.14
C ASN J 359 42.90 -25.92 50.80
N ASP J 360 44.08 -25.87 50.20
CA ASP J 360 44.31 -25.10 48.98
C ASP J 360 43.91 -23.64 49.20
N ASP J 361 43.98 -23.22 50.46
CA ASP J 361 43.53 -21.90 50.84
C ASP J 361 44.66 -20.91 50.59
N GLU J 362 44.37 -19.80 49.91
CA GLU J 362 45.38 -18.79 49.67
C GLU J 362 45.24 -17.66 50.68
N VAL J 363 46.33 -17.41 51.40
CA VAL J 363 46.32 -16.45 52.49
C VAL J 363 47.36 -15.36 52.23
N LEU J 364 46.93 -14.11 52.38
CA LEU J 364 47.76 -12.95 52.10
C LEU J 364 48.48 -12.47 53.36
N ILE J 365 49.81 -12.43 53.28
CA ILE J 365 50.62 -11.94 54.39
C ILE J 365 51.23 -10.60 54.04
N GLU J 366 51.14 -9.65 54.97
CA GLU J 366 51.82 -8.38 54.82
C GLU J 366 52.76 -8.19 56.01
N VAL J 367 54.03 -8.00 55.73
CA VAL J 367 55.02 -7.87 56.79
C VAL J 367 55.83 -6.58 56.66
N ASN J 368 56.26 -6.02 57.79
CA ASN J 368 57.14 -4.87 57.79
C ASN J 368 58.58 -5.25 58.08
N PRO J 369 59.38 -5.48 57.03
CA PRO J 369 60.77 -5.92 57.20
C PRO J 369 61.65 -4.79 57.75
N PRO J 370 62.79 -5.13 58.36
CA PRO J 370 63.71 -4.10 58.84
C PRO J 370 64.58 -3.55 57.71
N PHE J 371 65.22 -2.41 57.94
CA PHE J 371 66.12 -1.86 56.93
C PHE J 371 67.34 -2.76 56.71
N GLY J 372 67.75 -2.87 55.45
CA GLY J 372 68.88 -3.67 55.06
C GLY J 372 68.49 -5.02 54.48
N ASP J 373 69.39 -5.98 54.62
CA ASP J 373 69.19 -7.33 54.11
C ASP J 373 68.51 -8.25 55.13
N SER J 374 67.62 -9.12 54.63
CA SER J 374 66.92 -10.06 55.50
C SER J 374 66.35 -11.26 54.74
N TYR J 375 65.80 -12.20 55.51
CA TYR J 375 65.13 -13.39 55.01
C TYR J 375 63.70 -13.45 55.53
N ILE J 376 62.76 -13.60 54.60
CA ILE J 376 61.36 -13.84 54.92
C ILE J 376 61.13 -15.33 55.05
N ILE J 377 60.77 -15.75 56.26
CA ILE J 377 60.60 -17.16 56.59
C ILE J 377 59.14 -17.48 56.90
N VAL J 378 58.58 -18.40 56.13
CA VAL J 378 57.20 -18.83 56.27
C VAL J 378 57.12 -20.33 56.53
N GLY J 379 56.78 -20.70 57.76
CA GLY J 379 56.69 -22.11 58.11
C GLY J 379 57.94 -22.60 58.83
N ARG J 380 57.99 -23.90 59.09
CA ARG J 380 59.15 -24.50 59.77
C ARG J 380 59.63 -25.79 59.10
N GLY J 381 60.81 -26.24 59.50
CA GLY J 381 61.36 -27.50 59.01
C GLY J 381 61.98 -27.41 57.63
N ASP J 382 61.84 -28.50 56.87
CA ASP J 382 62.35 -28.55 55.51
C ASP J 382 61.31 -27.99 54.55
N SER J 383 60.08 -27.93 55.05
CA SER J 383 58.93 -27.49 54.26
C SER J 383 58.82 -25.97 54.16
N ARG J 384 59.58 -25.26 54.97
CA ARG J 384 59.43 -23.81 55.08
C ARG J 384 59.87 -23.07 53.83
N LEU J 385 59.21 -21.95 53.56
CA LEU J 385 59.54 -21.10 52.43
C LEU J 385 60.43 -19.95 52.88
N THR J 386 61.52 -19.75 52.16
CA THR J 386 62.42 -18.64 52.46
C THR J 386 62.56 -17.75 51.23
N TYR J 387 62.48 -16.45 51.44
CA TYR J 387 62.58 -15.47 50.35
C TYR J 387 63.45 -14.31 50.79
N GLN J 388 64.57 -14.11 50.09
CA GLN J 388 65.48 -13.04 50.43
C GLN J 388 64.84 -11.70 50.15
N TRP J 389 64.95 -10.80 51.11
CA TRP J 389 64.38 -9.47 50.95
C TRP J 389 65.36 -8.38 51.31
N HIS J 390 65.31 -7.33 50.52
CA HIS J 390 66.11 -6.14 50.71
C HIS J 390 65.28 -4.88 50.87
N LYS J 391 65.63 -4.04 51.84
CA LYS J 391 64.86 -2.81 52.06
C LYS J 391 65.70 -1.57 52.37
N GLU J 392 65.77 -0.64 51.41
CA GLU J 392 66.47 0.65 51.62
C GLU J 392 65.68 1.56 52.55
N GLU K 1 -1.40 48.39 22.35
CA GLU K 1 -2.68 49.07 22.27
C GLU K 1 -2.98 49.47 20.82
N VAL K 2 -2.18 48.95 19.89
CA VAL K 2 -2.36 49.26 18.48
C VAL K 2 -3.70 48.69 18.01
N GLN K 3 -4.56 49.56 17.53
CA GLN K 3 -5.88 49.15 17.07
C GLN K 3 -6.21 49.71 15.69
N LEU K 4 -6.89 48.93 14.87
CA LEU K 4 -7.33 49.40 13.56
C LEU K 4 -8.85 49.44 13.52
N VAL K 5 -9.41 50.50 12.95
CA VAL K 5 -10.85 50.59 12.79
C VAL K 5 -11.21 51.07 11.38
N GLU K 6 -12.03 50.30 10.67
CA GLU K 6 -12.43 50.68 9.32
C GLU K 6 -13.78 51.40 9.29
N SER K 7 -13.92 52.29 8.30
CA SER K 7 -15.13 53.08 8.13
C SER K 7 -15.35 53.38 6.65
N GLY K 8 -16.58 53.73 6.30
CA GLY K 8 -16.93 54.04 4.93
C GLY K 8 -18.35 53.61 4.60
N PRO K 9 -18.77 53.82 3.34
CA PRO K 9 -20.11 53.46 2.87
C PRO K 9 -20.52 52.01 3.16
N ARG K 10 -21.62 51.86 3.89
CA ARG K 10 -22.13 50.55 4.29
C ARG K 10 -22.95 49.87 3.22
N LEU K 11 -23.73 50.68 2.50
CA LEU K 11 -24.57 50.17 1.43
C LEU K 11 -24.07 50.75 0.11
N VAL K 12 -23.67 49.88 -0.81
CA VAL K 12 -23.11 50.34 -2.08
C VAL K 12 -23.83 49.75 -3.29
N LYS K 13 -24.25 50.64 -4.17
CA LYS K 13 -24.93 50.27 -5.41
C LYS K 13 -23.94 49.67 -6.41
N PRO K 14 -24.42 48.75 -7.26
CA PRO K 14 -23.59 48.15 -8.31
C PRO K 14 -22.98 49.16 -9.27
N SER K 15 -21.89 48.77 -9.94
CA SER K 15 -21.23 49.60 -10.95
C SER K 15 -20.59 50.89 -10.42
N GLU K 16 -20.58 51.09 -9.11
CA GLU K 16 -20.07 52.36 -8.62
C GLU K 16 -18.62 52.15 -8.12
N THR K 17 -18.18 52.89 -7.11
CA THR K 17 -16.86 52.66 -6.55
C THR K 17 -16.95 52.53 -5.04
N LEU K 18 -15.96 51.87 -4.46
CA LEU K 18 -15.96 51.60 -3.04
C LEU K 18 -14.79 52.28 -2.35
N SER K 19 -15.10 53.25 -1.49
CA SER K 19 -14.09 54.02 -0.78
C SER K 19 -14.11 53.64 0.69
N LEU K 20 -13.22 52.73 1.06
CA LEU K 20 -13.12 52.34 2.47
C LEU K 20 -11.87 52.97 3.07
N THR K 21 -11.91 53.23 4.37
CA THR K 21 -10.76 53.82 5.03
C THR K 21 -10.48 53.14 6.36
N CYS K 22 -9.25 52.66 6.51
CA CYS K 22 -8.80 52.06 7.74
C CYS K 22 -7.95 53.05 8.53
N THR K 23 -8.38 53.29 9.76
CA THR K 23 -7.70 54.20 10.67
C THR K 23 -6.86 53.42 11.67
N VAL K 24 -5.58 53.80 11.76
CA VAL K 24 -4.61 53.14 12.61
C VAL K 24 -4.29 53.98 13.83
N SER K 25 -4.57 53.43 15.02
CA SER K 25 -4.26 54.13 16.26
C SER K 25 -3.29 53.34 17.13
N GLY K 26 -2.51 54.07 17.93
CA GLY K 26 -1.58 53.45 18.85
C GLY K 26 -0.21 53.20 18.27
N GLY K 27 -0.03 53.55 17.01
CA GLY K 27 1.25 53.34 16.33
C GLY K 27 1.32 53.97 14.95
N SER K 28 2.52 54.32 14.52
CA SER K 28 2.71 54.97 13.23
C SER K 28 2.67 53.96 12.09
N THR K 29 2.69 54.46 10.85
CA THR K 29 2.57 53.61 9.67
C THR K 29 3.85 53.49 8.85
N TYR K 30 4.98 53.84 9.46
CA TYR K 30 6.26 53.76 8.76
C TYR K 30 6.66 52.33 8.45
N ASN K 31 6.48 51.44 9.41
CA ASN K 31 6.79 50.02 9.23
C ASN K 31 5.59 49.22 8.72
N HIS K 32 5.83 47.93 8.49
CA HIS K 32 4.79 46.94 8.24
C HIS K 32 4.04 47.13 6.91
N HIS K 33 3.32 46.09 6.52
CA HIS K 33 2.53 46.14 5.29
C HIS K 33 1.05 46.22 5.62
N TRP K 34 0.42 47.32 5.25
CA TRP K 34 -0.97 47.56 5.63
C TRP K 34 -1.89 46.96 4.57
N SER K 35 -2.66 45.96 4.99
CA SER K 35 -3.37 45.07 4.09
C SER K 35 -4.88 45.07 4.23
N TRP K 36 -5.57 44.60 3.19
CA TRP K 36 -7.01 44.40 3.22
C TRP K 36 -7.36 42.94 2.96
N ILE K 37 -8.32 42.41 3.73
CA ILE K 37 -8.78 41.03 3.58
C ILE K 37 -10.30 41.03 3.69
N ARG K 38 -10.98 40.30 2.81
CA ARG K 38 -12.44 40.28 2.85
C ARG K 38 -13.02 38.88 3.02
N GLN K 39 -14.26 38.81 3.51
CA GLN K 39 -14.90 37.53 3.76
C GLN K 39 -16.41 37.57 3.53
N PRO K 40 -16.87 36.99 2.42
CA PRO K 40 -18.30 36.81 2.15
C PRO K 40 -18.95 35.89 3.18
N PRO K 41 -20.23 36.13 3.51
CA PRO K 41 -20.98 35.36 4.53
C PRO K 41 -20.96 33.85 4.31
N GLY K 42 -20.49 33.10 5.30
CA GLY K 42 -20.49 31.66 5.23
C GLY K 42 -19.42 31.14 4.29
N ARG K 43 -18.45 31.99 3.97
CA ARG K 43 -17.41 31.62 3.03
C ARG K 43 -16.02 31.88 3.60
N GLY K 44 -14.99 31.72 2.77
CA GLY K 44 -13.62 31.81 3.24
C GLY K 44 -13.00 33.19 3.12
N LEU K 45 -11.78 33.32 3.65
CA LEU K 45 -11.06 34.59 3.62
C LEU K 45 -10.37 34.82 2.28
N GLU K 46 -10.41 36.07 1.79
CA GLU K 46 -9.70 36.41 0.56
C GLU K 46 -8.75 37.59 0.77
N TRP K 47 -7.46 37.34 0.63
CA TRP K 47 -6.45 38.38 0.78
C TRP K 47 -6.48 39.33 -0.42
N ILE K 48 -6.85 40.58 -0.17
CA ILE K 48 -6.99 41.56 -1.25
C ILE K 48 -5.63 42.10 -1.68
N GLY K 49 -4.93 42.75 -0.76
CA GLY K 49 -3.62 43.29 -1.07
C GLY K 49 -2.99 44.07 0.08
N TYR K 50 -1.87 44.73 -0.20
CA TYR K 50 -1.21 45.56 0.79
C TYR K 50 -0.51 46.78 0.19
N ILE K 51 -0.20 47.74 1.06
CA ILE K 51 0.64 48.88 0.70
C ILE K 51 1.53 49.27 1.89
N SER K 52 2.72 49.79 1.59
CA SER K 52 3.66 50.22 2.62
C SER K 52 3.97 51.72 2.55
N TYR K 53 4.67 52.22 3.55
CA TYR K 53 5.15 53.60 3.55
C TYR K 53 6.21 53.77 2.46
N SER K 54 6.90 52.68 2.16
CA SER K 54 7.92 52.67 1.12
C SER K 54 7.28 52.95 -0.25
N GLY K 55 6.04 52.52 -0.41
CA GLY K 55 5.32 52.72 -1.65
C GLY K 55 5.07 51.40 -2.35
N LYS K 56 5.87 50.39 -2.01
CA LYS K 56 5.72 49.07 -2.59
C LYS K 56 4.37 48.49 -2.18
N SER K 57 3.63 47.98 -3.16
CA SER K 57 2.30 47.45 -2.92
C SER K 57 2.09 46.17 -3.71
N ASN K 58 1.01 45.46 -3.39
CA ASN K 58 0.67 44.27 -4.15
C ASN K 58 -0.81 43.95 -4.05
N TYR K 59 -1.41 43.58 -5.17
CA TYR K 59 -2.84 43.30 -5.20
C TYR K 59 -3.06 41.85 -5.60
N ASN K 60 -4.14 41.25 -5.11
CA ASN K 60 -4.53 39.92 -5.53
C ASN K 60 -4.78 39.92 -7.04
N PRO K 61 -4.13 39.00 -7.77
CA PRO K 61 -4.24 38.92 -9.24
C PRO K 61 -5.69 38.78 -9.69
N SER K 62 -6.51 38.12 -8.89
CA SER K 62 -7.93 37.93 -9.20
C SER K 62 -8.71 39.23 -8.97
N LEU K 63 -8.05 40.23 -8.40
CA LEU K 63 -8.71 41.49 -8.05
C LEU K 63 -7.92 42.70 -8.53
N LYS K 64 -6.72 42.46 -9.05
CA LYS K 64 -5.75 43.51 -9.35
C LYS K 64 -6.26 44.67 -10.21
N SER K 65 -7.10 44.37 -11.20
CA SER K 65 -7.60 45.37 -12.12
C SER K 65 -8.46 46.46 -11.47
N ARG K 66 -9.08 46.12 -10.34
CA ARG K 66 -10.05 47.02 -9.71
C ARG K 66 -9.53 47.65 -8.42
N VAL K 67 -8.73 46.90 -7.66
CA VAL K 67 -8.30 47.34 -6.34
C VAL K 67 -7.23 48.43 -6.43
N THR K 68 -7.41 49.48 -5.64
CA THR K 68 -6.40 50.52 -5.48
C THR K 68 -6.23 50.82 -4.00
N ILE K 69 -5.09 50.48 -3.44
CA ILE K 69 -4.83 50.74 -2.03
C ILE K 69 -3.80 51.83 -1.85
N SER K 70 -4.17 52.88 -1.11
CA SER K 70 -3.26 54.00 -0.94
C SER K 70 -2.97 54.21 0.54
N LEU K 71 -1.86 54.86 0.85
CA LEU K 71 -1.47 55.04 2.23
C LEU K 71 -1.24 56.51 2.48
N GLU K 72 -1.98 57.08 3.42
CA GLU K 72 -1.73 58.44 3.84
C GLU K 72 -1.22 58.42 5.27
N PRO K 73 0.10 58.56 5.43
CA PRO K 73 0.85 58.49 6.68
C PRO K 73 0.58 59.67 7.60
N SER K 74 0.24 60.82 7.02
CA SER K 74 0.03 62.04 7.80
C SER K 74 -1.03 61.83 8.87
N THR K 75 -2.14 61.20 8.49
CA THR K 75 -3.19 60.87 9.45
C THR K 75 -3.04 59.43 9.92
N THR K 76 -1.99 58.76 9.45
CA THR K 76 -1.74 57.35 9.73
C THR K 76 -2.97 56.52 9.39
N GLN K 77 -3.43 56.62 8.15
CA GLN K 77 -4.58 55.82 7.72
C GLN K 77 -4.45 55.46 6.24
N PHE K 78 -5.03 54.34 5.85
CA PHE K 78 -4.92 53.93 4.46
C PHE K 78 -6.28 53.60 3.86
N SER K 79 -6.39 53.68 2.53
CA SER K 79 -7.69 53.60 1.88
C SER K 79 -7.74 52.49 0.85
N LEU K 80 -8.89 51.82 0.81
CA LEU K 80 -9.18 50.80 -0.20
C LEU K 80 -10.14 51.37 -1.24
N LYS K 81 -9.84 51.12 -2.51
CA LYS K 81 -10.66 51.64 -3.59
C LYS K 81 -11.06 50.48 -4.51
N LEU K 82 -12.31 50.05 -4.46
CA LEU K 82 -12.73 48.93 -5.30
C LEU K 82 -13.70 49.37 -6.40
N ASN K 83 -13.30 49.19 -7.66
CA ASN K 83 -14.15 49.59 -8.79
C ASN K 83 -14.91 48.44 -9.41
N SER K 84 -15.80 48.76 -10.34
CA SER K 84 -16.56 47.78 -11.12
C SER K 84 -17.16 46.66 -10.28
N LEU K 85 -17.97 47.03 -9.30
CA LEU K 85 -18.50 46.08 -8.32
C LEU K 85 -19.45 45.05 -8.92
N THR K 86 -19.72 44.01 -8.12
CA THR K 86 -20.64 42.94 -8.49
C THR K 86 -21.19 42.31 -7.21
N ALA K 87 -22.02 41.28 -7.36
CA ALA K 87 -22.61 40.61 -6.21
C ALA K 87 -21.56 39.83 -5.43
N ALA K 88 -20.44 39.52 -6.08
CA ALA K 88 -19.36 38.78 -5.45
C ALA K 88 -18.58 39.63 -4.46
N ASP K 89 -18.58 40.94 -4.67
CA ASP K 89 -17.82 41.85 -3.81
C ASP K 89 -18.57 42.14 -2.51
N THR K 90 -19.77 41.62 -2.37
CA THR K 90 -20.54 41.75 -1.14
C THR K 90 -19.90 40.88 -0.05
N ALA K 91 -19.26 41.53 0.92
CA ALA K 91 -18.52 40.79 1.94
C ALA K 91 -18.15 41.68 3.13
N VAL K 92 -17.66 41.06 4.20
CA VAL K 92 -17.15 41.81 5.33
C VAL K 92 -15.69 42.17 5.07
N TYR K 93 -15.39 43.47 5.03
CA TYR K 93 -14.05 43.94 4.73
C TYR K 93 -13.27 44.29 6.00
N TYR K 94 -12.20 43.54 6.23
CA TYR K 94 -11.26 43.80 7.31
C TYR K 94 -10.00 44.49 6.79
N CYS K 95 -9.51 45.44 7.56
CA CYS K 95 -8.16 45.96 7.35
C CYS K 95 -7.24 45.41 8.44
N ALA K 96 -6.04 45.00 8.05
CA ALA K 96 -5.13 44.36 9.00
C ALA K 96 -3.68 44.75 8.77
N ARG K 97 -2.87 44.66 9.82
CA ARG K 97 -1.46 44.96 9.75
C ARG K 97 -0.62 43.70 9.60
N GLU K 98 0.15 43.63 8.51
CA GLU K 98 1.14 42.57 8.37
C GLU K 98 2.46 43.03 8.97
N TYR K 99 2.77 42.50 10.15
CA TYR K 99 3.96 42.88 10.90
C TYR K 99 5.22 42.35 10.23
N ARG K 100 6.15 43.24 9.91
CA ARG K 100 7.43 42.85 9.33
C ARG K 100 8.59 43.61 9.99
N ASP K 101 9.50 42.86 10.60
CA ASP K 101 10.68 43.44 11.24
C ASP K 101 11.94 43.02 10.48
N ASP K 102 12.47 43.93 9.66
CA ASP K 102 13.65 43.62 8.84
C ASP K 102 14.96 43.90 9.57
N THR K 103 14.86 44.27 10.85
CA THR K 103 16.04 44.52 11.66
C THR K 103 16.46 43.26 12.41
N ASN K 104 15.48 42.59 13.02
CA ASN K 104 15.73 41.36 13.77
C ASN K 104 15.20 40.13 13.05
N TYR K 105 14.62 40.37 11.87
CA TYR K 105 14.11 39.31 11.00
C TYR K 105 12.96 38.53 11.67
N TYR K 106 11.92 39.26 12.05
CA TYR K 106 10.71 38.62 12.56
C TYR K 106 9.49 39.02 11.73
N TYR K 107 8.67 38.03 11.38
CA TYR K 107 7.52 38.26 10.53
C TYR K 107 6.34 37.44 11.05
N TYR K 108 5.32 38.13 11.55
CA TYR K 108 4.20 37.46 12.21
C TYR K 108 2.94 37.44 11.34
N SER K 109 3.11 37.74 10.06
CA SER K 109 1.98 37.86 9.14
C SER K 109 1.00 38.92 9.67
N LEU K 110 -0.28 38.71 9.40
CA LEU K 110 -1.32 39.64 9.87
C LEU K 110 -1.61 39.43 11.35
N ASP K 111 -1.04 40.29 12.20
CA ASP K 111 -1.13 40.07 13.64
C ASP K 111 -2.20 40.92 14.30
N VAL K 112 -2.52 42.07 13.70
CA VAL K 112 -3.53 42.96 14.25
C VAL K 112 -4.62 43.23 13.21
N TRP K 113 -5.87 42.99 13.60
CA TRP K 113 -7.01 43.12 12.68
C TRP K 113 -7.97 44.20 13.12
N GLY K 114 -8.85 44.62 12.21
CA GLY K 114 -9.94 45.50 12.56
C GLY K 114 -11.17 44.65 12.81
N PRO K 115 -12.20 45.24 13.44
CA PRO K 115 -13.44 44.52 13.77
C PRO K 115 -14.17 43.99 12.54
N GLY K 116 -14.01 44.67 11.41
CA GLY K 116 -14.63 44.28 10.16
C GLY K 116 -15.96 44.96 9.93
N THR K 117 -16.18 45.41 8.70
CA THR K 117 -17.43 46.06 8.32
C THR K 117 -18.12 45.35 7.14
N MET K 118 -19.42 45.08 7.27
CA MET K 118 -20.15 44.37 6.22
C MET K 118 -20.58 45.29 5.09
N VAL K 119 -20.01 45.07 3.91
CA VAL K 119 -20.35 45.85 2.72
C VAL K 119 -21.19 45.04 1.74
N THR K 120 -22.25 45.67 1.21
CA THR K 120 -23.15 45.02 0.27
C THR K 120 -23.19 45.76 -1.06
N ILE L 2 -0.12 30.41 -5.35
CA ILE L 2 -0.03 29.22 -4.50
C ILE L 2 -1.41 28.87 -3.95
N VAL L 3 -1.74 27.58 -3.98
CA VAL L 3 -3.04 27.10 -3.54
C VAL L 3 -2.96 26.38 -2.19
N MET L 4 -3.78 26.81 -1.24
CA MET L 4 -3.79 26.20 0.10
C MET L 4 -5.04 25.36 0.34
N THR L 5 -4.85 24.13 0.82
CA THR L 5 -5.98 23.28 1.21
C THR L 5 -5.93 22.92 2.68
N GLN L 6 -7.09 22.61 3.26
CA GLN L 6 -7.20 22.22 4.65
C GLN L 6 -8.04 20.95 4.77
N SER L 7 -7.76 20.15 5.79
CA SER L 7 -8.45 18.88 6.00
C SER L 7 -8.57 18.53 7.48
N PRO L 8 -9.77 18.11 7.92
CA PRO L 8 -10.98 17.92 7.11
C PRO L 8 -11.77 19.22 6.93
N SER L 9 -12.89 19.16 6.21
CA SER L 9 -13.74 20.32 6.01
C SER L 9 -14.44 20.71 7.30
N THR L 10 -14.88 19.70 8.05
CA THR L 10 -15.53 19.92 9.33
C THR L 10 -15.08 18.81 10.28
N LEU L 11 -14.95 19.13 11.56
CA LEU L 11 -14.51 18.14 12.53
C LEU L 11 -15.28 18.26 13.83
N SER L 12 -15.89 17.15 14.24
CA SER L 12 -16.61 17.07 15.50
C SER L 12 -15.81 16.26 16.51
N ALA L 13 -15.66 16.82 17.71
CA ALA L 13 -14.89 16.19 18.77
C ALA L 13 -15.48 16.57 20.12
N SER L 14 -14.91 16.01 21.19
CA SER L 14 -15.43 16.30 22.52
C SER L 14 -14.40 17.06 23.35
N VAL L 15 -14.87 17.68 24.43
CA VAL L 15 -13.99 18.42 25.31
C VAL L 15 -12.99 17.49 25.98
N GLY L 16 -11.71 17.79 25.83
CA GLY L 16 -10.66 16.98 26.42
C GLY L 16 -9.96 16.10 25.39
N ASP L 17 -10.48 16.12 24.17
CA ASP L 17 -9.91 15.31 23.10
C ASP L 17 -8.65 15.93 22.51
N ARG L 18 -7.85 15.10 21.86
CA ARG L 18 -6.69 15.56 21.10
C ARG L 18 -7.03 15.66 19.62
N VAL L 19 -6.99 16.87 19.07
CA VAL L 19 -7.35 17.06 17.67
C VAL L 19 -6.19 17.55 16.81
N THR L 20 -6.26 17.21 15.52
CA THR L 20 -5.22 17.56 14.57
C THR L 20 -5.83 17.96 13.23
N ILE L 21 -5.64 19.22 12.85
CA ILE L 21 -6.09 19.73 11.58
C ILE L 21 -4.88 19.82 10.65
N THR L 22 -5.06 19.46 9.38
CA THR L 22 -3.95 19.48 8.44
C THR L 22 -4.11 20.56 7.39
N CYS L 23 -2.98 21.11 6.95
CA CYS L 23 -2.97 22.15 5.93
C CYS L 23 -1.83 21.89 4.95
N ARG L 24 -2.12 21.96 3.65
CA ARG L 24 -1.12 21.67 2.62
C ARG L 24 -1.05 22.80 1.60
N ALA L 25 0.17 23.14 1.18
CA ALA L 25 0.39 24.12 0.14
C ALA L 25 0.70 23.43 -1.19
N SER L 26 0.32 24.07 -2.29
CA SER L 26 0.55 23.53 -3.63
C SER L 26 2.03 23.36 -3.93
N GLN L 27 2.85 24.24 -3.38
CA GLN L 27 4.31 24.13 -3.45
C GLN L 27 4.92 24.46 -2.11
N SER L 28 6.24 24.32 -2.03
CA SER L 28 6.94 24.56 -0.77
C SER L 28 6.86 26.04 -0.39
N ILE L 29 6.51 26.30 0.87
CA ILE L 29 6.42 27.66 1.38
C ILE L 29 7.34 27.84 2.59
N GLY L 30 8.34 26.96 2.69
CA GLY L 30 9.27 26.99 3.80
C GLY L 30 8.60 26.73 5.13
N SER L 31 8.82 27.62 6.09
CA SER L 31 8.16 27.52 7.38
C SER L 31 7.18 28.66 7.58
N TRP L 32 7.02 29.48 6.54
CA TRP L 32 6.15 30.65 6.62
C TRP L 32 4.67 30.31 6.50
N LEU L 33 4.09 29.78 7.57
CA LEU L 33 2.67 29.49 7.61
C LEU L 33 2.08 29.99 8.92
N ALA L 34 0.90 30.60 8.83
CA ALA L 34 0.23 31.12 10.02
C ALA L 34 -1.13 30.44 10.21
N TRP L 35 -1.48 30.24 11.47
CA TRP L 35 -2.77 29.67 11.83
C TRP L 35 -3.62 30.73 12.53
N TYR L 36 -4.83 30.91 12.01
CA TYR L 36 -5.79 31.91 12.49
C TYR L 36 -7.08 31.28 13.01
N GLN L 37 -7.61 31.86 14.08
CA GLN L 37 -8.89 31.44 14.64
C GLN L 37 -9.96 32.50 14.51
N GLN L 38 -11.07 32.13 13.88
CA GLN L 38 -12.21 33.02 13.70
C GLN L 38 -13.49 32.45 14.31
N LYS L 39 -14.07 33.25 15.19
CA LYS L 39 -15.36 32.99 15.81
C LYS L 39 -16.42 33.86 15.13
N PRO L 40 -17.68 33.40 15.10
CA PRO L 40 -18.75 34.13 14.41
C PRO L 40 -18.90 35.58 14.90
N GLY L 41 -18.87 36.52 13.96
CA GLY L 41 -19.02 37.93 14.28
C GLY L 41 -17.74 38.62 14.73
N LYS L 42 -16.67 37.85 14.87
CA LYS L 42 -15.39 38.43 15.31
C LYS L 42 -14.33 38.31 14.21
N ALA L 43 -13.29 39.12 14.31
CA ALA L 43 -12.19 39.09 13.35
C ALA L 43 -11.27 37.89 13.58
N PRO L 44 -10.57 37.43 12.53
CA PRO L 44 -9.61 36.34 12.73
C PRO L 44 -8.52 36.75 13.72
N LYS L 45 -8.21 35.86 14.65
CA LYS L 45 -7.15 36.12 15.63
C LYS L 45 -5.92 35.26 15.35
N LEU L 46 -4.74 35.86 15.50
CA LEU L 46 -3.50 35.15 15.22
C LEU L 46 -3.17 34.16 16.32
N LEU L 47 -3.13 32.88 15.98
CA LEU L 47 -2.76 31.84 16.92
C LEU L 47 -1.32 31.41 16.70
N ILE L 48 -1.03 30.89 15.52
CA ILE L 48 0.30 30.40 15.23
C ILE L 48 0.96 31.20 14.12
N TYR L 49 2.27 31.43 14.24
CA TYR L 49 3.04 32.04 13.15
C TYR L 49 4.31 31.23 12.93
N LYS L 50 4.83 31.29 11.71
CA LYS L 50 6.00 30.52 11.30
C LYS L 50 5.88 29.05 11.69
N ALA L 51 4.76 28.45 11.31
CA ALA L 51 4.50 27.02 11.46
C ALA L 51 4.36 26.54 12.91
N SER L 52 5.27 26.94 13.78
CA SER L 52 5.32 26.34 15.12
C SER L 52 5.32 27.34 16.28
N SER L 53 5.58 28.61 15.99
CA SER L 53 5.68 29.60 17.04
C SER L 53 4.31 30.17 17.41
N LEU L 54 3.97 30.10 18.69
CA LEU L 54 2.69 30.58 19.20
C LEU L 54 2.69 32.10 19.40
N GLU L 55 1.58 32.72 19.03
CA GLU L 55 1.37 34.14 19.31
C GLU L 55 1.06 34.32 20.78
N SER L 56 1.64 35.33 21.40
CA SER L 56 1.39 35.60 22.81
C SER L 56 0.07 36.31 23.03
N GLY L 57 -0.74 35.79 23.94
CA GLY L 57 -0.40 34.61 24.72
C GLY L 57 -1.39 33.49 24.48
N VAL L 58 -1.21 32.78 23.37
CA VAL L 58 -2.06 31.64 23.04
C VAL L 58 -1.72 30.46 23.94
N PRO L 59 -2.75 29.82 24.53
CA PRO L 59 -2.59 28.67 25.42
C PRO L 59 -1.60 27.63 24.89
N SER L 60 -0.79 27.07 25.77
CA SER L 60 0.29 26.18 25.39
C SER L 60 -0.19 24.82 24.87
N ARG L 61 -1.48 24.56 25.01
CA ARG L 61 -2.05 23.32 24.48
C ARG L 61 -2.07 23.35 22.96
N PHE L 62 -2.12 24.55 22.40
CA PHE L 62 -1.99 24.72 20.96
C PHE L 62 -0.54 24.50 20.54
N SER L 63 -0.34 23.76 19.47
CA SER L 63 1.00 23.61 18.91
C SER L 63 0.87 23.37 17.42
N GLY L 64 1.90 23.71 16.67
CA GLY L 64 1.86 23.51 15.23
C GLY L 64 3.19 23.02 14.73
N SER L 65 3.21 22.30 13.62
CA SER L 65 4.47 21.82 13.07
C SER L 65 4.41 21.58 11.57
N GLY L 66 5.59 21.41 10.97
CA GLY L 66 5.68 21.15 9.55
C GLY L 66 6.49 22.20 8.82
N SER L 67 6.91 21.87 7.61
CA SER L 67 7.67 22.79 6.79
C SER L 67 7.66 22.35 5.34
N GLY L 68 7.56 23.31 4.43
CA GLY L 68 7.53 23.03 3.01
C GLY L 68 6.14 22.88 2.46
N THR L 69 5.53 21.71 2.62
CA THR L 69 4.26 21.45 1.97
C THR L 69 3.24 21.02 3.02
N GLU L 70 3.67 20.19 3.96
CA GLU L 70 2.71 19.68 4.93
C GLU L 70 2.81 20.42 6.27
N PHE L 71 1.65 20.74 6.84
CA PHE L 71 1.59 21.41 8.13
C PHE L 71 0.45 20.84 8.96
N THR L 72 0.59 20.89 10.27
CA THR L 72 -0.46 20.41 11.16
C THR L 72 -0.61 21.30 12.38
N LEU L 73 -1.86 21.58 12.72
CA LEU L 73 -2.19 22.26 13.95
C LEU L 73 -2.80 21.24 14.90
N THR L 74 -2.30 21.23 16.13
CA THR L 74 -2.68 20.22 17.10
C THR L 74 -3.11 20.85 18.42
N ILE L 75 -4.28 20.44 18.89
CA ILE L 75 -4.72 20.80 20.24
C ILE L 75 -4.69 19.55 21.09
N SER L 76 -3.82 19.55 22.09
CA SER L 76 -3.57 18.39 22.94
C SER L 76 -4.78 18.10 23.82
N SER L 77 -5.43 19.16 24.30
CA SER L 77 -6.62 19.02 25.13
C SER L 77 -7.67 20.05 24.74
N LEU L 78 -8.66 19.60 23.99
CA LEU L 78 -9.69 20.49 23.47
C LEU L 78 -10.51 21.11 24.59
N GLN L 79 -10.84 22.39 24.44
CA GLN L 79 -11.59 23.11 25.46
C GLN L 79 -12.74 23.88 24.80
N PRO L 80 -13.77 24.28 25.58
CA PRO L 80 -14.91 25.02 25.02
C PRO L 80 -14.53 26.28 24.23
N GLU L 81 -13.45 26.94 24.62
CA GLU L 81 -12.98 28.13 23.91
C GLU L 81 -12.48 27.80 22.51
N ASP L 82 -11.87 26.64 22.35
CA ASP L 82 -11.14 26.29 21.14
C ASP L 82 -12.07 25.91 19.97
N PHE L 83 -13.36 25.82 20.26
CA PHE L 83 -14.36 25.45 19.25
C PHE L 83 -14.69 26.63 18.34
N ALA L 84 -14.16 26.62 17.12
CA ALA L 84 -14.34 27.74 16.20
C ALA L 84 -13.93 27.36 14.77
N THR L 85 -13.85 28.35 13.89
CA THR L 85 -13.40 28.07 12.53
C THR L 85 -11.92 28.44 12.39
N TYR L 86 -11.13 27.49 11.90
CA TYR L 86 -9.68 27.68 11.79
C TYR L 86 -9.17 27.78 10.36
N TYR L 87 -8.51 28.90 10.05
CA TYR L 87 -7.93 29.10 8.73
C TYR L 87 -6.41 29.01 8.78
N CYS L 88 -5.81 28.46 7.73
CA CYS L 88 -4.36 28.50 7.58
C CYS L 88 -4.04 29.52 6.49
N GLN L 89 -2.84 30.08 6.54
CA GLN L 89 -2.46 31.09 5.56
C GLN L 89 -0.98 31.06 5.27
N GLN L 90 -0.63 31.03 3.99
CA GLN L 90 0.77 31.11 3.60
C GLN L 90 1.16 32.58 3.44
N TYR L 91 2.34 32.92 3.95
CA TYR L 91 2.89 34.25 3.73
C TYR L 91 4.36 34.10 3.34
N ASN L 92 4.63 33.12 2.48
CA ASN L 92 5.96 32.90 1.93
C ASN L 92 6.29 33.94 0.87
N ASN L 93 5.36 34.14 -0.06
CA ASN L 93 5.50 35.14 -1.10
C ASN L 93 4.14 35.61 -1.61
N TYR L 94 4.07 36.87 -2.03
CA TYR L 94 2.83 37.46 -2.53
C TYR L 94 2.45 36.86 -3.88
N SER L 95 1.15 36.72 -4.14
CA SER L 95 0.09 37.15 -3.22
C SER L 95 -0.21 36.10 -2.15
N TYR L 96 -0.51 36.58 -0.94
CA TYR L 96 -0.82 35.69 0.17
C TYR L 96 -2.09 34.90 -0.10
N THR L 97 -2.17 33.71 0.48
CA THR L 97 -3.30 32.83 0.23
C THR L 97 -3.81 32.17 1.51
N PHE L 98 -5.11 32.27 1.73
CA PHE L 98 -5.77 31.61 2.86
C PHE L 98 -6.24 30.21 2.49
N GLY L 99 -6.45 29.38 3.51
CA GLY L 99 -7.04 28.06 3.31
C GLY L 99 -8.55 28.19 3.28
N PRO L 100 -9.24 27.11 2.88
CA PRO L 100 -10.70 27.15 2.80
C PRO L 100 -11.37 27.18 4.18
N GLY L 101 -10.68 26.71 5.20
CA GLY L 101 -11.17 26.77 6.56
C GLY L 101 -11.63 25.43 7.10
N THR L 102 -11.36 25.19 8.38
CA THR L 102 -11.81 23.97 9.06
C THR L 102 -12.70 24.28 10.25
N LYS L 103 -13.95 23.83 10.19
CA LYS L 103 -14.87 24.11 11.28
C LYS L 103 -14.68 23.06 12.35
N LEU L 104 -14.42 23.51 13.58
CA LEU L 104 -14.24 22.60 14.70
C LEU L 104 -15.33 22.91 15.71
N GLU L 105 -16.22 21.93 15.87
CA GLU L 105 -17.43 22.05 16.68
C GLU L 105 -17.59 20.90 17.65
N ILE L 106 -18.56 21.04 18.54
CA ILE L 106 -18.82 20.04 19.57
C ILE L 106 -19.74 18.94 19.04
N LYS L 107 -19.53 17.72 19.52
CA LYS L 107 -20.32 16.57 19.10
C LYS L 107 -21.61 16.44 19.90
N ALA M 1 -42.72 -18.81 -48.28
CA ALA M 1 -42.69 -20.03 -47.48
C ALA M 1 -42.36 -19.72 -46.03
N HIS M 2 -43.33 -19.86 -45.13
CA HIS M 2 -44.69 -20.25 -45.49
C HIS M 2 -45.47 -19.00 -45.89
N CYS M 3 -46.19 -19.08 -47.01
CA CYS M 3 -46.82 -17.90 -47.60
C CYS M 3 -48.05 -17.41 -46.84
N ILE M 4 -48.47 -18.15 -45.81
CA ILE M 4 -49.62 -17.77 -45.01
C ILE M 4 -49.32 -16.52 -44.18
N GLY M 5 -48.14 -16.48 -43.59
CA GLY M 5 -47.73 -15.36 -42.78
C GLY M 5 -47.42 -14.12 -43.59
N ILE M 6 -46.93 -14.33 -44.82
CA ILE M 6 -46.62 -13.23 -45.72
C ILE M 6 -47.91 -12.70 -46.36
N THR M 7 -48.22 -11.44 -46.11
CA THR M 7 -49.52 -10.87 -46.48
C THR M 7 -49.68 -10.70 -47.99
N ASP M 8 -48.62 -10.26 -48.63
CA ASP M 8 -48.62 -10.07 -50.09
C ASP M 8 -48.38 -11.40 -50.78
N ARG M 9 -49.46 -12.08 -51.14
CA ARG M 9 -49.40 -13.45 -51.60
C ARG M 9 -50.12 -13.66 -52.93
N ASP M 10 -49.45 -14.31 -53.88
CA ASP M 10 -50.05 -14.64 -55.16
C ASP M 10 -50.26 -16.14 -55.33
N PHE M 11 -51.34 -16.50 -56.01
CA PHE M 11 -51.65 -17.90 -56.32
C PHE M 11 -51.43 -18.26 -57.78
N ILE M 12 -50.82 -19.41 -58.01
CA ILE M 12 -50.65 -19.94 -59.36
C ILE M 12 -51.21 -21.34 -59.48
N GLU M 13 -52.22 -21.52 -60.34
CA GLU M 13 -52.77 -22.85 -60.54
C GLU M 13 -52.10 -23.49 -61.75
N GLY M 14 -51.45 -24.62 -61.53
CA GLY M 14 -50.84 -25.35 -62.62
C GLY M 14 -51.90 -26.12 -63.37
N VAL M 15 -51.67 -26.33 -64.67
CA VAL M 15 -52.59 -27.10 -65.49
C VAL M 15 -52.29 -28.58 -65.23
N HIS M 16 -53.26 -29.45 -65.49
CA HIS M 16 -53.14 -30.85 -65.08
C HIS M 16 -51.92 -31.59 -65.59
N GLY M 17 -51.66 -31.47 -66.89
CA GLY M 17 -50.57 -32.19 -67.50
C GLY M 17 -49.32 -31.36 -67.62
N GLY M 18 -49.34 -30.18 -67.00
CA GLY M 18 -48.23 -29.26 -67.08
C GLY M 18 -47.02 -29.79 -66.32
N THR M 19 -45.86 -29.72 -66.96
CA THR M 19 -44.61 -30.17 -66.35
C THR M 19 -43.91 -29.00 -65.68
N TRP M 20 -43.99 -27.83 -66.31
CA TRP M 20 -43.34 -26.63 -65.80
C TRP M 20 -44.32 -25.51 -65.52
N VAL M 21 -43.97 -24.65 -64.57
CA VAL M 21 -44.79 -23.51 -64.19
C VAL M 21 -43.95 -22.26 -63.97
N SER M 22 -44.26 -21.19 -64.70
CA SER M 22 -43.54 -19.93 -64.55
C SER M 22 -44.00 -19.19 -63.30
N ALA M 23 -43.08 -18.52 -62.62
CA ALA M 23 -43.41 -17.78 -61.41
C ALA M 23 -42.38 -16.69 -61.13
N THR M 24 -42.86 -15.50 -60.80
CA THR M 24 -41.97 -14.40 -60.47
C THR M 24 -42.03 -14.05 -58.98
N LEU M 25 -40.86 -14.01 -58.34
CA LEU M 25 -40.76 -13.77 -56.91
C LEU M 25 -40.18 -12.38 -56.62
N GLU M 26 -40.95 -11.56 -55.90
CA GLU M 26 -40.49 -10.23 -55.52
C GLU M 26 -40.09 -10.19 -54.05
N GLN M 27 -39.41 -9.11 -53.64
CA GLN M 27 -39.06 -8.93 -52.24
C GLN M 27 -40.29 -8.74 -51.37
N ASP M 28 -40.22 -9.30 -50.17
CA ASP M 28 -41.29 -9.21 -49.18
C ASP M 28 -42.63 -9.66 -49.78
N LYS M 29 -42.62 -10.81 -50.43
CA LYS M 29 -43.77 -11.32 -51.17
C LYS M 29 -43.52 -12.77 -51.59
N CYS M 30 -44.56 -13.61 -51.53
CA CYS M 30 -44.38 -15.02 -51.84
C CYS M 30 -45.50 -15.58 -52.72
N VAL M 31 -45.24 -16.74 -53.31
CA VAL M 31 -46.14 -17.37 -54.27
C VAL M 31 -46.52 -18.79 -53.86
N THR M 32 -47.81 -19.12 -53.96
CA THR M 32 -48.29 -20.47 -53.70
C THR M 32 -48.65 -21.18 -55.00
N VAL M 33 -47.89 -22.22 -55.32
CA VAL M 33 -48.06 -22.97 -56.56
C VAL M 33 -48.94 -24.19 -56.37
N MET M 34 -50.09 -24.21 -57.03
CA MET M 34 -51.00 -25.34 -56.94
C MET M 34 -51.07 -26.09 -58.26
N ALA M 35 -51.28 -27.41 -58.17
CA ALA M 35 -51.41 -28.27 -59.35
C ALA M 35 -52.21 -29.50 -58.98
N PRO M 36 -53.12 -29.93 -59.88
CA PRO M 36 -54.01 -31.06 -59.59
C PRO M 36 -53.24 -32.33 -59.22
N ASP M 37 -53.69 -33.00 -58.16
CA ASP M 37 -53.07 -34.23 -57.67
C ASP M 37 -51.61 -34.03 -57.26
N LYS M 38 -51.29 -32.83 -56.80
CA LYS M 38 -49.95 -32.48 -56.33
C LYS M 38 -49.99 -31.52 -55.15
N PRO M 39 -49.02 -31.64 -54.24
CA PRO M 39 -48.94 -30.79 -53.05
C PRO M 39 -48.58 -29.35 -53.42
N SER M 40 -49.14 -28.39 -52.69
CA SER M 40 -48.89 -26.98 -52.98
C SER M 40 -47.48 -26.59 -52.59
N LEU M 41 -46.83 -25.78 -53.43
CA LEU M 41 -45.44 -25.41 -53.21
C LEU M 41 -45.33 -23.93 -52.92
N ASP M 42 -44.90 -23.59 -51.71
CA ASP M 42 -44.68 -22.20 -51.34
C ASP M 42 -43.25 -21.77 -51.69
N ILE M 43 -43.16 -20.73 -52.51
CA ILE M 43 -41.87 -20.18 -52.92
C ILE M 43 -41.78 -18.73 -52.48
N SER M 44 -40.60 -18.30 -52.06
CA SER M 44 -40.43 -16.92 -51.63
C SER M 44 -39.01 -16.40 -51.85
N LEU M 45 -38.90 -15.11 -52.14
CA LEU M 45 -37.60 -14.45 -52.23
C LEU M 45 -37.18 -14.00 -50.85
N GLU M 46 -36.06 -14.52 -50.36
CA GLU M 46 -35.56 -14.10 -49.06
C GLU M 46 -34.65 -12.90 -49.19
N THR M 47 -33.52 -13.08 -49.86
CA THR M 47 -32.56 -12.01 -50.08
C THR M 47 -31.95 -12.05 -51.47
N VAL M 48 -31.60 -10.89 -51.99
CA VAL M 48 -30.73 -10.78 -53.15
C VAL M 48 -29.54 -9.97 -52.70
N ALA M 49 -28.33 -10.52 -52.81
CA ALA M 49 -27.19 -9.86 -52.18
C ALA M 49 -25.89 -10.01 -52.95
N ILE M 50 -24.87 -9.31 -52.48
CA ILE M 50 -23.53 -9.43 -53.05
C ILE M 50 -22.54 -9.77 -51.93
N ASP M 51 -21.64 -10.69 -52.23
CA ASP M 51 -20.64 -11.13 -51.27
C ASP M 51 -19.27 -10.62 -51.65
N ARG M 52 -18.54 -10.11 -50.67
CA ARG M 52 -17.20 -9.59 -50.87
C ARG M 52 -17.05 -8.58 -52.02
N PRO M 53 -17.75 -7.43 -51.94
CA PRO M 53 -17.55 -6.39 -52.95
C PRO M 53 -16.28 -5.58 -52.70
N ALA M 54 -15.65 -5.08 -53.76
CA ALA M 54 -14.38 -4.37 -53.64
C ALA M 54 -14.56 -2.86 -53.49
N GLU M 55 -13.80 -2.27 -52.56
CA GLU M 55 -13.76 -0.82 -52.42
C GLU M 55 -13.07 -0.17 -53.60
N VAL M 56 -13.59 0.97 -54.07
CA VAL M 56 -12.93 1.67 -55.16
C VAL M 56 -12.45 3.04 -54.69
N ARG M 57 -13.31 3.75 -53.95
CA ARG M 57 -12.93 5.04 -53.39
C ARG M 57 -13.69 5.31 -52.08
N LYS M 58 -13.17 6.27 -51.32
CA LYS M 58 -13.83 6.76 -50.12
C LYS M 58 -14.13 8.24 -50.28
N VAL M 59 -15.22 8.72 -49.67
CA VAL M 59 -15.59 10.13 -49.77
C VAL M 59 -15.93 10.72 -48.41
N CYS M 60 -15.03 11.57 -47.91
CA CYS M 60 -15.18 12.18 -46.59
C CYS M 60 -16.35 13.17 -46.55
N TYR M 61 -17.24 13.00 -45.58
CA TYR M 61 -18.33 13.95 -45.41
C TYR M 61 -18.27 14.63 -44.04
N ASN M 62 -17.26 14.27 -43.25
CA ASN M 62 -16.96 15.01 -42.04
C ASN M 62 -15.48 14.93 -41.69
N ALA M 63 -14.84 16.10 -41.67
CA ALA M 63 -13.40 16.21 -41.45
C ALA M 63 -13.10 17.17 -40.32
N VAL M 64 -12.06 16.89 -39.56
CA VAL M 64 -11.61 17.80 -38.51
C VAL M 64 -10.23 18.36 -38.82
N LEU M 65 -10.00 19.61 -38.43
CA LEU M 65 -8.71 20.23 -38.66
C LEU M 65 -7.98 20.41 -37.34
N THR M 66 -6.72 20.00 -37.30
CA THR M 66 -5.87 20.17 -36.13
C THR M 66 -4.52 20.72 -36.58
N HIS M 67 -3.64 21.07 -35.63
CA HIS M 67 -2.27 21.46 -35.97
C HIS M 67 -2.15 22.56 -37.02
N VAL M 68 -2.89 23.65 -36.85
CA VAL M 68 -2.85 24.73 -37.81
C VAL M 68 -1.60 25.61 -37.66
N LYS M 69 -0.72 25.58 -38.66
CA LYS M 69 0.49 26.40 -38.66
C LYS M 69 0.42 27.50 -39.71
N ILE M 70 1.10 28.60 -39.45
CA ILE M 70 1.11 29.76 -40.34
C ILE M 70 2.51 30.37 -40.38
N ASN M 71 2.99 30.70 -41.58
CA ASN M 71 4.23 31.45 -41.70
C ASN M 71 4.01 32.75 -42.44
N ASP M 72 4.58 33.82 -41.90
CA ASP M 72 4.29 35.18 -42.36
C ASP M 72 5.54 36.03 -42.61
N LYS M 73 5.88 36.20 -43.88
CA LYS M 73 7.01 37.04 -44.28
C LYS M 73 6.63 38.48 -44.60
N CYS M 74 7.62 39.36 -44.58
CA CYS M 74 7.42 40.77 -44.92
C CYS M 74 7.55 40.94 -46.43
N PRO M 75 7.00 42.04 -46.98
CA PRO M 75 7.13 42.27 -48.43
C PRO M 75 8.59 42.35 -48.91
N SER M 76 8.83 41.90 -50.13
CA SER M 76 10.14 41.95 -50.76
C SER M 76 11.25 41.26 -49.96
N THR M 77 10.86 40.34 -49.08
CA THR M 77 11.83 39.56 -48.30
C THR M 77 12.02 38.12 -48.82
N GLY M 78 11.06 37.62 -49.59
CA GLY M 78 11.11 36.23 -50.02
C GLY M 78 9.79 35.50 -49.78
N GLU M 79 9.62 34.35 -50.41
CA GLU M 79 8.42 33.53 -50.24
C GLU M 79 8.41 32.76 -48.93
N ALA M 80 7.28 32.81 -48.23
CA ALA M 80 7.13 32.12 -46.95
C ALA M 80 6.94 30.63 -47.18
N HIS M 81 7.53 29.81 -46.31
CA HIS M 81 7.46 28.36 -46.44
C HIS M 81 7.27 27.69 -45.08
N LEU M 82 6.47 26.62 -45.06
CA LEU M 82 6.30 25.83 -43.84
C LEU M 82 6.78 24.41 -44.07
N ALA M 83 7.26 23.76 -43.01
CA ALA M 83 7.74 22.39 -43.12
C ALA M 83 6.62 21.42 -43.49
N GLU M 84 5.41 21.70 -43.02
CA GLU M 84 4.28 20.82 -43.27
C GLU M 84 3.67 21.03 -44.66
N GLU M 85 4.23 21.99 -45.40
CA GLU M 85 3.76 22.31 -46.74
C GLU M 85 3.97 21.13 -47.69
N ASN M 86 5.03 20.35 -47.42
CA ASN M 86 5.38 19.22 -48.26
C ASN M 86 4.92 17.90 -47.63
N GLU M 87 3.93 17.99 -46.74
CA GLU M 87 3.35 16.80 -46.15
C GLU M 87 2.00 16.49 -46.82
N GLY M 88 1.65 15.20 -46.89
CA GLY M 88 0.50 14.76 -47.65
C GLY M 88 -0.86 15.01 -47.05
N ASP M 89 -0.94 14.96 -45.73
CA ASP M 89 -2.21 15.05 -45.02
C ASP M 89 -2.49 16.45 -44.51
N ASN M 90 -1.93 17.44 -45.21
CA ASN M 90 -2.10 18.83 -44.83
C ASN M 90 -2.72 19.67 -45.94
N ALA M 91 -3.80 20.37 -45.62
CA ALA M 91 -4.38 21.33 -46.55
C ALA M 91 -3.68 22.66 -46.36
N CYS M 92 -3.13 23.20 -47.44
CA CYS M 92 -2.33 24.42 -47.35
C CYS M 92 -2.76 25.45 -48.38
N LYS M 93 -2.63 26.72 -48.00
CA LYS M 93 -2.87 27.82 -48.93
C LYS M 93 -1.74 28.81 -48.88
N ARG M 94 -1.32 29.25 -50.06
CA ARG M 94 -0.33 30.29 -50.22
C ARG M 94 -0.99 31.56 -50.74
N THR M 95 -0.88 32.64 -49.97
CA THR M 95 -1.42 33.90 -50.41
C THR M 95 -0.45 35.01 -50.07
N TYR M 96 -0.90 36.24 -50.23
CA TYR M 96 -0.10 37.39 -49.86
C TYR M 96 -0.99 38.35 -49.09
N SER M 97 -0.44 38.98 -48.06
CA SER M 97 -1.22 39.88 -47.23
C SER M 97 -0.68 41.29 -47.29
N ASP M 98 -1.58 42.25 -47.09
CA ASP M 98 -1.21 43.66 -47.06
C ASP M 98 -0.42 43.96 -45.79
N ARG M 99 0.83 44.38 -45.95
CA ARG M 99 1.71 44.63 -44.82
C ARG M 99 2.52 45.92 -44.99
N GLY M 100 3.03 46.42 -43.87
CA GLY M 100 3.83 47.65 -43.86
C GLY M 100 4.39 47.94 -42.47
N TRP M 101 4.53 49.22 -42.14
CA TRP M 101 5.03 49.61 -40.82
C TRP M 101 4.08 49.27 -39.69
N GLY M 102 2.78 49.23 -39.98
CA GLY M 102 1.79 48.97 -38.95
C GLY M 102 1.87 47.55 -38.42
N ASN M 103 2.36 46.63 -39.26
CA ASN M 103 2.50 45.23 -38.87
C ASN M 103 3.95 44.75 -38.80
N GLY M 104 4.90 45.66 -38.76
CA GLY M 104 6.25 45.26 -38.47
C GLY M 104 7.06 44.75 -39.61
N CYS M 105 7.00 45.45 -40.71
CA CYS M 105 7.65 45.06 -41.91
C CYS M 105 7.98 46.38 -42.52
N GLY M 106 9.23 46.59 -42.84
CA GLY M 106 9.73 47.90 -43.15
C GLY M 106 9.52 48.35 -44.55
N LEU M 107 8.59 47.74 -45.24
CA LEU M 107 8.26 48.16 -46.58
C LEU M 107 6.81 48.04 -46.62
N PHE M 108 6.20 48.70 -47.55
CA PHE M 108 4.76 48.56 -47.74
C PHE M 108 4.41 47.79 -49.01
N GLY M 109 3.61 46.74 -48.85
CA GLY M 109 3.17 45.95 -49.98
C GLY M 109 2.69 44.56 -49.58
N LYS M 110 2.75 43.62 -50.52
CA LYS M 110 2.31 42.24 -50.29
C LYS M 110 3.43 41.40 -49.68
N GLY M 111 3.15 40.80 -48.52
CA GLY M 111 4.09 39.89 -47.91
C GLY M 111 3.56 38.48 -48.02
N SER M 112 4.43 37.53 -48.35
CA SER M 112 4.02 36.14 -48.55
C SER M 112 3.53 35.53 -47.25
N ILE M 113 2.41 34.81 -47.32
CA ILE M 113 1.86 34.15 -46.14
C ILE M 113 1.28 32.77 -46.47
N VAL M 114 1.68 31.77 -45.69
CA VAL M 114 1.26 30.39 -45.93
C VAL M 114 0.57 29.80 -44.72
N ALA M 115 -0.56 29.13 -44.94
CA ALA M 115 -1.29 28.49 -43.85
C ALA M 115 -1.54 27.01 -44.14
N CYS M 116 -1.13 26.14 -43.21
CA CYS M 116 -1.33 24.71 -43.35
C CYS M 116 -2.14 24.15 -42.19
N ALA M 117 -2.90 23.08 -42.45
CA ALA M 117 -3.72 22.45 -41.42
C ALA M 117 -3.84 20.94 -41.59
N LYS M 118 -3.80 20.22 -40.47
CA LYS M 118 -3.92 18.76 -40.49
C LYS M 118 -5.32 18.31 -40.90
N PHE M 119 -5.39 17.57 -42.00
CA PHE M 119 -6.66 17.05 -42.49
C PHE M 119 -6.81 15.60 -42.07
N THR M 120 -7.82 15.32 -41.24
CA THR M 120 -8.15 13.96 -40.87
C THR M 120 -9.65 13.77 -40.98
N CYS M 121 -10.07 12.77 -41.75
CA CYS M 121 -11.49 12.55 -41.99
C CYS M 121 -12.14 11.86 -40.81
N ALA M 122 -13.08 12.53 -40.18
CA ALA M 122 -13.79 11.96 -39.04
C ALA M 122 -14.73 10.85 -39.50
N LYS M 123 -15.61 11.17 -40.44
CA LYS M 123 -16.53 10.18 -41.00
C LYS M 123 -16.62 10.28 -42.52
N SER M 124 -16.50 9.13 -43.17
CA SER M 124 -16.49 9.03 -44.63
C SER M 124 -17.46 7.97 -45.15
N MET M 125 -17.74 8.05 -46.45
CA MET M 125 -18.63 7.11 -47.12
C MET M 125 -17.88 6.21 -48.10
N SER M 126 -18.04 4.91 -47.96
CA SER M 126 -17.33 3.94 -48.79
C SER M 126 -18.09 3.63 -50.08
N LEU M 127 -17.35 3.58 -51.18
CA LEU M 127 -17.89 3.29 -52.50
C LEU M 127 -17.34 1.97 -53.05
N PHE M 128 -18.16 0.93 -52.98
CA PHE M 128 -17.81 -0.39 -53.47
C PHE M 128 -18.23 -0.59 -54.92
N GLU M 129 -17.49 -1.46 -55.60
CA GLU M 129 -17.81 -1.85 -56.97
C GLU M 129 -18.80 -3.02 -56.98
N VAL M 130 -19.73 -2.97 -57.93
CA VAL M 130 -20.76 -4.00 -58.03
C VAL M 130 -20.45 -4.96 -59.18
N ASP M 131 -20.04 -6.17 -58.83
CA ASP M 131 -19.81 -7.20 -59.83
C ASP M 131 -21.05 -8.09 -59.90
N GLN M 132 -21.77 -8.04 -61.01
CA GLN M 132 -23.00 -8.82 -61.12
C GLN M 132 -22.80 -10.33 -61.15
N THR M 133 -21.61 -10.76 -61.51
CA THR M 133 -21.33 -12.19 -61.58
C THR M 133 -21.09 -12.71 -60.17
N LYS M 134 -21.11 -11.80 -59.20
CA LYS M 134 -20.94 -12.12 -57.79
C LYS M 134 -22.25 -12.01 -57.04
N ILE M 135 -23.34 -11.75 -57.76
CA ILE M 135 -24.64 -11.63 -57.14
C ILE M 135 -25.21 -13.01 -56.78
N GLN M 136 -25.55 -13.17 -55.51
CA GLN M 136 -26.18 -14.39 -55.04
C GLN M 136 -27.55 -14.07 -54.45
N TYR M 137 -28.46 -15.03 -54.53
CA TYR M 137 -29.79 -14.84 -53.96
C TYR M 137 -30.32 -16.11 -53.30
N VAL M 138 -31.21 -15.92 -52.34
CA VAL M 138 -31.73 -17.03 -51.53
C VAL M 138 -33.25 -17.15 -51.67
N ILE M 139 -33.72 -18.37 -51.90
CA ILE M 139 -35.14 -18.61 -52.09
C ILE M 139 -35.68 -19.68 -51.13
N ARG M 140 -36.74 -19.35 -50.41
CA ARG M 140 -37.40 -20.30 -49.52
C ARG M 140 -38.40 -21.16 -50.29
N ALA M 141 -38.32 -22.48 -50.07
CA ALA M 141 -39.28 -23.40 -50.65
C ALA M 141 -39.84 -24.33 -49.58
N GLN M 142 -41.16 -24.49 -49.55
CA GLN M 142 -41.80 -25.33 -48.54
C GLN M 142 -43.16 -25.86 -48.99
N LEU M 143 -43.34 -27.17 -48.91
CA LEU M 143 -44.59 -27.81 -49.33
C LEU M 143 -45.70 -27.64 -48.30
N HIS M 144 -46.94 -27.64 -48.78
CA HIS M 144 -48.10 -27.57 -47.91
C HIS M 144 -48.47 -28.93 -47.33
N VAL M 145 -47.70 -29.35 -46.33
CA VAL M 145 -48.03 -30.55 -45.56
C VAL M 145 -48.70 -30.04 -44.30
N GLY M 146 -49.52 -30.88 -43.66
CA GLY M 146 -50.16 -30.46 -42.43
C GLY M 146 -49.14 -30.25 -41.34
N ALA M 147 -48.62 -29.03 -41.26
CA ALA M 147 -47.65 -28.71 -40.23
C ALA M 147 -48.03 -27.41 -39.55
N LYS M 148 -47.67 -27.29 -38.28
CA LYS M 148 -47.95 -26.09 -37.52
C LYS M 148 -46.86 -25.06 -37.77
N GLN M 149 -47.16 -23.80 -37.47
CA GLN M 149 -46.26 -22.69 -37.78
C GLN M 149 -44.88 -22.82 -37.14
N GLU M 150 -44.84 -23.34 -35.92
CA GLU M 150 -43.59 -23.50 -35.19
C GLU M 150 -42.66 -24.57 -35.77
N ASN M 151 -43.15 -25.32 -36.75
CA ASN M 151 -42.31 -26.28 -37.47
C ASN M 151 -41.96 -25.81 -38.86
N TRP M 152 -42.42 -24.60 -39.22
CA TRP M 152 -42.17 -24.08 -40.56
C TRP M 152 -40.66 -23.98 -40.78
N ASN M 153 -39.95 -23.44 -39.80
CA ASN M 153 -38.50 -23.28 -39.91
C ASN M 153 -37.77 -24.61 -40.01
N THR M 154 -38.43 -25.69 -39.59
CA THR M 154 -37.84 -27.01 -39.69
C THR M 154 -38.13 -27.59 -41.08
N ASP M 155 -39.29 -27.23 -41.62
CA ASP M 155 -39.72 -27.74 -42.92
C ASP M 155 -39.09 -26.97 -44.09
N ILE M 156 -38.94 -25.66 -43.92
CA ILE M 156 -38.44 -24.78 -44.99
C ILE M 156 -37.05 -25.15 -45.51
N LYS M 157 -36.98 -25.40 -46.82
CA LYS M 157 -35.72 -25.55 -47.52
C LYS M 157 -35.25 -24.23 -48.12
N THR M 158 -34.11 -23.75 -47.65
CA THR M 158 -33.53 -22.53 -48.22
C THR M 158 -32.55 -22.90 -49.33
N LEU M 159 -32.69 -22.24 -50.48
CA LEU M 159 -31.83 -22.54 -51.61
C LEU M 159 -30.98 -21.34 -51.99
N LYS M 160 -29.73 -21.57 -52.32
CA LYS M 160 -28.86 -20.48 -52.75
C LYS M 160 -28.51 -20.62 -54.22
N PHE M 161 -28.59 -19.50 -54.92
CA PHE M 161 -28.24 -19.44 -56.31
C PHE M 161 -27.25 -18.30 -56.46
N ASP M 162 -26.43 -18.36 -57.51
CA ASP M 162 -25.54 -17.26 -57.84
C ASP M 162 -25.41 -17.25 -59.35
N ALA M 163 -25.42 -16.04 -59.93
CA ALA M 163 -25.32 -15.81 -61.39
C ALA M 163 -24.58 -16.96 -62.06
N LEU M 164 -25.29 -17.63 -62.96
CA LEU M 164 -24.81 -18.82 -63.65
C LEU M 164 -24.70 -19.91 -62.59
N SER M 165 -25.85 -20.30 -62.06
CA SER M 165 -25.96 -21.50 -61.25
C SER M 165 -26.59 -22.51 -62.19
N GLY M 166 -27.55 -23.27 -61.69
CA GLY M 166 -28.20 -24.27 -62.51
C GLY M 166 -29.54 -24.61 -61.90
N SER M 167 -30.15 -25.67 -62.38
CA SER M 167 -31.41 -26.13 -61.82
C SER M 167 -31.14 -26.65 -60.43
N GLN M 168 -31.96 -26.30 -59.45
CA GLN M 168 -31.71 -26.85 -58.13
C GLN M 168 -32.88 -27.71 -57.73
N GLU M 169 -32.56 -28.92 -57.27
CA GLU M 169 -33.59 -29.87 -56.87
C GLU M 169 -33.86 -29.76 -55.39
N VAL M 170 -35.13 -29.81 -55.04
CA VAL M 170 -35.56 -29.75 -53.65
C VAL M 170 -36.40 -30.97 -53.38
N GLU M 171 -35.87 -31.91 -52.60
CA GLU M 171 -36.62 -33.11 -52.33
C GLU M 171 -37.33 -32.99 -50.98
N PHE M 172 -38.63 -33.15 -51.00
CA PHE M 172 -39.40 -33.16 -49.77
C PHE M 172 -39.72 -34.61 -49.46
N ILE M 173 -39.28 -35.03 -48.27
CA ILE M 173 -39.32 -36.42 -47.83
C ILE M 173 -40.73 -36.97 -47.81
N GLY M 174 -40.93 -38.01 -48.62
CA GLY M 174 -42.23 -38.66 -48.70
C GLY M 174 -43.16 -37.88 -49.61
N TYR M 175 -42.61 -36.90 -50.31
CA TYR M 175 -43.40 -36.05 -51.21
C TYR M 175 -42.69 -35.80 -52.54
N GLY M 176 -41.56 -36.44 -52.76
CA GLY M 176 -40.88 -36.33 -54.04
C GLY M 176 -39.91 -35.16 -54.15
N LYS M 177 -39.90 -34.49 -55.29
CA LYS M 177 -38.99 -33.36 -55.48
C LYS M 177 -39.48 -32.35 -56.51
N ALA M 178 -39.02 -31.11 -56.36
CA ALA M 178 -39.29 -30.07 -57.33
C ALA M 178 -37.98 -29.60 -57.93
N THR M 179 -38.02 -29.01 -59.11
CA THR M 179 -36.82 -28.50 -59.75
C THR M 179 -36.99 -27.02 -60.07
N LEU M 180 -36.05 -26.21 -59.59
CA LEU M 180 -36.11 -24.77 -59.80
C LEU M 180 -35.09 -24.23 -60.80
N GLU M 181 -35.59 -23.63 -61.87
CA GLU M 181 -34.74 -22.92 -62.82
C GLU M 181 -34.91 -21.43 -62.63
N CYS M 182 -34.04 -20.85 -61.81
CA CYS M 182 -34.21 -19.46 -61.38
C CYS M 182 -33.17 -18.57 -62.03
N GLN M 183 -33.58 -17.34 -62.27
CA GLN M 183 -32.74 -16.32 -62.86
C GLN M 183 -32.98 -15.03 -62.11
N VAL M 184 -31.92 -14.29 -61.81
CA VAL M 184 -32.06 -13.09 -60.98
C VAL M 184 -32.02 -11.82 -61.82
N GLN M 185 -32.92 -10.88 -61.48
CA GLN M 185 -32.96 -9.59 -62.15
C GLN M 185 -32.42 -8.60 -61.12
N THR M 186 -31.31 -7.94 -61.45
CA THR M 186 -30.60 -7.11 -60.48
C THR M 186 -31.36 -5.81 -60.18
N ALA M 187 -31.76 -5.12 -61.25
CA ALA M 187 -32.40 -3.78 -61.25
C ALA M 187 -31.38 -2.65 -61.09
N VAL M 188 -30.10 -2.99 -61.21
CA VAL M 188 -29.03 -2.02 -61.05
C VAL M 188 -28.16 -2.00 -62.31
N ASP M 189 -27.56 -0.85 -62.58
CA ASP M 189 -26.71 -0.71 -63.75
C ASP M 189 -25.25 -0.72 -63.29
N PHE M 190 -24.77 -1.94 -63.05
CA PHE M 190 -23.42 -2.27 -62.56
C PHE M 190 -22.29 -1.44 -63.18
N GLY M 191 -22.36 -1.22 -64.49
CA GLY M 191 -21.33 -0.52 -65.20
C GLY M 191 -21.39 0.98 -64.97
N ASN M 192 -22.37 1.38 -64.16
CA ASN M 192 -22.55 2.78 -63.78
C ASN M 192 -23.13 2.88 -62.38
N SER M 193 -22.63 2.08 -61.46
CA SER M 193 -23.14 2.10 -60.09
C SER M 193 -22.11 1.73 -59.02
N TYR M 194 -22.34 2.26 -57.82
CA TYR M 194 -21.54 1.94 -56.63
C TYR M 194 -22.44 1.47 -55.50
N ILE M 195 -21.87 0.70 -54.58
CA ILE M 195 -22.49 0.53 -53.27
C ILE M 195 -21.94 1.63 -52.36
N ALA M 196 -22.81 2.55 -51.94
CA ALA M 196 -22.36 3.66 -51.11
C ALA M 196 -22.87 3.51 -49.69
N GLU M 197 -21.95 3.26 -48.77
CA GLU M 197 -22.35 3.03 -47.38
C GLU M 197 -21.68 4.05 -46.46
N MET M 198 -22.45 4.54 -45.48
CA MET M 198 -21.90 5.51 -44.55
C MET M 198 -21.66 4.88 -43.17
N GLU M 199 -22.65 4.95 -42.29
CA GLU M 199 -22.47 4.37 -40.96
C GLU M 199 -23.07 2.98 -40.99
N THR M 200 -24.40 2.90 -40.93
CA THR M 200 -25.06 1.59 -40.97
C THR M 200 -25.87 1.41 -42.25
N GLU M 201 -26.31 2.52 -42.84
CA GLU M 201 -27.20 2.48 -44.00
C GLU M 201 -26.42 2.53 -45.29
N SER M 202 -26.90 1.85 -46.33
CA SER M 202 -26.21 1.86 -47.60
C SER M 202 -27.17 2.12 -48.76
N TRP M 203 -26.61 2.43 -49.92
CA TRP M 203 -27.39 2.74 -51.12
C TRP M 203 -26.72 2.22 -52.39
N ILE M 204 -27.49 2.14 -53.46
CA ILE M 204 -26.95 1.96 -54.79
C ILE M 204 -26.93 3.30 -55.49
N VAL M 205 -25.74 3.83 -55.74
CA VAL M 205 -25.65 5.18 -56.30
C VAL M 205 -25.05 5.16 -57.69
N ASP M 206 -25.20 6.25 -58.40
CA ASP M 206 -24.64 6.39 -59.74
C ASP M 206 -23.16 6.78 -59.65
N ARG M 207 -22.33 6.11 -60.44
CA ARG M 207 -20.89 6.36 -60.45
C ARG M 207 -20.59 7.82 -60.74
N GLN M 208 -21.24 8.36 -61.76
CA GLN M 208 -21.06 9.74 -62.17
C GLN M 208 -21.35 10.70 -61.01
N TRP M 209 -22.48 10.48 -60.35
CA TRP M 209 -22.89 11.30 -59.21
C TRP M 209 -21.87 11.26 -58.08
N ALA M 210 -21.35 10.07 -57.81
CA ALA M 210 -20.38 9.88 -56.74
C ALA M 210 -19.05 10.56 -57.06
N GLN M 211 -18.62 10.45 -58.31
CA GLN M 211 -17.33 11.02 -58.70
C GLN M 211 -17.45 12.53 -58.85
N ASP M 212 -18.68 13.02 -59.09
CA ASP M 212 -18.91 14.45 -59.26
C ASP M 212 -19.24 15.13 -57.94
N LEU M 213 -19.23 14.36 -56.85
CA LEU M 213 -19.44 14.93 -55.52
C LEU M 213 -18.37 15.95 -55.19
N THR M 214 -18.79 17.11 -54.69
CA THR M 214 -17.86 18.17 -54.33
C THR M 214 -17.33 17.93 -52.92
N LEU M 215 -16.69 16.78 -52.73
CA LEU M 215 -16.17 16.38 -51.43
C LEU M 215 -14.78 15.76 -51.60
N PRO M 216 -13.96 15.80 -50.53
CA PRO M 216 -12.66 15.14 -50.59
C PRO M 216 -12.82 13.64 -50.76
N TRP M 217 -11.92 13.02 -51.51
CA TRP M 217 -12.04 11.58 -51.74
C TRP M 217 -10.67 10.89 -51.70
N GLN M 218 -10.69 9.62 -51.36
CA GLN M 218 -9.49 8.84 -51.19
C GLN M 218 -9.56 7.59 -52.05
N SER M 219 -8.59 6.71 -51.89
CA SER M 219 -8.64 5.39 -52.52
C SER M 219 -8.37 4.37 -51.42
N GLY M 220 -8.45 3.08 -51.78
CA GLY M 220 -8.25 2.00 -50.85
C GLY M 220 -6.82 1.73 -50.44
N SER M 221 -5.88 2.24 -51.22
CA SER M 221 -4.47 1.91 -51.02
C SER M 221 -3.63 3.05 -50.43
N GLY M 222 -3.64 4.20 -51.07
CA GLY M 222 -2.85 5.32 -50.58
C GLY M 222 -3.68 6.15 -49.63
N GLY M 223 -3.07 6.59 -48.53
CA GLY M 223 -3.80 7.33 -47.52
C GLY M 223 -3.55 8.81 -47.67
N VAL M 224 -3.64 9.29 -48.91
CA VAL M 224 -3.50 10.70 -49.22
C VAL M 224 -4.85 11.27 -49.68
N TRP M 225 -5.46 12.10 -48.86
CA TRP M 225 -6.76 12.67 -49.22
C TRP M 225 -6.62 13.70 -50.34
N ARG M 226 -7.42 13.54 -51.38
CA ARG M 226 -7.36 14.39 -52.56
C ARG M 226 -8.49 15.40 -52.56
N GLU M 227 -8.22 16.58 -53.13
CA GLU M 227 -9.19 17.68 -53.15
C GLU M 227 -9.71 18.01 -51.76
N MET M 228 -8.78 18.19 -50.82
CA MET M 228 -9.13 18.47 -49.43
C MET M 228 -9.82 19.84 -49.28
N HIS M 229 -9.61 20.71 -50.27
CA HIS M 229 -10.16 22.07 -50.23
C HIS M 229 -11.69 22.09 -50.15
N HIS M 230 -12.33 20.98 -50.50
CA HIS M 230 -13.78 20.89 -50.48
C HIS M 230 -14.38 21.06 -49.09
N LEU M 231 -13.63 20.68 -48.05
CA LEU M 231 -14.13 20.80 -46.69
C LEU M 231 -13.30 21.75 -45.85
N VAL M 232 -12.37 22.44 -46.49
CA VAL M 232 -11.53 23.41 -45.80
C VAL M 232 -11.59 24.79 -46.47
N GLU M 233 -11.95 25.80 -45.70
CA GLU M 233 -12.02 27.16 -46.22
C GLU M 233 -10.96 28.04 -45.55
N PHE M 234 -10.22 28.78 -46.37
CA PHE M 234 -9.24 29.74 -45.87
C PHE M 234 -9.72 31.16 -46.10
N GLU M 235 -10.09 31.83 -45.01
CA GLU M 235 -10.52 33.22 -45.08
C GLU M 235 -9.36 34.13 -45.46
N PRO M 236 -9.67 35.29 -46.08
CA PRO M 236 -8.64 36.25 -46.47
C PRO M 236 -7.77 36.70 -45.32
N PRO M 237 -6.45 36.78 -45.55
CA PRO M 237 -5.52 37.17 -44.48
C PRO M 237 -5.63 38.66 -44.16
N HIS M 238 -5.46 39.01 -42.89
CA HIS M 238 -5.51 40.41 -42.48
C HIS M 238 -4.09 40.95 -42.44
N ALA M 239 -3.32 40.47 -41.46
CA ALA M 239 -1.94 40.93 -41.31
C ALA M 239 -0.95 39.78 -41.37
N ALA M 240 -0.89 39.00 -40.28
CA ALA M 240 0.07 37.90 -40.22
C ALA M 240 -0.62 36.57 -39.87
N THR M 241 -1.94 36.54 -39.99
CA THR M 241 -2.69 35.32 -39.69
C THR M 241 -3.70 35.00 -40.79
N ILE M 242 -4.20 33.77 -40.76
CA ILE M 242 -5.26 33.33 -41.67
C ILE M 242 -6.22 32.42 -40.90
N ARG M 243 -7.51 32.70 -40.99
CA ARG M 243 -8.50 31.84 -40.35
C ARG M 243 -8.78 30.60 -41.19
N VAL M 244 -8.38 29.45 -40.67
CA VAL M 244 -8.58 28.18 -41.36
C VAL M 244 -9.78 27.48 -40.73
N LEU M 245 -10.85 27.32 -41.49
CA LEU M 245 -12.07 26.74 -40.95
C LEU M 245 -12.42 25.44 -41.66
N ALA M 246 -12.95 24.49 -40.91
CA ALA M 246 -13.48 23.28 -41.50
C ALA M 246 -14.96 23.47 -41.80
N LEU M 247 -15.40 23.02 -42.97
CA LEU M 247 -16.79 23.18 -43.35
C LEU M 247 -17.67 22.22 -42.56
N GLY M 248 -18.98 22.38 -42.67
CA GLY M 248 -19.92 21.63 -41.85
C GLY M 248 -20.05 20.16 -42.24
N ASN M 249 -20.63 19.38 -41.33
CA ASN M 249 -20.89 17.97 -41.57
C ASN M 249 -21.89 17.79 -42.71
N GLN M 250 -21.51 17.01 -43.72
CA GLN M 250 -22.32 16.89 -44.92
C GLN M 250 -23.17 15.62 -44.92
N GLU M 251 -23.30 15.00 -43.76
CA GLU M 251 -24.11 13.79 -43.60
C GLU M 251 -25.55 14.02 -44.06
N GLY M 252 -26.17 15.08 -43.52
CA GLY M 252 -27.56 15.39 -43.82
C GLY M 252 -27.83 15.66 -45.29
N SER M 253 -27.01 16.52 -45.89
CA SER M 253 -27.19 16.89 -47.28
C SER M 253 -27.02 15.68 -48.20
N LEU M 254 -26.04 14.83 -47.87
CA LEU M 254 -25.82 13.61 -48.62
C LEU M 254 -27.03 12.68 -48.52
N LYS M 255 -27.48 12.43 -47.30
CA LYS M 255 -28.61 11.53 -47.07
C LYS M 255 -29.88 12.03 -47.76
N THR M 256 -30.10 13.33 -47.73
CA THR M 256 -31.25 13.91 -48.42
C THR M 256 -31.08 13.80 -49.94
N ALA M 257 -29.83 13.87 -50.40
CA ALA M 257 -29.53 13.70 -51.82
C ALA M 257 -29.67 12.23 -52.25
N LEU M 258 -29.72 11.34 -51.26
CA LEU M 258 -29.75 9.91 -51.51
C LEU M 258 -31.15 9.31 -51.33
N THR M 259 -32.13 10.18 -51.11
CA THR M 259 -33.48 9.75 -50.72
C THR M 259 -34.17 8.78 -51.69
N GLY M 260 -33.94 8.94 -52.99
CA GLY M 260 -34.64 8.14 -53.99
C GLY M 260 -33.93 6.87 -54.43
N ALA M 261 -32.73 6.65 -53.93
CA ALA M 261 -31.91 5.52 -54.35
C ALA M 261 -32.25 4.21 -53.63
N MET M 262 -31.89 3.09 -54.26
CA MET M 262 -32.06 1.77 -53.67
C MET M 262 -31.27 1.60 -52.38
N ARG M 263 -31.89 0.99 -51.37
CA ARG M 263 -31.26 0.77 -50.06
C ARG M 263 -30.39 -0.47 -50.09
N VAL M 264 -29.40 -0.53 -49.19
CA VAL M 264 -28.55 -1.70 -49.02
C VAL M 264 -28.24 -1.85 -47.53
N THR M 265 -28.25 -3.09 -47.05
CA THR M 265 -27.87 -3.40 -45.67
C THR M 265 -26.89 -4.56 -45.62
N LYS M 266 -26.10 -4.64 -44.56
CA LYS M 266 -25.17 -5.74 -44.38
C LYS M 266 -25.12 -6.24 -42.94
N ASP M 267 -25.45 -7.51 -42.71
CA ASP M 267 -25.32 -8.12 -41.39
C ASP M 267 -25.74 -9.58 -41.45
N LEU M 273 -21.46 -9.05 -46.87
CA LEU M 273 -22.77 -9.54 -47.30
C LEU M 273 -23.76 -8.38 -47.46
N TYR M 274 -23.70 -7.71 -48.61
CA TYR M 274 -24.52 -6.53 -48.84
C TYR M 274 -25.82 -6.90 -49.57
N LYS M 275 -26.93 -6.95 -48.82
CA LYS M 275 -28.23 -7.24 -49.41
C LYS M 275 -28.83 -6.01 -50.07
N LEU M 276 -29.55 -6.24 -51.17
CA LEU M 276 -30.22 -5.20 -51.94
C LEU M 276 -31.71 -5.21 -51.59
N HIS M 277 -32.29 -4.04 -51.33
CA HIS M 277 -33.69 -3.97 -50.97
C HIS M 277 -34.57 -3.95 -52.21
N GLY M 278 -34.22 -4.74 -53.22
CA GLY M 278 -34.98 -4.77 -54.45
C GLY M 278 -34.70 -5.96 -55.33
N GLY M 279 -34.98 -5.79 -56.63
CA GLY M 279 -34.78 -6.86 -57.59
C GLY M 279 -35.87 -7.91 -57.49
N HIS M 280 -35.81 -8.92 -58.34
CA HIS M 280 -36.77 -10.02 -58.31
C HIS M 280 -36.18 -11.23 -59.01
N VAL M 281 -36.84 -12.38 -58.86
CA VAL M 281 -36.33 -13.61 -59.43
C VAL M 281 -37.38 -14.32 -60.29
N SER M 282 -37.03 -14.59 -61.55
CA SER M 282 -37.90 -15.35 -62.44
C SER M 282 -37.55 -16.85 -62.38
N CYS M 283 -38.54 -17.68 -62.05
CA CYS M 283 -38.28 -19.10 -61.88
C CYS M 283 -39.24 -19.99 -62.66
N ARG M 284 -38.70 -21.06 -63.26
CA ARG M 284 -39.53 -22.10 -63.86
C ARG M 284 -39.47 -23.35 -62.99
N VAL M 285 -40.63 -23.76 -62.50
CA VAL M 285 -40.76 -24.83 -61.51
C VAL M 285 -41.29 -26.14 -62.08
N LYS M 286 -40.53 -27.22 -61.87
CA LYS M 286 -40.96 -28.55 -62.28
C LYS M 286 -41.84 -29.19 -61.20
N LEU M 287 -43.06 -29.58 -61.57
CA LEU M 287 -44.00 -30.13 -60.61
C LEU M 287 -44.29 -31.61 -60.82
N SER M 288 -43.86 -32.15 -61.96
CA SER M 288 -44.19 -33.52 -62.32
C SER M 288 -43.62 -34.55 -61.35
N ALA M 289 -42.42 -34.29 -60.84
CA ALA M 289 -41.74 -35.20 -59.94
C ALA M 289 -42.21 -35.06 -58.50
N LEU M 290 -43.26 -34.26 -58.30
CA LEU M 290 -43.85 -34.04 -56.99
C LEU M 290 -44.95 -35.07 -56.74
N THR M 291 -44.85 -35.80 -55.63
CA THR M 291 -45.83 -36.84 -55.32
C THR M 291 -46.64 -36.54 -54.07
N LEU M 292 -47.88 -37.03 -54.05
CA LEU M 292 -48.77 -36.85 -52.92
C LEU M 292 -48.65 -38.03 -51.96
N LYS M 293 -48.45 -37.73 -50.67
CA LYS M 293 -48.20 -38.76 -49.68
C LYS M 293 -49.49 -39.30 -49.03
N GLY M 294 -49.52 -40.60 -48.77
CA GLY M 294 -50.60 -41.22 -48.03
C GLY M 294 -51.93 -41.23 -48.74
N THR M 295 -51.91 -41.48 -50.04
CA THR M 295 -53.14 -41.58 -50.82
C THR M 295 -53.90 -42.86 -50.51
N SER M 296 -53.19 -43.86 -49.98
CA SER M 296 -53.79 -45.15 -49.67
C SER M 296 -54.09 -45.35 -48.18
N TYR M 297 -53.86 -44.31 -47.37
CA TYR M 297 -54.16 -44.37 -45.94
C TYR M 297 -55.66 -44.55 -45.73
N LYS M 298 -56.07 -45.07 -44.58
CA LYS M 298 -57.49 -45.18 -44.29
C LYS M 298 -58.03 -43.80 -43.95
N ILE M 299 -59.36 -43.68 -43.93
CA ILE M 299 -59.99 -42.42 -43.55
C ILE M 299 -60.05 -42.33 -42.03
N CYS M 300 -59.68 -41.18 -41.49
CA CYS M 300 -59.73 -40.97 -40.04
C CYS M 300 -61.18 -41.02 -39.56
N THR M 301 -61.49 -41.99 -38.71
CA THR M 301 -62.84 -42.16 -38.22
C THR M 301 -62.98 -41.82 -36.74
N ASP M 302 -61.88 -41.89 -36.00
CA ASP M 302 -61.88 -41.48 -34.60
C ASP M 302 -62.00 -39.97 -34.48
N LYS M 303 -62.34 -39.52 -33.27
CA LYS M 303 -62.62 -38.12 -33.01
C LYS M 303 -61.43 -37.18 -33.20
N MET M 304 -61.69 -36.07 -33.88
CA MET M 304 -60.69 -35.04 -34.12
C MET M 304 -61.10 -33.80 -33.34
N PHE M 305 -60.15 -32.89 -33.09
CA PHE M 305 -60.47 -31.70 -32.33
C PHE M 305 -59.84 -30.47 -32.96
N PHE M 306 -60.61 -29.39 -33.04
CA PHE M 306 -60.07 -28.11 -33.49
C PHE M 306 -59.10 -27.53 -32.46
N VAL M 307 -57.80 -27.69 -32.70
CA VAL M 307 -56.82 -27.00 -31.87
C VAL M 307 -56.94 -25.51 -32.13
N LYS M 308 -57.02 -25.15 -33.40
CA LYS M 308 -57.25 -23.75 -33.78
C LYS M 308 -58.39 -23.65 -34.79
N ASN M 309 -59.44 -22.91 -34.41
CA ASN M 309 -60.63 -22.76 -35.26
C ASN M 309 -60.34 -22.07 -36.58
N PRO M 310 -61.16 -22.37 -37.61
CA PRO M 310 -61.06 -21.71 -38.93
C PRO M 310 -61.13 -20.18 -38.84
N THR M 311 -60.08 -19.52 -39.34
CA THR M 311 -60.02 -18.06 -39.34
C THR M 311 -59.53 -17.55 -40.69
N ASP M 312 -59.94 -16.32 -41.04
CA ASP M 312 -59.55 -15.71 -42.30
C ASP M 312 -58.06 -15.36 -42.32
N THR M 313 -57.42 -15.61 -43.46
CA THR M 313 -55.99 -15.37 -43.62
C THR M 313 -55.73 -14.02 -44.28
N GLY M 314 -56.76 -13.49 -44.94
CA GLY M 314 -56.63 -12.24 -45.68
C GLY M 314 -56.25 -12.53 -47.12
N HIS M 315 -55.99 -13.79 -47.43
CA HIS M 315 -55.64 -14.22 -48.77
C HIS M 315 -56.86 -14.80 -49.48
N GLY M 316 -58.02 -14.68 -48.84
CA GLY M 316 -59.25 -15.25 -49.36
C GLY M 316 -59.41 -16.71 -48.97
N THR M 317 -58.46 -17.20 -48.17
CA THR M 317 -58.53 -18.56 -47.66
C THR M 317 -58.73 -18.56 -46.16
N VAL M 318 -59.01 -19.74 -45.61
CA VAL M 318 -59.12 -19.89 -44.17
C VAL M 318 -58.15 -20.97 -43.72
N VAL M 319 -57.60 -20.82 -42.52
CA VAL M 319 -56.72 -21.82 -41.97
C VAL M 319 -57.23 -22.30 -40.62
N MET M 320 -56.97 -23.57 -40.34
CA MET M 320 -57.36 -24.17 -39.07
C MET M 320 -56.42 -25.31 -38.72
N GLN M 321 -56.28 -25.58 -37.43
CA GLN M 321 -55.38 -26.62 -36.95
C GLN M 321 -56.14 -27.71 -36.21
N VAL M 322 -56.09 -28.91 -36.76
CA VAL M 322 -56.86 -30.04 -36.23
C VAL M 322 -55.96 -31.11 -35.63
N LYS M 323 -56.25 -31.54 -34.40
CA LYS M 323 -55.49 -32.64 -33.79
C LYS M 323 -56.17 -33.98 -34.03
N VAL M 324 -55.38 -34.98 -34.41
CA VAL M 324 -55.88 -36.33 -34.56
C VAL M 324 -55.36 -37.20 -33.42
N SER M 325 -56.26 -37.49 -32.47
CA SER M 325 -55.87 -38.12 -31.21
C SER M 325 -55.57 -39.60 -31.43
N LYS M 326 -56.40 -40.28 -32.21
CA LYS M 326 -56.27 -41.71 -32.41
C LYS M 326 -55.89 -41.93 -33.88
N GLY M 327 -56.81 -42.54 -34.62
CA GLY M 327 -56.72 -42.71 -36.06
C GLY M 327 -55.53 -43.38 -36.73
N ALA M 328 -54.37 -43.40 -36.09
CA ALA M 328 -53.16 -44.01 -36.66
C ALA M 328 -52.80 -43.28 -37.97
N PRO M 329 -51.83 -43.82 -38.76
CA PRO M 329 -51.72 -43.23 -40.10
C PRO M 329 -53.02 -43.24 -40.90
N CYS M 330 -53.59 -42.06 -41.14
CA CYS M 330 -54.86 -41.94 -41.83
C CYS M 330 -54.94 -40.61 -42.60
N ARG M 331 -55.84 -40.53 -43.58
CA ARG M 331 -55.99 -39.27 -44.33
C ARG M 331 -57.20 -38.51 -43.84
N ILE M 332 -57.15 -37.18 -43.92
CA ILE M 332 -58.25 -36.35 -43.45
C ILE M 332 -59.09 -35.80 -44.60
N PRO M 333 -60.38 -36.12 -44.61
CA PRO M 333 -61.33 -35.60 -45.62
C PRO M 333 -61.87 -34.22 -45.28
N VAL M 334 -61.44 -33.21 -46.04
CA VAL M 334 -61.92 -31.84 -45.82
C VAL M 334 -62.66 -31.31 -47.05
N ILE M 335 -63.92 -30.93 -46.87
CA ILE M 335 -64.68 -30.33 -47.95
C ILE M 335 -65.43 -29.10 -47.44
N VAL M 336 -65.78 -28.19 -48.34
CA VAL M 336 -66.59 -27.04 -47.97
C VAL M 336 -67.88 -27.03 -48.78
N ALA M 337 -68.97 -27.41 -48.14
CA ALA M 337 -70.24 -27.57 -48.86
C ALA M 337 -71.18 -26.41 -48.57
N ASP M 338 -72.26 -26.30 -49.35
CA ASP M 338 -73.23 -25.24 -49.13
C ASP M 338 -74.37 -25.73 -48.23
N ASP M 339 -74.28 -26.99 -47.81
CA ASP M 339 -75.27 -27.60 -46.94
C ASP M 339 -74.65 -28.81 -46.24
N LEU M 340 -75.19 -29.20 -45.09
CA LEU M 340 -74.66 -30.32 -44.33
C LEU M 340 -75.05 -31.69 -44.88
N THR M 341 -76.17 -31.78 -45.58
CA THR M 341 -76.63 -33.06 -46.11
C THR M 341 -75.89 -33.46 -47.39
N ALA M 342 -75.91 -32.59 -48.39
CA ALA M 342 -75.20 -32.86 -49.64
C ALA M 342 -73.69 -32.73 -49.43
N ALA M 343 -72.96 -33.75 -49.87
CA ALA M 343 -71.52 -33.76 -49.71
C ALA M 343 -70.80 -33.25 -50.95
N ILE M 344 -71.24 -32.10 -51.45
CA ILE M 344 -70.65 -31.53 -52.66
C ILE M 344 -69.72 -30.38 -52.31
N ASN M 345 -68.42 -30.60 -52.54
CA ASN M 345 -67.40 -29.62 -52.20
C ASN M 345 -67.42 -28.44 -53.16
N LYS M 346 -67.70 -27.25 -52.62
CA LYS M 346 -67.62 -26.02 -53.41
C LYS M 346 -66.33 -25.27 -53.09
N GLY M 347 -65.62 -25.73 -52.06
CA GLY M 347 -64.40 -25.07 -51.65
C GLY M 347 -63.20 -25.69 -52.31
N ILE M 348 -62.11 -24.95 -52.38
CA ILE M 348 -60.87 -25.43 -52.98
C ILE M 348 -59.81 -25.67 -51.91
N LEU M 349 -59.26 -26.87 -51.88
CA LEU M 349 -58.29 -27.26 -50.85
C LEU M 349 -56.86 -26.90 -51.24
N VAL M 350 -56.24 -26.04 -50.44
CA VAL M 350 -54.84 -25.67 -50.66
C VAL M 350 -53.91 -26.74 -50.12
N THR M 351 -54.21 -27.21 -48.90
CA THR M 351 -53.48 -28.33 -48.32
C THR M 351 -54.03 -29.63 -48.89
N VAL M 352 -53.53 -30.00 -50.07
CA VAL M 352 -54.06 -31.15 -50.79
C VAL M 352 -53.83 -32.46 -50.04
N ASN M 353 -54.92 -33.19 -49.81
CA ASN M 353 -54.89 -34.44 -49.06
C ASN M 353 -54.19 -34.32 -47.71
N PRO M 354 -54.88 -33.72 -46.72
CA PRO M 354 -54.35 -33.61 -45.34
C PRO M 354 -54.01 -34.98 -44.76
N ILE M 355 -53.11 -35.01 -43.79
CA ILE M 355 -52.60 -36.28 -43.31
C ILE M 355 -52.24 -36.25 -41.83
N ALA M 356 -52.40 -37.41 -41.18
CA ALA M 356 -51.96 -37.59 -39.80
C ALA M 356 -51.10 -38.84 -39.71
N SER M 357 -49.79 -38.64 -39.68
CA SER M 357 -48.86 -39.76 -39.65
C SER M 357 -48.88 -40.45 -38.29
N THR M 358 -48.52 -39.72 -37.24
CA THR M 358 -48.56 -40.24 -35.89
C THR M 358 -49.83 -39.81 -35.18
N ASN M 359 -49.95 -40.18 -33.91
CA ASN M 359 -51.11 -39.80 -33.11
C ASN M 359 -50.86 -38.51 -32.36
N ASP M 360 -51.94 -37.87 -31.91
CA ASP M 360 -51.87 -36.55 -31.27
C ASP M 360 -51.21 -35.53 -32.18
N ASP M 361 -51.31 -35.77 -33.49
CA ASP M 361 -50.68 -34.91 -34.49
C ASP M 361 -51.56 -33.71 -34.79
N GLU M 362 -50.96 -32.53 -34.79
CA GLU M 362 -51.68 -31.32 -35.16
C GLU M 362 -51.37 -31.01 -36.61
N VAL M 363 -52.41 -30.96 -37.43
CA VAL M 363 -52.28 -30.79 -38.87
C VAL M 363 -53.02 -29.54 -39.32
N LEU M 364 -52.32 -28.72 -40.10
CA LEU M 364 -52.84 -27.44 -40.56
C LEU M 364 -53.50 -27.54 -41.93
N ILE M 365 -54.78 -27.15 -41.98
CA ILE M 365 -55.53 -27.15 -43.22
C ILE M 365 -55.81 -25.72 -43.68
N GLU M 366 -55.60 -25.46 -44.96
CA GLU M 366 -55.97 -24.20 -45.56
C GLU M 366 -56.92 -24.45 -46.73
N VAL M 367 -58.10 -23.82 -46.67
CA VAL M 367 -59.10 -24.03 -47.71
C VAL M 367 -59.56 -22.70 -48.32
N ASN M 368 -59.90 -22.73 -49.60
CA ASN M 368 -60.48 -21.56 -50.26
C ASN M 368 -61.98 -21.75 -50.45
N PRO M 369 -62.78 -21.25 -49.49
CA PRO M 369 -64.23 -21.43 -49.49
C PRO M 369 -64.91 -20.62 -50.59
N PRO M 370 -66.14 -20.99 -50.97
CA PRO M 370 -66.82 -20.17 -51.97
C PRO M 370 -67.39 -18.90 -51.36
N PHE M 371 -67.72 -17.93 -52.18
CA PHE M 371 -68.32 -16.69 -51.70
C PHE M 371 -69.73 -16.96 -51.16
N GLY M 372 -70.07 -16.30 -50.06
CA GLY M 372 -71.35 -16.46 -49.42
C GLY M 372 -71.28 -17.36 -48.19
N ASP M 373 -72.40 -18.01 -47.88
CA ASP M 373 -72.48 -18.91 -46.73
C ASP M 373 -72.07 -20.33 -47.08
N SER M 374 -71.38 -20.99 -46.14
CA SER M 374 -70.96 -22.36 -46.35
C SER M 374 -70.65 -23.08 -45.05
N TYR M 375 -70.40 -24.38 -45.17
CA TYR M 375 -70.02 -25.23 -44.06
C TYR M 375 -68.67 -25.85 -44.34
N ILE M 376 -67.75 -25.65 -43.39
CA ILE M 376 -66.44 -26.30 -43.43
C ILE M 376 -66.57 -27.65 -42.74
N ILE M 377 -66.40 -28.71 -43.51
CA ILE M 377 -66.60 -30.06 -43.02
C ILE M 377 -65.30 -30.84 -42.99
N VAL M 378 -64.92 -31.28 -41.80
CA VAL M 378 -63.70 -32.05 -41.59
C VAL M 378 -64.02 -33.40 -40.96
N GLY M 379 -63.89 -34.46 -41.74
CA GLY M 379 -64.17 -35.81 -41.25
C GLY M 379 -65.54 -36.32 -41.64
N ARG M 380 -65.89 -37.50 -41.13
CA ARG M 380 -67.18 -38.11 -41.43
C ARG M 380 -67.86 -38.64 -40.17
N GLY M 381 -69.14 -38.98 -40.29
CA GLY M 381 -69.91 -39.56 -39.20
C GLY M 381 -70.38 -38.54 -38.17
N ASP M 382 -70.45 -38.97 -36.90
CA ASP M 382 -70.83 -38.07 -35.82
C ASP M 382 -69.62 -37.37 -35.23
N SER M 383 -68.44 -37.94 -35.49
CA SER M 383 -67.19 -37.43 -34.94
C SER M 383 -66.70 -36.23 -35.74
N ARG M 384 -67.33 -36.00 -36.90
CA ARG M 384 -66.86 -34.99 -37.84
C ARG M 384 -67.06 -33.59 -37.28
N LEU M 385 -66.16 -32.68 -37.65
CA LEU M 385 -66.25 -31.29 -37.22
C LEU M 385 -66.86 -30.42 -38.31
N THR M 386 -67.83 -29.60 -37.93
CA THR M 386 -68.45 -28.67 -38.86
C THR M 386 -68.30 -27.24 -38.35
N TYR M 387 -67.92 -26.33 -39.23
CA TYR M 387 -67.74 -24.94 -38.85
C TYR M 387 -68.28 -24.01 -39.92
N GLN M 388 -69.31 -23.25 -39.57
CA GLN M 388 -69.95 -22.33 -40.49
C GLN M 388 -69.06 -21.16 -40.87
N TRP M 389 -69.00 -20.87 -42.17
CA TRP M 389 -68.17 -19.77 -42.65
C TRP M 389 -68.91 -18.87 -43.65
N HIS M 390 -68.65 -17.58 -43.53
CA HIS M 390 -69.22 -16.59 -44.43
C HIS M 390 -68.07 -15.87 -45.13
N LYS M 391 -68.20 -15.64 -46.43
CA LYS M 391 -67.13 -14.99 -47.19
C LYS M 391 -67.69 -13.92 -48.11
N GLU M 392 -67.37 -12.67 -47.80
CA GLU M 392 -67.89 -11.54 -48.56
C GLU M 392 -67.28 -11.46 -49.96
N GLU N 1 11.12 28.55 -43.55
CA GLU N 1 12.06 27.83 -42.69
C GLU N 1 12.53 28.77 -41.58
N VAL N 2 11.65 29.06 -40.62
CA VAL N 2 11.99 30.00 -39.57
C VAL N 2 13.17 29.52 -38.73
N GLN N 3 14.22 30.32 -38.71
CA GLN N 3 15.43 30.01 -37.95
C GLN N 3 15.82 31.21 -37.08
N LEU N 4 16.29 30.92 -35.87
CA LEU N 4 16.76 31.96 -34.96
C LEU N 4 18.25 31.77 -34.69
N VAL N 5 19.02 32.86 -34.69
CA VAL N 5 20.43 32.76 -34.31
C VAL N 5 20.81 33.86 -33.34
N GLU N 6 21.35 33.48 -32.18
CA GLU N 6 21.76 34.48 -31.20
C GLU N 6 23.24 34.78 -31.32
N SER N 7 23.61 36.02 -31.02
CA SER N 7 24.98 36.48 -31.12
C SER N 7 25.22 37.57 -30.09
N GLY N 8 26.49 37.81 -29.76
CA GLY N 8 26.84 38.83 -28.79
C GLY N 8 28.04 38.47 -27.94
N PRO N 9 28.39 39.35 -26.98
CA PRO N 9 29.52 39.18 -26.06
C PRO N 9 29.50 37.84 -25.35
N ARG N 10 30.55 37.06 -25.57
CA ARG N 10 30.66 35.71 -25.03
C ARG N 10 31.18 35.74 -23.60
N LEU N 11 32.08 36.68 -23.36
CA LEU N 11 32.70 36.90 -22.05
C LEU N 11 32.31 38.26 -21.50
N VAL N 12 31.64 38.24 -20.35
CA VAL N 12 31.20 39.48 -19.72
C VAL N 12 31.72 39.52 -18.28
N LYS N 13 32.40 40.61 -17.95
CA LYS N 13 32.96 40.79 -16.62
C LYS N 13 31.85 41.03 -15.60
N PRO N 14 32.07 40.63 -14.34
CA PRO N 14 31.11 40.87 -13.27
C PRO N 14 30.74 42.33 -13.09
N SER N 15 29.59 42.60 -12.49
CA SER N 15 29.11 43.95 -12.22
C SER N 15 28.83 44.77 -13.49
N GLU N 16 28.93 44.13 -14.65
CA GLU N 16 28.74 44.85 -15.90
C GLU N 16 27.31 44.56 -16.39
N THR N 17 27.07 44.59 -17.70
CA THR N 17 25.76 44.23 -18.23
C THR N 17 25.92 43.25 -19.40
N LEU N 18 24.86 42.48 -19.67
CA LEU N 18 24.90 41.48 -20.73
C LEU N 18 23.90 41.73 -21.85
N SER N 19 24.42 42.02 -23.04
CA SER N 19 23.60 42.35 -24.21
C SER N 19 23.67 41.28 -25.30
N LEU N 20 22.69 40.40 -25.37
CA LEU N 20 22.64 39.39 -26.44
C LEU N 20 21.57 39.75 -27.47
N THR N 21 21.74 39.28 -28.69
CA THR N 21 20.79 39.59 -29.76
C THR N 21 20.42 38.36 -30.59
N CYS N 22 19.12 38.10 -30.67
CA CYS N 22 18.60 37.00 -31.47
C CYS N 22 18.03 37.53 -32.78
N THR N 23 18.53 36.98 -33.88
CA THR N 23 18.07 37.35 -35.22
C THR N 23 17.10 36.30 -35.74
N VAL N 24 15.95 36.78 -36.19
CA VAL N 24 14.88 35.94 -36.69
C VAL N 24 14.81 36.00 -38.21
N SER N 25 15.02 34.86 -38.86
CA SER N 25 14.94 34.80 -40.31
C SER N 25 13.90 33.77 -40.76
N GLY N 26 13.32 33.99 -41.93
CA GLY N 26 12.37 33.06 -42.50
C GLY N 26 10.94 33.36 -42.08
N GLY N 27 10.78 34.41 -41.28
CA GLY N 27 9.48 34.82 -40.80
C GLY N 27 9.56 36.13 -40.05
N SER N 28 8.46 36.89 -40.06
CA SER N 28 8.43 38.19 -39.41
C SER N 28 8.22 38.05 -37.91
N THR N 29 8.31 39.16 -37.19
CA THR N 29 8.20 39.15 -35.74
C THR N 29 6.91 39.80 -35.24
N TYR N 30 5.94 39.97 -36.13
CA TYR N 30 4.66 40.57 -35.75
C TYR N 30 3.89 39.67 -34.80
N ASN N 31 3.87 38.37 -35.09
CA ASN N 31 3.19 37.41 -34.23
C ASN N 31 4.11 36.83 -33.17
N HIS N 32 3.52 35.98 -32.33
CA HIS N 32 4.25 35.13 -31.39
C HIS N 32 4.95 35.91 -30.28
N HIS N 33 5.36 35.19 -29.24
CA HIS N 33 6.07 35.80 -28.13
C HIS N 33 7.54 35.40 -28.18
N TRP N 34 8.41 36.37 -28.37
CA TRP N 34 9.83 36.10 -28.55
C TRP N 34 10.53 36.03 -27.20
N SER N 35 11.05 34.85 -26.90
CA SER N 35 11.49 34.52 -25.56
C SER N 35 12.97 34.22 -25.43
N TRP N 36 13.46 34.35 -24.20
CA TRP N 36 14.82 33.97 -23.84
C TRP N 36 14.76 32.92 -22.75
N ILE N 37 15.59 31.89 -22.92
CA ILE N 37 15.71 30.76 -21.98
C ILE N 37 17.19 30.42 -21.79
N ARG N 38 17.61 30.17 -20.56
CA ARG N 38 19.02 29.86 -20.31
C ARG N 38 19.24 28.51 -19.62
N GLN N 39 20.44 27.96 -19.77
CA GLN N 39 20.78 26.65 -19.22
C GLN N 39 22.23 26.56 -18.78
N PRO N 40 22.48 26.62 -17.46
CA PRO N 40 23.84 26.40 -16.95
C PRO N 40 24.34 25.00 -17.28
N PRO N 41 25.66 24.84 -17.52
CA PRO N 41 26.29 23.57 -17.88
C PRO N 41 25.97 22.43 -16.91
N GLY N 42 25.39 21.35 -17.42
CA GLY N 42 25.09 20.18 -16.60
C GLY N 42 23.90 20.40 -15.70
N ARG N 43 23.13 21.44 -16.01
CA ARG N 43 21.95 21.80 -15.21
C ARG N 43 20.71 21.98 -16.08
N GLY N 44 19.62 22.44 -15.46
CA GLY N 44 18.34 22.52 -16.15
C GLY N 44 18.06 23.82 -16.87
N LEU N 45 16.95 23.85 -17.60
CA LEU N 45 16.53 25.02 -18.36
C LEU N 45 15.84 26.06 -17.50
N GLU N 46 16.13 27.33 -17.74
CA GLU N 46 15.47 28.42 -17.03
C GLU N 46 14.85 29.41 -18.00
N TRP N 47 13.52 29.51 -17.97
CA TRP N 47 12.81 30.44 -18.83
C TRP N 47 13.03 31.87 -18.32
N ILE N 48 13.72 32.68 -19.12
CA ILE N 48 14.04 34.03 -18.72
C ILE N 48 12.82 34.92 -18.91
N GLY N 49 12.35 35.03 -20.16
CA GLY N 49 11.19 35.88 -20.38
C GLY N 49 10.74 36.00 -21.82
N TYR N 50 9.81 36.92 -22.09
CA TYR N 50 9.39 37.15 -23.47
C TYR N 50 9.00 38.60 -23.71
N ILE N 51 8.92 38.95 -25.01
CA ILE N 51 8.37 40.22 -25.46
C ILE N 51 7.56 40.01 -26.75
N SER N 52 6.54 40.82 -26.93
CA SER N 52 5.71 40.75 -28.14
C SER N 52 5.81 42.05 -28.94
N TYR N 53 5.27 42.02 -30.15
CA TYR N 53 5.22 43.22 -30.99
C TYR N 53 4.25 44.25 -30.41
N SER N 54 3.26 43.76 -29.67
CA SER N 54 2.29 44.62 -29.02
C SER N 54 2.95 45.50 -27.97
N GLY N 55 4.02 44.99 -27.38
CA GLY N 55 4.74 45.70 -26.34
C GLY N 55 4.64 44.99 -25.01
N LYS N 56 3.63 44.14 -24.87
CA LYS N 56 3.45 43.36 -23.65
C LYS N 56 4.61 42.39 -23.50
N SER N 57 5.19 42.34 -22.29
CA SER N 57 6.33 41.49 -22.02
C SER N 57 6.18 40.83 -20.66
N ASN N 58 7.00 39.83 -20.38
CA ASN N 58 6.97 39.23 -19.05
C ASN N 58 8.28 38.54 -18.70
N TYR N 59 8.75 38.76 -17.47
CA TYR N 59 10.03 38.21 -17.05
C TYR N 59 9.90 37.29 -15.84
N ASN N 60 10.83 36.35 -15.73
CA ASN N 60 10.94 35.49 -14.56
C ASN N 60 11.18 36.33 -13.31
N PRO N 61 10.38 36.09 -12.25
CA PRO N 61 10.46 36.87 -11.00
C PRO N 61 11.84 36.89 -10.36
N SER N 62 12.59 35.81 -10.50
CA SER N 62 13.94 35.74 -9.94
C SER N 62 14.94 36.56 -10.77
N LEU N 63 14.49 37.05 -11.92
CA LEU N 63 15.35 37.78 -12.84
C LEU N 63 14.75 39.12 -13.24
N LYS N 64 13.49 39.34 -12.85
CA LYS N 64 12.70 40.48 -13.32
C LYS N 64 13.40 41.82 -13.08
N SER N 65 14.06 41.93 -11.93
CA SER N 65 14.71 43.17 -11.54
C SER N 65 15.85 43.57 -12.49
N ARG N 66 16.42 42.58 -13.16
CA ARG N 66 17.59 42.83 -14.00
C ARG N 66 17.30 42.73 -15.50
N VAL N 67 16.42 41.81 -15.87
CA VAL N 67 16.18 41.49 -17.28
C VAL N 67 15.35 42.53 -18.03
N THR N 68 15.82 42.88 -19.22
CA THR N 68 15.10 43.74 -20.14
C THR N 68 15.15 43.14 -21.55
N ILE N 69 14.00 42.76 -22.08
CA ILE N 69 13.94 42.19 -23.42
C ILE N 69 13.27 43.18 -24.36
N SER N 70 13.96 43.53 -25.45
CA SER N 70 13.47 44.53 -26.38
C SER N 70 13.27 43.95 -27.77
N LEU N 71 12.43 44.61 -28.57
CA LEU N 71 12.07 44.06 -29.88
C LEU N 71 12.26 45.06 -31.04
N GLU N 72 13.02 44.66 -32.04
CA GLU N 72 13.19 45.45 -33.26
CA GLU N 72 13.21 45.44 -33.25
C GLU N 72 12.63 44.71 -34.46
N PRO N 73 11.38 45.00 -34.82
CA PRO N 73 10.68 44.32 -35.92
C PRO N 73 11.20 44.67 -37.30
N SER N 74 11.63 45.92 -37.47
CA SER N 74 12.14 46.40 -38.76
C SER N 74 13.34 45.57 -39.20
N THR N 75 14.23 45.28 -38.25
CA THR N 75 15.42 44.48 -38.51
C THR N 75 15.18 43.02 -38.17
N THR N 76 13.96 42.70 -37.75
CA THR N 76 13.56 41.35 -37.37
C THR N 76 14.53 40.70 -36.39
N GLN N 77 14.82 41.40 -35.29
CA GLN N 77 15.67 40.84 -34.25
C GLN N 77 15.33 41.43 -32.88
N PHE N 78 15.55 40.65 -31.82
CA PHE N 78 15.23 41.12 -30.47
C PHE N 78 16.39 40.90 -29.52
N SER N 79 16.44 41.68 -28.44
CA SER N 79 17.62 41.71 -27.58
C SER N 79 17.34 41.39 -26.10
N LEU N 80 18.29 40.69 -25.49
CA LEU N 80 18.28 40.42 -24.05
C LEU N 80 19.30 41.28 -23.32
N LYS N 81 18.86 41.88 -22.21
CA LYS N 81 19.72 42.72 -21.37
C LYS N 81 19.67 42.31 -19.90
N LEU N 82 20.77 41.74 -19.43
CA LEU N 82 20.86 41.25 -18.06
C LEU N 82 21.77 42.13 -17.21
N ASN N 83 21.23 42.67 -16.11
CA ASN N 83 22.00 43.56 -15.24
C ASN N 83 22.61 42.82 -14.07
N SER N 84 23.46 43.51 -13.31
CA SER N 84 24.03 43.01 -12.06
C SER N 84 24.52 41.58 -12.14
N LEU N 85 25.43 41.29 -13.08
CA LEU N 85 25.82 39.92 -13.34
C LEU N 85 26.55 39.28 -12.16
N THR N 86 26.66 37.96 -12.22
CA THR N 86 27.34 37.18 -11.20
C THR N 86 27.83 35.88 -11.83
N ALA N 87 28.48 35.04 -11.03
CA ALA N 87 29.00 33.77 -11.53
C ALA N 87 27.88 32.78 -11.84
N ALA N 88 26.71 33.02 -11.26
CA ALA N 88 25.55 32.15 -11.46
C ALA N 88 24.94 32.33 -12.84
N ASP N 89 25.16 33.50 -13.43
CA ASP N 89 24.58 33.81 -14.73
C ASP N 89 25.36 33.16 -15.87
N THR N 90 26.42 32.44 -15.52
CA THR N 90 27.19 31.68 -16.49
C THR N 90 26.36 30.51 -16.99
N ALA N 91 25.91 30.60 -18.24
CA ALA N 91 25.02 29.60 -18.81
C ALA N 91 24.94 29.71 -20.33
N VAL N 92 24.34 28.69 -20.95
CA VAL N 92 24.06 28.74 -22.38
C VAL N 92 22.74 29.44 -22.62
N TYR N 93 22.77 30.55 -23.35
CA TYR N 93 21.58 31.35 -23.60
C TYR N 93 20.99 31.06 -24.97
N TYR N 94 19.77 30.54 -24.94
CA TYR N 94 18.97 30.30 -26.13
C TYR N 94 17.92 31.40 -26.32
N CYS N 95 17.74 31.81 -27.56
CA CYS N 95 16.60 32.62 -27.95
C CYS N 95 15.62 31.70 -28.67
N ALA N 96 14.34 31.83 -28.36
CA ALA N 96 13.35 30.93 -28.93
C ALA N 96 12.04 31.63 -29.24
N ARG N 97 11.28 31.08 -30.18
CA ARG N 97 9.98 31.62 -30.53
C ARG N 97 8.87 30.83 -29.84
N GLU N 98 8.05 31.52 -29.05
CA GLU N 98 6.85 30.91 -28.52
C GLU N 98 5.70 31.17 -29.49
N TYR N 99 5.32 30.13 -30.22
CA TYR N 99 4.29 30.24 -31.24
C TYR N 99 2.93 30.45 -30.59
N ARG N 100 2.25 31.52 -31.00
CA ARG N 100 0.90 31.80 -30.52
C ARG N 100 -0.01 32.24 -31.65
N ASP N 101 -1.08 31.48 -31.89
CA ASP N 101 -2.07 31.81 -32.90
C ASP N 101 -3.39 32.15 -32.22
N ASP N 102 -3.68 33.45 -32.11
CA ASP N 102 -4.88 33.91 -31.41
C ASP N 102 -6.09 33.97 -32.34
N THR N 103 -5.91 33.54 -33.58
CA THR N 103 -7.00 33.52 -34.54
C THR N 103 -7.71 32.16 -34.56
N ASN N 104 -6.92 31.10 -34.59
CA ASN N 104 -7.47 29.75 -34.62
C ASN N 104 -7.26 29.02 -33.30
N TYR N 105 -6.65 29.72 -32.36
CA TYR N 105 -6.43 29.21 -30.99
C TYR N 105 -5.55 27.96 -30.97
N TYR N 106 -4.35 28.08 -31.53
CA TYR N 106 -3.34 27.04 -31.45
C TYR N 106 -2.06 27.60 -30.85
N TYR N 107 -1.51 26.86 -29.89
CA TYR N 107 -0.33 27.30 -29.16
C TYR N 107 0.65 26.15 -28.93
N TYR N 108 1.83 26.25 -29.54
CA TYR N 108 2.79 25.16 -29.52
C TYR N 108 3.94 25.42 -28.55
N SER N 109 3.79 26.42 -27.70
CA SER N 109 4.85 26.87 -26.81
C SER N 109 6.10 27.23 -27.62
N LEU N 110 7.28 26.98 -27.06
CA LEU N 110 8.53 27.27 -27.75
C LEU N 110 8.84 26.22 -28.81
N ASP N 111 8.56 26.55 -30.06
CA ASP N 111 8.67 25.59 -31.16
C ASP N 111 9.95 25.74 -31.99
N VAL N 112 10.50 26.95 -32.01
CA VAL N 112 11.72 27.22 -32.79
C VAL N 112 12.82 27.75 -31.88
N TRP N 113 13.98 27.10 -31.91
CA TRP N 113 15.08 27.48 -31.03
C TRP N 113 16.31 27.93 -31.80
N GLY N 114 17.21 28.62 -31.11
CA GLY N 114 18.51 28.94 -31.66
C GLY N 114 19.51 27.92 -31.16
N PRO N 115 20.70 27.87 -31.77
CA PRO N 115 21.74 26.91 -31.36
C PRO N 115 22.19 27.10 -29.91
N GLY N 116 22.10 28.33 -29.42
CA GLY N 116 22.48 28.64 -28.05
C GLY N 116 23.92 29.10 -27.93
N THR N 117 24.14 30.15 -27.14
CA THR N 117 25.49 30.64 -26.94
C THR N 117 25.91 30.66 -25.47
N MET N 118 27.09 30.10 -25.20
CA MET N 118 27.60 29.95 -23.83
C MET N 118 28.22 31.24 -23.28
N VAL N 119 27.60 31.84 -22.27
CA VAL N 119 28.12 33.05 -21.62
C VAL N 119 28.74 32.73 -20.25
N THR N 120 29.90 33.32 -19.96
CA THR N 120 30.61 33.04 -18.73
C THR N 120 30.81 34.29 -17.87
N GLN O 1 5.21 31.07 -8.64
CA GLN O 1 5.60 30.50 -9.93
C GLN O 1 5.47 28.98 -9.85
N ILE O 2 4.76 28.39 -10.81
CA ILE O 2 4.45 26.96 -10.82
C ILE O 2 5.70 26.07 -10.78
N VAL O 3 5.65 25.02 -9.96
CA VAL O 3 6.78 24.12 -9.80
C VAL O 3 6.52 22.80 -10.51
N MET O 4 7.46 22.41 -11.37
CA MET O 4 7.35 21.17 -12.12
C MET O 4 8.34 20.14 -11.61
N THR O 5 7.86 18.92 -11.38
CA THR O 5 8.76 17.82 -10.99
C THR O 5 8.71 16.72 -12.04
N GLN O 6 9.78 15.93 -12.12
CA GLN O 6 9.84 14.82 -13.06
C GLN O 6 10.30 13.56 -12.36
N SER O 7 9.82 12.40 -12.84
CA SER O 7 10.20 11.12 -12.25
C SER O 7 10.19 10.04 -13.32
N PRO O 8 11.27 9.24 -13.39
CA PRO O 8 12.40 9.30 -12.47
C PRO O 8 13.42 10.37 -12.85
N SER O 9 14.44 10.53 -12.02
CA SER O 9 15.52 11.47 -12.27
C SER O 9 16.46 10.99 -13.37
N THR O 10 16.71 9.68 -13.37
CA THR O 10 17.58 9.06 -14.36
C THR O 10 17.01 7.71 -14.78
N LEU O 11 17.21 7.35 -16.06
CA LEU O 11 16.67 6.09 -16.56
C LEU O 11 17.64 5.36 -17.50
N SER O 12 17.90 4.10 -17.19
CA SER O 12 18.72 3.23 -18.03
C SER O 12 17.84 2.23 -18.76
N ALA O 13 18.00 2.13 -20.08
CA ALA O 13 17.19 1.21 -20.87
C ALA O 13 17.91 0.66 -22.09
N SER O 14 17.24 -0.27 -22.78
CA SER O 14 17.79 -0.92 -23.97
C SER O 14 16.92 -0.63 -25.20
N VAL O 15 17.49 -0.88 -26.38
CA VAL O 15 16.75 -0.70 -27.63
C VAL O 15 15.58 -1.67 -27.74
N GLY O 16 14.39 -1.15 -27.96
CA GLY O 16 13.21 -1.98 -28.11
C GLY O 16 12.35 -1.96 -26.87
N ASP O 17 12.83 -1.29 -25.83
CA ASP O 17 12.10 -1.21 -24.57
C ASP O 17 10.97 -0.20 -24.63
N ARG O 18 10.00 -0.38 -23.75
CA ARG O 18 8.96 0.62 -23.54
C ARG O 18 9.20 1.46 -22.31
N VAL O 19 9.40 2.76 -22.50
CA VAL O 19 9.69 3.63 -21.37
C VAL O 19 8.61 4.71 -21.14
N THR O 20 8.50 5.12 -19.89
CA THR O 20 7.49 6.09 -19.47
C THR O 20 8.04 7.07 -18.44
N ILE O 21 8.10 8.34 -18.82
CA ILE O 21 8.54 9.40 -17.92
C ILE O 21 7.34 10.18 -17.39
N THR O 22 7.37 10.55 -16.12
CA THR O 22 6.25 11.26 -15.53
C THR O 22 6.60 12.71 -15.20
N CYS O 23 5.58 13.57 -15.31
CA CYS O 23 5.75 15.00 -15.09
C CYS O 23 4.58 15.57 -14.29
N ARG O 24 4.97 16.42 -13.35
CA ARG O 24 4.08 16.99 -12.34
C ARG O 24 4.05 18.50 -12.22
N ALA O 25 2.84 19.04 -12.15
CA ALA O 25 2.69 20.47 -11.89
C ALA O 25 2.20 20.67 -10.48
N SER O 26 2.65 21.75 -9.84
CA SER O 26 2.25 22.04 -8.46
C SER O 26 0.75 22.26 -8.35
N GLN O 27 0.18 22.86 -9.39
CA GLN O 27 -1.26 23.05 -9.50
C GLN O 27 -1.73 22.75 -10.92
N SER O 28 -3.03 22.83 -11.16
CA SER O 28 -3.57 22.51 -12.48
C SER O 28 -3.08 23.50 -13.55
N ILE O 29 -2.63 22.95 -14.66
CA ILE O 29 -2.14 23.73 -15.79
C ILE O 29 -2.95 23.38 -17.03
N GLY O 30 -4.13 22.81 -16.80
CA GLY O 30 -4.98 22.35 -17.88
C GLY O 30 -4.30 21.25 -18.65
N SER O 31 -4.23 21.39 -19.97
CA SER O 31 -3.53 20.43 -20.80
C SER O 31 -2.30 21.07 -21.45
N TRP O 32 -1.99 22.30 -21.03
CA TRP O 32 -0.88 23.04 -21.61
C TRP O 32 0.46 22.56 -21.10
N LEU O 33 0.92 21.44 -21.64
CA LEU O 33 2.23 20.89 -21.30
C LEU O 33 3.01 20.51 -22.55
N ALA O 34 4.31 20.82 -22.55
CA ALA O 34 5.17 20.50 -23.67
C ALA O 34 6.32 19.59 -23.25
N TRP O 35 6.71 18.69 -24.14
CA TRP O 35 7.85 17.81 -23.92
C TRP O 35 8.99 18.14 -24.87
N TYR O 36 10.19 18.29 -24.31
CA TYR O 36 11.37 18.63 -25.09
C TYR O 36 12.45 17.56 -25.00
N GLN O 37 13.11 17.34 -26.13
CA GLN O 37 14.23 16.43 -26.23
C GLN O 37 15.53 17.19 -26.48
N GLN O 38 16.48 17.04 -25.57
CA GLN O 38 17.78 17.69 -25.69
C GLN O 38 18.94 16.72 -25.68
N LYS O 39 19.74 16.79 -26.74
CA LYS O 39 20.97 16.03 -26.85
C LYS O 39 22.13 16.96 -26.53
N PRO O 40 23.23 16.41 -25.98
CA PRO O 40 24.38 17.20 -25.56
C PRO O 40 24.94 18.12 -26.64
N GLY O 41 25.08 19.40 -26.32
CA GLY O 41 25.60 20.39 -27.25
C GLY O 41 24.57 20.98 -28.20
N LYS O 42 23.34 20.47 -28.15
CA LYS O 42 22.24 20.93 -28.99
C LYS O 42 21.13 21.59 -28.19
N ALA O 43 20.33 22.39 -28.89
CA ALA O 43 19.18 23.07 -28.31
C ALA O 43 18.02 22.09 -28.11
N PRO O 44 17.13 22.38 -27.15
CA PRO O 44 15.94 21.57 -26.94
C PRO O 44 15.03 21.54 -28.17
N LYS O 45 14.53 20.36 -28.51
CA LYS O 45 13.59 20.22 -29.63
C LYS O 45 12.19 19.90 -29.14
N LEU O 46 11.20 20.55 -29.75
CA LEU O 46 9.81 20.35 -29.36
C LEU O 46 9.27 19.02 -29.90
N LEU O 47 8.90 18.11 -29.00
CA LEU O 47 8.33 16.83 -29.40
C LEU O 47 6.81 16.84 -29.29
N ILE O 48 6.33 17.01 -28.07
CA ILE O 48 4.89 17.00 -27.81
C ILE O 48 4.43 18.36 -27.32
N TYR O 49 3.24 18.77 -27.76
CA TYR O 49 2.62 19.99 -27.25
C TYR O 49 1.19 19.70 -26.85
N LYS O 50 0.66 20.50 -25.93
CA LYS O 50 -0.68 20.31 -25.38
C LYS O 50 -0.87 18.86 -24.90
N ALA O 51 0.05 18.41 -24.07
CA ALA O 51 -0.01 17.11 -23.39
C ALA O 51 0.12 15.90 -24.31
N SER O 52 -0.61 15.87 -25.42
CA SER O 52 -0.71 14.66 -26.23
C SER O 52 -0.42 14.83 -27.71
N SER O 53 -0.39 16.08 -28.19
CA SER O 53 -0.25 16.32 -29.62
C SER O 53 1.20 16.32 -30.08
N LEU O 54 1.50 15.50 -31.08
CA LEU O 54 2.85 15.41 -31.62
C LEU O 54 3.14 16.55 -32.59
N GLU O 55 4.33 17.14 -32.46
CA GLU O 55 4.79 18.12 -33.43
C GLU O 55 5.28 17.36 -34.66
N SER O 56 4.95 17.84 -35.85
CA SER O 56 5.40 17.18 -37.07
C SER O 56 6.85 17.58 -37.38
N GLY O 57 7.68 16.60 -37.70
CA GLY O 57 7.27 15.21 -37.78
C GLY O 57 7.96 14.27 -36.79
N VAL O 58 7.49 14.28 -35.55
CA VAL O 58 8.00 13.39 -34.51
C VAL O 58 7.49 11.97 -34.73
N PRO O 59 8.40 10.98 -34.68
CA PRO O 59 8.07 9.56 -34.84
C PRO O 59 6.84 9.13 -34.05
N SER O 60 6.03 8.26 -34.65
CA SER O 60 4.74 7.87 -34.08
C SER O 60 4.85 7.01 -32.81
N ARG O 61 6.07 6.57 -32.50
CA ARG O 61 6.30 5.81 -31.27
C ARG O 61 6.19 6.71 -30.05
N PHE O 62 6.44 8.00 -30.23
CA PHE O 62 6.27 8.98 -29.17
C PHE O 62 4.79 9.27 -28.90
N SER O 63 4.42 9.34 -27.63
CA SER O 63 3.06 9.72 -27.27
C SER O 63 3.04 10.37 -25.89
N GLY O 64 2.01 11.17 -25.62
CA GLY O 64 1.89 11.82 -24.33
C GLY O 64 0.46 11.82 -23.84
N SER O 65 0.27 11.89 -22.53
CA SER O 65 -1.07 11.94 -21.96
C SER O 65 -1.06 12.61 -20.60
N GLY O 66 -2.26 12.93 -20.11
CA GLY O 66 -2.39 13.53 -18.79
C GLY O 66 -3.03 14.90 -18.85
N SER O 67 -3.54 15.36 -17.70
CA SER O 67 -4.18 16.67 -17.64
C SER O 67 -4.33 17.18 -16.23
N GLY O 68 -4.11 18.48 -16.05
CA GLY O 68 -4.28 19.08 -14.75
C GLY O 68 -3.01 19.05 -13.95
N THR O 69 -2.75 17.88 -13.39
CA THR O 69 -1.66 17.77 -12.47
C THR O 69 -0.80 16.65 -12.95
N GLU O 70 -1.41 15.57 -13.43
CA GLU O 70 -0.58 14.37 -13.80
C GLU O 70 -0.29 14.40 -15.32
N PHE O 71 0.96 14.07 -15.71
CA PHE O 71 1.33 13.90 -17.15
C PHE O 71 2.35 12.76 -17.36
N THR O 72 2.32 12.11 -18.52
CA THR O 72 3.27 11.04 -18.84
C THR O 72 3.66 11.07 -20.32
N LEU O 73 4.97 10.91 -20.56
CA LEU O 73 5.50 10.75 -21.90
C LEU O 73 5.92 9.30 -22.10
N THR O 74 5.52 8.74 -23.23
CA THR O 74 5.72 7.31 -23.48
C THR O 74 6.40 7.03 -24.82
N ILE O 75 7.47 6.23 -24.76
CA ILE O 75 8.08 5.68 -25.96
C ILE O 75 7.84 4.17 -26.02
N SER O 76 7.08 3.75 -27.04
CA SER O 76 6.66 2.37 -27.19
C SER O 76 7.82 1.44 -27.53
N SER O 77 8.72 1.93 -28.37
CA SER O 77 9.89 1.16 -28.77
C SER O 77 11.12 2.06 -28.85
N LEU O 78 11.99 1.95 -27.85
CA LEU O 78 13.15 2.83 -27.75
C LEU O 78 14.05 2.63 -28.97
N GLN O 79 14.67 3.72 -29.41
CA GLN O 79 15.53 3.68 -30.59
C GLN O 79 16.85 4.38 -30.25
N PRO O 80 17.91 4.08 -31.02
CA PRO O 80 19.21 4.75 -30.79
C PRO O 80 19.11 6.27 -30.81
N GLU O 81 18.16 6.82 -31.58
CA GLU O 81 17.96 8.27 -31.64
C GLU O 81 17.48 8.84 -30.30
N ASP O 82 16.67 8.06 -29.60
CA ASP O 82 15.89 8.57 -28.47
C ASP O 82 16.69 8.82 -27.19
N PHE O 83 17.96 8.45 -27.17
CA PHE O 83 18.78 8.63 -25.97
C PHE O 83 19.21 10.09 -25.78
N ALA O 84 18.54 10.77 -24.86
CA ALA O 84 18.80 12.18 -24.57
C ALA O 84 18.15 12.56 -23.25
N THR O 85 18.17 13.85 -22.93
CA THR O 85 17.51 14.32 -21.71
C THR O 85 16.16 14.94 -22.07
N TYR O 86 15.11 14.52 -21.39
CA TYR O 86 13.76 14.97 -21.71
C TYR O 86 13.21 15.88 -20.63
N TYR O 87 12.86 17.11 -21.02
CA TYR O 87 12.33 18.10 -20.10
C TYR O 87 10.84 18.32 -20.33
N CYS O 88 10.09 18.57 -19.26
CA CYS O 88 8.70 18.97 -19.40
C CYS O 88 8.57 20.46 -19.10
N GLN O 89 7.55 21.09 -19.67
CA GLN O 89 7.37 22.53 -19.48
C GLN O 89 5.90 22.92 -19.50
N GLN O 90 5.47 23.67 -18.50
CA GLN O 90 4.11 24.19 -18.48
C GLN O 90 4.07 25.54 -19.18
N TYR O 91 3.04 25.76 -19.99
CA TYR O 91 2.81 27.07 -20.57
C TYR O 91 1.34 27.44 -20.43
N ASN O 92 0.78 27.15 -19.27
CA ASN O 92 -0.56 27.57 -18.91
C ASN O 92 -0.58 29.05 -18.54
N ASN O 93 0.40 29.45 -17.74
CA ASN O 93 0.53 30.84 -17.34
C ASN O 93 1.97 31.25 -17.04
N TYR O 94 2.30 32.50 -17.33
CA TYR O 94 3.62 33.06 -17.07
C TYR O 94 3.83 33.24 -15.57
N SER O 95 5.06 33.04 -15.09
CA SER O 95 6.20 32.69 -15.92
C SER O 95 6.26 31.19 -16.20
N TYR O 96 6.66 30.84 -17.41
CA TYR O 96 6.76 29.44 -17.81
C TYR O 96 7.84 28.74 -16.99
N THR O 97 7.67 27.44 -16.77
CA THR O 97 8.59 26.68 -15.95
C THR O 97 8.92 25.32 -16.55
N PHE O 98 10.21 25.02 -16.65
CA PHE O 98 10.68 23.74 -17.11
C PHE O 98 10.83 22.76 -15.94
N GLY O 99 10.87 21.47 -16.25
CA GLY O 99 11.15 20.47 -15.25
C GLY O 99 12.64 20.34 -15.03
N PRO O 100 13.04 19.62 -13.97
CA PRO O 100 14.47 19.44 -13.65
C PRO O 100 15.18 18.58 -14.70
N GLY O 101 14.41 17.76 -15.42
CA GLY O 101 14.96 16.96 -16.49
C GLY O 101 15.06 15.47 -16.17
N THR O 102 14.80 14.64 -17.17
CA THR O 102 14.97 13.20 -17.04
C THR O 102 15.99 12.70 -18.04
N LYS O 103 17.10 12.18 -17.52
CA LYS O 103 18.20 11.70 -18.36
C LYS O 103 17.93 10.26 -18.76
N LEU O 104 18.00 9.97 -20.06
CA LEU O 104 17.75 8.64 -20.56
C LEU O 104 18.99 8.10 -21.27
N GLU O 105 19.58 7.05 -20.70
CA GLU O 105 20.82 6.49 -21.20
C GLU O 105 20.75 4.97 -21.38
N ILE O 106 21.79 4.42 -22.00
CA ILE O 106 21.82 2.99 -22.34
C ILE O 106 22.22 2.15 -21.14
N LYS O 107 21.67 0.94 -21.06
CA LYS O 107 21.97 0.02 -19.98
C LYS O 107 23.22 -0.80 -20.29
N ALA P 1 -6.68 54.70 -37.77
CA ALA P 1 -5.70 55.16 -36.80
C ALA P 1 -4.87 53.98 -36.27
N HIS P 2 -3.60 53.93 -36.66
CA HIS P 2 -3.01 54.90 -37.57
C HIS P 2 -3.30 54.45 -39.00
N CYS P 3 -3.75 55.38 -39.84
CA CYS P 3 -4.27 55.03 -41.16
C CYS P 3 -3.18 54.62 -42.14
N ILE P 4 -1.93 54.68 -41.68
CA ILE P 4 -0.80 54.29 -42.51
C ILE P 4 -0.80 52.79 -42.77
N GLY P 5 -1.06 52.03 -41.71
CA GLY P 5 -1.10 50.58 -41.80
C GLY P 5 -2.35 50.06 -42.49
N ILE P 6 -3.44 50.80 -42.34
CA ILE P 6 -4.71 50.44 -43.00
C ILE P 6 -4.66 50.84 -44.47
N THR P 7 -4.77 49.85 -45.35
CA THR P 7 -4.55 50.06 -46.77
C THR P 7 -5.67 50.86 -47.42
N ASP P 8 -6.90 50.56 -47.01
CA ASP P 8 -8.07 51.25 -47.55
C ASP P 8 -8.25 52.56 -46.80
N ARG P 9 -7.72 53.63 -47.38
CA ARG P 9 -7.61 54.91 -46.70
C ARG P 9 -8.18 56.03 -47.57
N ASP P 10 -9.03 56.85 -46.97
CA ASP P 10 -9.58 58.00 -47.67
C ASP P 10 -9.03 59.27 -47.06
N PHE P 11 -8.82 60.28 -47.90
CA PHE P 11 -8.37 61.58 -47.40
C PHE P 11 -9.50 62.58 -47.45
N ILE P 12 -9.69 63.33 -46.37
CA ILE P 12 -10.67 64.39 -46.35
C ILE P 12 -10.02 65.70 -45.91
N GLU P 13 -9.97 66.66 -46.81
CA GLU P 13 -9.39 67.96 -46.50
C GLU P 13 -10.47 68.99 -46.14
N GLY P 14 -10.38 69.50 -44.93
CA GLY P 14 -11.28 70.54 -44.45
C GLY P 14 -10.95 71.94 -44.94
N VAL P 15 -11.96 72.78 -45.04
CA VAL P 15 -11.77 74.18 -45.46
C VAL P 15 -11.31 75.00 -44.25
N HIS P 16 -10.65 76.13 -44.49
CA HIS P 16 -10.00 76.89 -43.41
C HIS P 16 -10.89 77.36 -42.27
N GLY P 17 -12.04 77.96 -42.60
CA GLY P 17 -12.91 78.49 -41.58
C GLY P 17 -13.98 77.51 -41.20
N GLY P 18 -13.89 76.30 -41.75
CA GLY P 18 -14.87 75.26 -41.51
C GLY P 18 -14.75 74.73 -40.09
N THR P 19 -15.89 74.59 -39.42
CA THR P 19 -15.92 74.08 -38.06
C THR P 19 -16.18 72.58 -38.05
N TRP P 20 -17.02 72.11 -38.97
CA TRP P 20 -17.36 70.70 -39.03
C TRP P 20 -16.96 70.05 -40.36
N VAL P 21 -16.68 68.75 -40.29
CA VAL P 21 -16.32 67.96 -41.45
C VAL P 21 -17.01 66.60 -41.39
N SER P 22 -17.79 66.29 -42.42
CA SER P 22 -18.49 65.00 -42.49
C SER P 22 -17.57 63.89 -42.96
N ALA P 23 -17.77 62.69 -42.42
CA ALA P 23 -16.94 61.53 -42.76
C ALA P 23 -17.68 60.23 -42.47
N THR P 24 -17.62 59.29 -43.40
CA THR P 24 -18.25 57.99 -43.21
C THR P 24 -17.18 56.92 -43.00
N LEU P 25 -17.34 56.15 -41.93
CA LEU P 25 -16.36 55.14 -41.54
C LEU P 25 -16.87 53.74 -41.81
N GLU P 26 -16.12 52.99 -42.64
CA GLU P 26 -16.47 51.62 -42.98
C GLU P 26 -15.60 50.62 -42.24
N GLN P 27 -16.00 49.35 -42.27
CA GLN P 27 -15.23 48.30 -41.61
C GLN P 27 -13.88 48.09 -42.30
N ASP P 28 -12.85 47.84 -41.51
CA ASP P 28 -11.49 47.59 -42.01
C ASP P 28 -11.05 48.66 -43.00
N LYS P 29 -11.21 49.92 -42.60
CA LYS P 29 -10.98 51.06 -43.47
C LYS P 29 -10.96 52.33 -42.62
N CYS P 30 -10.06 53.25 -42.93
CA CYS P 30 -9.94 54.46 -42.12
C CYS P 30 -9.78 55.73 -42.94
N VAL P 31 -10.02 56.86 -42.29
CA VAL P 31 -10.01 58.16 -42.95
C VAL P 31 -9.05 59.13 -42.27
N THR P 32 -8.29 59.86 -43.07
CA THR P 32 -7.39 60.89 -42.55
C THR P 32 -7.97 62.27 -42.85
N VAL P 33 -8.37 62.97 -41.80
CA VAL P 33 -9.00 64.28 -41.91
C VAL P 33 -7.98 65.39 -41.79
N MET P 34 -7.82 66.15 -42.87
CA MET P 34 -6.87 67.26 -42.87
C MET P 34 -7.55 68.62 -42.93
N ALA P 35 -6.92 69.61 -42.32
CA ALA P 35 -7.41 70.99 -42.34
C ALA P 35 -6.24 71.94 -42.13
N PRO P 36 -6.20 73.05 -42.89
CA PRO P 36 -5.11 74.01 -42.86
C PRO P 36 -4.84 74.59 -41.48
N ASP P 37 -3.55 74.67 -41.13
CA ASP P 37 -3.08 75.18 -39.84
C ASP P 37 -3.60 74.39 -38.63
N LYS P 38 -3.91 73.11 -38.84
CA LYS P 38 -4.39 72.26 -37.76
C LYS P 38 -3.94 70.81 -38.02
N PRO P 39 -3.69 70.04 -36.94
CA PRO P 39 -3.16 68.68 -37.08
C PRO P 39 -4.13 67.68 -37.71
N SER P 40 -3.58 66.76 -38.50
CA SER P 40 -4.38 65.75 -39.18
C SER P 40 -4.94 64.72 -38.20
N LEU P 41 -6.18 64.32 -38.42
CA LEU P 41 -6.88 63.43 -37.49
C LEU P 41 -7.24 62.10 -38.15
N ASP P 42 -6.67 61.02 -37.64
CA ASP P 42 -7.00 59.68 -38.13
C ASP P 42 -8.23 59.13 -37.40
N ILE P 43 -9.26 58.82 -38.16
CA ILE P 43 -10.49 58.24 -37.60
C ILE P 43 -10.75 56.88 -38.23
N SER P 44 -11.21 55.93 -37.44
CA SER P 44 -11.52 54.60 -37.99
C SER P 44 -12.58 53.84 -37.20
N LEU P 45 -13.34 53.00 -37.91
CA LEU P 45 -14.31 52.12 -37.29
C LEU P 45 -13.61 50.84 -36.82
N GLU P 46 -13.68 50.57 -35.51
CA GLU P 46 -13.08 49.35 -34.97
C GLU P 46 -14.07 48.20 -34.99
N THR P 47 -15.14 48.33 -34.21
CA THR P 47 -16.16 47.29 -34.13
C THR P 47 -17.57 47.86 -34.05
N VAL P 48 -18.53 47.12 -34.60
CA VAL P 48 -19.94 47.35 -34.35
C VAL P 48 -20.49 46.07 -33.75
N ALA P 49 -21.09 46.17 -32.57
CA ALA P 49 -21.45 44.96 -31.84
C ALA P 49 -22.72 45.09 -31.03
N ILE P 50 -23.16 43.96 -30.50
CA ILE P 50 -24.32 43.90 -29.62
C ILE P 50 -23.88 43.22 -28.34
N ASP P 51 -24.30 43.76 -27.19
CA ASP P 51 -23.91 43.15 -25.93
C ASP P 51 -25.10 42.49 -25.25
N ARG P 52 -24.88 41.27 -24.79
CA ARG P 52 -25.88 40.48 -24.08
C ARG P 52 -27.27 40.44 -24.76
N PRO P 53 -27.34 39.92 -26.01
CA PRO P 53 -28.68 39.75 -26.60
C PRO P 53 -29.36 38.49 -26.06
N ALA P 54 -30.69 38.52 -26.01
CA ALA P 54 -31.45 37.43 -25.42
C ALA P 54 -31.85 36.35 -26.43
N GLU P 55 -31.73 35.09 -26.02
CA GLU P 55 -32.18 33.96 -26.83
C GLU P 55 -33.69 33.93 -26.97
N VAL P 56 -34.16 33.60 -28.18
CA VAL P 56 -35.59 33.49 -28.43
C VAL P 56 -35.97 32.07 -28.83
N ARG P 57 -35.13 31.44 -29.63
CA ARG P 57 -35.38 30.06 -30.06
C ARG P 57 -34.08 29.27 -30.23
N LYS P 58 -34.21 27.95 -30.22
CA LYS P 58 -33.10 27.06 -30.55
C LYS P 58 -33.50 26.17 -31.72
N VAL P 59 -32.53 25.79 -32.56
CA VAL P 59 -32.84 24.90 -33.68
C VAL P 59 -31.86 23.74 -33.77
N CYS P 60 -32.32 22.56 -33.42
CA CYS P 60 -31.48 21.37 -33.43
C CYS P 60 -31.12 20.94 -34.84
N TYR P 61 -29.83 20.79 -35.11
CA TYR P 61 -29.39 20.29 -36.41
C TYR P 61 -28.61 18.98 -36.25
N ASN P 62 -28.49 18.52 -35.01
CA ASN P 62 -27.99 17.17 -34.77
C ASN P 62 -28.57 16.58 -33.49
N ALA P 63 -29.29 15.47 -33.64
CA ALA P 63 -29.98 14.85 -32.52
C ALA P 63 -29.64 13.38 -32.36
N VAL P 64 -29.61 12.91 -31.12
CA VAL P 64 -29.40 11.50 -30.85
C VAL P 64 -30.64 10.90 -30.18
N LEU P 65 -30.92 9.64 -30.49
CA LEU P 65 -32.08 8.97 -29.93
C LEU P 65 -31.67 7.85 -28.97
N THR P 66 -32.32 7.83 -27.81
CA THR P 66 -32.10 6.79 -26.83
C THR P 66 -33.42 6.24 -26.33
N HIS P 67 -33.34 5.18 -25.52
CA HIS P 67 -34.49 4.62 -24.82
C HIS P 67 -35.62 4.28 -25.80
N VAL P 68 -35.27 3.57 -26.87
CA VAL P 68 -36.24 3.20 -27.90
C VAL P 68 -37.12 2.06 -27.40
N LYS P 69 -38.40 2.38 -27.17
CA LYS P 69 -39.35 1.40 -26.67
C LYS P 69 -40.42 1.06 -27.71
N ILE P 70 -40.95 -0.15 -27.61
CA ILE P 70 -41.97 -0.64 -28.54
C ILE P 70 -43.04 -1.45 -27.83
N ASN P 71 -44.30 -1.19 -28.16
CA ASN P 71 -45.40 -2.01 -27.69
C ASN P 71 -46.17 -2.55 -28.88
N ASP P 72 -46.46 -3.85 -28.85
CA ASP P 72 -47.02 -4.53 -30.01
C ASP P 72 -48.25 -5.38 -29.68
N LYS P 73 -49.42 -4.88 -30.08
CA LYS P 73 -50.66 -5.61 -29.84
C LYS P 73 -51.02 -6.53 -31.01
N CYS P 74 -51.80 -7.57 -30.70
CA CYS P 74 -52.35 -8.47 -31.71
C CYS P 74 -53.71 -7.92 -32.15
N PRO P 75 -54.23 -8.37 -33.30
CA PRO P 75 -55.58 -7.96 -33.70
C PRO P 75 -56.60 -8.30 -32.63
N SER P 76 -57.70 -7.54 -32.55
CA SER P 76 -58.76 -7.79 -31.57
C SER P 76 -58.33 -7.72 -30.10
N THR P 77 -57.08 -7.31 -29.85
CA THR P 77 -56.58 -7.21 -28.48
C THR P 77 -56.71 -5.80 -27.91
N GLY P 78 -56.70 -4.78 -28.75
CA GLY P 78 -56.77 -3.43 -28.25
C GLY P 78 -55.70 -2.51 -28.78
N GLU P 79 -55.78 -1.24 -28.43
CA GLU P 79 -54.81 -0.25 -28.86
C GLU P 79 -53.56 -0.33 -28.00
N ALA P 80 -52.39 -0.34 -28.62
CA ALA P 80 -51.11 -0.46 -27.90
C ALA P 80 -50.72 0.84 -27.22
N HIS P 81 -50.12 0.73 -26.04
CA HIS P 81 -49.70 1.93 -25.32
C HIS P 81 -48.31 1.75 -24.71
N LEU P 82 -47.55 2.84 -24.69
CA LEU P 82 -46.25 2.87 -24.03
C LEU P 82 -46.31 3.89 -22.89
N ALA P 83 -45.56 3.62 -21.82
CA ALA P 83 -45.53 4.53 -20.68
C ALA P 83 -44.93 5.88 -21.09
N GLU P 84 -44.01 5.81 -22.03
CA GLU P 84 -43.26 6.98 -22.50
C GLU P 84 -44.05 7.83 -23.50
N GLU P 85 -45.26 7.38 -23.84
CA GLU P 85 -46.10 8.09 -24.80
C GLU P 85 -46.52 9.47 -24.31
N ASN P 86 -46.69 9.59 -23.00
CA ASN P 86 -47.16 10.84 -22.41
C ASN P 86 -46.03 11.65 -21.79
N GLU P 87 -44.80 11.40 -22.24
CA GLU P 87 -43.65 12.18 -21.82
C GLU P 87 -43.29 13.21 -22.88
N GLY P 88 -42.73 14.33 -22.45
CA GLY P 88 -42.48 15.47 -23.33
C GLY P 88 -41.33 15.34 -24.29
N ASP P 89 -40.28 14.61 -23.87
CA ASP P 89 -39.05 14.54 -24.66
C ASP P 89 -38.97 13.25 -25.48
N ASN P 90 -40.11 12.71 -25.87
CA ASN P 90 -40.14 11.50 -26.67
C ASN P 90 -40.83 11.66 -28.02
N ALA P 91 -40.13 11.26 -29.08
CA ALA P 91 -40.73 11.19 -30.40
C ALA P 91 -41.40 9.84 -30.56
N CYS P 92 -42.70 9.84 -30.85
CA CYS P 92 -43.48 8.62 -30.90
C CYS P 92 -44.35 8.50 -32.15
N LYS P 93 -44.58 7.26 -32.58
CA LYS P 93 -45.53 6.99 -33.64
C LYS P 93 -46.46 5.85 -33.27
N ARG P 94 -47.75 6.03 -33.54
CA ARG P 94 -48.72 4.97 -33.33
C ARG P 94 -49.14 4.47 -34.71
N THR P 95 -48.92 3.19 -34.98
CA THR P 95 -49.27 2.62 -36.27
C THR P 95 -49.89 1.23 -36.12
N TYR P 96 -50.02 0.53 -37.24
CA TYR P 96 -50.54 -0.83 -37.24
C TYR P 96 -49.67 -1.75 -38.10
N SER P 97 -49.51 -2.98 -37.64
CA SER P 97 -48.66 -3.95 -38.33
C SER P 97 -49.44 -5.17 -38.79
N ASP P 98 -48.98 -5.76 -39.88
CA ASP P 98 -49.56 -6.99 -40.42
C ASP P 98 -49.22 -8.15 -39.50
N ARG P 99 -50.23 -8.76 -38.87
CA ARG P 99 -49.93 -9.87 -37.96
C ARG P 99 -50.91 -11.03 -38.11
N GLY P 100 -50.46 -12.22 -37.72
CA GLY P 100 -51.28 -13.41 -37.78
C GLY P 100 -50.53 -14.61 -37.24
N TRP P 101 -50.83 -15.78 -37.78
CA TRP P 101 -50.09 -16.98 -37.43
C TRP P 101 -48.71 -16.79 -38.03
N GLY P 102 -47.68 -17.02 -37.23
CA GLY P 102 -46.33 -16.77 -37.70
C GLY P 102 -45.77 -15.67 -36.81
N ASN P 103 -46.64 -14.79 -36.33
CA ASN P 103 -46.22 -13.82 -35.31
C ASN P 103 -46.92 -14.09 -33.99
N GLY P 104 -47.79 -15.09 -33.94
CA GLY P 104 -48.35 -15.46 -32.66
C GLY P 104 -49.49 -14.58 -32.18
N CYS P 105 -50.55 -14.42 -32.98
CA CYS P 105 -51.66 -13.56 -32.57
C CYS P 105 -53.04 -14.16 -32.82
N GLY P 106 -53.10 -15.40 -33.27
CA GLY P 106 -54.36 -16.10 -33.47
C GLY P 106 -55.29 -15.58 -34.56
N LEU P 107 -55.18 -14.29 -34.86
CA LEU P 107 -55.97 -13.66 -35.93
C LEU P 107 -55.09 -12.99 -36.96
N PHE P 108 -55.61 -12.91 -38.19
CA PHE P 108 -54.89 -12.26 -39.26
C PHE P 108 -55.46 -10.87 -39.49
N GLY P 109 -54.62 -9.85 -39.43
CA GLY P 109 -55.07 -8.48 -39.67
C GLY P 109 -54.14 -7.43 -39.09
N LYS P 110 -54.70 -6.25 -38.84
CA LYS P 110 -53.95 -5.12 -38.31
C LYS P 110 -53.84 -5.14 -36.79
N GLY P 111 -52.62 -5.18 -36.27
CA GLY P 111 -52.39 -5.09 -34.84
C GLY P 111 -51.73 -3.77 -34.46
N SER P 112 -52.22 -3.15 -33.39
CA SER P 112 -51.68 -1.85 -32.97
C SER P 112 -50.24 -1.97 -32.50
N ILE P 113 -49.40 -1.03 -32.94
CA ILE P 113 -48.01 -1.00 -32.53
C ILE P 113 -47.54 0.44 -32.33
N VAL P 114 -46.93 0.71 -31.18
CA VAL P 114 -46.48 2.06 -30.86
C VAL P 114 -44.97 2.06 -30.59
N ALA P 115 -44.27 3.03 -31.17
CA ALA P 115 -42.83 3.13 -30.99
C ALA P 115 -42.42 4.52 -30.49
N CYS P 116 -41.67 4.54 -29.39
CA CYS P 116 -41.21 5.80 -28.80
C CYS P 116 -39.69 5.86 -28.70
N ALA P 117 -39.13 7.06 -28.75
CA ALA P 117 -37.68 7.22 -28.58
C ALA P 117 -37.40 8.53 -27.85
N LYS P 118 -36.47 8.48 -26.90
CA LYS P 118 -36.12 9.65 -26.11
C LYS P 118 -35.32 10.62 -26.99
N PHE P 119 -35.83 11.84 -27.15
CA PHE P 119 -35.18 12.84 -27.99
C PHE P 119 -34.31 13.82 -27.21
N THR P 120 -33.01 13.83 -27.53
CA THR P 120 -32.08 14.79 -26.97
C THR P 120 -31.20 15.39 -28.05
N CYS P 121 -31.17 16.71 -28.15
CA CYS P 121 -30.44 17.39 -29.21
C CYS P 121 -28.94 17.46 -28.91
N ALA P 122 -28.15 16.85 -29.78
CA ALA P 122 -26.71 16.85 -29.64
C ALA P 122 -26.12 18.23 -29.93
N LYS P 123 -26.43 18.79 -31.10
CA LYS P 123 -25.87 20.08 -31.47
C LYS P 123 -26.99 20.95 -32.07
N SER P 124 -27.10 22.18 -31.57
CA SER P 124 -28.16 23.12 -31.94
C SER P 124 -27.67 24.51 -32.34
N MET P 125 -28.54 25.28 -32.99
CA MET P 125 -28.25 26.63 -33.43
C MET P 125 -29.05 27.67 -32.65
N SER P 126 -28.38 28.67 -32.08
CA SER P 126 -29.06 29.66 -31.25
C SER P 126 -29.59 30.86 -32.05
N LEU P 127 -30.82 31.27 -31.76
CA LEU P 127 -31.46 32.40 -32.44
C LEU P 127 -31.76 33.56 -31.48
N PHE P 128 -30.93 34.59 -31.50
CA PHE P 128 -31.09 35.76 -30.65
C PHE P 128 -31.87 36.89 -31.32
N GLU P 129 -32.58 37.68 -30.52
CA GLU P 129 -33.23 38.90 -30.99
C GLU P 129 -32.28 40.09 -30.84
N VAL P 130 -32.30 40.97 -31.82
CA VAL P 130 -31.43 42.15 -31.86
C VAL P 130 -32.18 43.43 -31.49
N ASP P 131 -31.83 44.04 -30.36
CA ASP P 131 -32.43 45.30 -29.96
C ASP P 131 -31.54 46.46 -30.44
N GLN P 132 -32.07 47.25 -31.37
CA GLN P 132 -31.30 48.31 -32.02
C GLN P 132 -30.86 49.47 -31.12
N THR P 133 -31.60 49.72 -30.03
CA THR P 133 -31.29 50.88 -29.20
C THR P 133 -30.12 50.61 -28.25
N LYS P 134 -29.67 49.37 -28.22
CA LYS P 134 -28.54 48.97 -27.40
C LYS P 134 -27.30 48.55 -28.20
N ILE P 135 -27.34 48.81 -29.49
CA ILE P 135 -26.19 48.53 -30.35
C ILE P 135 -25.09 49.51 -30.01
N GLN P 136 -23.90 48.99 -29.75
CA GLN P 136 -22.77 49.83 -29.43
C GLN P 136 -21.67 49.69 -30.48
N TYR P 137 -20.91 50.77 -30.67
CA TYR P 137 -19.81 50.72 -31.63
C TYR P 137 -18.59 51.49 -31.15
N VAL P 138 -17.43 51.10 -31.66
CA VAL P 138 -16.17 51.65 -31.19
C VAL P 138 -15.40 52.34 -32.31
N ILE P 139 -14.92 53.55 -32.03
CA ILE P 139 -14.20 54.33 -33.03
C ILE P 139 -12.81 54.75 -32.53
N ARG P 140 -11.78 54.43 -33.30
CA ARG P 140 -10.42 54.87 -32.99
C ARG P 140 -10.16 56.27 -33.52
N ALA P 141 -9.59 57.11 -32.66
CA ALA P 141 -9.17 58.45 -33.06
C ALA P 141 -7.72 58.69 -32.64
N GLN P 142 -6.91 59.23 -33.55
CA GLN P 142 -5.50 59.46 -33.26
C GLN P 142 -4.92 60.58 -34.11
N LEU P 143 -4.29 61.55 -33.46
CA LEU P 143 -3.72 62.68 -34.18
C LEU P 143 -2.41 62.32 -34.87
N HIS P 144 -2.14 63.02 -35.98
CA HIS P 144 -0.89 62.82 -36.70
C HIS P 144 0.23 63.63 -36.06
N VAL P 145 0.72 63.16 -34.92
CA VAL P 145 1.90 63.74 -34.31
C VAL P 145 3.04 62.85 -34.71
N GLY P 146 4.27 63.38 -34.71
CA GLY P 146 5.40 62.57 -35.06
C GLY P 146 5.64 61.49 -34.03
N ALA P 147 5.01 60.35 -34.22
CA ALA P 147 5.17 59.22 -33.31
C ALA P 147 5.43 57.96 -34.11
N LYS P 148 6.24 57.07 -33.55
CA LYS P 148 6.55 55.79 -34.18
C LYS P 148 5.44 54.80 -33.86
N GLN P 149 5.37 53.72 -34.64
CA GLN P 149 4.26 52.78 -34.54
C GLN P 149 4.08 52.15 -33.16
N GLU P 150 5.18 51.89 -32.45
CA GLU P 150 5.10 51.27 -31.13
C GLU P 150 4.47 52.19 -30.08
N ASN P 151 4.27 53.45 -30.44
CA ASN P 151 3.59 54.38 -29.56
C ASN P 151 2.18 54.67 -30.02
N TRP P 152 1.79 54.06 -31.14
CA TRP P 152 0.45 54.26 -31.68
C TRP P 152 -0.61 53.75 -30.71
N ASN P 153 -0.37 52.55 -30.19
CA ASN P 153 -1.31 51.90 -29.28
C ASN P 153 -1.48 52.68 -27.99
N THR P 154 -0.51 53.53 -27.67
CA THR P 154 -0.59 54.39 -26.51
C THR P 154 -1.30 55.70 -26.86
N ASP P 155 -1.11 56.16 -28.09
CA ASP P 155 -1.69 57.42 -28.54
C ASP P 155 -3.16 57.27 -28.94
N ILE P 156 -3.52 56.14 -29.53
CA ILE P 156 -4.89 55.92 -30.00
C ILE P 156 -5.92 56.04 -28.87
N LYS P 157 -6.84 56.98 -29.03
CA LYS P 157 -7.99 57.10 -28.12
C LYS P 157 -9.19 56.35 -28.70
N THR P 158 -9.66 55.34 -27.98
CA THR P 158 -10.83 54.57 -28.38
C THR P 158 -12.13 55.11 -27.77
N LEU P 159 -13.15 55.24 -28.61
CA LEU P 159 -14.41 55.85 -28.18
C LEU P 159 -15.57 54.85 -28.30
N LYS P 160 -16.47 54.83 -27.33
CA LYS P 160 -17.63 53.93 -27.38
C LYS P 160 -18.95 54.70 -27.49
N PHE P 161 -19.81 54.25 -28.40
CA PHE P 161 -21.10 54.87 -28.65
C PHE P 161 -22.28 53.90 -28.62
N ASP P 162 -23.47 54.46 -28.40
CA ASP P 162 -24.74 53.72 -28.42
C ASP P 162 -25.56 54.13 -29.66
N ALA P 163 -26.83 53.73 -29.67
CA ALA P 163 -27.74 54.02 -30.78
C ALA P 163 -28.05 55.51 -30.78
N LEU P 164 -28.01 56.11 -29.60
CA LEU P 164 -28.20 57.54 -29.46
C LEU P 164 -27.56 58.02 -28.16
N SER P 165 -26.23 57.95 -28.18
CA SER P 165 -25.39 58.62 -27.20
C SER P 165 -24.98 59.88 -27.94
N GLY P 166 -24.43 60.87 -27.23
CA GLY P 166 -24.19 62.12 -27.91
C GLY P 166 -22.77 62.37 -28.38
N SER P 167 -22.50 63.62 -28.70
CA SER P 167 -21.21 64.03 -29.24
C SER P 167 -20.09 63.84 -28.23
N GLN P 168 -19.18 62.92 -28.52
CA GLN P 168 -18.09 62.63 -27.61
C GLN P 168 -16.91 63.54 -27.88
N GLU P 169 -16.35 64.12 -26.82
CA GLU P 169 -15.21 65.01 -26.98
C GLU P 169 -13.92 64.23 -26.78
N VAL P 170 -12.95 64.47 -27.66
CA VAL P 170 -11.66 63.80 -27.58
C VAL P 170 -10.54 64.82 -27.54
N GLU P 171 -9.92 64.95 -26.36
CA GLU P 171 -8.85 65.90 -26.17
C GLU P 171 -7.49 65.23 -26.18
N PHE P 172 -6.61 65.71 -27.07
CA PHE P 172 -5.25 65.22 -27.14
C PHE P 172 -4.33 66.22 -26.44
N ILE P 173 -3.56 65.74 -25.48
CA ILE P 173 -2.77 66.58 -24.60
C ILE P 173 -1.80 67.49 -25.36
N GLY P 174 -1.99 68.80 -25.20
CA GLY P 174 -1.15 69.78 -25.85
C GLY P 174 -1.55 70.06 -27.29
N TYR P 175 -2.71 69.58 -27.68
CA TYR P 175 -3.19 69.75 -29.06
C TYR P 175 -4.66 70.17 -29.15
N GLY P 176 -5.26 70.46 -28.00
CA GLY P 176 -6.64 70.91 -27.97
C GLY P 176 -7.59 69.73 -27.94
N LYS P 177 -8.71 69.83 -28.66
CA LYS P 177 -9.67 68.74 -28.72
C LYS P 177 -10.57 68.78 -29.95
N ALA P 178 -11.03 67.59 -30.36
CA ALA P 178 -11.97 67.47 -31.47
C ALA P 178 -13.27 66.87 -30.96
N THR P 179 -14.36 67.06 -31.70
CA THR P 179 -15.64 66.50 -31.24
C THR P 179 -16.31 65.58 -32.26
N LEU P 180 -16.67 64.38 -31.85
CA LEU P 180 -17.30 63.44 -32.77
C LEU P 180 -18.79 63.30 -32.53
N GLU P 181 -19.57 63.68 -33.53
CA GLU P 181 -21.02 63.54 -33.54
C GLU P 181 -21.44 62.43 -34.50
N CYS P 182 -21.58 61.22 -33.95
CA CYS P 182 -21.75 60.02 -34.77
C CYS P 182 -23.13 59.36 -34.67
N GLN P 183 -23.51 58.70 -35.76
CA GLN P 183 -24.74 57.93 -35.86
C GLN P 183 -24.37 56.62 -36.53
N VAL P 184 -24.95 55.52 -36.05
CA VAL P 184 -24.57 54.20 -36.52
C VAL P 184 -25.56 53.71 -37.57
N GLN P 185 -25.02 53.08 -38.61
CA GLN P 185 -25.82 52.55 -39.68
C GLN P 185 -25.83 51.03 -39.50
N THR P 186 -27.02 50.49 -39.31
CA THR P 186 -27.25 49.12 -38.93
C THR P 186 -26.85 48.16 -40.07
N ALA P 187 -27.67 48.17 -41.13
CA ALA P 187 -27.58 47.32 -42.35
C ALA P 187 -28.38 46.04 -42.13
N VAL P 188 -29.11 46.03 -41.01
CA VAL P 188 -29.93 44.91 -40.59
C VAL P 188 -31.35 45.39 -40.36
N ASP P 189 -32.30 44.48 -40.54
CA ASP P 189 -33.71 44.79 -40.37
C ASP P 189 -34.21 44.21 -39.05
N PHE P 190 -33.97 44.97 -37.98
CA PHE P 190 -34.27 44.59 -36.60
C PHE P 190 -35.58 43.83 -36.43
N GLY P 191 -36.62 44.28 -37.11
CA GLY P 191 -37.92 43.67 -36.98
C GLY P 191 -38.08 42.40 -37.77
N ASN P 192 -37.02 42.01 -38.48
CA ASN P 192 -37.03 40.78 -39.29
C ASN P 192 -35.66 40.12 -39.40
N SER P 193 -34.96 40.02 -38.28
CA SER P 193 -33.65 39.37 -38.28
C SER P 193 -33.32 38.71 -36.96
N TYR P 194 -32.47 37.68 -37.04
CA TYR P 194 -31.94 36.97 -35.88
C TYR P 194 -30.42 36.93 -35.88
N ILE P 195 -29.84 36.80 -34.70
CA ILE P 195 -28.46 36.34 -34.60
C ILE P 195 -28.47 34.82 -34.52
N ALA P 196 -27.94 34.16 -35.56
CA ALA P 196 -27.96 32.71 -35.59
C ALA P 196 -26.55 32.18 -35.39
N GLU P 197 -26.30 31.51 -34.27
CA GLU P 197 -24.95 31.03 -34.03
C GLU P 197 -24.85 29.52 -33.86
N MET P 198 -23.94 28.94 -34.60
CA MET P 198 -23.80 27.55 -34.45
C MET P 198 -22.82 27.37 -33.32
N GLU P 199 -21.57 27.05 -33.58
CA GLU P 199 -20.66 26.83 -32.48
C GLU P 199 -19.87 28.06 -32.32
N THR P 200 -19.04 28.23 -33.31
CA THR P 200 -18.09 29.34 -33.47
C THR P 200 -18.57 30.39 -34.45
N GLU P 201 -19.39 29.97 -35.40
CA GLU P 201 -19.80 30.85 -36.48
C GLU P 201 -21.14 31.50 -36.18
N SER P 202 -21.33 32.76 -36.58
CA SER P 202 -22.64 33.38 -36.39
C SER P 202 -23.06 34.14 -37.64
N TRP P 203 -24.36 34.43 -37.75
CA TRP P 203 -24.87 35.15 -38.91
C TRP P 203 -26.04 36.07 -38.53
N ILE P 204 -26.35 37.00 -39.42
CA ILE P 204 -27.59 37.75 -39.33
C ILE P 204 -28.56 37.15 -40.33
N VAL P 205 -29.61 36.49 -39.83
CA VAL P 205 -30.52 35.76 -40.72
C VAL P 205 -31.91 36.35 -40.70
N ASP P 206 -32.75 35.96 -41.66
CA ASP P 206 -34.13 36.42 -41.71
C ASP P 206 -34.98 35.56 -40.79
N ARG P 207 -35.82 36.21 -39.97
CA ARG P 207 -36.65 35.51 -39.00
C ARG P 207 -37.59 34.48 -39.62
N GLN P 208 -38.31 34.87 -40.66
CA GLN P 208 -39.22 33.96 -41.34
C GLN P 208 -38.51 32.71 -41.86
N TRP P 209 -37.36 32.92 -42.49
CA TRP P 209 -36.54 31.81 -42.99
C TRP P 209 -36.20 30.86 -41.85
N ALA P 210 -35.88 31.44 -40.69
CA ALA P 210 -35.50 30.66 -39.53
C ALA P 210 -36.68 29.85 -39.00
N GLN P 211 -37.87 30.44 -38.97
CA GLN P 211 -39.03 29.72 -38.45
C GLN P 211 -39.55 28.69 -39.44
N ASP P 212 -39.26 28.89 -40.72
CA ASP P 212 -39.74 27.99 -41.75
C ASP P 212 -38.77 26.83 -41.97
N LEU P 213 -37.69 26.82 -41.19
CA LEU P 213 -36.73 25.73 -41.23
C LEU P 213 -37.41 24.43 -40.82
N THR P 214 -37.18 23.36 -41.59
CA THR P 214 -37.77 22.07 -41.30
C THR P 214 -36.94 21.30 -40.27
N LEU P 215 -36.78 21.89 -39.10
CA LEU P 215 -36.00 21.29 -38.02
C LEU P 215 -36.71 21.49 -36.69
N PRO P 216 -36.44 20.61 -35.71
CA PRO P 216 -37.00 20.78 -34.36
C PRO P 216 -36.54 22.08 -33.72
N TRP P 217 -37.39 22.71 -32.92
CA TRP P 217 -37.01 23.97 -32.31
C TRP P 217 -37.44 24.10 -30.86
N GLN P 218 -36.69 24.89 -30.10
CA GLN P 218 -36.90 25.06 -28.67
C GLN P 218 -37.03 26.54 -28.35
N SER P 219 -37.18 26.86 -27.07
CA SER P 219 -37.25 28.24 -26.61
C SER P 219 -36.29 28.54 -25.46
N GLY P 220 -36.33 29.80 -25.02
CA GLY P 220 -35.51 30.30 -23.93
C GLY P 220 -35.94 29.78 -22.58
N SER P 221 -37.15 29.21 -22.53
CA SER P 221 -37.74 28.75 -21.28
C SER P 221 -37.67 27.23 -21.18
N GLY P 222 -38.83 26.60 -21.08
CA GLY P 222 -38.93 25.15 -20.95
C GLY P 222 -38.17 24.44 -22.07
N GLY P 223 -37.53 23.34 -21.72
CA GLY P 223 -36.67 22.63 -22.67
C GLY P 223 -37.39 21.46 -23.31
N VAL P 224 -38.56 21.74 -23.87
CA VAL P 224 -39.34 20.72 -24.56
C VAL P 224 -39.25 20.94 -26.06
N TRP P 225 -38.56 20.02 -26.74
CA TRP P 225 -38.33 20.13 -28.17
C TRP P 225 -39.58 19.87 -29.00
N ARG P 226 -39.88 20.80 -29.89
CA ARG P 226 -41.08 20.75 -30.72
C ARG P 226 -40.75 20.35 -32.16
N GLU P 227 -41.72 19.72 -32.82
CA GLU P 227 -41.56 19.21 -34.19
C GLU P 227 -40.34 18.31 -34.33
N MET P 228 -40.26 17.31 -33.45
CA MET P 228 -39.14 16.38 -33.42
C MET P 228 -39.09 15.48 -34.65
N HIS P 229 -40.24 15.34 -35.32
CA HIS P 229 -40.36 14.46 -36.48
C HIS P 229 -39.42 14.85 -37.64
N HIS P 230 -38.94 16.09 -37.60
CA HIS P 230 -38.03 16.58 -38.64
C HIS P 230 -36.71 15.83 -38.66
N LEU P 231 -36.28 15.35 -37.49
CA LEU P 231 -35.00 14.64 -37.38
C LEU P 231 -35.17 13.19 -36.91
N VAL P 232 -36.41 12.73 -36.83
CA VAL P 232 -36.68 11.36 -36.41
C VAL P 232 -37.54 10.63 -37.44
N GLU P 233 -37.03 9.51 -37.94
CA GLU P 233 -37.76 8.70 -38.93
C GLU P 233 -38.15 7.34 -38.40
N PHE P 234 -39.41 6.98 -38.63
CA PHE P 234 -39.93 5.66 -38.28
C PHE P 234 -40.16 4.82 -39.53
N GLU P 235 -39.31 3.82 -39.74
CA GLU P 235 -39.48 2.92 -40.88
C GLU P 235 -40.74 2.07 -40.72
N PRO P 236 -41.32 1.61 -41.84
CA PRO P 236 -42.51 0.74 -41.79
C PRO P 236 -42.28 -0.52 -40.97
N PRO P 237 -43.27 -0.88 -40.13
CA PRO P 237 -43.19 -2.05 -39.24
C PRO P 237 -43.33 -3.38 -39.98
N HIS P 238 -42.60 -4.39 -39.53
CA HIS P 238 -42.68 -5.71 -40.15
C HIS P 238 -43.67 -6.57 -39.38
N ALA P 239 -43.30 -6.95 -38.16
CA ALA P 239 -44.13 -7.81 -37.34
C ALA P 239 -44.43 -7.16 -35.99
N ALA P 240 -43.44 -7.12 -35.11
CA ALA P 240 -43.62 -6.54 -33.78
C ALA P 240 -42.56 -5.49 -33.46
N THR P 241 -41.87 -5.01 -34.49
CA THR P 241 -40.83 -4.01 -34.29
C THR P 241 -40.95 -2.86 -35.29
N ILE P 242 -40.25 -1.77 -35.00
CA ILE P 242 -40.15 -0.62 -35.88
C ILE P 242 -38.73 -0.08 -35.78
N ARG P 243 -38.06 0.11 -36.90
CA ARG P 243 -36.73 0.69 -36.87
C ARG P 243 -36.83 2.19 -36.75
N VAL P 244 -36.42 2.73 -35.60
CA VAL P 244 -36.49 4.17 -35.36
C VAL P 244 -35.10 4.78 -35.48
N LEU P 245 -34.87 5.58 -36.51
CA LEU P 245 -33.55 6.16 -36.70
C LEU P 245 -33.57 7.69 -36.73
N ALA P 246 -32.50 8.29 -36.24
CA ALA P 246 -32.33 9.74 -36.32
C ALA P 246 -31.65 10.13 -37.62
N LEU P 247 -32.12 11.22 -38.22
CA LEU P 247 -31.59 11.68 -39.51
C LEU P 247 -30.19 12.25 -39.35
N GLY P 248 -29.55 12.55 -40.48
CA GLY P 248 -28.17 12.96 -40.50
C GLY P 248 -27.90 14.36 -39.97
N ASN P 249 -26.64 14.64 -39.69
CA ASN P 249 -26.23 15.96 -39.21
C ASN P 249 -26.48 17.03 -40.26
N GLN P 250 -27.23 18.07 -39.87
CA GLN P 250 -27.66 19.09 -40.81
C GLN P 250 -26.79 20.35 -40.76
N GLU P 251 -25.62 20.26 -40.12
CA GLU P 251 -24.70 21.38 -40.03
C GLU P 251 -24.30 21.92 -41.40
N GLY P 252 -23.83 21.02 -42.26
CA GLY P 252 -23.36 21.38 -43.58
C GLY P 252 -24.39 22.04 -44.47
N SER P 253 -25.57 21.43 -44.57
CA SER P 253 -26.63 21.95 -45.41
C SER P 253 -27.08 23.33 -44.93
N LEU P 254 -27.15 23.50 -43.62
CA LEU P 254 -27.50 24.79 -43.02
C LEU P 254 -26.47 25.84 -43.39
N LYS P 255 -25.20 25.51 -43.18
CA LYS P 255 -24.11 26.44 -43.46
C LYS P 255 -24.07 26.83 -44.93
N THR P 256 -24.34 25.88 -45.81
CA THR P 256 -24.39 26.16 -47.24
C THR P 256 -25.60 27.05 -47.55
N ALA P 257 -26.66 26.88 -46.77
CA ALA P 257 -27.84 27.73 -46.92
C ALA P 257 -27.56 29.13 -46.37
N LEU P 258 -26.48 29.27 -45.58
CA LEU P 258 -26.18 30.53 -44.93
C LEU P 258 -25.02 31.32 -45.54
N THR P 259 -24.46 30.83 -46.65
CA THR P 259 -23.24 31.41 -47.23
C THR P 259 -23.33 32.89 -47.59
N GLY P 260 -24.51 33.32 -48.03
CA GLY P 260 -24.69 34.68 -48.52
C GLY P 260 -25.12 35.66 -47.45
N ALA P 261 -25.31 35.17 -46.23
CA ALA P 261 -25.80 36.02 -45.15
C ALA P 261 -24.66 36.80 -44.53
N MET P 262 -25.00 37.94 -43.94
CA MET P 262 -24.03 38.76 -43.24
C MET P 262 -23.45 37.98 -42.06
N ARG P 263 -22.13 38.03 -41.92
CA ARG P 263 -21.43 37.26 -40.88
C ARG P 263 -21.44 37.96 -39.52
N VAL P 264 -21.28 37.16 -38.46
CA VAL P 264 -21.15 37.65 -37.10
C VAL P 264 -20.18 36.74 -36.33
N THR P 265 -19.31 37.35 -35.53
CA THR P 265 -18.45 36.58 -34.63
C THR P 265 -18.44 37.24 -33.26
N LYS P 266 -18.14 36.50 -32.20
CA LYS P 266 -18.11 37.09 -30.87
C LYS P 266 -16.97 36.57 -29.98
N ASP P 267 -16.51 37.46 -29.12
CA ASP P 267 -15.52 37.22 -28.09
C ASP P 267 -14.84 38.54 -27.88
N LEU P 273 -21.61 39.98 -26.50
CA LEU P 273 -20.27 40.25 -27.04
C LEU P 273 -20.23 39.99 -28.54
N TYR P 274 -21.36 40.16 -29.21
CA TYR P 274 -21.46 39.76 -30.61
C TYR P 274 -21.14 40.88 -31.59
N LYS P 275 -19.92 40.88 -32.14
CA LYS P 275 -19.62 41.86 -33.17
C LYS P 275 -20.18 41.33 -34.49
N LEU P 276 -20.74 42.25 -35.26
CA LEU P 276 -21.34 41.95 -36.56
C LEU P 276 -20.40 42.38 -37.67
N HIS P 277 -20.24 41.52 -38.66
CA HIS P 277 -19.29 41.76 -39.73
C HIS P 277 -19.89 42.70 -40.78
N GLY P 278 -19.91 43.99 -40.46
CA GLY P 278 -20.44 44.97 -41.38
C GLY P 278 -20.88 46.29 -40.79
N GLY P 279 -21.78 46.97 -41.49
CA GLY P 279 -22.29 48.26 -41.06
C GLY P 279 -21.27 49.36 -41.27
N HIS P 280 -21.65 50.59 -40.95
CA HIS P 280 -20.73 51.72 -41.04
C HIS P 280 -21.24 52.85 -40.16
N VAL P 281 -20.42 53.88 -39.95
CA VAL P 281 -20.80 54.97 -39.05
C VAL P 281 -20.67 56.34 -39.72
N SER P 282 -21.75 57.11 -39.70
CA SER P 282 -21.72 58.47 -40.23
C SER P 282 -21.35 59.47 -39.13
N CYS P 283 -20.29 60.24 -39.35
CA CYS P 283 -19.79 61.14 -38.32
C CYS P 283 -19.59 62.59 -38.76
N ARG P 284 -19.94 63.51 -37.87
CA ARG P 284 -19.64 64.92 -38.01
C ARG P 284 -18.52 65.32 -37.05
N VAL P 285 -17.39 65.75 -37.60
CA VAL P 285 -16.21 66.01 -36.79
C VAL P 285 -15.94 67.51 -36.62
N LYS P 286 -15.93 67.96 -35.38
CA LYS P 286 -15.59 69.34 -35.06
C LYS P 286 -14.08 69.44 -34.85
N LEU P 287 -13.45 70.29 -35.67
CA LEU P 287 -12.00 70.43 -35.70
C LEU P 287 -11.52 71.76 -35.14
N SER P 288 -12.45 72.68 -34.90
CA SER P 288 -12.10 74.05 -34.51
C SER P 288 -11.31 74.14 -33.21
N ALA P 289 -11.64 73.29 -32.25
CA ALA P 289 -10.97 73.32 -30.95
C ALA P 289 -9.65 72.55 -30.96
N LEU P 290 -9.22 72.11 -32.14
CA LEU P 290 -7.96 71.40 -32.30
C LEU P 290 -6.84 72.40 -32.57
N THR P 291 -5.80 72.38 -31.75
CA THR P 291 -4.72 73.34 -31.92
C THR P 291 -3.37 72.67 -32.26
N LEU P 292 -2.53 73.43 -32.95
CA LEU P 292 -1.22 72.95 -33.36
C LEU P 292 -0.18 73.29 -32.29
N LYS P 293 0.60 72.30 -31.89
CA LYS P 293 1.55 72.46 -30.80
C LYS P 293 2.92 72.93 -31.30
N GLY P 294 3.57 73.80 -30.51
CA GLY P 294 4.95 74.19 -30.76
C GLY P 294 5.20 75.00 -32.01
N THR P 295 4.31 75.94 -32.31
CA THR P 295 4.49 76.83 -33.45
C THR P 295 5.60 77.84 -33.20
N SER P 296 5.93 78.06 -31.93
CA SER P 296 6.92 79.06 -31.56
C SER P 296 8.29 78.44 -31.28
N TYR P 297 8.40 77.14 -31.49
CA TYR P 297 9.67 76.44 -31.33
C TYR P 297 10.67 76.96 -32.37
N LYS P 298 11.96 76.87 -32.06
CA LYS P 298 13.00 77.26 -33.01
C LYS P 298 13.21 76.20 -34.08
N ILE P 299 13.98 76.54 -35.11
CA ILE P 299 14.29 75.61 -36.17
C ILE P 299 15.40 74.66 -35.75
N CYS P 300 15.20 73.37 -35.96
CA CYS P 300 16.23 72.37 -35.67
C CYS P 300 17.42 72.57 -36.61
N THR P 301 18.58 72.90 -36.05
CA THR P 301 19.74 73.18 -36.88
C THR P 301 20.84 72.14 -36.77
N ASP P 302 20.87 71.39 -35.67
CA ASP P 302 21.85 70.33 -35.49
C ASP P 302 21.54 69.16 -36.42
N LYS P 303 22.52 68.29 -36.65
CA LYS P 303 22.36 67.20 -37.60
C LYS P 303 21.33 66.16 -37.16
N MET P 304 20.48 65.79 -38.11
CA MET P 304 19.41 64.83 -37.92
C MET P 304 19.72 63.58 -38.73
N PHE P 305 19.06 62.47 -38.42
CA PHE P 305 19.33 61.25 -39.16
C PHE P 305 18.04 60.51 -39.51
N PHE P 306 17.95 60.01 -40.73
CA PHE P 306 16.84 59.14 -41.11
C PHE P 306 16.94 57.80 -40.39
N VAL P 307 16.15 57.65 -39.33
CA VAL P 307 16.02 56.35 -38.68
C VAL P 307 15.39 55.40 -39.69
N LYS P 308 14.36 55.89 -40.38
CA LYS P 308 13.75 55.16 -41.47
C LYS P 308 13.64 56.04 -42.70
N ASN P 309 14.30 55.61 -43.79
CA ASN P 309 14.26 56.37 -45.03
C ASN P 309 12.85 56.45 -45.60
N PRO P 310 12.56 57.51 -46.38
CA PRO P 310 11.27 57.68 -47.05
C PRO P 310 10.87 56.47 -47.88
N THR P 311 9.69 55.91 -47.58
CA THR P 311 9.19 54.74 -48.29
C THR P 311 7.73 54.95 -48.70
N ASP P 312 7.34 54.30 -49.80
CA ASP P 312 5.97 54.41 -50.30
C ASP P 312 4.99 53.72 -49.37
N THR P 313 3.85 54.35 -49.13
CA THR P 313 2.83 53.81 -48.24
C THR P 313 1.73 53.11 -49.02
N GLY P 314 1.64 53.41 -50.31
CA GLY P 314 0.58 52.89 -51.15
C GLY P 314 -0.61 53.84 -51.18
N HIS P 315 -0.54 54.90 -50.39
CA HIS P 315 -1.60 55.90 -50.34
C HIS P 315 -1.24 57.11 -51.21
N GLY P 316 -0.15 56.99 -51.96
CA GLY P 316 0.33 58.11 -52.75
C GLY P 316 1.19 59.02 -51.90
N THR P 317 1.41 58.62 -50.66
CA THR P 317 2.25 59.38 -49.75
C THR P 317 3.53 58.63 -49.42
N VAL P 318 4.46 59.31 -48.77
CA VAL P 318 5.70 58.70 -48.31
C VAL P 318 5.86 58.94 -46.81
N VAL P 319 6.46 57.97 -46.13
CA VAL P 319 6.73 58.11 -44.71
C VAL P 319 8.20 57.89 -44.39
N MET P 320 8.65 58.59 -43.36
CA MET P 320 10.03 58.50 -42.91
C MET P 320 10.15 58.80 -41.42
N GLN P 321 11.17 58.24 -40.77
CA GLN P 321 11.36 58.46 -39.35
C GLN P 321 12.70 59.13 -39.07
N VAL P 322 12.64 60.33 -38.50
CA VAL P 322 13.83 61.15 -38.29
C VAL P 322 14.20 61.30 -36.82
N LYS P 323 15.45 61.03 -36.48
CA LYS P 323 15.92 61.27 -35.12
C LYS P 323 16.51 62.66 -35.01
N VAL P 324 16.14 63.37 -33.95
CA VAL P 324 16.72 64.67 -33.66
C VAL P 324 17.65 64.50 -32.48
N SER P 325 18.95 64.44 -32.77
CA SER P 325 19.96 64.01 -31.82
C SER P 325 20.39 65.03 -30.76
N LYS P 326 20.65 66.26 -31.18
CA LYS P 326 21.23 67.23 -30.25
C LYS P 326 20.28 68.39 -29.98
N GLY P 327 19.70 68.96 -31.04
CA GLY P 327 18.69 70.00 -30.95
C GLY P 327 17.61 69.97 -29.88
N ALA P 328 17.25 71.14 -29.38
CA ALA P 328 16.38 71.27 -28.21
C ALA P 328 14.92 71.09 -28.64
N PRO P 329 13.94 71.40 -27.76
CA PRO P 329 12.57 71.46 -28.29
C PRO P 329 12.48 72.36 -29.52
N CYS P 330 12.25 71.76 -30.67
CA CYS P 330 12.26 72.49 -31.94
C CYS P 330 11.35 71.87 -33.00
N ARG P 331 11.01 72.67 -34.01
CA ARG P 331 10.22 72.20 -35.13
C ARG P 331 11.09 71.93 -36.36
N ILE P 332 10.64 70.95 -37.15
CA ILE P 332 11.37 70.52 -38.33
C ILE P 332 10.77 71.07 -39.62
N PRO P 333 11.59 71.77 -40.42
CA PRO P 333 11.12 72.23 -41.72
C PRO P 333 11.21 71.11 -42.75
N VAL P 334 10.05 70.60 -43.17
CA VAL P 334 10.02 69.52 -44.14
C VAL P 334 9.34 70.00 -45.41
N ILE P 335 10.07 69.96 -46.52
CA ILE P 335 9.49 70.34 -47.80
C ILE P 335 9.86 69.33 -48.89
N VAL P 336 9.05 69.28 -49.94
CA VAL P 336 9.37 68.46 -51.10
C VAL P 336 9.48 69.34 -52.32
N ALA P 337 10.71 69.63 -52.72
CA ALA P 337 10.92 70.53 -53.85
C ALA P 337 11.32 69.71 -55.05
N ASP P 338 11.27 70.28 -56.23
CA ASP P 338 11.67 69.56 -57.44
C ASP P 338 13.13 69.85 -57.77
N ASP P 339 13.79 70.60 -56.90
CA ASP P 339 15.19 70.96 -57.09
C ASP P 339 15.90 71.29 -55.77
N LEU P 340 17.22 71.14 -55.76
CA LEU P 340 18.04 71.39 -54.57
C LEU P 340 18.31 72.86 -54.29
N THR P 341 18.28 73.70 -55.32
CA THR P 341 18.55 75.13 -55.16
C THR P 341 17.35 75.90 -54.61
N ALA P 342 16.23 75.81 -55.31
CA ALA P 342 14.98 76.45 -54.91
C ALA P 342 14.30 75.75 -53.73
N ALA P 343 13.95 76.52 -52.71
CA ALA P 343 13.31 75.99 -51.51
C ALA P 343 11.78 76.12 -51.57
N ILE P 344 11.19 75.69 -52.69
CA ILE P 344 9.75 75.89 -52.91
C ILE P 344 8.99 74.58 -52.68
N ASN P 345 8.15 74.52 -51.65
CA ASN P 345 7.42 73.30 -51.33
C ASN P 345 6.31 72.98 -52.34
N LYS P 346 6.46 71.87 -53.05
CA LYS P 346 5.42 71.40 -53.96
C LYS P 346 4.66 70.22 -53.36
N GLY P 347 5.18 69.69 -52.25
CA GLY P 347 4.55 68.56 -51.60
C GLY P 347 3.59 69.03 -50.53
N ILE P 348 2.66 68.16 -50.15
CA ILE P 348 1.69 68.50 -49.11
C ILE P 348 2.00 67.71 -47.83
N LEU P 349 2.12 68.43 -46.72
CA LEU P 349 2.49 67.83 -45.46
C LEU P 349 1.30 67.27 -44.70
N VAL P 350 1.31 65.96 -44.49
CA VAL P 350 0.25 65.30 -43.72
C VAL P 350 0.52 65.48 -42.23
N THR P 351 1.77 65.30 -41.83
CA THR P 351 2.19 65.57 -40.47
C THR P 351 2.43 67.06 -40.29
N VAL P 352 1.35 67.80 -40.04
CA VAL P 352 1.42 69.26 -39.97
C VAL P 352 2.28 69.73 -38.80
N ASN P 353 3.26 70.57 -39.11
CA ASN P 353 4.22 71.08 -38.13
C ASN P 353 4.87 69.96 -37.32
N PRO P 354 5.82 69.23 -37.93
CA PRO P 354 6.58 68.19 -37.23
C PRO P 354 7.33 68.76 -36.03
N ILE P 355 7.60 67.93 -35.02
CA ILE P 355 8.18 68.44 -33.79
C ILE P 355 9.07 67.42 -33.08
N ALA P 356 10.12 67.91 -32.43
CA ALA P 356 10.97 67.09 -31.58
C ALA P 356 11.08 67.74 -30.20
N SER P 357 10.32 67.22 -29.24
CA SER P 357 10.28 67.81 -27.91
C SER P 357 11.56 67.54 -27.12
N THR P 358 11.88 66.27 -26.89
CA THR P 358 13.10 65.92 -26.18
C THR P 358 14.21 65.56 -27.15
N ASN P 359 15.36 65.13 -26.62
CA ASN P 359 16.48 64.75 -27.46
C ASN P 359 16.44 63.27 -27.79
N ASP P 360 17.15 62.91 -28.86
CA ASP P 360 17.12 61.55 -29.42
C ASP P 360 15.69 61.14 -29.73
N ASP P 361 14.84 62.14 -29.99
CA ASP P 361 13.43 61.89 -30.23
C ASP P 361 13.24 61.55 -31.71
N GLU P 362 12.50 60.47 -31.95
CA GLU P 362 12.21 60.01 -33.30
C GLU P 362 10.81 60.45 -33.75
N VAL P 363 10.75 61.13 -34.88
CA VAL P 363 9.50 61.70 -35.36
C VAL P 363 9.13 61.16 -36.73
N LEU P 364 7.87 60.73 -36.87
CA LEU P 364 7.39 60.14 -38.10
C LEU P 364 6.74 61.21 -38.99
N ILE P 365 7.28 61.36 -40.19
CA ILE P 365 6.78 62.33 -41.17
C ILE P 365 6.09 61.63 -42.33
N GLU P 366 4.92 62.13 -42.70
CA GLU P 366 4.23 61.67 -43.90
C GLU P 366 3.99 62.84 -44.84
N VAL P 367 4.49 62.74 -46.07
CA VAL P 367 4.32 63.82 -47.03
C VAL P 367 3.72 63.27 -48.33
N ASN P 368 2.94 64.11 -49.01
CA ASN P 368 2.42 63.74 -50.32
C ASN P 368 3.21 64.43 -51.43
N PRO P 369 4.21 63.74 -51.98
CA PRO P 369 5.07 64.34 -53.01
C PRO P 369 4.30 64.53 -54.30
N PRO P 370 4.78 65.42 -55.18
CA PRO P 370 4.11 65.65 -56.46
C PRO P 370 4.38 64.52 -57.45
N PHE P 371 3.59 64.46 -58.51
CA PHE P 371 3.78 63.43 -59.53
C PHE P 371 5.11 63.69 -60.23
N GLY P 372 5.85 62.63 -60.51
CA GLY P 372 7.14 62.74 -61.18
C GLY P 372 8.34 62.67 -60.24
N ASP P 373 9.43 63.32 -60.63
CA ASP P 373 10.66 63.34 -59.84
C ASP P 373 10.68 64.47 -58.81
N SER P 374 11.27 64.20 -57.65
CA SER P 374 11.38 65.21 -56.61
C SER P 374 12.49 64.94 -55.59
N TYR P 375 12.70 65.93 -54.74
CA TYR P 375 13.66 65.88 -53.63
C TYR P 375 12.95 66.16 -52.31
N ILE P 376 13.11 65.23 -51.37
CA ILE P 376 12.63 65.43 -50.01
C ILE P 376 13.70 66.09 -49.15
N ILE P 377 13.41 67.30 -48.69
CA ILE P 377 14.36 68.10 -47.92
C ILE P 377 13.89 68.32 -46.49
N VAL P 378 14.71 67.86 -45.54
CA VAL P 378 14.41 67.98 -44.11
C VAL P 378 15.51 68.73 -43.36
N GLY P 379 15.22 69.96 -42.93
CA GLY P 379 16.18 70.77 -42.20
C GLY P 379 16.90 71.77 -43.09
N ARG P 380 17.85 72.49 -42.53
CA ARG P 380 18.61 73.49 -43.29
C ARG P 380 20.12 73.41 -43.03
N GLY P 381 20.88 74.11 -43.88
CA GLY P 381 22.33 74.17 -43.76
C GLY P 381 22.99 72.91 -44.30
N ASP P 382 24.08 72.48 -43.67
CA ASP P 382 24.76 71.26 -44.06
C ASP P 382 24.08 70.10 -43.34
N SER P 383 23.29 70.44 -42.33
CA SER P 383 22.64 69.45 -41.49
C SER P 383 21.40 68.86 -42.16
N ARG P 384 20.95 69.47 -43.25
CA ARG P 384 19.69 69.04 -43.86
C ARG P 384 19.84 67.69 -44.55
N LEU P 385 18.76 66.92 -44.54
CA LEU P 385 18.70 65.62 -45.21
C LEU P 385 18.00 65.74 -46.55
N THR P 386 18.59 65.14 -47.58
CA THR P 386 17.98 65.13 -48.90
C THR P 386 17.75 63.70 -49.37
N TYR P 387 16.57 63.45 -49.93
CA TYR P 387 16.24 62.11 -50.43
C TYR P 387 15.54 62.14 -51.77
N GLN P 388 16.18 61.54 -52.76
CA GLN P 388 15.65 61.48 -54.12
C GLN P 388 14.40 60.60 -54.16
N TRP P 389 13.33 61.10 -54.77
CA TRP P 389 12.09 60.33 -54.85
C TRP P 389 11.42 60.36 -56.22
N HIS P 390 10.87 59.20 -56.59
CA HIS P 390 10.09 59.02 -57.81
C HIS P 390 8.66 58.56 -57.56
N LYS P 391 7.71 59.23 -58.22
CA LYS P 391 6.29 58.89 -58.08
C LYS P 391 5.53 59.00 -59.40
N GLU P 392 5.13 57.86 -59.95
CA GLU P 392 4.36 57.86 -61.19
C GLU P 392 2.91 58.26 -60.94
N GLU Q 1 -49.42 -0.97 -21.34
CA GLU Q 1 -49.18 -1.42 -19.96
C GLU Q 1 -49.02 -2.92 -19.85
N VAL Q 2 -47.85 -3.43 -20.27
CA VAL Q 2 -47.58 -4.86 -20.23
C VAL Q 2 -47.63 -5.36 -18.80
N GLN Q 3 -48.47 -6.36 -18.56
CA GLN Q 3 -48.67 -6.93 -17.24
C GLN Q 3 -48.48 -8.44 -17.27
N LEU Q 4 -47.82 -8.97 -16.25
CA LEU Q 4 -47.64 -10.42 -16.12
C LEU Q 4 -48.25 -10.95 -14.83
N VAL Q 5 -48.96 -12.08 -14.90
CA VAL Q 5 -49.44 -12.74 -13.68
C VAL Q 5 -49.17 -14.25 -13.71
N GLU Q 6 -48.52 -14.74 -12.66
CA GLU Q 6 -48.21 -16.17 -12.56
C GLU Q 6 -49.25 -16.89 -11.71
N SER Q 7 -49.52 -18.16 -12.05
CA SER Q 7 -50.52 -18.95 -11.34
C SER Q 7 -50.17 -20.44 -11.36
N GLY Q 8 -50.78 -21.21 -10.47
CA GLY Q 8 -50.54 -22.63 -10.38
C GLY Q 8 -50.60 -23.19 -8.97
N PRO Q 9 -50.35 -24.51 -8.83
CA PRO Q 9 -50.35 -25.22 -7.55
C PRO Q 9 -49.47 -24.52 -6.53
N ARG Q 10 -50.09 -24.08 -5.43
CA ARG Q 10 -49.38 -23.32 -4.41
C ARG Q 10 -48.70 -24.28 -3.43
N LEU Q 11 -49.35 -25.41 -3.18
CA LEU Q 11 -48.79 -26.43 -2.30
C LEU Q 11 -48.48 -27.68 -3.13
N VAL Q 12 -47.20 -28.06 -3.15
CA VAL Q 12 -46.76 -29.19 -3.96
C VAL Q 12 -45.98 -30.22 -3.15
N LYS Q 13 -46.37 -31.50 -3.26
CA LYS Q 13 -45.62 -32.53 -2.56
C LYS Q 13 -44.28 -32.69 -3.27
N PRO Q 14 -43.23 -33.02 -2.50
CA PRO Q 14 -41.88 -33.23 -3.04
C PRO Q 14 -41.76 -34.33 -4.10
N SER Q 15 -40.69 -34.24 -4.90
CA SER Q 15 -40.34 -35.24 -5.91
C SER Q 15 -41.30 -35.41 -7.09
N GLU Q 16 -42.34 -34.59 -7.19
CA GLU Q 16 -43.28 -34.75 -8.30
C GLU Q 16 -42.91 -33.72 -9.36
N THR Q 17 -43.81 -32.82 -9.73
CA THR Q 17 -43.42 -31.73 -10.62
C THR Q 17 -44.14 -30.42 -10.28
N LEU Q 18 -43.56 -29.30 -10.72
CA LEU Q 18 -44.13 -27.98 -10.47
C LEU Q 18 -44.50 -27.33 -11.79
N SER Q 19 -45.80 -27.16 -12.02
CA SER Q 19 -46.31 -26.60 -13.27
C SER Q 19 -46.93 -25.24 -13.03
N LEU Q 20 -46.16 -24.18 -13.27
CA LEU Q 20 -46.67 -22.82 -13.15
C LEU Q 20 -46.90 -22.22 -14.53
N THR Q 21 -47.81 -21.26 -14.60
CA THR Q 21 -48.13 -20.61 -15.86
C THR Q 21 -48.21 -19.10 -15.69
N CYS Q 22 -47.43 -18.39 -16.49
CA CYS Q 22 -47.44 -16.94 -16.51
C CYS Q 22 -48.23 -16.42 -17.71
N THR Q 23 -49.23 -15.60 -17.41
CA THR Q 23 -50.08 -15.00 -18.43
C THR Q 23 -49.68 -13.55 -18.68
N VAL Q 24 -49.47 -13.25 -19.96
CA VAL Q 24 -49.03 -11.92 -20.40
C VAL Q 24 -50.15 -11.12 -21.08
N SER Q 25 -50.49 -9.97 -20.52
CA SER Q 25 -51.50 -9.11 -21.13
C SER Q 25 -50.93 -7.74 -21.45
N GLY Q 26 -51.47 -7.08 -22.46
CA GLY Q 26 -51.03 -5.74 -22.81
C GLY Q 26 -49.91 -5.74 -23.85
N GLY Q 27 -49.52 -6.94 -24.27
CA GLY Q 27 -48.48 -7.09 -25.27
C GLY Q 27 -48.33 -8.53 -25.71
N SER Q 28 -47.90 -8.72 -26.95
CA SER Q 28 -47.75 -10.06 -27.52
C SER Q 28 -46.46 -10.72 -27.07
N THR Q 29 -46.29 -11.99 -27.43
CA THR Q 29 -45.13 -12.75 -26.99
C THR Q 29 -44.16 -13.06 -28.14
N TYR Q 30 -44.31 -12.35 -29.26
CA TYR Q 30 -43.42 -12.57 -30.42
C TYR Q 30 -42.00 -12.13 -30.12
N ASN Q 31 -41.88 -10.96 -29.48
CA ASN Q 31 -40.57 -10.43 -29.11
C ASN Q 31 -40.14 -10.88 -27.72
N HIS Q 32 -38.92 -10.47 -27.34
CA HIS Q 32 -38.42 -10.57 -25.97
C HIS Q 32 -38.20 -12.01 -25.49
N HIS Q 33 -37.45 -12.14 -24.40
CA HIS Q 33 -37.19 -13.45 -23.80
C HIS Q 33 -37.97 -13.58 -22.49
N TRP Q 34 -38.92 -14.51 -22.47
CA TRP Q 34 -39.81 -14.65 -21.32
C TRP Q 34 -39.20 -15.59 -20.29
N SER Q 35 -38.92 -15.05 -19.10
CA SER Q 35 -38.07 -15.70 -18.13
C SER Q 35 -38.77 -16.01 -16.80
N TRP Q 36 -38.19 -16.93 -16.04
CA TRP Q 36 -38.63 -17.25 -14.69
C TRP Q 36 -37.52 -16.97 -13.69
N ILE Q 37 -37.87 -16.34 -12.57
CA ILE Q 37 -36.90 -16.05 -11.52
C ILE Q 37 -37.53 -16.35 -10.17
N ARG Q 38 -36.79 -17.00 -9.27
CA ARG Q 38 -37.37 -17.35 -7.97
C ARG Q 38 -36.57 -16.76 -6.81
N GLN Q 39 -37.24 -16.66 -5.65
CA GLN Q 39 -36.64 -16.07 -4.46
C GLN Q 39 -37.12 -16.71 -3.16
N PRO Q 40 -36.27 -17.53 -2.54
CA PRO Q 40 -36.52 -18.12 -1.21
C PRO Q 40 -36.67 -17.04 -0.15
N PRO Q 41 -37.51 -17.28 0.86
CA PRO Q 41 -37.78 -16.31 1.93
C PRO Q 41 -36.51 -15.80 2.61
N GLY Q 42 -36.31 -14.49 2.56
CA GLY Q 42 -35.18 -13.87 3.23
C GLY Q 42 -33.84 -14.07 2.56
N ARG Q 43 -33.86 -14.51 1.30
CA ARG Q 43 -32.62 -14.73 0.56
C ARG Q 43 -32.66 -14.05 -0.80
N GLY Q 44 -31.64 -14.34 -1.62
CA GLY Q 44 -31.47 -13.62 -2.86
C GLY Q 44 -32.20 -14.21 -4.05
N LEU Q 45 -32.12 -13.49 -5.17
CA LEU Q 45 -32.79 -13.88 -6.40
C LEU Q 45 -32.00 -14.93 -7.16
N GLU Q 46 -32.72 -15.90 -7.71
CA GLU Q 46 -32.13 -16.94 -8.54
C GLU Q 46 -32.81 -17.00 -9.90
N TRP Q 47 -32.04 -16.67 -10.94
CA TRP Q 47 -32.53 -16.69 -12.31
C TRP Q 47 -32.66 -18.13 -12.81
N ILE Q 48 -33.88 -18.55 -13.10
CA ILE Q 48 -34.14 -19.93 -13.51
C ILE Q 48 -33.81 -20.17 -14.98
N GLY Q 49 -34.48 -19.45 -15.88
CA GLY Q 49 -34.24 -19.61 -17.30
C GLY Q 49 -35.14 -18.75 -18.17
N TYR Q 50 -35.09 -18.98 -19.49
CA TYR Q 50 -35.96 -18.24 -20.40
C TYR Q 50 -36.39 -19.05 -21.63
N ILE Q 51 -37.39 -18.56 -22.34
CA ILE Q 51 -37.75 -19.09 -23.66
C ILE Q 51 -38.20 -17.97 -24.58
N SER Q 52 -37.98 -18.14 -25.88
CA SER Q 52 -38.39 -17.16 -26.88
C SER Q 52 -39.46 -17.74 -27.81
N TYR Q 53 -40.04 -16.88 -28.63
CA TYR Q 53 -41.02 -17.34 -29.62
C TYR Q 53 -40.32 -18.19 -30.68
N SER Q 54 -39.04 -17.91 -30.88
CA SER Q 54 -38.21 -18.68 -31.80
C SER Q 54 -38.02 -20.12 -31.32
N GLY Q 55 -38.00 -20.30 -30.01
CA GLY Q 55 -37.80 -21.63 -29.44
C GLY Q 55 -36.48 -21.72 -28.68
N LYS Q 56 -35.56 -20.81 -28.98
CA LYS Q 56 -34.26 -20.79 -28.32
C LYS Q 56 -34.44 -20.54 -26.83
N SER Q 57 -33.79 -21.36 -26.01
CA SER Q 57 -33.92 -21.27 -24.57
C SER Q 57 -32.60 -21.49 -23.84
N ASN Q 58 -32.59 -21.16 -22.55
CA ASN Q 58 -31.45 -21.40 -21.69
C ASN Q 58 -31.88 -21.47 -20.22
N TYR Q 59 -31.33 -22.44 -19.51
CA TYR Q 59 -31.67 -22.67 -18.12
C TYR Q 59 -30.46 -22.53 -17.20
N ASN Q 60 -30.72 -22.15 -15.95
CA ASN Q 60 -29.70 -22.11 -14.92
C ASN Q 60 -29.08 -23.50 -14.73
N PRO Q 61 -27.74 -23.59 -14.76
CA PRO Q 61 -27.01 -24.87 -14.68
C PRO Q 61 -27.37 -25.70 -13.46
N SER Q 62 -27.68 -25.04 -12.34
CA SER Q 62 -28.05 -25.73 -11.11
C SER Q 62 -29.47 -26.30 -11.17
N LEU Q 63 -30.19 -25.96 -12.23
CA LEU Q 63 -31.59 -26.35 -12.36
C LEU Q 63 -31.86 -27.00 -13.71
N LYS Q 64 -30.86 -26.95 -14.59
CA LYS Q 64 -31.00 -27.30 -16.00
C LYS Q 64 -31.60 -28.68 -16.26
N SER Q 65 -31.20 -29.68 -15.48
CA SER Q 65 -31.68 -31.04 -15.66
C SER Q 65 -33.18 -31.18 -15.36
N ARG Q 66 -33.71 -30.27 -14.56
CA ARG Q 66 -35.09 -30.38 -14.09
C ARG Q 66 -36.03 -29.39 -14.77
N VAL Q 67 -35.54 -28.18 -15.06
CA VAL Q 67 -36.38 -27.11 -15.57
C VAL Q 67 -36.74 -27.26 -17.05
N THR Q 68 -38.01 -27.05 -17.35
CA THR Q 68 -38.49 -26.97 -18.72
C THR Q 68 -39.41 -25.76 -18.86
N ILE Q 69 -39.00 -24.80 -19.66
CA ILE Q 69 -39.81 -23.61 -19.89
C ILE Q 69 -40.37 -23.65 -21.30
N SER Q 70 -41.69 -23.60 -21.40
CA SER Q 70 -42.37 -23.74 -22.68
C SER Q 70 -43.19 -22.50 -23.00
N LEU Q 71 -43.52 -22.30 -24.27
CA LEU Q 71 -44.23 -21.11 -24.69
C LEU Q 71 -45.50 -21.44 -25.47
N GLU Q 72 -46.63 -20.92 -24.99
CA GLU Q 72 -47.91 -21.05 -25.69
C GLU Q 72 -48.33 -19.67 -26.22
N PRO Q 73 -47.95 -19.34 -27.46
CA PRO Q 73 -48.15 -18.00 -28.03
C PRO Q 73 -49.60 -17.67 -28.35
N SER Q 74 -50.38 -18.66 -28.73
CA SER Q 74 -51.76 -18.46 -29.14
C SER Q 74 -52.58 -17.80 -28.03
N THR Q 75 -52.39 -18.26 -26.80
CA THR Q 75 -53.07 -17.67 -25.66
C THR Q 75 -52.17 -16.65 -24.97
N THR Q 76 -50.99 -16.42 -25.56
CA THR Q 76 -49.99 -15.49 -25.03
C THR Q 76 -49.65 -15.75 -23.57
N GLN Q 77 -49.23 -16.98 -23.27
CA GLN Q 77 -48.79 -17.34 -21.93
C GLN Q 77 -47.71 -18.40 -21.98
N PHE Q 78 -46.83 -18.44 -20.99
CA PHE Q 78 -45.74 -19.41 -20.99
C PHE Q 78 -45.62 -20.15 -19.66
N SER Q 79 -45.04 -21.34 -19.68
CA SER Q 79 -45.08 -22.23 -18.53
C SER Q 79 -43.71 -22.68 -18.00
N LEU Q 80 -43.64 -22.78 -16.68
CA LEU Q 80 -42.48 -23.35 -15.99
C LEU Q 80 -42.78 -24.74 -15.45
N LYS Q 81 -41.88 -25.66 -15.71
CA LYS Q 81 -42.00 -27.03 -15.23
C LYS Q 81 -40.74 -27.50 -14.52
N LEU Q 82 -40.83 -27.63 -13.19
CA LEU Q 82 -39.67 -28.01 -12.40
C LEU Q 82 -39.83 -29.45 -11.92
N ASN Q 83 -38.89 -30.32 -12.29
CA ASN Q 83 -38.99 -31.72 -11.91
C ASN Q 83 -38.15 -32.03 -10.67
N SER Q 84 -38.30 -33.25 -10.15
CA SER Q 84 -37.50 -33.73 -9.02
C SER Q 84 -37.38 -32.73 -7.88
N LEU Q 85 -38.52 -32.30 -7.33
CA LEU Q 85 -38.56 -31.23 -6.34
C LEU Q 85 -37.89 -31.59 -5.01
N THR Q 86 -37.68 -30.55 -4.20
CA THR Q 86 -37.10 -30.70 -2.88
C THR Q 86 -37.55 -29.57 -1.98
N ALA Q 87 -37.10 -29.58 -0.73
CA ALA Q 87 -37.44 -28.54 0.24
C ALA Q 87 -36.75 -27.23 -0.12
N ALA Q 88 -35.69 -27.34 -0.92
CA ALA Q 88 -34.91 -26.18 -1.35
C ALA Q 88 -35.65 -25.34 -2.39
N ASP Q 89 -36.57 -25.97 -3.12
CA ASP Q 89 -37.31 -25.30 -4.18
C ASP Q 89 -38.44 -24.44 -3.63
N THR Q 90 -38.60 -24.43 -2.32
CA THR Q 90 -39.58 -23.58 -1.68
C THR Q 90 -39.14 -22.12 -1.81
N ALA Q 91 -39.85 -21.38 -2.66
CA ALA Q 91 -39.49 -20.00 -2.96
C ALA Q 91 -40.64 -19.28 -3.67
N VAL Q 92 -40.52 -17.97 -3.78
CA VAL Q 92 -41.49 -17.17 -4.53
C VAL Q 92 -41.13 -17.15 -6.02
N TYR Q 93 -42.04 -17.64 -6.85
CA TYR Q 93 -41.75 -17.73 -8.28
C TYR Q 93 -42.36 -16.56 -9.06
N TYR Q 94 -41.49 -15.76 -9.64
CA TYR Q 94 -41.85 -14.66 -10.51
C TYR Q 94 -41.69 -15.04 -11.98
N CYS Q 95 -42.63 -14.59 -12.80
CA CYS Q 95 -42.47 -14.61 -14.24
C CYS Q 95 -42.16 -13.18 -14.68
N ALA Q 96 -41.19 -13.03 -15.59
CA ALA Q 96 -40.75 -11.70 -15.99
C ALA Q 96 -40.43 -11.61 -17.48
N ARG Q 97 -40.54 -10.40 -18.02
CA ARG Q 97 -40.20 -10.15 -19.41
C ARG Q 97 -38.80 -9.57 -19.55
N GLU Q 98 -37.93 -10.26 -20.27
CA GLU Q 98 -36.65 -9.68 -20.63
C GLU Q 98 -36.81 -8.97 -21.98
N TYR Q 99 -36.84 -7.64 -21.93
CA TYR Q 99 -37.04 -6.84 -23.13
C TYR Q 99 -35.81 -6.93 -24.02
N ARG Q 100 -36.00 -7.35 -25.26
CA ARG Q 100 -34.92 -7.41 -26.23
C ARG Q 100 -35.37 -6.87 -27.58
N ASP Q 101 -34.71 -5.81 -28.02
CA ASP Q 101 -34.99 -5.19 -29.32
C ASP Q 101 -33.80 -5.39 -30.25
N ASP Q 102 -33.90 -6.36 -31.15
CA ASP Q 102 -32.80 -6.68 -32.04
C ASP Q 102 -32.84 -5.84 -33.32
N THR Q 103 -33.79 -4.90 -33.37
CA THR Q 103 -33.91 -4.01 -34.51
C THR Q 103 -33.16 -2.69 -34.28
N ASN Q 104 -33.34 -2.12 -33.10
CA ASN Q 104 -32.69 -0.86 -32.75
C ASN Q 104 -31.57 -1.06 -31.74
N TYR Q 105 -31.36 -2.31 -31.36
CA TYR Q 105 -30.28 -2.72 -30.46
C TYR Q 105 -30.42 -2.10 -29.07
N TYR Q 106 -31.56 -2.34 -28.44
CA TYR Q 106 -31.79 -1.92 -27.07
C TYR Q 106 -32.18 -3.11 -26.19
N TYR Q 107 -31.57 -3.20 -25.02
CA TYR Q 107 -31.79 -4.32 -24.12
C TYR Q 107 -31.88 -3.83 -22.68
N TYR Q 108 -33.07 -3.94 -22.08
CA TYR Q 108 -33.33 -3.39 -20.76
C TYR Q 108 -33.40 -4.48 -19.69
N SER Q 109 -32.93 -5.68 -20.03
CA SER Q 109 -33.04 -6.83 -19.15
C SER Q 109 -34.49 -7.09 -18.75
N LEU Q 110 -34.68 -7.58 -17.53
CA LEU Q 110 -36.01 -7.87 -17.01
C LEU Q 110 -36.72 -6.59 -16.59
N ASP Q 111 -37.62 -6.09 -17.43
CA ASP Q 111 -38.25 -4.79 -17.20
C ASP Q 111 -39.65 -4.90 -16.59
N VAL Q 112 -40.34 -6.01 -16.85
CA VAL Q 112 -41.69 -6.21 -16.32
C VAL Q 112 -41.78 -7.49 -15.51
N TRP Q 113 -42.24 -7.37 -14.27
CA TRP Q 113 -42.33 -8.52 -13.37
C TRP Q 113 -43.77 -8.81 -12.96
N GLY Q 114 -44.00 -10.03 -12.49
CA GLY Q 114 -45.29 -10.37 -11.89
C GLY Q 114 -45.15 -10.30 -10.37
N PRO Q 115 -46.28 -10.28 -9.66
CA PRO Q 115 -46.26 -10.21 -8.20
C PRO Q 115 -45.57 -11.41 -7.55
N GLY Q 116 -45.61 -12.58 -8.19
CA GLY Q 116 -44.96 -13.75 -7.64
C GLY Q 116 -45.88 -14.60 -6.80
N THR Q 117 -45.73 -15.92 -6.90
CA THR Q 117 -46.54 -16.82 -6.09
C THR Q 117 -45.65 -17.66 -5.18
N MET Q 118 -46.00 -17.69 -3.90
CA MET Q 118 -45.22 -18.41 -2.90
C MET Q 118 -45.54 -19.90 -2.92
N VAL Q 119 -44.55 -20.71 -3.32
CA VAL Q 119 -44.70 -22.16 -3.36
C VAL Q 119 -43.95 -22.81 -2.21
N THR Q 120 -44.58 -23.78 -1.55
CA THR Q 120 -43.98 -24.45 -0.40
C THR Q 120 -43.86 -25.95 -0.65
N GLN R 1 -20.62 -20.20 -14.59
CA GLN R 1 -21.62 -19.16 -14.48
C GLN R 1 -21.07 -17.96 -13.70
N ILE R 2 -21.24 -16.77 -14.26
CA ILE R 2 -20.71 -15.54 -13.68
C ILE R 2 -21.26 -15.27 -12.27
N VAL R 3 -20.37 -14.88 -11.36
CA VAL R 3 -20.73 -14.62 -9.97
C VAL R 3 -20.71 -13.13 -9.63
N MET R 4 -21.79 -12.64 -9.05
CA MET R 4 -21.92 -11.23 -8.68
C MET R 4 -21.85 -11.01 -7.17
N THR R 5 -21.05 -10.04 -6.74
CA THR R 5 -20.97 -9.66 -5.33
C THR R 5 -21.40 -8.21 -5.11
N GLN R 6 -21.84 -7.90 -3.89
CA GLN R 6 -22.26 -6.54 -3.55
C GLN R 6 -21.66 -6.05 -2.23
N SER R 7 -21.48 -4.73 -2.12
CA SER R 7 -20.92 -4.14 -0.91
C SER R 7 -21.50 -2.75 -0.65
N PRO R 8 -21.93 -2.49 0.59
CA PRO R 8 -21.90 -3.43 1.70
C PRO R 8 -23.09 -4.38 1.71
N SER R 9 -23.10 -5.31 2.66
CA SER R 9 -24.21 -6.24 2.82
C SER R 9 -25.43 -5.52 3.40
N THR R 10 -25.16 -4.61 4.33
CA THR R 10 -26.20 -3.81 4.96
C THR R 10 -25.69 -2.39 5.16
N LEU R 11 -26.58 -1.42 5.02
CA LEU R 11 -26.20 -0.02 5.16
C LEU R 11 -27.30 0.74 5.91
N SER R 12 -26.91 1.42 6.99
CA SER R 12 -27.88 2.23 7.73
C SER R 12 -27.69 3.72 7.45
N ALA R 13 -28.76 4.39 7.05
CA ALA R 13 -28.70 5.83 6.79
C ALA R 13 -30.05 6.50 7.02
N SER R 14 -30.05 7.82 6.95
CA SER R 14 -31.25 8.64 7.14
C SER R 14 -31.56 9.50 5.92
N VAL R 15 -32.76 10.07 5.89
CA VAL R 15 -33.20 10.94 4.80
C VAL R 15 -32.34 12.20 4.63
N GLY R 16 -31.87 12.41 3.41
CA GLY R 16 -31.05 13.56 3.06
C GLY R 16 -29.59 13.17 2.85
N ASP R 17 -29.28 11.91 3.12
CA ASP R 17 -27.93 11.40 2.94
C ASP R 17 -27.63 11.01 1.49
N ARG R 18 -26.34 10.97 1.17
CA ARG R 18 -25.84 10.41 -0.09
C ARG R 18 -25.33 8.99 0.09
N VAL R 19 -25.94 8.04 -0.61
CA VAL R 19 -25.48 6.66 -0.46
C VAL R 19 -24.91 6.13 -1.78
N THR R 20 -23.98 5.19 -1.66
CA THR R 20 -23.30 4.61 -2.81
C THR R 20 -23.10 3.12 -2.56
N ILE R 21 -23.74 2.31 -3.38
CA ILE R 21 -23.63 0.85 -3.30
C ILE R 21 -22.72 0.34 -4.41
N THR R 22 -21.88 -0.63 -4.10
CA THR R 22 -20.95 -1.17 -5.09
C THR R 22 -21.31 -2.60 -5.48
N CYS R 23 -21.02 -2.94 -6.73
CA CYS R 23 -21.32 -4.25 -7.29
C CYS R 23 -20.14 -4.72 -8.14
N ARG R 24 -19.75 -5.97 -7.95
CA ARG R 24 -18.59 -6.51 -8.63
C ARG R 24 -18.95 -7.78 -9.40
N ALA R 25 -18.44 -7.90 -10.62
CA ALA R 25 -18.64 -9.11 -11.40
C ALA R 25 -17.37 -9.94 -11.40
N SER R 26 -17.53 -11.26 -11.44
CA SER R 26 -16.39 -12.17 -11.42
C SER R 26 -15.50 -11.97 -12.64
N GLN R 27 -16.11 -11.64 -13.77
CA GLN R 27 -15.38 -11.31 -14.98
C GLN R 27 -16.03 -10.12 -15.67
N SER R 28 -15.45 -9.66 -16.76
CA SER R 28 -15.97 -8.49 -17.46
C SER R 28 -17.36 -8.77 -18.06
N ILE R 29 -18.28 -7.84 -17.83
CA ILE R 29 -19.63 -7.95 -18.37
C ILE R 29 -19.96 -6.72 -19.22
N GLY R 30 -18.91 -6.02 -19.64
CA GLY R 30 -19.09 -4.80 -20.42
C GLY R 30 -19.81 -3.74 -19.61
N SER R 31 -20.87 -3.20 -20.20
CA SER R 31 -21.70 -2.21 -19.52
C SER R 31 -23.07 -2.80 -19.22
N TRP R 32 -23.23 -4.10 -19.50
CA TRP R 32 -24.51 -4.77 -19.31
C TRP R 32 -24.79 -5.10 -17.86
N LEU R 33 -25.19 -4.07 -17.10
CA LEU R 33 -25.57 -4.26 -15.71
C LEU R 33 -26.88 -3.54 -15.40
N ALA R 34 -27.75 -4.19 -14.63
CA ALA R 34 -29.02 -3.61 -14.24
C ALA R 34 -29.13 -3.51 -12.72
N TRP R 35 -29.77 -2.45 -12.26
CA TRP R 35 -30.04 -2.27 -10.83
C TRP R 35 -31.54 -2.34 -10.56
N TYR R 36 -31.90 -3.19 -9.59
CA TYR R 36 -33.27 -3.42 -9.19
C TYR R 36 -33.52 -3.05 -7.74
N GLN R 37 -34.67 -2.45 -7.48
CA GLN R 37 -35.10 -2.12 -6.12
C GLN R 37 -36.32 -2.95 -5.73
N GLN R 38 -36.19 -3.68 -4.63
CA GLN R 38 -37.24 -4.54 -4.10
C GLN R 38 -37.65 -4.21 -2.67
N LYS R 39 -38.96 -4.01 -2.49
CA LYS R 39 -39.56 -3.83 -1.16
C LYS R 39 -40.18 -5.15 -0.71
N PRO R 40 -40.25 -5.35 0.62
CA PRO R 40 -40.72 -6.62 1.21
C PRO R 40 -42.08 -7.11 0.72
N GLY R 41 -42.11 -8.36 0.25
CA GLY R 41 -43.35 -8.97 -0.20
C GLY R 41 -43.69 -8.58 -1.62
N LYS R 42 -42.89 -7.71 -2.22
CA LYS R 42 -43.16 -7.24 -3.57
C LYS R 42 -42.09 -7.65 -4.58
N ALA R 43 -42.46 -7.56 -5.86
CA ALA R 43 -41.53 -7.90 -6.93
C ALA R 43 -40.51 -6.79 -7.15
N PRO R 44 -39.32 -7.16 -7.65
CA PRO R 44 -38.27 -6.19 -8.00
C PRO R 44 -38.67 -5.20 -9.07
N LYS R 45 -38.31 -3.93 -8.88
CA LYS R 45 -38.57 -2.90 -9.89
C LYS R 45 -37.26 -2.49 -10.54
N LEU R 46 -37.30 -2.32 -11.86
CA LEU R 46 -36.10 -1.95 -12.61
C LEU R 46 -35.75 -0.48 -12.42
N LEU R 47 -34.57 -0.23 -11.86
CA LEU R 47 -34.09 1.14 -11.68
C LEU R 47 -33.11 1.53 -12.78
N ILE R 48 -32.00 0.80 -12.85
CA ILE R 48 -30.97 1.14 -13.84
C ILE R 48 -30.79 0.02 -14.86
N TYR R 49 -30.53 0.41 -16.12
CA TYR R 49 -30.14 -0.57 -17.13
C TYR R 49 -28.90 -0.07 -17.87
N LYS R 50 -28.13 -1.02 -18.39
CA LYS R 50 -26.87 -0.74 -19.06
C LYS R 50 -25.98 0.18 -18.24
N ALA R 51 -25.76 -0.20 -16.98
CA ALA R 51 -24.82 0.47 -16.06
C ALA R 51 -25.22 1.88 -15.63
N SER R 52 -25.60 2.74 -16.58
CA SER R 52 -25.78 4.15 -16.25
C SER R 52 -27.13 4.75 -16.67
N SER R 53 -27.85 4.03 -17.53
CA SER R 53 -29.11 4.55 -18.07
C SER R 53 -30.31 4.26 -17.16
N LEU R 54 -31.03 5.31 -16.81
CA LEU R 54 -32.21 5.20 -15.95
C LEU R 54 -33.46 4.76 -16.72
N GLU R 55 -34.21 3.84 -16.12
CA GLU R 55 -35.52 3.44 -16.64
C GLU R 55 -36.58 4.48 -16.29
N SER R 56 -37.46 4.78 -17.23
CA SER R 56 -38.53 5.75 -16.99
C SER R 56 -39.65 5.13 -16.16
N GLY R 57 -40.07 5.84 -15.11
CA GLY R 57 -39.50 7.14 -14.79
C GLY R 57 -38.84 7.17 -13.43
N VAL R 58 -37.62 6.65 -13.35
CA VAL R 58 -36.86 6.67 -12.10
C VAL R 58 -36.31 8.06 -11.81
N PRO R 59 -36.54 8.56 -10.58
CA PRO R 59 -36.06 9.86 -10.09
C PRO R 59 -34.60 10.14 -10.43
N SER R 60 -34.29 11.38 -10.76
CA SER R 60 -32.95 11.74 -11.22
C SER R 60 -31.90 11.68 -10.11
N ARG R 61 -32.35 11.48 -8.88
CA ARG R 61 -31.40 11.32 -7.76
C ARG R 61 -30.69 9.98 -7.86
N PHE R 62 -31.35 9.00 -8.49
CA PHE R 62 -30.73 7.72 -8.78
C PHE R 62 -29.76 7.85 -9.95
N SER R 63 -28.60 7.21 -9.81
CA SER R 63 -27.61 7.19 -10.89
C SER R 63 -26.76 5.93 -10.81
N GLY R 64 -26.15 5.56 -11.92
CA GLY R 64 -25.29 4.40 -11.96
C GLY R 64 -24.05 4.66 -12.80
N SER R 65 -22.97 3.96 -12.51
CA SER R 65 -21.75 4.12 -13.30
C SER R 65 -20.89 2.87 -13.25
N GLY R 66 -19.93 2.79 -14.18
CA GLY R 66 -19.01 1.68 -14.23
C GLY R 66 -19.10 0.88 -15.51
N SER R 67 -18.05 0.09 -15.77
CA SER R 67 -18.00 -0.79 -16.93
C SER R 67 -16.90 -1.82 -16.73
N GLY R 68 -17.17 -3.04 -17.16
CA GLY R 68 -16.21 -4.13 -17.02
C GLY R 68 -16.41 -4.97 -15.78
N THR R 69 -15.91 -4.53 -14.63
CA THR R 69 -15.97 -5.34 -13.42
C THR R 69 -16.64 -4.62 -12.24
N GLU R 70 -16.25 -3.37 -11.99
CA GLU R 70 -16.79 -2.65 -10.84
C GLU R 70 -17.88 -1.69 -11.30
N PHE R 71 -18.96 -1.63 -10.52
CA PHE R 71 -20.08 -0.78 -10.83
C PHE R 71 -20.58 -0.14 -9.54
N THR R 72 -21.18 1.04 -9.65
CA THR R 72 -21.70 1.73 -8.48
C THR R 72 -23.06 2.40 -8.73
N LEU R 73 -23.95 2.23 -7.75
CA LEU R 73 -25.25 2.89 -7.73
C LEU R 73 -25.23 4.02 -6.70
N THR R 74 -25.72 5.19 -7.09
CA THR R 74 -25.64 6.37 -6.24
C THR R 74 -27.00 7.05 -6.07
N ILE R 75 -27.38 7.28 -4.81
CA ILE R 75 -28.53 8.10 -4.49
C ILE R 75 -28.05 9.39 -3.83
N SER R 76 -28.28 10.51 -4.50
CA SER R 76 -27.75 11.81 -4.07
C SER R 76 -28.39 12.35 -2.81
N SER R 77 -29.71 12.18 -2.69
CA SER R 77 -30.44 12.63 -1.51
C SER R 77 -31.50 11.60 -1.15
N LEU R 78 -31.25 10.84 -0.10
CA LEU R 78 -32.12 9.73 0.27
C LEU R 78 -33.54 10.17 0.58
N GLN R 79 -34.49 9.32 0.20
CA GLN R 79 -35.91 9.58 0.39
C GLN R 79 -36.56 8.36 1.04
N PRO R 80 -37.74 8.55 1.68
CA PRO R 80 -38.47 7.44 2.30
C PRO R 80 -38.77 6.30 1.33
N GLU R 81 -38.90 6.58 0.04
CA GLU R 81 -39.14 5.54 -0.95
C GLU R 81 -37.95 4.59 -1.03
N ASP R 82 -36.76 5.16 -0.88
CA ASP R 82 -35.53 4.45 -1.23
C ASP R 82 -35.11 3.39 -0.23
N PHE R 83 -35.79 3.32 0.91
CA PHE R 83 -35.44 2.31 1.91
C PHE R 83 -35.98 0.95 1.49
N ALA R 84 -35.11 0.12 0.95
CA ALA R 84 -35.47 -1.20 0.46
C ALA R 84 -34.23 -2.04 0.20
N THR R 85 -34.40 -3.20 -0.42
CA THR R 85 -33.26 -4.04 -0.76
C THR R 85 -32.88 -3.88 -2.23
N TYR R 86 -31.60 -3.63 -2.49
CA TYR R 86 -31.15 -3.37 -3.85
C TYR R 86 -30.31 -4.51 -4.42
N TYR R 87 -30.77 -5.09 -5.52
CA TYR R 87 -30.02 -6.16 -6.18
C TYR R 87 -29.40 -5.68 -7.48
N CYS R 88 -28.21 -6.16 -7.79
CA CYS R 88 -27.60 -5.91 -9.10
C CYS R 88 -27.65 -7.17 -9.93
N GLN R 89 -27.65 -7.03 -11.25
CA GLN R 89 -27.75 -8.19 -12.13
C GLN R 89 -27.01 -7.97 -13.45
N GLN R 90 -26.17 -8.93 -13.82
CA GLN R 90 -25.51 -8.87 -15.12
C GLN R 90 -26.39 -9.55 -16.16
N TYR R 91 -26.49 -8.96 -17.34
CA TYR R 91 -27.16 -9.62 -18.45
C TYR R 91 -26.30 -9.52 -19.70
N ASN R 92 -25.00 -9.79 -19.49
CA ASN R 92 -24.03 -9.86 -20.57
C ASN R 92 -24.17 -11.17 -21.35
N ASN R 93 -24.25 -12.28 -20.62
CA ASN R 93 -24.46 -13.60 -21.22
C ASN R 93 -25.12 -14.57 -20.25
N TYR R 94 -25.92 -15.48 -20.79
CA TYR R 94 -26.62 -16.49 -19.98
C TYR R 94 -25.61 -17.48 -19.40
N SER R 95 -25.88 -17.98 -18.18
CA SER R 95 -27.08 -17.64 -17.41
C SER R 95 -26.92 -16.35 -16.63
N TYR R 96 -28.01 -15.59 -16.54
CA TYR R 96 -28.01 -14.32 -15.81
C TYR R 96 -27.79 -14.57 -14.33
N THR R 97 -27.18 -13.59 -13.65
CA THR R 97 -26.87 -13.74 -12.24
C THR R 97 -27.17 -12.48 -11.44
N PHE R 98 -27.91 -12.64 -10.35
CA PHE R 98 -28.21 -11.54 -9.44
C PHE R 98 -27.16 -11.43 -8.34
N GLY R 99 -27.10 -10.28 -7.70
CA GLY R 99 -26.24 -10.10 -6.54
C GLY R 99 -26.93 -10.59 -5.29
N PRO R 100 -26.19 -10.70 -4.18
CA PRO R 100 -26.75 -11.17 -2.91
C PRO R 100 -27.73 -10.17 -2.32
N GLY R 101 -27.58 -8.90 -2.71
CA GLY R 101 -28.50 -7.86 -2.27
C GLY R 101 -27.87 -6.92 -1.27
N THR R 102 -28.24 -5.64 -1.37
CA THR R 102 -27.79 -4.65 -0.41
C THR R 102 -29.01 -4.07 0.29
N LYS R 103 -29.11 -4.33 1.58
CA LYS R 103 -30.27 -3.90 2.37
C LYS R 103 -30.05 -2.48 2.89
N LEU R 104 -31.02 -1.62 2.64
CA LEU R 104 -30.94 -0.22 3.07
C LEU R 104 -32.10 0.10 4.00
N GLU R 105 -31.77 0.43 5.25
CA GLU R 105 -32.81 0.68 6.25
C GLU R 105 -32.60 2.02 6.95
N ILE R 106 -33.60 2.45 7.72
CA ILE R 106 -33.54 3.76 8.36
C ILE R 106 -32.77 3.68 9.67
N LYS R 107 -31.98 4.71 9.95
CA LYS R 107 -31.21 4.75 11.18
C LYS R 107 -32.06 5.43 12.27
#